data_8SQN
#
_entry.id   8SQN
#
_cell.length_a   1.00
_cell.length_b   1.00
_cell.length_c   1.00
_cell.angle_alpha   90.00
_cell.angle_beta   90.00
_cell.angle_gamma   90.00
#
_symmetry.space_group_name_H-M   'P 1'
#
loop_
_entity.id
_entity.type
_entity.pdbx_description
1 polymer 'DuD1MoD2 chimeric MXRA8'
2 polymer 'E1 envelope glycoprotein'
3 polymer 'E2 envelope glycoprotein'
4 non-polymer 2-acetamido-2-deoxy-beta-D-glucopyranose
#
loop_
_entity_poly.entity_id
_entity_poly.type
_entity_poly.pdbx_seq_one_letter_code
_entity_poly.pdbx_strand_id
1 'polypeptide(L)'
;SSSLVSESVVSLAAGTQAVLRCQSPRMVWTQDRLNDRQRVVHWDVYSTYYGDNKMERLCDMYSAGDQRVYSSYNQGRIFM
PQNAFTDGNFSLVIKDVAESDGGIYSCNLHHHYCHLYETVKIQLDVTKKAKAAKEYWDGEKAVIVALEGSTVMLPCVNRN
QIWTERHLEEAQQVVHWDRQLPGVSHDRADRLLDLYASGERRAYGPPFLRDRVSVNTNAFARGDFSLRIDELERADEGIY
SCHLHHHYCGLHERRVFHLQVTEPA
;
A
2 'polypeptide(L)'
;FEHATTVPNVPGIPYKALVERAGYAPLNLEITVVSSELTPSTNKEYVTCKFHTVVPSPQVKCCGSLECKASSKADYTCRV
FGGVYPFMWGGAQCFCDSENTQLSEAYVEFAPDCTIDHAVALKVHTAALKVGLRIVYGNTTARLDTFVNGVTPGSSRDLK
VIAGPISAAFSPFDHKVVIRKGLVYNYDFPEYGAMNPGAFGDIQASSLDATDIVARTDIRLLKPSVKNIHVPYTQAVSGY
EMWKNNSGRPLQETAPFGCKIEVEPLRATNCAYGHIPISIDIPDAAFVRSSESPTILEVSCTVADCIYSADFGGSLTLQY
KANREGHCPVHSHSTTAVLKEATTHVTATGSITLHFSTSSPQANFIVSLCGKKTTCNAECKPPADHIIGEPHKVDQEFQA
AVSKTSWNWLLALFGGASSLIVVGLIVLVCSSMLINTR
;
B,F,J,N
3 'polypeptide(L)'
;ITDDFTLTSPYLGFCPYCRHSAPCFSPIKIENVWDESDDGSIRIQVSAQFGYNQAGTADVTKFRYMSYDHDHDIKEDSME
KLAISTSGPCRRLGHKGYFLLAQCPPGDSVTVSITSGASENSCTVEKKIRRKFVGREEYLFPPVHGKLVKCHVYDHLKET
SAGYITMHRPGPHAYKSYLEEASGEVYIKPPSGKNVTYECKCGDYSTGIVSTRTKMNGCTKAKQCIAYKRDQTKWVFNSP
DLIRHTDHSVQGKLHIPFRLTPTVCPVPLAHTPTVTKWFKGITLHLTATRPTLLTTRKLGLRADATAEWITGTTSRNFSV
GREGLEYVWGNHEPVRVWAQESAPGDPHGWPHEIIIHYYHRHPVYTVIVLCGVALAILVGTASSAACIAKARRDCLTPYA
LAPNATVPTALAVLC
;
D,H,L,P
#
# COMPACT_ATOMS: atom_id res chain seq x y z
N SER A 1 47.83 17.58 -19.01
CA SER A 1 48.51 17.49 -20.30
C SER A 1 47.73 16.60 -21.25
N SER A 2 47.68 16.99 -22.52
CA SER A 2 46.94 16.28 -23.55
C SER A 2 47.90 15.75 -24.60
N SER A 3 47.59 14.57 -25.13
CA SER A 3 48.44 13.94 -26.14
C SER A 3 48.35 14.69 -27.46
N LEU A 4 49.40 14.53 -28.27
CA LEU A 4 49.50 15.25 -29.53
C LEU A 4 48.34 14.90 -30.46
N VAL A 5 47.64 15.93 -30.93
CA VAL A 5 46.61 15.79 -31.96
C VAL A 5 46.89 16.71 -33.14
N SER A 6 47.17 17.98 -32.88
CA SER A 6 47.49 18.93 -33.93
C SER A 6 48.62 19.84 -33.46
N GLU A 7 49.63 19.99 -34.31
CA GLU A 7 50.76 20.88 -34.05
C GLU A 7 50.94 21.79 -35.26
N SER A 8 51.22 23.06 -34.99
CA SER A 8 51.32 24.05 -36.06
C SER A 8 52.30 25.14 -35.65
N VAL A 9 52.73 25.92 -36.65
CA VAL A 9 53.68 27.01 -36.46
C VAL A 9 53.07 28.29 -37.03
N VAL A 10 53.25 29.39 -36.30
CA VAL A 10 52.74 30.70 -36.70
C VAL A 10 53.85 31.72 -36.56
N SER A 11 53.73 32.80 -37.33
CA SER A 11 54.69 33.90 -37.27
C SER A 11 53.96 35.20 -37.55
N LEU A 12 54.19 36.20 -36.70
CA LEU A 12 53.52 37.50 -36.83
C LEU A 12 54.45 38.58 -36.29
N ALA A 13 54.09 39.82 -36.59
CA ALA A 13 54.87 40.98 -36.19
C ALA A 13 54.30 41.58 -34.90
N ALA A 14 55.17 42.25 -34.15
CA ALA A 14 54.75 42.91 -32.92
C ALA A 14 53.77 44.03 -33.22
N GLY A 15 52.84 44.24 -32.30
CA GLY A 15 51.81 45.25 -32.48
C GLY A 15 50.66 44.81 -33.35
N THR A 16 50.51 43.52 -33.62
CA THR A 16 49.44 42.99 -34.45
C THR A 16 48.66 41.95 -33.66
N GLN A 17 47.40 41.77 -34.05
CA GLN A 17 46.49 40.85 -33.36
C GLN A 17 46.63 39.45 -33.95
N ALA A 18 47.12 38.52 -33.14
CA ALA A 18 47.27 37.14 -33.56
C ALA A 18 46.04 36.33 -33.21
N VAL A 19 45.78 35.29 -34.00
CA VAL A 19 44.64 34.41 -33.80
C VAL A 19 45.14 32.97 -33.91
N LEU A 20 45.37 32.34 -32.76
CA LEU A 20 45.74 30.93 -32.70
C LEU A 20 44.45 30.13 -32.59
N ARG A 21 43.96 29.64 -33.72
CA ARG A 21 42.61 29.08 -33.82
C ARG A 21 42.62 27.63 -33.34
N CYS A 22 42.28 27.44 -32.07
CA CYS A 22 42.06 26.11 -31.51
C CYS A 22 40.57 25.84 -31.46
N GLN A 23 40.13 24.75 -32.08
CA GLN A 23 38.73 24.38 -32.09
C GLN A 23 38.61 22.87 -32.08
N SER A 24 37.53 22.38 -31.47
CA SER A 24 37.27 20.95 -31.39
C SER A 24 35.75 20.76 -31.28
N PRO A 25 35.09 20.39 -32.37
CA PRO A 25 33.64 20.13 -32.27
C PRO A 25 33.29 19.07 -31.24
N ARG A 26 34.19 18.11 -31.00
CA ARG A 26 33.97 17.13 -29.95
C ARG A 26 34.05 17.74 -28.55
N MET A 27 34.52 18.98 -28.42
CA MET A 27 34.47 19.71 -27.17
C MET A 27 33.16 20.46 -26.99
N VAL A 28 32.25 20.40 -27.96
CA VAL A 28 30.93 20.97 -27.77
C VAL A 28 30.25 20.26 -26.61
N TRP A 29 29.52 21.04 -25.80
CA TRP A 29 28.94 20.54 -24.56
C TRP A 29 27.48 20.93 -24.48
N THR A 30 26.68 20.03 -23.92
CA THR A 30 25.24 20.24 -23.78
C THR A 30 24.93 20.81 -22.40
N GLN A 31 24.16 21.89 -22.36
CA GLN A 31 23.78 22.48 -21.09
C GLN A 31 22.93 21.53 -20.26
N ASP A 32 22.25 20.57 -20.89
CA ASP A 32 21.41 19.62 -20.20
C ASP A 32 22.26 18.42 -19.77
N ARG A 33 22.44 18.26 -18.46
CA ARG A 33 23.16 17.12 -17.89
C ARG A 33 22.21 16.09 -17.29
N LEU A 34 20.97 16.05 -17.79
CA LEU A 34 19.98 15.07 -17.33
C LEU A 34 20.25 13.75 -18.05
N ASN A 35 20.98 12.87 -17.38
CA ASN A 35 21.32 11.56 -17.95
C ASN A 35 21.75 11.72 -19.40
N ASP A 36 22.43 12.83 -19.69
CA ASP A 36 22.93 13.10 -21.03
C ASP A 36 23.69 11.91 -21.60
N ARG A 37 24.16 11.01 -20.75
CA ARG A 37 24.92 9.85 -21.18
C ARG A 37 23.99 8.76 -21.72
N GLN A 38 23.12 9.13 -22.66
CA GLN A 38 22.20 8.18 -23.28
C GLN A 38 22.87 7.54 -24.49
N ARG A 39 22.74 6.22 -24.59
CA ARG A 39 23.25 5.46 -25.70
C ARG A 39 22.09 4.73 -26.37
N VAL A 40 22.01 4.83 -27.69
CA VAL A 40 20.96 4.16 -28.46
C VAL A 40 21.63 3.26 -29.49
N VAL A 41 21.33 1.97 -29.42
CA VAL A 41 21.79 0.98 -30.40
C VAL A 41 20.57 0.52 -31.18
N HIS A 42 20.61 0.67 -32.49
CA HIS A 42 19.49 0.30 -33.33
C HIS A 42 19.98 -0.40 -34.58
N TRP A 43 19.13 -1.26 -35.12
CA TRP A 43 19.50 -2.09 -36.27
C TRP A 43 18.68 -1.67 -37.49
N ASP A 44 19.39 -1.39 -38.58
CA ASP A 44 18.82 -0.88 -39.82
C ASP A 44 19.16 -1.84 -40.94
N VAL A 45 18.15 -2.47 -41.54
CA VAL A 45 18.37 -3.46 -42.59
C VAL A 45 17.85 -2.90 -43.90
N TYR A 46 18.68 -2.98 -44.94
CA TYR A 46 18.30 -2.60 -46.29
C TYR A 46 18.26 -3.87 -47.13
N SER A 47 17.10 -4.14 -47.74
CA SER A 47 16.92 -5.36 -48.54
C SER A 47 17.26 -5.04 -49.99
N THR A 48 18.57 -4.96 -50.26
CA THR A 48 19.04 -4.67 -51.60
C THR A 48 18.64 -5.76 -52.59
N TYR A 49 18.37 -6.98 -52.11
CA TYR A 49 17.98 -8.06 -53.01
C TYR A 49 16.65 -7.75 -53.68
N TYR A 50 15.69 -7.20 -52.93
CA TYR A 50 14.36 -6.89 -53.46
C TYR A 50 14.39 -5.56 -54.21
N GLY A 51 15.28 -5.49 -55.20
CA GLY A 51 15.41 -4.26 -55.97
C GLY A 51 15.68 -3.08 -55.05
N ASP A 52 14.95 -1.99 -55.27
CA ASP A 52 15.00 -0.83 -54.38
C ASP A 52 13.89 -1.00 -53.36
N ASN A 53 14.21 -1.68 -52.26
CA ASN A 53 13.26 -1.93 -51.19
C ASN A 53 13.59 -1.01 -50.02
N LYS A 54 12.57 -0.33 -49.50
CA LYS A 54 12.78 0.58 -48.37
C LYS A 54 13.40 -0.17 -47.21
N MET A 55 14.45 0.40 -46.64
CA MET A 55 15.13 -0.23 -45.52
C MET A 55 14.21 -0.28 -44.30
N GLU A 56 14.34 -1.36 -43.54
CA GLU A 56 13.50 -1.58 -42.35
C GLU A 56 14.34 -1.34 -41.10
N ARG A 57 13.83 -0.48 -40.21
CA ARG A 57 14.47 -0.24 -38.92
C ARG A 57 13.87 -1.25 -37.95
N LEU A 58 14.56 -2.39 -37.80
CA LEU A 58 13.96 -3.52 -37.10
C LEU A 58 13.77 -3.22 -35.61
N CYS A 59 14.82 -2.76 -34.94
CA CYS A 59 14.80 -2.72 -33.48
C CYS A 59 15.60 -1.53 -32.97
N ASP A 60 15.12 -0.95 -31.87
CA ASP A 60 15.80 0.08 -31.12
C ASP A 60 16.05 -0.40 -29.70
N MET A 61 17.11 0.10 -29.08
CA MET A 61 17.33 -0.09 -27.66
C MET A 61 18.07 1.12 -27.12
N TYR A 62 17.69 1.55 -25.92
CA TYR A 62 18.31 2.69 -25.25
C TYR A 62 18.86 2.22 -23.91
N SER A 63 20.12 2.55 -23.64
CA SER A 63 20.67 2.29 -22.32
C SER A 63 19.79 2.99 -21.28
N ALA A 64 19.34 2.24 -20.28
CA ALA A 64 18.29 2.69 -19.37
C ALA A 64 16.97 2.83 -20.14
N GLY A 65 16.66 1.82 -20.96
CA GLY A 65 15.46 1.84 -21.77
C GLY A 65 15.12 0.45 -22.26
N ASP A 66 13.97 0.36 -22.92
CA ASP A 66 13.46 -0.91 -23.42
C ASP A 66 14.04 -1.25 -24.79
N GLN A 67 13.88 -2.51 -25.19
CA GLN A 67 14.25 -2.98 -26.52
C GLN A 67 12.98 -3.00 -27.38
N ARG A 68 12.60 -1.81 -27.84
CA ARG A 68 11.37 -1.66 -28.61
C ARG A 68 11.55 -2.26 -30.00
N VAL A 69 10.74 -3.25 -30.34
CA VAL A 69 10.69 -3.79 -31.69
C VAL A 69 9.72 -2.92 -32.50
N TYR A 70 10.22 -2.37 -33.61
CA TYR A 70 9.47 -1.33 -34.31
C TYR A 70 8.12 -1.83 -34.80
N SER A 71 8.11 -2.94 -35.52
CA SER A 71 6.90 -3.48 -36.12
C SER A 71 6.34 -4.60 -35.25
N SER A 72 5.01 -4.61 -35.12
CA SER A 72 4.37 -5.60 -34.24
C SER A 72 4.69 -7.02 -34.70
N TYR A 73 4.75 -7.25 -36.01
CA TYR A 73 5.01 -8.59 -36.52
C TYR A 73 6.38 -9.08 -36.06
N ASN A 74 7.40 -8.22 -36.16
CA ASN A 74 8.75 -8.62 -35.82
C ASN A 74 8.92 -8.95 -34.34
N GLN A 75 7.95 -8.60 -33.50
CA GLN A 75 8.04 -8.91 -32.08
C GLN A 75 8.31 -10.40 -31.90
N GLY A 76 9.33 -10.71 -31.11
CA GLY A 76 9.77 -12.08 -30.94
C GLY A 76 10.73 -12.50 -32.03
N ARG A 77 10.42 -12.15 -33.29
CA ARG A 77 11.30 -12.49 -34.40
C ARG A 77 12.67 -11.85 -34.24
N ILE A 78 12.71 -10.56 -33.88
CA ILE A 78 13.94 -9.83 -33.71
C ILE A 78 14.27 -9.76 -32.23
N PHE A 79 15.52 -10.08 -31.89
CA PHE A 79 15.94 -10.16 -30.50
C PHE A 79 17.33 -9.56 -30.35
N MET A 80 17.54 -8.81 -29.28
CA MET A 80 18.85 -8.30 -28.91
C MET A 80 19.07 -8.54 -27.43
N PRO A 81 20.30 -8.84 -27.01
CA PRO A 81 20.52 -9.17 -25.60
C PRO A 81 20.10 -8.04 -24.68
N GLN A 82 19.50 -8.40 -23.55
CA GLN A 82 19.01 -7.38 -22.62
C GLN A 82 20.14 -6.67 -21.90
N ASN A 83 21.25 -7.36 -21.65
CA ASN A 83 22.43 -6.75 -21.07
C ASN A 83 23.38 -6.19 -22.12
N ALA A 84 22.85 -5.82 -23.29
CA ALA A 84 23.69 -5.39 -24.40
C ALA A 84 24.64 -4.28 -23.99
N PHE A 85 24.10 -3.22 -23.39
CA PHE A 85 24.94 -2.09 -23.00
C PHE A 85 25.83 -2.45 -21.82
N THR A 86 25.36 -3.34 -20.93
CA THR A 86 26.16 -3.72 -19.77
C THR A 86 27.43 -4.44 -20.20
N ASP A 87 27.34 -5.34 -21.16
CA ASP A 87 28.48 -6.12 -21.63
C ASP A 87 29.06 -5.60 -22.94
N GLY A 88 28.38 -4.69 -23.63
CA GLY A 88 28.85 -4.17 -24.89
C GLY A 88 28.47 -4.99 -26.11
N ASN A 89 27.74 -6.09 -25.93
CA ASN A 89 27.31 -6.92 -27.05
C ASN A 89 26.04 -6.34 -27.65
N PHE A 90 26.06 -6.07 -28.95
CA PHE A 90 24.92 -5.49 -29.65
C PHE A 90 24.49 -6.35 -30.84
N SER A 91 24.78 -7.65 -30.80
CA SER A 91 24.44 -8.53 -31.90
C SER A 91 22.93 -8.72 -31.97
N LEU A 92 22.45 -9.10 -33.15
CA LEU A 92 21.03 -9.33 -33.39
C LEU A 92 20.77 -10.82 -33.57
N VAL A 93 19.53 -11.22 -33.31
CA VAL A 93 19.10 -12.59 -33.49
C VAL A 93 17.75 -12.56 -34.21
N ILE A 94 17.65 -13.28 -35.32
CA ILE A 94 16.41 -13.43 -36.07
C ILE A 94 15.96 -14.87 -35.86
N LYS A 95 14.82 -15.04 -35.18
CA LYS A 95 14.42 -16.37 -34.72
C LYS A 95 14.14 -17.29 -35.89
N ASP A 96 13.54 -16.79 -36.97
CA ASP A 96 13.25 -17.60 -38.14
C ASP A 96 13.47 -16.73 -39.38
N VAL A 97 14.65 -16.84 -39.97
CA VAL A 97 14.97 -16.04 -41.16
C VAL A 97 14.22 -16.60 -42.35
N ALA A 98 13.60 -15.71 -43.13
CA ALA A 98 12.92 -16.06 -44.36
C ALA A 98 13.43 -15.15 -45.47
N GLU A 99 12.95 -15.37 -46.69
CA GLU A 99 13.37 -14.55 -47.82
C GLU A 99 13.09 -13.07 -47.56
N SER A 100 12.01 -12.75 -46.85
CA SER A 100 11.73 -11.36 -46.52
C SER A 100 12.80 -10.76 -45.64
N ASP A 101 13.46 -11.58 -44.81
CA ASP A 101 14.48 -11.09 -43.89
C ASP A 101 15.83 -10.85 -44.55
N GLY A 102 16.04 -11.38 -45.75
CA GLY A 102 17.35 -11.23 -46.38
C GLY A 102 17.67 -9.77 -46.64
N GLY A 103 18.94 -9.43 -46.50
CA GLY A 103 19.39 -8.07 -46.76
C GLY A 103 20.62 -7.76 -45.94
N ILE A 104 21.10 -6.53 -46.11
CA ILE A 104 22.26 -6.05 -45.38
C ILE A 104 21.77 -5.34 -44.12
N TYR A 105 21.93 -5.99 -42.97
CA TYR A 105 21.69 -5.36 -41.69
C TYR A 105 22.87 -4.48 -41.30
N SER A 106 22.61 -3.53 -40.41
CA SER A 106 23.63 -2.58 -40.00
C SER A 106 23.30 -2.16 -38.57
N CYS A 107 24.18 -2.49 -37.63
CA CYS A 107 24.00 -2.05 -36.26
C CYS A 107 24.65 -0.67 -36.12
N ASN A 108 23.98 0.21 -35.39
CA ASN A 108 24.45 1.58 -35.22
C ASN A 108 24.27 1.97 -33.77
N LEU A 109 25.37 2.37 -33.13
CA LEU A 109 25.38 2.89 -31.77
C LEU A 109 25.58 4.39 -31.82
N HIS A 110 24.82 5.12 -31.01
CA HIS A 110 24.90 6.57 -30.96
C HIS A 110 24.95 7.03 -29.52
N HIS A 111 25.90 7.92 -29.23
CA HIS A 111 26.12 8.49 -27.91
C HIS A 111 25.79 9.97 -27.99
N HIS A 112 24.73 10.38 -27.30
CA HIS A 112 24.18 11.72 -27.50
C HIS A 112 25.09 12.80 -26.93
N TYR A 113 25.54 12.64 -25.68
CA TYR A 113 26.28 13.71 -25.03
C TYR A 113 27.60 13.97 -25.74
N CYS A 114 28.34 12.91 -26.08
CA CYS A 114 29.55 13.06 -26.86
C CYS A 114 29.25 13.35 -28.33
N HIS A 115 27.99 13.25 -28.75
CA HIS A 115 27.62 13.44 -30.15
C HIS A 115 28.45 12.51 -31.04
N LEU A 116 28.68 11.30 -30.55
CA LEU A 116 29.51 10.33 -31.26
C LEU A 116 28.64 9.19 -31.78
N TYR A 117 29.19 8.41 -32.71
CA TYR A 117 28.45 7.29 -33.26
C TYR A 117 29.42 6.29 -33.87
N GLU A 118 28.94 5.06 -34.00
CA GLU A 118 29.67 3.98 -34.63
C GLU A 118 28.64 3.05 -35.28
N THR A 119 29.11 2.22 -36.19
CA THR A 119 28.19 1.28 -36.83
C THR A 119 28.99 0.28 -37.64
N VAL A 120 28.41 -0.91 -37.81
CA VAL A 120 29.01 -1.95 -38.64
C VAL A 120 27.92 -2.71 -39.38
N LYS A 121 28.26 -3.16 -40.58
CA LYS A 121 27.34 -3.81 -41.49
C LYS A 121 27.56 -5.32 -41.46
N ILE A 122 26.48 -6.09 -41.56
CA ILE A 122 26.53 -7.54 -41.66
C ILE A 122 25.42 -7.98 -42.62
N GLN A 123 25.75 -8.84 -43.57
CA GLN A 123 24.80 -9.28 -44.56
C GLN A 123 24.11 -10.56 -44.12
N LEU A 124 22.90 -10.77 -44.64
CA LEU A 124 22.08 -11.94 -44.30
C LEU A 124 21.45 -12.43 -45.60
N ASP A 125 22.09 -13.41 -46.22
CA ASP A 125 21.56 -14.05 -47.42
C ASP A 125 20.83 -15.32 -47.01
N VAL A 126 19.62 -15.47 -47.53
CA VAL A 126 18.74 -16.58 -47.16
C VAL A 126 18.83 -17.65 -48.24
N THR A 127 19.31 -18.82 -47.85
CA THR A 127 19.36 -19.99 -48.73
C THR A 127 18.35 -21.02 -48.24
N LYS A 128 17.87 -21.85 -49.17
CA LYS A 128 16.72 -22.69 -48.87
C LYS A 128 16.98 -23.64 -47.70
N LYS A 129 18.14 -24.28 -47.68
CA LYS A 129 18.43 -25.25 -46.62
C LYS A 129 19.94 -25.34 -46.43
N ALA A 130 20.37 -26.30 -45.60
CA ALA A 130 21.73 -26.33 -45.07
C ALA A 130 22.77 -26.67 -46.12
N LYS A 131 22.39 -27.11 -47.31
CA LYS A 131 23.37 -27.44 -48.33
C LYS A 131 24.11 -26.22 -48.84
N ALA A 132 23.66 -25.00 -48.52
CA ALA A 132 24.33 -23.79 -48.97
C ALA A 132 24.37 -22.71 -47.89
N ALA A 133 24.28 -23.08 -46.61
CA ALA A 133 24.31 -22.13 -45.51
C ALA A 133 25.73 -22.09 -44.92
N LYS A 134 26.26 -20.89 -44.76
CA LYS A 134 27.64 -20.72 -44.30
C LYS A 134 27.84 -19.26 -43.91
N GLU A 135 29.10 -18.88 -43.65
CA GLU A 135 29.47 -17.50 -43.40
C GLU A 135 30.79 -17.21 -44.10
N TYR A 136 30.96 -15.97 -44.54
CA TYR A 136 32.18 -15.56 -45.22
C TYR A 136 32.38 -14.06 -45.03
N TRP A 137 33.45 -13.54 -45.62
CA TRP A 137 33.78 -12.12 -45.56
C TRP A 137 33.87 -11.58 -46.98
N ASP A 138 33.12 -10.52 -47.26
CA ASP A 138 33.07 -9.94 -48.60
C ASP A 138 34.20 -8.94 -48.84
N GLY A 139 34.70 -8.29 -47.80
CA GLY A 139 35.75 -7.31 -47.95
C GLY A 139 35.56 -6.11 -47.06
N GLU A 140 34.30 -5.85 -46.68
CA GLU A 140 33.97 -4.78 -45.77
C GLU A 140 33.04 -5.22 -44.65
N LYS A 141 32.68 -6.50 -44.61
CA LYS A 141 31.64 -6.98 -43.71
C LYS A 141 31.67 -8.51 -43.65
N ALA A 142 30.97 -9.04 -42.67
CA ALA A 142 30.70 -10.47 -42.59
C ALA A 142 29.33 -10.76 -43.17
N VAL A 143 29.25 -11.80 -44.00
CA VAL A 143 28.03 -12.17 -44.70
C VAL A 143 27.63 -13.57 -44.26
N ILE A 144 26.37 -13.73 -43.87
CA ILE A 144 25.84 -15.02 -43.42
C ILE A 144 24.84 -15.49 -44.48
N VAL A 145 25.19 -16.59 -45.15
CA VAL A 145 24.23 -17.30 -45.99
C VAL A 145 23.41 -18.16 -45.02
N ALA A 146 22.26 -17.65 -44.60
CA ALA A 146 21.55 -18.18 -43.45
C ALA A 146 20.67 -19.36 -43.82
N LEU A 147 20.40 -20.20 -42.82
CA LEU A 147 19.49 -21.33 -42.95
C LEU A 147 18.06 -20.83 -42.87
N GLU A 148 17.34 -20.85 -43.99
CA GLU A 148 15.95 -20.42 -43.99
C GLU A 148 15.13 -21.29 -43.05
N GLY A 149 14.24 -20.65 -42.29
CA GLY A 149 13.39 -21.37 -41.36
C GLY A 149 14.07 -21.74 -40.06
N SER A 150 15.17 -21.09 -39.71
CA SER A 150 15.86 -21.37 -38.45
C SER A 150 16.48 -20.08 -37.94
N THR A 151 16.82 -20.09 -36.66
CA THR A 151 17.39 -18.92 -36.02
C THR A 151 18.77 -18.62 -36.60
N VAL A 152 19.04 -17.33 -36.82
CA VAL A 152 20.33 -16.88 -37.34
C VAL A 152 20.76 -15.64 -36.56
N MET A 153 22.03 -15.59 -36.19
CA MET A 153 22.57 -14.55 -35.33
C MET A 153 23.55 -13.71 -36.14
N LEU A 154 23.32 -12.39 -36.13
CA LEU A 154 24.18 -11.44 -36.83
C LEU A 154 25.09 -10.76 -35.80
N PRO A 155 26.40 -10.98 -35.84
CA PRO A 155 27.25 -10.49 -34.73
C PRO A 155 27.75 -9.06 -34.88
N CYS A 156 27.75 -8.33 -33.78
CA CYS A 156 28.56 -7.13 -33.62
C CYS A 156 28.65 -6.81 -32.14
N VAL A 157 29.87 -6.74 -31.63
CA VAL A 157 30.12 -6.42 -30.23
C VAL A 157 31.17 -5.33 -30.17
N ASN A 158 30.80 -4.18 -29.61
CA ASN A 158 31.69 -3.03 -29.48
C ASN A 158 32.32 -3.07 -28.10
N ARG A 159 33.56 -3.55 -28.03
CA ARG A 159 34.28 -3.69 -26.76
C ARG A 159 35.06 -2.41 -26.50
N ASN A 160 34.35 -1.40 -26.03
CA ASN A 160 34.96 -0.12 -25.70
C ASN A 160 34.30 0.45 -24.46
N GLN A 161 35.05 1.28 -23.74
CA GLN A 161 34.54 1.87 -22.51
C GLN A 161 33.44 2.87 -22.79
N ILE A 162 33.44 3.49 -23.97
CA ILE A 162 32.44 4.50 -24.29
C ILE A 162 31.03 3.93 -24.26
N TRP A 163 30.90 2.63 -24.54
CA TRP A 163 29.60 1.97 -24.59
C TRP A 163 29.31 1.14 -23.34
N THR A 164 29.91 1.50 -22.21
CA THR A 164 29.69 0.80 -20.95
C THR A 164 29.43 1.83 -19.86
N GLU A 165 28.67 1.41 -18.84
CA GLU A 165 28.17 2.31 -17.81
C GLU A 165 29.04 2.31 -16.56
N ARG A 166 30.22 1.71 -16.59
CA ARG A 166 31.11 1.78 -15.44
C ARG A 166 31.48 3.24 -15.19
N HIS A 167 31.67 3.58 -13.91
CA HIS A 167 31.89 4.98 -13.55
C HIS A 167 33.07 5.55 -14.32
N LEU A 168 32.90 6.78 -14.82
CA LEU A 168 33.87 7.44 -15.67
C LEU A 168 34.29 8.80 -15.13
N GLU A 169 34.04 9.06 -13.84
CA GLU A 169 34.32 10.32 -13.18
C GLU A 169 33.41 11.44 -13.65
N GLU A 170 32.41 11.13 -14.48
CA GLU A 170 31.45 12.12 -14.98
C GLU A 170 32.16 13.40 -15.43
N ALA A 171 33.27 13.23 -16.14
CA ALA A 171 34.05 14.38 -16.58
C ALA A 171 33.29 15.17 -17.64
N GLN A 172 33.68 16.43 -17.78
CA GLN A 172 33.11 17.31 -18.79
C GLN A 172 34.25 18.07 -19.47
N GLN A 173 33.91 18.74 -20.57
CA GLN A 173 34.92 19.37 -21.40
C GLN A 173 35.67 20.46 -20.62
N VAL A 174 37.00 20.43 -20.72
CA VAL A 174 37.87 21.41 -20.08
C VAL A 174 38.99 21.75 -21.05
N VAL A 175 39.55 22.94 -20.90
CA VAL A 175 40.56 23.45 -21.83
C VAL A 175 41.60 24.23 -21.05
N HIS A 176 42.87 24.09 -21.46
CA HIS A 176 43.97 24.81 -20.83
C HIS A 176 44.88 25.36 -21.92
N TRP A 177 44.96 26.68 -22.00
CA TRP A 177 45.86 27.37 -22.92
C TRP A 177 47.13 27.73 -22.15
N ASP A 178 48.25 27.12 -22.52
CA ASP A 178 49.56 27.45 -21.96
C ASP A 178 50.42 28.08 -23.05
N ARG A 179 51.48 28.76 -22.62
CA ARG A 179 52.43 29.40 -23.53
C ARG A 179 53.85 29.08 -23.08
N GLN A 180 54.46 28.06 -23.69
CA GLN A 180 55.86 27.74 -23.46
C GLN A 180 56.71 28.85 -24.07
N LEU A 181 57.19 29.76 -23.23
CA LEU A 181 58.04 30.84 -23.71
C LEU A 181 59.38 30.30 -24.16
N PRO A 182 60.12 31.05 -24.99
CA PRO A 182 61.43 30.59 -25.43
C PRO A 182 62.30 30.18 -24.25
N GLY A 183 62.84 28.97 -24.32
CA GLY A 183 63.63 28.40 -23.25
C GLY A 183 62.83 27.64 -22.22
N VAL A 184 61.50 27.66 -22.31
CA VAL A 184 60.66 26.92 -21.38
C VAL A 184 60.33 25.56 -21.98
N SER A 185 59.98 24.60 -21.11
CA SER A 185 59.62 23.25 -21.51
C SER A 185 58.11 23.09 -21.56
N HIS A 186 57.67 22.17 -22.42
CA HIS A 186 56.24 21.89 -22.54
C HIS A 186 55.76 21.12 -21.32
N ASP A 187 54.50 21.38 -20.94
CA ASP A 187 53.82 20.91 -19.75
C ASP A 187 54.30 21.65 -18.51
N ARG A 188 55.34 22.48 -18.61
CA ARG A 188 55.68 23.46 -17.59
C ARG A 188 55.35 24.88 -18.03
N ALA A 189 54.98 25.07 -19.30
CA ALA A 189 54.62 26.39 -19.82
C ALA A 189 53.70 27.13 -18.86
N ASP A 190 53.97 28.41 -18.68
CA ASP A 190 53.10 29.24 -17.86
C ASP A 190 51.69 29.22 -18.43
N ARG A 191 50.72 28.86 -17.59
CA ARG A 191 49.34 28.81 -18.02
C ARG A 191 48.88 30.20 -18.43
N LEU A 192 48.21 30.29 -19.58
CA LEU A 192 47.64 31.54 -20.05
C LEU A 192 46.16 31.66 -19.76
N LEU A 193 45.39 30.59 -20.01
CA LEU A 193 43.96 30.61 -19.78
C LEU A 193 43.50 29.22 -19.38
N ASP A 194 42.40 29.18 -18.64
CA ASP A 194 41.74 27.91 -18.30
C ASP A 194 40.24 28.09 -18.50
N LEU A 195 39.62 27.11 -19.14
CA LEU A 195 38.18 27.16 -19.41
C LEU A 195 37.55 25.82 -19.08
N TYR A 196 36.28 25.85 -18.73
CA TYR A 196 35.49 24.65 -18.49
C TYR A 196 34.14 24.79 -19.18
N ALA A 197 33.53 23.65 -19.48
CA ALA A 197 32.23 23.65 -20.13
C ALA A 197 31.17 24.37 -19.30
N SER A 198 31.37 24.48 -17.99
CA SER A 198 30.44 25.17 -17.12
C SER A 198 30.59 26.68 -17.18
N GLY A 199 31.49 27.20 -18.02
CA GLY A 199 31.73 28.62 -18.10
C GLY A 199 32.82 29.13 -17.19
N GLU A 200 33.39 28.29 -16.34
CA GLU A 200 34.49 28.72 -15.49
C GLU A 200 35.66 29.19 -16.36
N ARG A 201 36.19 30.36 -16.02
CA ARG A 201 37.29 30.95 -16.78
C ARG A 201 38.33 31.50 -15.81
N ARG A 202 39.60 31.21 -16.11
CA ARG A 202 40.72 31.72 -15.34
C ARG A 202 41.74 32.32 -16.28
N ALA A 203 42.24 33.50 -15.92
CA ALA A 203 43.25 34.22 -16.70
C ALA A 203 44.54 34.33 -15.91
N TYR A 204 45.64 34.47 -16.63
CA TYR A 204 46.97 34.49 -16.03
C TYR A 204 47.75 35.69 -16.57
N GLY A 205 48.86 36.00 -15.88
CA GLY A 205 49.74 37.06 -16.31
C GLY A 205 49.22 38.43 -15.91
N PRO A 206 49.90 39.48 -16.39
CA PRO A 206 49.46 40.83 -16.06
C PRO A 206 48.11 41.12 -16.67
N PRO A 207 47.33 42.05 -16.09
CA PRO A 207 45.99 42.33 -16.64
C PRO A 207 46.03 42.72 -18.11
N PHE A 208 47.06 43.43 -18.55
CA PHE A 208 47.17 43.78 -19.95
C PHE A 208 47.28 42.53 -20.82
N LEU A 209 48.08 41.56 -20.38
CA LEU A 209 48.17 40.30 -21.11
C LEU A 209 46.82 39.60 -21.15
N ARG A 210 46.09 39.62 -20.03
CA ARG A 210 44.77 39.00 -20.00
C ARG A 210 43.84 39.66 -21.01
N ASP A 211 43.88 40.99 -21.10
CA ASP A 211 43.09 41.69 -22.10
C ASP A 211 43.52 41.29 -23.51
N ARG A 212 44.83 41.18 -23.75
CA ARG A 212 45.31 40.82 -25.07
C ARG A 212 45.19 39.32 -25.32
N VAL A 213 45.60 38.49 -24.36
CA VAL A 213 45.44 37.05 -24.46
C VAL A 213 44.04 36.70 -23.97
N SER A 214 43.17 36.29 -24.89
CA SER A 214 41.79 35.99 -24.52
C SER A 214 41.18 34.99 -25.48
N VAL A 215 40.36 34.09 -24.96
CA VAL A 215 39.65 33.12 -25.77
C VAL A 215 38.22 33.58 -25.95
N ASN A 216 37.58 33.11 -27.03
CA ASN A 216 36.24 33.55 -27.40
C ASN A 216 35.26 33.41 -26.23
N THR A 217 34.16 34.16 -26.30
CA THR A 217 33.24 34.26 -25.16
C THR A 217 32.38 33.01 -24.98
N ASN A 218 32.01 32.34 -26.08
CA ASN A 218 31.11 31.19 -26.00
C ASN A 218 31.80 29.95 -26.53
N ALA A 219 33.02 29.71 -26.04
CA ALA A 219 33.87 28.62 -26.51
C ALA A 219 33.12 27.31 -26.65
N PHE A 220 32.61 26.78 -25.54
CA PHE A 220 32.05 25.43 -25.55
C PHE A 220 30.70 25.37 -26.25
N ALA A 221 30.01 26.50 -26.41
CA ALA A 221 28.80 26.51 -27.22
C ALA A 221 29.11 26.31 -28.70
N ARG A 222 30.34 26.57 -29.12
CA ARG A 222 30.77 26.39 -30.50
C ARG A 222 31.83 25.31 -30.66
N GLY A 223 32.34 24.75 -29.57
CA GLY A 223 33.51 23.90 -29.66
C GLY A 223 34.73 24.63 -30.15
N ASP A 224 34.85 25.92 -29.82
CA ASP A 224 35.92 26.77 -30.28
C ASP A 224 36.70 27.30 -29.10
N PHE A 225 38.03 27.31 -29.23
CA PHE A 225 38.90 27.86 -28.20
C PHE A 225 39.99 28.72 -28.83
N SER A 226 39.67 29.42 -29.90
CA SER A 226 40.64 30.29 -30.56
C SER A 226 41.14 31.35 -29.58
N LEU A 227 42.45 31.57 -29.60
CA LEU A 227 43.11 32.50 -28.69
C LEU A 227 43.50 33.75 -29.48
N ARG A 228 42.90 34.88 -29.13
CA ARG A 228 43.33 36.16 -29.67
C ARG A 228 44.42 36.74 -28.79
N ILE A 229 45.47 37.25 -29.43
CA ILE A 229 46.59 37.90 -28.76
C ILE A 229 46.73 39.28 -29.40
N ASP A 230 46.06 40.27 -28.82
CA ASP A 230 46.01 41.60 -29.40
C ASP A 230 47.32 42.35 -29.17
N GLU A 231 47.69 43.16 -30.15
CA GLU A 231 48.87 44.02 -30.05
C GLU A 231 50.08 43.24 -29.53
N LEU A 232 50.50 42.28 -30.35
CA LEU A 232 51.56 41.35 -29.95
C LEU A 232 52.81 42.08 -29.50
N GLU A 233 53.34 41.64 -28.37
CA GLU A 233 54.69 41.99 -27.94
C GLU A 233 55.62 40.82 -28.26
N ARG A 234 56.88 41.14 -28.55
CA ARG A 234 57.82 40.09 -28.91
C ARG A 234 57.98 39.08 -27.79
N ALA A 235 57.66 39.45 -26.56
CA ALA A 235 57.66 38.50 -25.45
C ALA A 235 56.48 37.55 -25.50
N ASP A 236 55.48 37.81 -26.35
CA ASP A 236 54.33 36.93 -26.51
C ASP A 236 54.60 35.76 -27.43
N GLU A 237 55.86 35.51 -27.78
CA GLU A 237 56.22 34.40 -28.64
C GLU A 237 56.39 33.12 -27.83
N GLY A 238 56.42 32.00 -28.54
CA GLY A 238 56.62 30.70 -27.94
C GLY A 238 55.64 29.70 -28.49
N ILE A 239 55.62 28.53 -27.85
CA ILE A 239 54.74 27.43 -28.26
C ILE A 239 53.47 27.55 -27.43
N TYR A 240 52.41 28.07 -28.02
CA TYR A 240 51.11 28.05 -27.38
C TYR A 240 50.49 26.67 -27.54
N SER A 241 49.94 26.13 -26.46
CA SER A 241 49.41 24.77 -26.46
C SER A 241 48.04 24.78 -25.77
N CYS A 242 47.01 24.37 -26.50
CA CYS A 242 45.68 24.21 -25.96
C CYS A 242 45.44 22.72 -25.72
N HIS A 243 45.30 22.35 -24.46
CA HIS A 243 44.97 20.98 -24.08
C HIS A 243 43.47 20.90 -23.85
N LEU A 244 42.79 20.11 -24.68
CA LEU A 244 41.36 19.89 -24.57
C LEU A 244 41.13 18.50 -24.00
N HIS A 245 40.35 18.42 -22.92
CA HIS A 245 40.15 17.17 -22.21
C HIS A 245 38.67 16.93 -21.97
N HIS A 246 38.26 15.68 -22.15
CA HIS A 246 36.93 15.19 -21.79
C HIS A 246 37.12 13.74 -21.37
N HIS A 247 37.34 13.53 -20.08
CA HIS A 247 37.73 12.21 -19.60
C HIS A 247 36.56 11.24 -19.63
N TYR A 248 35.33 11.75 -19.56
CA TYR A 248 34.17 10.88 -19.66
C TYR A 248 34.09 10.22 -21.02
N CYS A 249 34.50 10.94 -22.07
CA CYS A 249 34.51 10.40 -23.43
C CYS A 249 35.89 9.91 -23.85
N GLY A 250 36.95 10.40 -23.22
CA GLY A 250 38.30 10.04 -23.58
C GLY A 250 39.05 11.06 -24.41
N LEU A 251 38.45 12.21 -24.67
CA LEU A 251 39.12 13.26 -25.45
C LEU A 251 40.35 13.75 -24.71
N HIS A 252 41.50 13.69 -25.37
CA HIS A 252 42.77 14.14 -24.81
C HIS A 252 43.58 14.89 -25.86
N GLU A 253 42.92 15.84 -26.54
CA GLU A 253 43.50 16.46 -27.71
C GLU A 253 44.46 17.59 -27.34
N ARG A 254 45.49 17.77 -28.17
CA ARG A 254 46.46 18.85 -28.06
C ARG A 254 46.46 19.64 -29.36
N ARG A 255 46.40 20.96 -29.26
CA ARG A 255 46.39 21.83 -30.43
C ARG A 255 47.41 22.94 -30.20
N VAL A 256 48.46 22.98 -31.01
CA VAL A 256 49.63 23.80 -30.72
C VAL A 256 49.92 24.75 -31.87
N PHE A 257 50.35 25.95 -31.50
CA PHE A 257 50.78 26.97 -32.47
C PHE A 257 52.11 27.52 -32.00
N HIS A 258 53.15 27.37 -32.83
CA HIS A 258 54.47 27.91 -32.51
C HIS A 258 54.51 29.34 -33.05
N LEU A 259 54.06 30.28 -32.23
CA LEU A 259 53.91 31.68 -32.63
C LEU A 259 55.21 32.41 -32.31
N GLN A 260 56.03 32.63 -33.32
CA GLN A 260 57.28 33.39 -33.18
C GLN A 260 57.03 34.82 -33.66
N VAL A 261 57.27 35.78 -32.77
CA VAL A 261 56.99 37.19 -33.06
C VAL A 261 58.26 37.86 -33.56
N THR A 262 58.07 38.90 -34.38
CA THR A 262 59.17 39.67 -34.94
C THR A 262 58.90 41.15 -34.72
N GLU A 263 59.96 41.95 -34.84
CA GLU A 263 59.89 43.39 -34.64
C GLU A 263 60.50 44.11 -35.83
N PRO A 264 60.07 45.36 -36.10
CA PRO A 264 60.68 46.12 -37.19
C PRO A 264 62.12 46.50 -36.89
N ALA A 265 62.76 47.18 -37.83
CA ALA A 265 64.15 47.61 -37.66
C ALA A 265 64.21 49.11 -37.40
N PHE B 1 21.25 -70.81 51.44
CA PHE B 1 19.84 -70.78 51.09
C PHE B 1 19.59 -69.82 49.94
N GLU B 2 18.44 -69.96 49.28
CA GLU B 2 18.07 -69.13 48.14
C GLU B 2 16.63 -68.65 48.34
N HIS B 3 16.41 -67.36 48.08
CA HIS B 3 15.10 -66.76 48.25
C HIS B 3 14.80 -65.84 47.07
N ALA B 4 13.60 -65.96 46.52
CA ALA B 4 13.18 -65.16 45.37
C ALA B 4 12.28 -64.02 45.84
N THR B 5 12.35 -62.89 45.13
CA THR B 5 11.55 -61.73 45.50
C THR B 5 11.41 -60.82 44.30
N THR B 6 10.27 -60.15 44.21
CA THR B 6 9.99 -59.17 43.17
C THR B 6 10.11 -57.77 43.78
N VAL B 7 10.92 -56.93 43.14
CA VAL B 7 11.17 -55.58 43.66
C VAL B 7 10.77 -54.56 42.59
N PRO B 8 10.04 -53.50 42.93
CA PRO B 8 9.80 -52.44 41.96
C PRO B 8 11.11 -51.80 41.52
N ASN B 9 11.20 -51.46 40.24
CA ASN B 9 12.37 -50.80 39.70
C ASN B 9 12.23 -49.31 39.97
N VAL B 10 12.93 -48.81 41.00
CA VAL B 10 12.88 -47.41 41.37
C VAL B 10 14.01 -47.12 42.35
N PRO B 11 14.77 -46.04 42.16
CA PRO B 11 15.86 -45.75 43.08
C PRO B 11 15.38 -45.20 44.41
N GLY B 12 16.18 -45.45 45.44
CA GLY B 12 15.93 -44.87 46.75
C GLY B 12 14.64 -45.31 47.39
N ILE B 13 14.23 -46.56 47.20
CA ILE B 13 13.07 -47.11 47.89
C ILE B 13 13.46 -48.48 48.41
N PRO B 14 13.96 -48.59 49.65
CA PRO B 14 14.38 -49.90 50.15
C PRO B 14 13.20 -50.87 50.22
N TYR B 15 13.50 -52.14 49.95
CA TYR B 15 12.53 -53.22 50.03
C TYR B 15 12.97 -54.18 51.13
N LYS B 16 12.09 -54.44 52.08
CA LYS B 16 12.38 -55.30 53.21
C LYS B 16 11.79 -56.68 52.99
N ALA B 17 12.49 -57.71 53.46
CA ALA B 17 11.98 -59.07 53.33
C ALA B 17 12.69 -59.94 54.37
N LEU B 18 12.17 -61.16 54.54
CA LEU B 18 12.71 -62.13 55.47
C LEU B 18 12.97 -63.44 54.75
N VAL B 19 13.67 -64.34 55.44
CA VAL B 19 13.88 -65.70 54.99
C VAL B 19 13.61 -66.64 56.15
N GLU B 20 12.77 -67.65 55.94
CA GLU B 20 12.31 -68.54 56.98
C GLU B 20 12.99 -69.90 56.84
N ARG B 21 13.62 -70.36 57.91
CA ARG B 21 14.23 -71.68 57.96
C ARG B 21 14.03 -72.26 59.35
N ALA B 22 13.61 -73.52 59.42
CA ALA B 22 13.42 -74.17 60.71
C ALA B 22 14.74 -74.22 61.47
N GLY B 23 14.69 -73.83 62.74
CA GLY B 23 15.87 -73.80 63.58
C GLY B 23 16.75 -72.58 63.41
N TYR B 24 16.41 -71.68 62.50
CA TYR B 24 17.16 -70.45 62.27
C TYR B 24 16.22 -69.26 62.39
N ALA B 25 16.64 -68.24 63.11
CA ALA B 25 15.82 -67.04 63.24
C ALA B 25 15.72 -66.33 61.90
N PRO B 26 14.68 -65.54 61.68
CA PRO B 26 14.57 -64.81 60.42
C PRO B 26 15.75 -63.87 60.24
N LEU B 27 16.20 -63.74 59.00
CA LEU B 27 17.31 -62.85 58.65
C LEU B 27 16.73 -61.68 57.86
N ASN B 28 16.75 -60.50 58.49
CA ASN B 28 16.30 -59.29 57.81
C ASN B 28 17.11 -59.10 56.53
N LEU B 29 16.43 -58.71 55.46
CA LEU B 29 17.07 -58.56 54.16
C LEU B 29 16.53 -57.29 53.51
N GLU B 30 17.40 -56.31 53.34
CA GLU B 30 17.05 -55.05 52.67
C GLU B 30 17.70 -55.02 51.30
N ILE B 31 16.92 -54.66 50.28
CA ILE B 31 17.41 -54.49 48.92
C ILE B 31 17.16 -53.04 48.50
N THR B 32 18.20 -52.39 48.00
CA THR B 32 18.08 -51.02 47.51
C THR B 32 18.66 -50.92 46.11
N VAL B 33 17.90 -50.35 45.19
CA VAL B 33 18.34 -50.16 43.81
C VAL B 33 19.02 -48.80 43.75
N VAL B 34 20.36 -48.79 43.78
CA VAL B 34 21.09 -47.53 43.88
C VAL B 34 20.89 -46.68 42.64
N SER B 35 20.99 -47.28 41.46
CA SER B 35 20.83 -46.53 40.21
C SER B 35 20.73 -47.48 39.04
N SER B 36 19.79 -47.21 38.14
CA SER B 36 19.62 -48.00 36.94
C SER B 36 20.51 -47.47 35.82
N GLU B 37 20.67 -48.29 34.78
CA GLU B 37 21.57 -47.95 33.67
C GLU B 37 21.11 -48.70 32.43
N LEU B 38 20.42 -47.99 31.54
CA LEU B 38 19.95 -48.55 30.27
C LEU B 38 20.91 -48.11 29.17
N THR B 39 21.67 -49.06 28.65
CA THR B 39 22.69 -48.77 27.63
C THR B 39 22.39 -49.55 26.35
N PRO B 40 21.93 -48.91 25.28
CA PRO B 40 21.66 -49.63 24.04
C PRO B 40 22.87 -49.66 23.12
N SER B 41 22.92 -50.71 22.28
CA SER B 41 23.97 -50.87 21.29
C SER B 41 23.67 -49.98 20.09
N THR B 42 24.68 -49.25 19.64
CA THR B 42 24.50 -48.25 18.58
C THR B 42 25.58 -48.42 17.52
N ASN B 43 25.26 -47.97 16.31
CA ASN B 43 26.16 -48.03 15.18
C ASN B 43 26.23 -46.63 14.56
N LYS B 44 27.44 -46.15 14.31
CA LYS B 44 27.63 -44.83 13.72
C LYS B 44 27.34 -44.90 12.22
N GLU B 45 26.37 -44.10 11.78
CA GLU B 45 26.01 -44.06 10.37
C GLU B 45 26.85 -43.05 9.61
N TYR B 46 26.89 -41.80 10.09
CA TYR B 46 27.71 -40.77 9.46
C TYR B 46 27.69 -39.53 10.35
N VAL B 47 28.40 -38.50 9.91
CA VAL B 47 28.51 -37.23 10.60
C VAL B 47 28.28 -36.12 9.60
N THR B 48 27.70 -35.01 10.08
CA THR B 48 27.39 -33.88 9.22
C THR B 48 27.61 -32.59 9.99
N CYS B 49 27.62 -31.48 9.28
CA CYS B 49 27.79 -30.17 9.89
C CYS B 49 27.65 -29.10 8.83
N LYS B 50 27.67 -27.84 9.27
CA LYS B 50 27.64 -26.71 8.34
C LYS B 50 28.83 -26.81 7.40
N PHE B 51 28.59 -26.53 6.12
CA PHE B 51 29.59 -26.69 5.08
C PHE B 51 30.11 -25.33 4.63
N HIS B 52 30.96 -25.38 3.60
CA HIS B 52 31.68 -24.22 3.12
C HIS B 52 31.95 -24.42 1.63
N THR B 53 31.57 -23.43 0.83
CA THR B 53 31.61 -23.56 -0.62
C THR B 53 32.96 -23.08 -1.13
N VAL B 54 33.83 -24.02 -1.48
CA VAL B 54 35.10 -23.68 -2.10
C VAL B 54 34.82 -23.19 -3.51
N VAL B 55 35.44 -22.07 -3.87
CA VAL B 55 35.23 -21.46 -5.18
C VAL B 55 36.58 -21.12 -5.80
N PRO B 56 37.35 -22.09 -6.27
CA PRO B 56 38.66 -21.77 -6.85
C PRO B 56 38.50 -20.86 -8.06
N SER B 57 39.50 -20.02 -8.28
CA SER B 57 39.36 -18.98 -9.29
C SER B 57 39.13 -19.64 -10.66
N PRO B 58 38.32 -19.04 -11.51
CA PRO B 58 37.99 -19.71 -12.77
C PRO B 58 39.22 -19.91 -13.66
N GLN B 59 39.26 -21.05 -14.32
CA GLN B 59 40.19 -21.22 -15.43
C GLN B 59 39.77 -20.31 -16.57
N VAL B 60 40.75 -19.76 -17.28
CA VAL B 60 40.47 -18.92 -18.45
C VAL B 60 41.36 -19.40 -19.59
N LYS B 61 40.74 -19.83 -20.68
CA LYS B 61 41.45 -20.11 -21.92
C LYS B 61 41.13 -18.97 -22.87
N CYS B 62 42.16 -18.26 -23.31
CA CYS B 62 41.98 -16.98 -23.98
C CYS B 62 42.10 -17.14 -25.48
N CYS B 63 41.05 -16.73 -26.18
CA CYS B 63 40.99 -16.62 -27.62
C CYS B 63 40.97 -17.99 -28.29
N GLY B 64 40.72 -19.04 -27.51
CA GLY B 64 40.61 -20.40 -28.00
C GLY B 64 39.41 -21.11 -27.41
N SER B 65 39.45 -22.43 -27.33
CA SER B 65 38.35 -23.24 -26.83
C SER B 65 38.79 -24.07 -25.63
N LEU B 66 37.80 -24.54 -24.87
CA LEU B 66 38.04 -25.38 -23.70
C LEU B 66 36.80 -26.20 -23.43
N GLU B 67 36.98 -27.30 -22.70
CA GLU B 67 35.90 -28.23 -22.39
C GLU B 67 35.89 -28.54 -20.89
N CYS B 68 34.69 -28.78 -20.37
CA CYS B 68 34.54 -29.09 -18.95
C CYS B 68 35.07 -30.50 -18.64
N LYS B 69 35.46 -30.69 -17.38
CA LYS B 69 35.94 -31.96 -16.89
C LYS B 69 35.43 -32.19 -15.48
N ALA B 70 34.98 -33.42 -15.20
CA ALA B 70 34.45 -33.75 -13.90
C ALA B 70 35.57 -34.09 -12.93
N SER B 71 35.21 -34.19 -11.65
CA SER B 71 36.18 -34.49 -10.59
C SER B 71 35.51 -35.33 -9.52
N SER B 72 36.31 -35.81 -8.57
CA SER B 72 35.84 -36.67 -7.49
C SER B 72 35.42 -35.90 -6.25
N LYS B 73 35.60 -34.58 -6.23
CA LYS B 73 35.24 -33.80 -5.06
C LYS B 73 33.73 -33.81 -4.83
N ALA B 74 33.32 -33.57 -3.60
CA ALA B 74 31.91 -33.64 -3.24
C ALA B 74 31.13 -32.54 -3.95
N ASP B 75 29.94 -32.88 -4.43
CA ASP B 75 29.04 -31.93 -5.07
C ASP B 75 29.74 -31.14 -6.18
N TYR B 76 30.77 -31.71 -6.79
CA TYR B 76 31.53 -31.00 -7.80
C TYR B 76 30.62 -30.56 -8.93
N THR B 77 30.69 -29.29 -9.29
CA THR B 77 29.93 -28.74 -10.41
C THR B 77 30.88 -27.95 -11.29
N CYS B 78 30.79 -28.19 -12.59
CA CYS B 78 31.68 -27.59 -13.57
C CYS B 78 30.86 -27.07 -14.75
N ARG B 79 31.29 -25.95 -15.31
CA ARG B 79 30.57 -25.41 -16.47
C ARG B 79 31.47 -24.40 -17.18
N VAL B 80 31.47 -24.46 -18.51
CA VAL B 80 32.23 -23.55 -19.33
C VAL B 80 31.32 -22.43 -19.79
N PHE B 81 31.92 -21.31 -20.19
CA PHE B 81 31.18 -20.19 -20.74
C PHE B 81 32.03 -19.52 -21.80
N GLY B 82 31.52 -19.48 -23.04
CA GLY B 82 32.17 -18.74 -24.09
C GLY B 82 31.67 -17.30 -24.14
N GLY B 83 32.30 -16.52 -25.01
CA GLY B 83 31.93 -15.12 -25.14
C GLY B 83 32.16 -14.29 -23.90
N VAL B 84 32.95 -14.78 -22.95
CA VAL B 84 33.24 -14.01 -21.75
C VAL B 84 34.34 -13.00 -22.03
N TYR B 85 34.38 -11.95 -21.23
CA TYR B 85 35.36 -10.86 -21.39
C TYR B 85 35.93 -10.50 -20.03
N PRO B 86 36.89 -11.29 -19.54
CA PRO B 86 37.45 -10.99 -18.21
C PRO B 86 38.11 -9.63 -18.17
N PHE B 87 37.83 -8.89 -17.11
CA PHE B 87 38.44 -7.59 -16.86
C PHE B 87 38.94 -7.56 -15.43
N MET B 88 40.02 -6.83 -15.21
CA MET B 88 40.66 -6.81 -13.90
C MET B 88 41.27 -5.43 -13.68
N TRP B 89 41.77 -5.20 -12.46
CA TRP B 89 42.28 -3.89 -12.10
C TRP B 89 43.34 -3.41 -13.09
N GLY B 90 44.15 -4.34 -13.61
CA GLY B 90 45.12 -3.97 -14.61
C GLY B 90 44.54 -3.68 -15.97
N GLY B 91 43.28 -4.04 -16.19
CA GLY B 91 42.60 -3.85 -17.45
C GLY B 91 42.15 -5.17 -18.01
N ALA B 92 41.97 -5.22 -19.33
CA ALA B 92 41.60 -6.46 -19.97
C ALA B 92 42.69 -7.51 -19.76
N GLN B 93 42.28 -8.70 -19.30
CA GLN B 93 43.26 -9.74 -19.03
C GLN B 93 43.77 -10.39 -20.31
N CYS B 94 42.92 -10.51 -21.32
CA CYS B 94 43.32 -11.13 -22.57
C CYS B 94 42.33 -10.76 -23.66
N PHE B 95 42.65 -11.14 -24.90
CA PHE B 95 42.21 -10.41 -26.09
C PHE B 95 41.82 -11.34 -27.25
N CYS B 96 40.52 -11.49 -27.43
CA CYS B 96 39.89 -11.91 -28.68
C CYS B 96 38.39 -11.73 -28.52
N ASP B 97 37.75 -11.09 -29.50
CA ASP B 97 36.37 -10.65 -29.32
C ASP B 97 35.41 -11.83 -29.29
N SER B 98 35.10 -12.34 -28.09
CA SER B 98 34.16 -13.41 -27.82
C SER B 98 34.72 -14.80 -28.13
N GLU B 99 35.94 -14.91 -28.69
CA GLU B 99 36.49 -16.23 -28.95
C GLU B 99 36.97 -16.91 -27.68
N ASN B 100 37.38 -16.14 -26.68
CA ASN B 100 37.84 -16.71 -25.42
C ASN B 100 36.72 -17.46 -24.70
N THR B 101 37.11 -18.20 -23.66
CA THR B 101 36.13 -18.90 -22.84
C THR B 101 36.72 -19.19 -21.47
N GLN B 102 35.87 -19.15 -20.45
CA GLN B 102 36.28 -19.38 -19.08
C GLN B 102 35.49 -20.52 -18.47
N LEU B 103 36.19 -21.37 -17.73
CA LEU B 103 35.61 -22.53 -17.07
C LEU B 103 35.52 -22.26 -15.58
N SER B 104 34.32 -22.40 -15.01
CA SER B 104 34.08 -22.18 -13.60
C SER B 104 33.60 -23.47 -12.96
N GLU B 105 34.18 -23.82 -11.80
CA GLU B 105 33.77 -24.99 -11.05
C GLU B 105 33.73 -24.67 -9.58
N ALA B 106 32.90 -25.40 -8.85
CA ALA B 106 32.74 -25.21 -7.41
C ALA B 106 32.47 -26.55 -6.76
N TYR B 107 32.81 -26.64 -5.48
CA TYR B 107 32.56 -27.83 -4.67
C TYR B 107 32.40 -27.40 -3.22
N VAL B 108 32.18 -28.39 -2.35
CA VAL B 108 31.77 -28.16 -0.97
C VAL B 108 32.67 -28.95 -0.03
N GLU B 109 33.07 -28.32 1.07
CA GLU B 109 33.89 -28.98 2.08
C GLU B 109 33.46 -28.50 3.46
N PHE B 110 33.64 -29.36 4.46
CA PHE B 110 33.22 -29.01 5.81
C PHE B 110 34.06 -27.86 6.36
N ALA B 111 33.41 -26.96 7.09
CA ALA B 111 34.10 -25.81 7.66
C ALA B 111 35.03 -26.26 8.79
N PRO B 112 36.14 -25.56 9.01
CA PRO B 112 37.06 -25.99 10.07
C PRO B 112 36.42 -26.07 11.44
N ASP B 113 35.58 -25.10 11.78
CA ASP B 113 34.92 -25.12 13.08
C ASP B 113 34.07 -26.37 13.27
N CYS B 114 33.68 -27.03 12.17
CA CYS B 114 32.97 -28.29 12.28
C CYS B 114 33.65 -29.24 13.25
N THR B 115 34.97 -29.14 13.41
CA THR B 115 35.69 -30.04 14.30
C THR B 115 35.09 -30.08 15.70
N ILE B 116 34.27 -29.09 16.05
CA ILE B 116 33.58 -29.08 17.33
C ILE B 116 32.07 -29.00 17.18
N ASP B 117 31.55 -28.63 16.01
CA ASP B 117 30.12 -28.42 15.81
C ASP B 117 29.43 -29.59 15.14
N HIS B 118 30.10 -30.73 15.01
CA HIS B 118 29.55 -31.83 14.23
C HIS B 118 28.30 -32.40 14.89
N ALA B 119 27.44 -32.99 14.06
CA ALA B 119 26.28 -33.73 14.51
C ALA B 119 26.35 -35.13 13.91
N VAL B 120 26.31 -36.14 14.76
CA VAL B 120 26.49 -37.53 14.35
C VAL B 120 25.14 -38.22 14.35
N ALA B 121 24.83 -38.93 13.27
CA ALA B 121 23.65 -39.78 13.24
C ALA B 121 23.98 -41.15 13.80
N LEU B 122 23.01 -41.78 14.44
CA LEU B 122 23.22 -43.10 15.01
C LEU B 122 21.95 -43.93 14.87
N LYS B 123 22.16 -45.24 14.77
CA LYS B 123 21.12 -46.25 14.76
C LYS B 123 21.27 -47.09 16.02
N VAL B 124 20.20 -47.20 16.80
CA VAL B 124 20.25 -47.90 18.08
C VAL B 124 19.28 -49.05 18.05
N HIS B 125 19.55 -50.06 18.88
CA HIS B 125 18.76 -51.28 18.92
C HIS B 125 19.17 -52.10 20.13
N THR B 126 18.31 -53.04 20.50
CA THR B 126 18.58 -54.02 21.56
C THR B 126 19.03 -53.33 22.84
N ALA B 127 18.10 -52.56 23.41
CA ALA B 127 18.35 -51.90 24.68
C ALA B 127 18.63 -52.93 25.77
N ALA B 128 19.66 -52.69 26.57
CA ALA B 128 20.02 -53.54 27.69
C ALA B 128 20.11 -52.69 28.94
N LEU B 129 19.78 -53.31 30.08
CA LEU B 129 19.64 -52.60 31.35
C LEU B 129 20.59 -53.19 32.39
N LYS B 130 21.29 -52.31 33.10
CA LYS B 130 22.24 -52.67 34.14
C LYS B 130 21.77 -52.07 35.45
N VAL B 131 21.75 -52.89 36.52
CA VAL B 131 21.22 -52.48 37.81
C VAL B 131 22.33 -52.55 38.85
N GLY B 132 22.43 -51.50 39.67
CA GLY B 132 23.27 -51.52 40.84
C GLY B 132 22.43 -51.79 42.07
N LEU B 133 22.77 -52.86 42.78
CA LEU B 133 22.03 -53.27 43.97
C LEU B 133 22.92 -53.14 45.19
N ARG B 134 22.31 -52.77 46.31
CA ARG B 134 22.95 -52.81 47.62
C ARG B 134 22.07 -53.67 48.52
N ILE B 135 22.65 -54.73 49.08
CA ILE B 135 21.91 -55.72 49.85
C ILE B 135 22.47 -55.74 51.26
N VAL B 136 21.58 -55.64 52.25
CA VAL B 136 21.95 -55.64 53.66
C VAL B 136 21.29 -56.83 54.33
N TYR B 137 22.10 -57.63 55.03
CA TYR B 137 21.58 -58.74 55.81
C TYR B 137 22.48 -58.94 57.02
N GLY B 138 21.87 -59.14 58.19
CA GLY B 138 22.62 -59.38 59.41
C GLY B 138 23.61 -58.27 59.70
N ASN B 139 23.15 -57.03 59.61
CA ASN B 139 24.00 -55.84 59.70
C ASN B 139 25.32 -56.04 58.99
N THR B 140 25.26 -56.66 57.81
CA THR B 140 26.40 -56.74 56.89
C THR B 140 25.92 -56.31 55.52
N THR B 141 26.65 -55.38 54.91
CA THR B 141 26.25 -54.76 53.65
C THR B 141 27.14 -55.26 52.52
N ALA B 142 26.55 -55.44 51.35
CA ALA B 142 27.27 -55.81 50.15
C ALA B 142 26.75 -54.98 48.98
N ARG B 143 27.65 -54.67 48.06
CA ARG B 143 27.32 -53.92 46.86
C ARG B 143 27.53 -54.82 45.64
N LEU B 144 26.72 -54.61 44.60
CA LEU B 144 26.82 -55.44 43.41
C LEU B 144 26.24 -54.66 42.24
N ASP B 145 26.65 -55.07 41.04
CA ASP B 145 26.15 -54.46 39.80
C ASP B 145 26.02 -55.56 38.76
N THR B 146 24.80 -55.77 38.27
CA THR B 146 24.50 -56.91 37.43
C THR B 146 23.67 -56.49 36.21
N PHE B 147 23.90 -57.18 35.11
CA PHE B 147 23.02 -57.06 33.96
C PHE B 147 21.65 -57.61 34.30
N VAL B 148 20.60 -56.97 33.76
CA VAL B 148 19.26 -57.41 34.03
C VAL B 148 18.98 -58.77 33.41
N ASN B 149 19.76 -59.18 32.41
CA ASN B 149 19.60 -60.51 31.85
C ASN B 149 19.81 -61.56 32.94
N GLY B 150 18.91 -62.53 32.97
CA GLY B 150 18.88 -63.49 34.06
C GLY B 150 19.67 -64.77 33.82
N VAL B 151 20.86 -64.64 33.22
CA VAL B 151 21.74 -65.79 33.05
C VAL B 151 23.16 -65.43 33.50
N THR B 152 23.41 -64.15 33.76
CA THR B 152 24.71 -63.67 34.20
C THR B 152 24.60 -63.14 35.63
N PRO B 153 25.34 -63.68 36.60
CA PRO B 153 25.25 -63.17 37.96
C PRO B 153 26.25 -62.06 38.24
N GLY B 154 26.03 -61.39 39.37
CA GLY B 154 26.95 -60.37 39.81
C GLY B 154 28.08 -60.94 40.64
N SER B 155 29.27 -60.37 40.48
CA SER B 155 30.47 -60.82 41.17
C SER B 155 30.73 -59.91 42.37
N SER B 156 30.61 -60.46 43.56
CA SER B 156 30.90 -59.71 44.79
C SER B 156 31.13 -60.71 45.90
N ARG B 157 32.35 -60.73 46.45
CA ARG B 157 32.71 -61.68 47.50
C ARG B 157 32.48 -63.12 47.05
N ASP B 158 32.66 -63.37 45.74
CA ASP B 158 32.41 -64.69 45.17
C ASP B 158 30.99 -65.15 45.46
N LEU B 159 30.05 -64.21 45.42
CA LEU B 159 28.63 -64.51 45.60
C LEU B 159 27.89 -64.29 44.28
N LYS B 160 26.94 -65.16 43.98
CA LYS B 160 26.20 -65.12 42.73
C LYS B 160 24.76 -64.72 43.00
N VAL B 161 24.31 -63.66 42.33
CA VAL B 161 22.96 -63.14 42.48
C VAL B 161 22.41 -62.85 41.10
N ILE B 162 21.45 -63.65 40.65
CA ILE B 162 20.82 -63.48 39.34
C ILE B 162 19.72 -62.45 39.47
N ALA B 163 19.42 -61.76 38.37
CA ALA B 163 18.41 -60.72 38.38
C ALA B 163 17.65 -60.72 37.06
N GLY B 164 16.47 -60.10 37.09
CA GLY B 164 15.67 -59.94 35.90
C GLY B 164 15.04 -61.25 35.45
N PRO B 165 14.47 -61.27 34.23
CA PRO B 165 14.41 -60.17 33.26
C PRO B 165 13.30 -59.17 33.55
N ILE B 166 13.34 -58.00 32.92
CA ILE B 166 12.33 -56.98 33.14
C ILE B 166 10.94 -57.56 32.86
N SER B 167 9.95 -57.05 33.59
CA SER B 167 8.57 -57.46 33.34
C SER B 167 8.03 -56.84 32.05
N ALA B 168 8.28 -55.55 31.85
CA ALA B 168 7.80 -54.84 30.66
C ALA B 168 8.95 -54.02 30.10
N ALA B 169 9.31 -54.29 28.85
CA ALA B 169 10.43 -53.60 28.23
C ALA B 169 10.07 -52.14 27.95
N PHE B 170 11.04 -51.25 28.19
CA PHE B 170 10.88 -49.83 27.94
C PHE B 170 12.20 -49.26 27.47
N SER B 171 12.15 -48.41 26.44
CA SER B 171 13.35 -47.80 25.88
C SER B 171 12.94 -46.47 25.24
N PRO B 172 13.26 -45.34 25.88
CA PRO B 172 12.90 -44.05 25.27
C PRO B 172 13.56 -43.82 23.93
N PHE B 173 14.69 -44.47 23.67
CA PHE B 173 15.41 -44.26 22.41
C PHE B 173 14.61 -44.81 21.25
N ASP B 174 14.62 -44.08 20.14
CA ASP B 174 14.00 -44.51 18.90
C ASP B 174 15.05 -45.16 17.99
N HIS B 175 14.58 -45.69 16.86
CA HIS B 175 15.48 -46.42 15.97
C HIS B 175 16.59 -45.51 15.44
N LYS B 176 16.25 -44.27 15.08
CA LYS B 176 17.20 -43.31 14.54
C LYS B 176 17.34 -42.15 15.52
N VAL B 177 18.57 -41.81 15.88
CA VAL B 177 18.84 -40.71 16.80
C VAL B 177 19.96 -39.86 16.23
N VAL B 178 20.05 -38.61 16.69
CA VAL B 178 21.11 -37.71 16.25
C VAL B 178 21.66 -36.97 17.46
N ILE B 179 22.98 -36.99 17.63
CA ILE B 179 23.64 -36.39 18.79
C ILE B 179 24.51 -35.24 18.31
N ARG B 180 24.41 -34.11 19.01
CA ARG B 180 25.22 -32.95 18.67
C ARG B 180 25.52 -32.14 19.93
N LYS B 181 26.80 -31.88 20.16
CA LYS B 181 27.24 -31.01 21.25
C LYS B 181 26.63 -31.44 22.59
N GLY B 182 26.60 -32.74 22.83
CA GLY B 182 26.13 -33.27 24.09
C GLY B 182 24.63 -33.37 24.23
N LEU B 183 23.87 -33.04 23.19
CA LEU B 183 22.41 -33.14 23.22
C LEU B 183 21.96 -34.25 22.30
N VAL B 184 21.00 -35.05 22.78
CA VAL B 184 20.41 -36.13 22.02
C VAL B 184 19.08 -35.66 21.45
N TYR B 185 18.85 -35.91 20.16
CA TYR B 185 17.61 -35.56 19.50
C TYR B 185 17.02 -36.79 18.85
N ASN B 186 15.71 -36.94 18.95
CA ASN B 186 14.98 -38.03 18.30
C ASN B 186 14.56 -37.54 16.92
N TYR B 187 15.14 -38.14 15.88
CA TYR B 187 14.95 -37.63 14.53
C TYR B 187 15.23 -38.76 13.55
N ASP B 188 14.53 -38.74 12.41
CA ASP B 188 14.71 -39.73 11.35
C ASP B 188 15.63 -39.10 10.31
N PHE B 189 16.93 -39.23 10.53
CA PHE B 189 17.90 -38.68 9.60
C PHE B 189 17.87 -39.46 8.29
N PRO B 190 18.07 -38.80 7.15
CA PRO B 190 18.09 -39.54 5.87
C PRO B 190 19.18 -40.59 5.86
N GLU B 191 18.87 -41.73 5.25
CA GLU B 191 19.83 -42.83 5.18
C GLU B 191 21.07 -42.41 4.40
N TYR B 192 22.21 -42.97 4.77
CA TYR B 192 23.45 -42.67 4.08
C TYR B 192 23.33 -43.04 2.60
N GLY B 193 23.94 -42.22 1.75
CA GLY B 193 23.83 -42.38 0.32
C GLY B 193 22.64 -41.68 -0.31
N ALA B 194 21.77 -41.07 0.49
CA ALA B 194 20.59 -40.37 -0.01
C ALA B 194 20.56 -38.98 0.62
N MET B 195 20.78 -37.95 -0.21
CA MET B 195 20.77 -36.57 0.24
C MET B 195 19.51 -35.88 -0.24
N ASN B 196 19.22 -34.74 0.38
CA ASN B 196 18.12 -33.87 -0.05
C ASN B 196 18.44 -32.44 0.38
N PRO B 197 18.67 -31.53 -0.56
CA PRO B 197 19.13 -30.18 -0.18
C PRO B 197 18.15 -29.48 0.75
N GLY B 198 18.69 -28.60 1.58
CA GLY B 198 17.88 -27.85 2.53
C GLY B 198 17.28 -28.70 3.63
N ALA B 199 18.01 -29.71 4.08
CA ALA B 199 17.55 -30.57 5.17
C ALA B 199 18.76 -31.24 5.80
N PHE B 200 18.56 -31.75 7.01
CA PHE B 200 19.64 -32.39 7.73
C PHE B 200 20.31 -33.45 6.88
N GLY B 201 21.58 -33.73 7.14
CA GLY B 201 22.30 -34.73 6.38
C GLY B 201 22.53 -34.36 4.92
N ASP B 202 22.74 -33.07 4.64
CA ASP B 202 23.08 -32.68 3.27
C ASP B 202 24.54 -33.00 2.96
N ILE B 203 25.42 -32.83 3.95
CA ILE B 203 26.82 -33.23 3.82
C ILE B 203 27.03 -34.45 4.71
N GLN B 204 27.55 -35.53 4.13
CA GLN B 204 27.76 -36.77 4.86
C GLN B 204 29.17 -37.29 4.59
N ALA B 205 29.91 -37.56 5.66
CA ALA B 205 31.25 -38.11 5.56
C ALA B 205 31.37 -39.29 6.52
N SER B 206 31.98 -40.37 6.04
CA SER B 206 32.11 -41.56 6.87
C SER B 206 32.79 -41.25 8.20
N SER B 207 33.68 -40.27 8.20
CA SER B 207 34.31 -39.79 9.42
C SER B 207 34.56 -38.30 9.28
N LEU B 208 34.78 -37.63 10.41
CA LEU B 208 34.94 -36.18 10.40
C LEU B 208 36.09 -35.77 9.48
N ASP B 209 37.17 -36.53 9.49
CA ASP B 209 38.36 -36.22 8.70
C ASP B 209 38.54 -37.21 7.55
N ALA B 210 37.44 -37.59 6.91
CA ALA B 210 37.47 -38.52 5.79
C ALA B 210 37.69 -37.74 4.50
N THR B 211 38.71 -38.14 3.73
CA THR B 211 38.97 -37.46 2.46
C THR B 211 37.84 -37.66 1.47
N ASP B 212 37.12 -38.77 1.56
CA ASP B 212 36.01 -39.05 0.65
C ASP B 212 34.72 -38.50 1.24
N ILE B 213 34.03 -37.68 0.46
CA ILE B 213 32.75 -37.09 0.86
C ILE B 213 31.75 -37.32 -0.25
N VAL B 214 30.49 -37.45 0.14
CA VAL B 214 29.37 -37.54 -0.80
C VAL B 214 28.31 -36.55 -0.35
N ALA B 215 27.87 -35.69 -1.26
CA ALA B 215 26.89 -34.68 -0.89
C ALA B 215 26.39 -33.97 -2.14
N ARG B 216 25.09 -33.66 -2.16
CA ARG B 216 24.48 -32.87 -3.22
C ARG B 216 23.65 -31.79 -2.55
N THR B 217 23.88 -30.53 -2.91
CA THR B 217 23.22 -29.41 -2.27
C THR B 217 22.74 -28.38 -3.29
N ASP B 218 22.51 -28.82 -4.54
CA ASP B 218 21.88 -28.00 -5.56
C ASP B 218 22.66 -26.70 -5.77
N ILE B 219 23.87 -26.87 -6.27
CA ILE B 219 24.72 -25.76 -6.71
C ILE B 219 24.59 -25.63 -8.22
N ARG B 220 24.11 -24.47 -8.67
CA ARG B 220 23.99 -24.17 -10.09
C ARG B 220 24.74 -22.88 -10.39
N LEU B 221 25.62 -22.94 -11.38
CA LEU B 221 26.40 -21.78 -11.77
C LEU B 221 25.55 -20.82 -12.61
N LEU B 222 26.02 -19.59 -12.72
CA LEU B 222 25.35 -18.56 -13.49
C LEU B 222 26.35 -17.93 -14.46
N LYS B 223 25.86 -17.54 -15.63
CA LYS B 223 26.72 -16.98 -16.66
C LYS B 223 27.25 -15.62 -16.22
N PRO B 224 28.56 -15.35 -16.31
CA PRO B 224 29.06 -14.02 -15.96
C PRO B 224 28.40 -12.95 -16.82
N SER B 225 28.03 -11.84 -16.18
CA SER B 225 27.39 -10.73 -16.88
C SER B 225 27.91 -9.39 -16.37
N VAL B 226 29.18 -9.34 -15.96
CA VAL B 226 29.79 -8.12 -15.45
C VAL B 226 31.12 -7.91 -16.15
N LYS B 227 31.58 -6.66 -16.13
CA LYS B 227 32.82 -6.32 -16.81
C LYS B 227 33.98 -7.15 -16.30
N ASN B 228 34.17 -7.19 -14.99
CA ASN B 228 35.34 -7.84 -14.40
C ASN B 228 35.16 -9.35 -14.43
N ILE B 229 36.06 -10.06 -13.75
CA ILE B 229 36.01 -11.52 -13.64
C ILE B 229 35.34 -11.88 -12.32
N HIS B 230 34.32 -12.72 -12.38
CA HIS B 230 33.56 -13.09 -11.20
C HIS B 230 32.66 -14.28 -11.49
N VAL B 231 32.72 -15.31 -10.65
CA VAL B 231 31.95 -16.53 -10.84
C VAL B 231 30.75 -16.48 -9.88
N PRO B 232 29.53 -16.27 -10.36
CA PRO B 232 28.38 -16.24 -9.47
C PRO B 232 27.75 -17.60 -9.25
N TYR B 233 27.64 -18.02 -8.00
CA TYR B 233 27.07 -19.32 -7.64
C TYR B 233 25.83 -19.12 -6.78
N THR B 234 24.78 -19.85 -7.10
CA THR B 234 23.53 -19.83 -6.34
C THR B 234 23.32 -21.21 -5.73
N GLN B 235 22.99 -21.24 -4.44
CA GLN B 235 22.96 -22.48 -3.69
C GLN B 235 21.84 -22.44 -2.66
N ALA B 236 21.33 -23.62 -2.32
CA ALA B 236 20.29 -23.73 -1.30
C ALA B 236 20.88 -23.55 0.09
N VAL B 237 20.07 -23.03 1.01
CA VAL B 237 20.53 -22.81 2.37
C VAL B 237 21.00 -24.13 2.96
N SER B 238 22.06 -24.07 3.76
CA SER B 238 22.63 -25.27 4.34
C SER B 238 21.57 -26.00 5.17
N GLY B 239 21.48 -27.32 4.96
CA GLY B 239 20.48 -28.10 5.67
C GLY B 239 20.70 -28.14 7.17
N TYR B 240 21.97 -28.26 7.58
CA TYR B 240 22.26 -28.41 8.99
C TYR B 240 21.80 -27.19 9.79
N GLU B 241 22.01 -26.00 9.25
CA GLU B 241 21.57 -24.79 9.94
C GLU B 241 20.05 -24.76 10.10
N MET B 242 19.33 -25.12 9.04
CA MET B 242 17.87 -25.10 9.12
C MET B 242 17.36 -26.14 10.09
N TRP B 243 18.03 -27.29 10.17
CA TRP B 243 17.67 -28.26 11.20
C TRP B 243 17.94 -27.70 12.59
N LYS B 244 19.05 -26.96 12.74
CA LYS B 244 19.35 -26.34 14.02
C LYS B 244 18.26 -25.37 14.44
N ASN B 245 17.74 -24.59 13.49
CA ASN B 245 16.78 -23.54 13.82
C ASN B 245 15.51 -24.14 14.43
N ASN B 246 14.99 -25.22 13.83
CA ASN B 246 13.72 -25.81 14.23
C ASN B 246 13.90 -27.25 14.71
N SER B 247 15.02 -27.53 15.38
CA SER B 247 15.29 -28.88 15.85
C SER B 247 14.28 -29.35 16.89
N GLY B 248 13.53 -28.43 17.50
CA GLY B 248 12.62 -28.80 18.55
C GLY B 248 13.33 -29.01 19.87
N ARG B 249 12.55 -29.42 20.87
CA ARG B 249 13.13 -29.66 22.18
C ARG B 249 13.96 -30.95 22.16
N PRO B 250 15.05 -31.00 22.94
CA PRO B 250 15.87 -32.21 22.94
C PRO B 250 15.17 -33.37 23.63
N LEU B 251 15.86 -34.50 23.76
CA LEU B 251 15.24 -35.67 24.37
C LEU B 251 15.25 -35.61 25.89
N GLN B 252 16.01 -34.69 26.49
CA GLN B 252 15.99 -34.57 27.95
C GLN B 252 14.61 -34.18 28.45
N GLU B 253 13.96 -33.23 27.78
CA GLU B 253 12.66 -32.71 28.19
C GLU B 253 11.50 -33.51 27.62
N THR B 254 11.74 -34.72 27.14
CA THR B 254 10.68 -35.57 26.61
C THR B 254 10.74 -37.01 27.11
N ALA B 255 11.89 -37.50 27.57
CA ALA B 255 11.99 -38.89 27.97
C ALA B 255 11.04 -39.18 29.13
N PRO B 256 10.21 -40.21 29.04
CA PRO B 256 9.34 -40.54 30.17
C PRO B 256 10.13 -41.19 31.31
N PHE B 257 9.49 -41.24 32.48
CA PHE B 257 10.08 -41.82 33.68
C PHE B 257 11.31 -41.06 34.15
N GLY B 258 11.51 -39.85 33.67
CA GLY B 258 12.59 -39.00 34.14
C GLY B 258 13.97 -39.61 33.99
N CYS B 259 14.25 -40.18 32.81
CA CYS B 259 15.55 -40.80 32.59
C CYS B 259 16.60 -39.74 32.32
N LYS B 260 17.69 -39.77 33.09
CA LYS B 260 18.79 -38.83 32.90
C LYS B 260 19.73 -39.42 31.85
N ILE B 261 19.81 -38.80 30.68
CA ILE B 261 20.53 -39.37 29.55
C ILE B 261 21.89 -38.71 29.45
N GLU B 262 22.94 -39.54 29.40
CA GLU B 262 24.31 -39.07 29.23
C GLU B 262 24.83 -39.55 27.88
N VAL B 263 25.72 -38.75 27.30
CA VAL B 263 26.06 -38.88 25.88
C VAL B 263 27.22 -39.82 25.65
N GLU B 264 28.33 -39.65 26.36
CA GLU B 264 29.54 -40.39 25.99
C GLU B 264 29.33 -41.90 25.96
N PRO B 265 28.43 -42.50 26.75
CA PRO B 265 28.06 -43.89 26.48
C PRO B 265 26.76 -43.98 25.70
N LEU B 266 26.08 -42.85 25.54
CA LEU B 266 24.75 -42.78 24.95
C LEU B 266 23.79 -43.71 25.69
N ARG B 267 23.56 -43.38 26.96
CA ARG B 267 22.78 -44.27 27.83
C ARG B 267 21.93 -43.47 28.79
N ALA B 268 20.77 -44.04 29.12
CA ALA B 268 19.88 -43.47 30.12
C ALA B 268 20.22 -44.03 31.49
N THR B 269 19.94 -43.24 32.53
CA THR B 269 20.30 -43.65 33.88
C THR B 269 19.26 -43.15 34.86
N ASN B 270 19.18 -43.85 36.00
CA ASN B 270 18.47 -43.38 37.18
C ASN B 270 16.99 -43.14 36.89
N CYS B 271 16.34 -44.09 36.23
CA CYS B 271 14.94 -43.93 35.89
C CYS B 271 14.22 -45.26 36.00
N ALA B 272 12.92 -45.16 36.30
CA ALA B 272 12.16 -46.25 36.89
C ALA B 272 10.98 -46.65 36.01
N TYR B 273 10.83 -47.95 35.78
CA TYR B 273 9.62 -48.49 35.20
C TYR B 273 9.68 -50.01 35.27
N GLY B 274 8.54 -50.63 35.55
CA GLY B 274 8.47 -52.07 35.61
C GLY B 274 8.93 -52.64 36.94
N HIS B 275 9.05 -53.95 36.96
CA HIS B 275 9.46 -54.71 38.13
C HIS B 275 10.69 -55.54 37.80
N ILE B 276 11.33 -56.07 38.84
CA ILE B 276 12.51 -56.92 38.66
C ILE B 276 12.37 -58.15 39.55
N PRO B 277 12.36 -59.35 39.00
CA PRO B 277 12.46 -60.55 39.86
C PRO B 277 13.91 -60.92 40.12
N ILE B 278 14.29 -61.08 41.39
CA ILE B 278 15.66 -61.33 41.78
C ILE B 278 15.68 -62.48 42.78
N SER B 279 16.63 -63.40 42.60
CA SER B 279 16.86 -64.49 43.52
C SER B 279 18.19 -64.25 44.22
N ILE B 280 18.16 -64.22 45.55
CA ILE B 280 19.35 -63.95 46.36
C ILE B 280 19.73 -65.23 47.09
N ASP B 281 21.01 -65.60 47.00
CA ASP B 281 21.54 -66.72 47.76
C ASP B 281 22.37 -66.17 48.93
N ILE B 282 22.14 -66.72 50.11
CA ILE B 282 22.77 -66.24 51.33
C ILE B 282 23.64 -67.37 51.88
N PRO B 283 24.91 -67.12 52.22
CA PRO B 283 25.70 -68.18 52.85
C PRO B 283 25.09 -68.63 54.16
N ASP B 284 25.21 -69.93 54.45
CA ASP B 284 24.58 -70.48 55.64
C ASP B 284 25.13 -69.84 56.91
N ALA B 285 26.42 -69.49 56.92
CA ALA B 285 27.01 -68.90 58.10
C ALA B 285 26.29 -67.62 58.52
N ALA B 286 25.64 -66.93 57.58
CA ALA B 286 24.94 -65.71 57.92
C ALA B 286 23.80 -65.96 58.90
N PHE B 287 23.06 -67.04 58.70
CA PHE B 287 21.94 -67.36 59.58
C PHE B 287 22.45 -67.68 60.98
N VAL B 288 21.63 -67.35 61.97
CA VAL B 288 21.92 -67.58 63.38
C VAL B 288 20.89 -68.54 63.94
N ARG B 289 21.36 -69.56 64.67
CA ARG B 289 20.45 -70.56 65.22
C ARG B 289 19.47 -69.91 66.20
N SER B 290 18.23 -70.40 66.19
CA SER B 290 17.21 -69.86 67.07
C SER B 290 17.53 -70.08 68.55
N SER B 291 18.43 -71.02 68.85
CA SER B 291 18.75 -71.29 70.26
C SER B 291 19.30 -70.05 70.94
N GLU B 292 20.20 -69.33 70.27
CA GLU B 292 20.76 -68.09 70.80
C GLU B 292 19.93 -66.86 70.45
N SER B 293 18.94 -67.01 69.57
CA SER B 293 18.12 -65.87 69.21
C SER B 293 17.18 -65.50 70.36
N PRO B 294 17.02 -64.22 70.69
CA PRO B 294 16.06 -63.85 71.73
C PRO B 294 14.65 -64.28 71.38
N THR B 295 13.90 -64.67 72.42
CA THR B 295 12.52 -65.09 72.29
C THR B 295 11.62 -64.07 72.97
N ILE B 296 10.56 -63.67 72.27
CA ILE B 296 9.61 -62.67 72.76
C ILE B 296 8.35 -63.39 73.25
N LEU B 297 7.87 -62.98 74.42
CA LEU B 297 6.63 -63.52 74.99
C LEU B 297 5.68 -62.38 75.27
N GLU B 298 4.40 -62.60 74.97
CA GLU B 298 3.33 -61.63 75.27
C GLU B 298 3.62 -60.29 74.59
N VAL B 299 3.59 -60.32 73.26
CA VAL B 299 3.77 -59.14 72.43
C VAL B 299 2.40 -58.52 72.16
N SER B 300 2.36 -57.19 72.11
CA SER B 300 1.11 -56.49 71.87
C SER B 300 1.37 -55.18 71.15
N CYS B 301 0.49 -54.84 70.21
CA CYS B 301 0.58 -53.62 69.41
C CYS B 301 -0.07 -52.45 70.13
N THR B 302 0.20 -51.25 69.62
CA THR B 302 -0.57 -50.06 69.96
C THR B 302 -0.26 -48.99 68.93
N VAL B 303 -1.28 -48.52 68.22
CA VAL B 303 -1.12 -47.46 67.22
C VAL B 303 -1.40 -46.15 67.92
N ALA B 304 -0.36 -45.48 68.39
CA ALA B 304 -0.53 -44.21 69.09
C ALA B 304 -1.22 -43.19 68.19
N ASP B 305 -0.81 -43.13 66.93
CA ASP B 305 -1.45 -42.26 65.95
C ASP B 305 -0.91 -42.61 64.58
N CYS B 306 -1.78 -42.57 63.57
CA CYS B 306 -1.40 -42.91 62.21
C CYS B 306 -1.90 -41.84 61.25
N ILE B 307 -1.09 -41.59 60.22
CA ILE B 307 -1.43 -40.63 59.17
C ILE B 307 -1.22 -41.31 57.83
N TYR B 308 -2.23 -41.24 56.97
CA TYR B 308 -2.18 -41.89 55.65
C TYR B 308 -1.36 -41.01 54.70
N SER B 309 -0.12 -40.78 55.10
CA SER B 309 0.74 -39.83 54.41
C SER B 309 1.56 -40.52 53.32
N ALA B 310 1.85 -39.76 52.27
CA ALA B 310 2.75 -40.23 51.24
C ALA B 310 4.11 -40.59 51.83
N ASP B 311 4.70 -39.66 52.57
CA ASP B 311 5.96 -39.93 53.25
C ASP B 311 5.72 -40.87 54.43
N PHE B 312 6.80 -41.13 55.17
CA PHE B 312 6.77 -42.09 56.27
C PHE B 312 6.42 -41.34 57.54
N GLY B 313 5.15 -41.39 57.94
CA GLY B 313 4.68 -40.62 59.07
C GLY B 313 3.95 -41.41 60.13
N GLY B 314 3.53 -42.63 59.82
CA GLY B 314 2.80 -43.42 60.79
C GLY B 314 3.68 -43.89 61.92
N SER B 315 3.10 -43.97 63.11
CA SER B 315 3.79 -44.40 64.31
C SER B 315 3.24 -45.76 64.77
N LEU B 316 3.99 -46.41 65.65
CA LEU B 316 3.56 -47.68 66.21
C LEU B 316 4.38 -47.95 67.46
N THR B 317 3.78 -48.61 68.43
CA THR B 317 4.48 -49.02 69.64
C THR B 317 4.18 -50.48 69.92
N LEU B 318 5.15 -51.18 70.50
CA LEU B 318 5.01 -52.60 70.83
C LEU B 318 5.46 -52.81 72.26
N GLN B 319 4.68 -53.60 73.00
CA GLN B 319 5.01 -54.00 74.35
C GLN B 319 5.29 -55.49 74.37
N TYR B 320 6.42 -55.88 74.96
CA TYR B 320 6.88 -57.26 74.91
C TYR B 320 7.37 -57.69 76.28
N LYS B 321 7.39 -59.01 76.49
CA LYS B 321 8.03 -59.62 77.64
C LYS B 321 8.98 -60.69 77.15
N ALA B 322 10.27 -60.52 77.42
CA ALA B 322 11.30 -61.45 76.96
C ALA B 322 12.14 -61.90 78.15
N ASN B 323 13.11 -62.77 77.88
CA ASN B 323 13.94 -63.36 78.92
C ASN B 323 15.43 -63.17 78.71
N ARG B 324 15.90 -62.97 77.48
CA ARG B 324 17.32 -62.84 77.20
C ARG B 324 17.59 -61.50 76.53
N GLU B 325 18.67 -60.84 76.97
CA GLU B 325 19.09 -59.59 76.38
C GLU B 325 19.74 -59.84 75.02
N GLY B 326 19.29 -59.13 74.00
CA GLY B 326 19.84 -59.32 72.66
C GLY B 326 19.14 -58.44 71.64
N HIS B 327 19.31 -58.83 70.38
CA HIS B 327 18.66 -58.16 69.26
C HIS B 327 17.85 -59.17 68.47
N CYS B 328 16.70 -58.73 67.98
CA CYS B 328 15.92 -59.50 67.03
C CYS B 328 15.47 -58.66 65.85
N PRO B 329 15.08 -59.30 64.74
CA PRO B 329 14.55 -58.54 63.60
C PRO B 329 13.08 -58.17 63.81
N VAL B 330 12.57 -57.38 62.86
CA VAL B 330 11.21 -56.89 62.89
C VAL B 330 10.74 -56.65 61.46
N HIS B 331 9.45 -56.83 61.21
CA HIS B 331 8.93 -56.60 59.86
C HIS B 331 7.41 -56.55 59.91
N SER B 332 6.82 -56.05 58.82
CA SER B 332 5.37 -56.04 58.64
C SER B 332 5.04 -56.84 57.39
N HIS B 333 4.43 -58.02 57.58
CA HIS B 333 4.23 -58.96 56.48
C HIS B 333 3.10 -58.57 55.54
N SER B 334 2.36 -57.51 55.84
CA SER B 334 1.35 -56.99 54.91
C SER B 334 2.01 -56.00 53.97
N THR B 335 1.77 -56.17 52.67
CA THR B 335 2.40 -55.31 51.69
C THR B 335 1.96 -53.86 51.81
N THR B 336 0.77 -53.60 52.33
CA THR B 336 0.24 -52.25 52.36
C THR B 336 1.09 -51.31 53.20
N ALA B 337 1.92 -51.83 54.10
CA ALA B 337 2.71 -51.01 55.00
C ALA B 337 4.16 -51.48 54.99
N VAL B 338 5.07 -50.53 55.17
CA VAL B 338 6.50 -50.80 55.21
C VAL B 338 7.09 -50.15 56.46
N LEU B 339 7.84 -50.91 57.23
CA LEU B 339 8.47 -50.39 58.43
C LEU B 339 9.73 -49.60 58.07
N LYS B 340 10.43 -49.12 59.09
CA LYS B 340 11.61 -48.28 58.91
C LYS B 340 12.89 -49.01 59.31
N GLU B 341 12.97 -49.50 60.54
CA GLU B 341 14.13 -50.27 61.00
C GLU B 341 13.78 -51.76 61.01
N ALA B 342 14.80 -52.58 60.77
CA ALA B 342 14.61 -54.02 60.68
C ALA B 342 14.96 -54.76 61.96
N THR B 343 16.06 -54.40 62.61
CA THR B 343 16.50 -55.05 63.83
C THR B 343 16.43 -54.08 65.00
N THR B 344 16.10 -54.62 66.17
CA THR B 344 15.98 -53.79 67.36
C THR B 344 16.38 -54.59 68.59
N HIS B 345 16.76 -53.85 69.62
CA HIS B 345 17.15 -54.42 70.91
C HIS B 345 15.91 -54.92 71.65
N VAL B 346 16.13 -55.89 72.54
CA VAL B 346 15.07 -56.46 73.35
C VAL B 346 15.52 -56.50 74.80
N THR B 347 14.60 -56.24 75.71
CA THR B 347 14.84 -56.29 77.14
C THR B 347 13.86 -57.26 77.79
N ALA B 348 13.98 -57.43 79.10
CA ALA B 348 13.14 -58.38 79.81
C ALA B 348 11.66 -58.04 79.65
N THR B 349 11.30 -56.78 79.91
CA THR B 349 9.90 -56.35 79.84
C THR B 349 9.78 -54.97 79.21
N GLY B 350 10.70 -54.62 78.31
CA GLY B 350 10.67 -53.31 77.71
C GLY B 350 9.63 -53.16 76.61
N SER B 351 9.42 -51.92 76.21
CA SER B 351 8.55 -51.58 75.10
C SER B 351 9.29 -50.64 74.15
N ILE B 352 9.03 -50.77 72.86
CA ILE B 352 9.79 -50.05 71.86
C ILE B 352 8.86 -49.51 70.78
N THR B 353 9.27 -48.42 70.15
CA THR B 353 8.49 -47.75 69.12
C THR B 353 9.06 -48.05 67.74
N LEU B 354 8.27 -47.70 66.72
CA LEU B 354 8.65 -47.89 65.33
C LEU B 354 7.92 -46.86 64.47
N HIS B 355 8.53 -46.51 63.35
CA HIS B 355 7.93 -45.63 62.36
C HIS B 355 7.65 -46.44 61.11
N PHE B 356 6.46 -46.26 60.55
CA PHE B 356 6.05 -47.03 59.38
C PHE B 356 5.27 -46.15 58.43
N SER B 357 5.29 -46.55 57.16
CA SER B 357 4.61 -45.84 56.08
C SER B 357 3.56 -46.75 55.47
N THR B 358 2.33 -46.24 55.37
CA THR B 358 1.21 -47.01 54.84
C THR B 358 0.71 -46.37 53.54
N SER B 359 -0.26 -47.04 52.93
CA SER B 359 -0.91 -46.54 51.72
C SER B 359 -2.41 -46.73 51.72
N SER B 360 -2.98 -47.23 52.81
CA SER B 360 -4.42 -47.40 52.93
C SER B 360 -4.89 -46.82 54.27
N PRO B 361 -6.03 -46.13 54.29
CA PRO B 361 -6.46 -45.51 55.55
C PRO B 361 -6.70 -46.52 56.66
N GLN B 362 -7.20 -47.71 56.33
CA GLN B 362 -7.49 -48.74 57.32
C GLN B 362 -6.21 -49.55 57.56
N ALA B 363 -5.35 -49.02 58.43
CA ALA B 363 -4.04 -49.62 58.65
C ALA B 363 -4.21 -50.79 59.59
N ASN B 364 -4.49 -51.97 59.04
CA ASN B 364 -4.67 -53.19 59.81
C ASN B 364 -3.85 -54.29 59.17
N PHE B 365 -2.90 -54.84 59.93
CA PHE B 365 -2.02 -55.86 59.37
C PHE B 365 -1.36 -56.63 60.51
N ILE B 366 -0.58 -57.64 60.11
CA ILE B 366 0.17 -58.47 61.04
C ILE B 366 1.61 -57.98 60.98
N VAL B 367 2.16 -57.59 62.13
CA VAL B 367 3.56 -57.22 62.26
C VAL B 367 4.25 -58.34 63.02
N SER B 368 5.34 -58.83 62.47
CA SER B 368 6.14 -59.85 63.10
C SER B 368 7.28 -59.19 63.84
N LEU B 369 7.30 -59.34 65.15
CA LEU B 369 8.43 -58.94 65.96
C LEU B 369 9.24 -60.19 66.25
N CYS B 370 10.50 -60.14 65.84
CA CYS B 370 11.51 -61.14 66.12
C CYS B 370 10.91 -62.48 65.70
N GLY B 371 10.73 -63.44 66.61
CA GLY B 371 10.20 -64.73 66.24
C GLY B 371 8.69 -64.91 66.19
N LYS B 372 7.89 -63.92 66.61
CA LYS B 372 6.45 -64.09 66.76
C LYS B 372 5.67 -63.00 66.05
N LYS B 373 4.49 -63.34 65.56
CA LYS B 373 3.60 -62.42 64.88
C LYS B 373 2.70 -61.70 65.89
N THR B 374 2.03 -60.65 65.40
CA THR B 374 1.00 -59.97 66.17
C THR B 374 0.11 -59.18 65.22
N THR B 375 -1.19 -59.47 65.26
CA THR B 375 -2.16 -58.70 64.48
C THR B 375 -2.47 -57.38 65.18
N CYS B 376 -2.70 -56.34 64.39
CA CYS B 376 -3.15 -55.09 64.99
C CYS B 376 -3.63 -54.13 63.92
N ASN B 377 -4.57 -53.27 64.32
CA ASN B 377 -5.33 -52.44 63.40
C ASN B 377 -5.54 -51.05 64.00
N ALA B 378 -5.77 -50.09 63.10
CA ALA B 378 -6.07 -48.71 63.47
C ALA B 378 -6.51 -47.97 62.23
N GLU B 379 -6.95 -46.73 62.44
CA GLU B 379 -7.45 -45.87 61.39
C GLU B 379 -6.49 -44.70 61.19
N CYS B 380 -6.26 -44.34 59.93
CA CYS B 380 -5.38 -43.23 59.57
C CYS B 380 -6.16 -42.19 58.78
N LYS B 381 -5.79 -40.94 58.97
CA LYS B 381 -6.46 -39.81 58.32
C LYS B 381 -5.57 -39.24 57.21
N PRO B 382 -6.16 -38.67 56.17
CA PRO B 382 -5.36 -38.09 55.10
C PRO B 382 -4.55 -36.90 55.61
N PRO B 383 -3.42 -36.60 54.97
CA PRO B 383 -2.57 -35.51 55.45
C PRO B 383 -2.99 -34.15 54.93
N ALA B 384 -2.67 -33.13 55.72
CA ALA B 384 -2.98 -31.75 55.33
C ALA B 384 -2.17 -31.33 54.11
N ASP B 385 -0.85 -31.52 54.16
CA ASP B 385 0.02 -31.14 53.06
C ASP B 385 -0.10 -32.18 51.95
N HIS B 386 -0.61 -31.76 50.78
CA HIS B 386 -0.93 -32.67 49.69
C HIS B 386 0.03 -32.53 48.52
N ILE B 387 1.27 -32.10 48.77
CA ILE B 387 2.29 -32.15 47.73
C ILE B 387 3.68 -32.26 48.35
N ILE B 388 4.44 -33.27 47.94
CA ILE B 388 5.79 -33.48 48.43
C ILE B 388 6.59 -34.20 47.36
N GLY B 389 7.90 -34.03 47.39
CA GLY B 389 8.80 -34.68 46.47
C GLY B 389 9.53 -35.90 47.00
N GLU B 390 9.33 -36.22 48.28
CA GLU B 390 10.05 -37.32 48.90
C GLU B 390 9.50 -38.66 48.43
N PRO B 391 10.26 -39.76 48.64
CA PRO B 391 9.77 -41.09 48.28
C PRO B 391 8.30 -41.29 48.64
N HIS B 392 7.52 -41.82 47.70
CA HIS B 392 6.08 -41.97 47.86
C HIS B 392 5.66 -43.33 47.36
N LYS B 393 4.63 -43.88 48.00
CA LYS B 393 4.05 -45.16 47.60
C LYS B 393 5.08 -46.27 47.71
N VAL B 394 5.65 -46.41 48.91
CA VAL B 394 6.51 -47.56 49.18
C VAL B 394 5.77 -48.86 48.90
N ASP B 395 4.43 -48.83 48.94
CA ASP B 395 3.61 -49.87 48.35
C ASP B 395 2.53 -49.21 47.50
N GLN B 396 2.25 -49.82 46.35
CA GLN B 396 1.20 -49.31 45.49
C GLN B 396 -0.18 -49.64 46.06
N GLU B 397 -1.15 -48.79 45.75
CA GLU B 397 -2.51 -49.02 46.23
C GLU B 397 -3.06 -50.31 45.64
N PHE B 398 -3.77 -51.07 46.46
CA PHE B 398 -4.35 -52.36 46.09
C PHE B 398 -5.84 -52.37 46.39
N GLN B 399 -6.53 -51.34 45.91
CA GLN B 399 -7.98 -51.15 46.14
C GLN B 399 -8.32 -51.29 47.63
N ALA B 400 -7.32 -51.07 48.49
CA ALA B 400 -7.52 -51.11 49.94
C ALA B 400 -7.98 -49.77 50.50
N ALA B 401 -8.19 -48.77 49.64
CA ALA B 401 -8.65 -47.47 50.12
C ALA B 401 -10.01 -47.55 50.78
N VAL B 402 -10.77 -48.62 50.55
CA VAL B 402 -12.07 -48.78 51.18
C VAL B 402 -11.88 -48.94 52.69
N SER B 403 -12.60 -48.16 53.47
CA SER B 403 -12.52 -48.22 54.92
C SER B 403 -13.41 -49.34 55.45
N LYS B 404 -13.20 -49.69 56.72
CA LYS B 404 -14.05 -50.68 57.36
C LYS B 404 -15.49 -50.19 57.45
N THR B 405 -15.68 -48.91 57.74
CA THR B 405 -17.03 -48.35 57.80
C THR B 405 -17.72 -48.45 56.44
N SER B 406 -16.97 -48.20 55.36
CA SER B 406 -17.54 -48.35 54.03
C SER B 406 -18.00 -49.78 53.78
N TRP B 407 -17.18 -50.76 54.18
CA TRP B 407 -17.58 -52.15 54.04
C TRP B 407 -18.83 -52.45 54.86
N ASN B 408 -18.90 -51.91 56.08
CA ASN B 408 -20.09 -52.13 56.91
C ASN B 408 -21.33 -51.56 56.24
N TRP B 409 -21.24 -50.35 55.68
CA TRP B 409 -22.39 -49.76 55.01
C TRP B 409 -22.77 -50.57 53.78
N LEU B 410 -21.79 -51.03 53.00
CA LEU B 410 -22.10 -51.85 51.83
C LEU B 410 -22.79 -53.14 52.23
N LEU B 411 -22.32 -53.79 53.29
CA LEU B 411 -22.96 -55.02 53.76
C LEU B 411 -24.38 -54.76 54.23
N ALA B 412 -24.58 -53.68 55.01
CA ALA B 412 -25.91 -53.35 55.49
C ALA B 412 -26.84 -52.90 54.36
N LEU B 413 -26.27 -52.50 53.22
CA LEU B 413 -27.09 -52.04 52.11
C LEU B 413 -27.69 -53.21 51.34
N PHE B 414 -26.86 -54.13 50.88
CA PHE B 414 -27.34 -55.25 50.08
C PHE B 414 -28.36 -56.07 50.87
N GLY B 415 -29.48 -56.39 50.22
CA GLY B 415 -30.56 -57.12 50.84
C GLY B 415 -30.63 -58.54 50.34
N GLY B 416 -31.16 -59.43 51.19
CA GLY B 416 -31.28 -60.82 50.84
C GLY B 416 -32.60 -61.17 50.19
N ALA B 417 -32.88 -60.56 49.04
CA ALA B 417 -34.13 -60.84 48.34
C ALA B 417 -34.21 -62.29 47.87
N SER B 418 -33.07 -62.98 47.76
CA SER B 418 -33.10 -64.38 47.37
C SER B 418 -33.89 -65.22 48.35
N SER B 419 -33.66 -65.00 49.65
CA SER B 419 -34.42 -65.72 50.67
C SER B 419 -35.90 -65.39 50.56
N LEU B 420 -36.23 -64.12 50.29
CA LEU B 420 -37.62 -63.73 50.17
C LEU B 420 -38.30 -64.45 49.01
N ILE B 421 -37.65 -64.52 47.85
CA ILE B 421 -38.24 -65.20 46.71
C ILE B 421 -38.36 -66.69 46.99
N VAL B 422 -37.36 -67.29 47.65
CA VAL B 422 -37.43 -68.71 47.95
C VAL B 422 -38.61 -69.00 48.87
N VAL B 423 -38.77 -68.18 49.92
CA VAL B 423 -39.88 -68.38 50.85
C VAL B 423 -41.21 -68.18 50.14
N GLY B 424 -41.28 -67.16 49.28
CA GLY B 424 -42.51 -66.92 48.54
C GLY B 424 -42.87 -68.10 47.66
N LEU B 425 -41.90 -68.67 46.96
CA LEU B 425 -42.18 -69.84 46.12
C LEU B 425 -42.60 -71.03 46.97
N ILE B 426 -41.96 -71.22 48.12
CA ILE B 426 -42.31 -72.36 48.98
C ILE B 426 -43.75 -72.23 49.46
N VAL B 427 -44.12 -71.05 49.96
CA VAL B 427 -45.49 -70.86 50.41
C VAL B 427 -46.46 -70.96 49.24
N LEU B 428 -46.05 -70.50 48.06
CA LEU B 428 -46.90 -70.63 46.87
C LEU B 428 -47.20 -72.10 46.60
N VAL B 429 -46.18 -72.95 46.59
CA VAL B 429 -46.42 -74.36 46.28
C VAL B 429 -47.24 -75.01 47.38
N CYS B 430 -46.97 -74.67 48.64
CA CYS B 430 -47.75 -75.24 49.74
C CYS B 430 -49.22 -74.87 49.61
N SER B 431 -49.52 -73.59 49.37
CA SER B 431 -50.91 -73.16 49.21
C SER B 431 -51.53 -73.79 47.97
N SER B 432 -50.75 -73.94 46.89
CA SER B 432 -51.29 -74.56 45.69
C SER B 432 -51.72 -76.00 45.98
N MET B 433 -50.88 -76.74 46.69
CA MET B 433 -51.26 -78.11 47.06
C MET B 433 -52.49 -78.11 47.97
N LEU B 434 -52.53 -77.20 48.94
CA LEU B 434 -53.66 -77.15 49.87
C LEU B 434 -54.96 -76.90 49.11
N ILE B 435 -54.95 -75.95 48.17
CA ILE B 435 -56.14 -75.69 47.38
C ILE B 435 -56.46 -76.86 46.47
N ASN B 436 -55.42 -77.53 45.94
CA ASN B 436 -55.64 -78.72 45.14
C ASN B 436 -56.34 -79.81 45.95
N THR B 437 -56.18 -79.79 47.27
CA THR B 437 -56.97 -80.70 48.10
C THR B 437 -58.46 -80.43 47.92
N ARG B 438 -58.86 -79.17 47.90
CA ARG B 438 -60.24 -78.78 47.65
C ARG B 438 -61.18 -79.33 48.73
N ILE C 1 54.79 -29.38 3.97
CA ILE C 1 53.95 -28.48 4.74
C ILE C 1 54.81 -27.66 5.69
N THR C 2 54.33 -26.50 6.08
CA THR C 2 55.08 -25.59 6.95
C THR C 2 54.13 -24.52 7.47
N ASP C 3 54.69 -23.52 8.14
CA ASP C 3 53.93 -22.37 8.62
C ASP C 3 54.63 -21.05 8.37
N ASP C 4 55.75 -21.04 7.65
CA ASP C 4 56.45 -19.80 7.34
C ASP C 4 55.52 -18.85 6.60
N PHE C 5 55.86 -17.56 6.63
CA PHE C 5 55.03 -16.53 6.02
C PHE C 5 55.81 -15.56 5.14
N THR C 6 57.09 -15.81 4.89
CA THR C 6 57.85 -14.96 3.98
C THR C 6 57.65 -15.31 2.52
N LEU C 7 56.94 -16.40 2.23
CA LEU C 7 56.78 -16.90 0.88
C LEU C 7 55.48 -16.47 0.22
N THR C 8 54.64 -15.70 0.92
CA THR C 8 53.35 -15.28 0.38
C THR C 8 53.22 -13.77 0.44
N SER C 9 52.38 -13.24 -0.43
CA SER C 9 52.19 -11.81 -0.62
C SER C 9 50.71 -11.56 -0.81
N PRO C 10 50.24 -10.34 -0.54
CA PRO C 10 48.80 -10.09 -0.63
C PRO C 10 48.32 -10.03 -2.07
N TYR C 11 47.01 -10.15 -2.23
CA TYR C 11 46.38 -10.18 -3.54
C TYR C 11 45.25 -9.15 -3.58
N LEU C 12 45.20 -8.37 -4.65
CA LEU C 12 44.11 -7.42 -4.82
C LEU C 12 42.78 -8.17 -4.90
N GLY C 13 41.75 -7.57 -4.31
CA GLY C 13 40.43 -8.16 -4.30
C GLY C 13 39.40 -7.18 -4.85
N PHE C 14 38.19 -7.69 -5.03
CA PHE C 14 37.07 -6.92 -5.54
C PHE C 14 35.98 -6.94 -4.47
N CYS C 15 35.67 -5.77 -3.91
CA CYS C 15 34.73 -5.68 -2.81
C CYS C 15 33.40 -5.10 -3.28
N PRO C 16 32.26 -5.63 -2.79
CA PRO C 16 30.97 -5.02 -3.11
C PRO C 16 30.81 -3.62 -2.57
N TYR C 17 31.62 -3.22 -1.59
CA TYR C 17 31.59 -1.88 -1.03
C TYR C 17 32.92 -1.19 -1.27
N CYS C 18 32.86 0.15 -1.31
CA CYS C 18 34.05 0.97 -1.34
C CYS C 18 33.69 2.29 -0.66
N ARG C 19 34.68 3.17 -0.51
CA ARG C 19 34.42 4.47 0.11
C ARG C 19 33.31 5.22 -0.61
N HIS C 20 33.16 5.00 -1.92
CA HIS C 20 32.16 5.66 -2.73
C HIS C 20 30.86 4.88 -2.84
N SER C 21 30.75 3.75 -2.13
CA SER C 21 29.48 3.03 -1.98
C SER C 21 29.06 2.30 -3.25
N ALA C 22 30.01 1.86 -4.06
CA ALA C 22 29.73 1.01 -5.20
C ALA C 22 30.83 -0.03 -5.32
N PRO C 23 30.53 -1.21 -5.88
CA PRO C 23 31.55 -2.26 -5.94
C PRO C 23 32.77 -1.79 -6.70
N CYS C 24 33.95 -2.16 -6.21
CA CYS C 24 35.19 -1.71 -6.84
C CYS C 24 36.34 -2.54 -6.28
N PHE C 25 37.51 -2.38 -6.92
CA PHE C 25 38.70 -3.07 -6.48
C PHE C 25 39.24 -2.43 -5.19
N SER C 26 40.02 -3.22 -4.46
CA SER C 26 40.62 -2.76 -3.21
C SER C 26 41.55 -3.82 -2.67
N PRO C 27 42.52 -3.47 -1.83
CA PRO C 27 43.39 -4.48 -1.20
C PRO C 27 42.85 -5.03 0.12
N ILE C 28 41.60 -4.75 0.47
CA ILE C 28 41.06 -5.16 1.76
C ILE C 28 39.80 -5.99 1.56
N LYS C 29 39.73 -6.75 0.47
CA LYS C 29 38.60 -7.65 0.28
C LYS C 29 38.51 -8.66 1.42
N ILE C 30 37.29 -8.92 1.86
CA ILE C 30 37.00 -9.96 2.83
C ILE C 30 36.02 -10.94 2.19
N GLU C 31 36.32 -12.24 2.28
CA GLU C 31 35.45 -13.25 1.71
C GLU C 31 34.89 -14.24 2.73
N ASN C 32 35.46 -14.33 3.92
CA ASN C 32 35.03 -15.30 4.91
C ASN C 32 34.85 -14.63 6.26
N VAL C 33 33.75 -14.95 6.94
CA VAL C 33 33.44 -14.41 8.25
C VAL C 33 32.78 -15.52 9.08
N TRP C 34 33.39 -15.86 10.20
CA TRP C 34 32.87 -16.88 11.11
C TRP C 34 32.39 -16.22 12.38
N ASP C 35 31.20 -16.60 12.85
CA ASP C 35 30.60 -15.97 14.01
C ASP C 35 29.92 -16.97 14.94
N GLU C 36 30.25 -18.26 14.87
CA GLU C 36 29.58 -19.27 15.66
C GLU C 36 30.28 -19.56 16.97
N SER C 37 30.96 -18.57 17.55
CA SER C 37 31.50 -18.71 18.89
C SER C 37 30.48 -18.29 19.93
N ASP C 38 30.54 -18.93 21.10
CA ASP C 38 29.61 -18.58 22.18
C ASP C 38 29.87 -17.18 22.70
N ASP C 39 31.13 -16.78 22.79
CA ASP C 39 31.47 -15.46 23.31
C ASP C 39 31.10 -14.34 22.37
N GLY C 40 30.98 -14.61 21.07
CA GLY C 40 30.69 -13.59 20.09
C GLY C 40 31.89 -13.14 19.28
N SER C 41 33.09 -13.59 19.62
CA SER C 41 34.27 -13.22 18.85
C SER C 41 34.09 -13.61 17.39
N ILE C 42 34.61 -12.77 16.50
CA ILE C 42 34.41 -12.94 15.06
C ILE C 42 35.78 -13.06 14.39
N ARG C 43 35.93 -14.08 13.55
CA ARG C 43 37.12 -14.22 12.72
C ARG C 43 36.86 -13.62 11.36
N ILE C 44 37.79 -12.78 10.90
CA ILE C 44 37.68 -12.10 9.62
C ILE C 44 38.91 -12.46 8.80
N GLN C 45 38.69 -12.87 7.56
CA GLN C 45 39.75 -13.17 6.61
C GLN C 45 39.80 -12.02 5.63
N VAL C 46 40.94 -11.34 5.56
CA VAL C 46 41.11 -10.19 4.69
C VAL C 46 42.09 -10.56 3.59
N SER C 47 42.05 -9.77 2.51
CA SER C 47 42.96 -9.99 1.41
C SER C 47 44.39 -9.57 1.77
N ALA C 48 44.53 -8.46 2.48
CA ALA C 48 45.85 -7.99 2.87
C ALA C 48 46.42 -8.91 3.96
N GLN C 49 47.73 -8.79 4.17
CA GLN C 49 48.42 -9.49 5.25
C GLN C 49 48.89 -8.47 6.26
N PHE C 50 48.53 -8.67 7.53
CA PHE C 50 49.06 -7.88 8.63
C PHE C 50 49.58 -8.84 9.70
N GLY C 51 50.22 -8.25 10.71
CA GLY C 51 50.87 -9.02 11.75
C GLY C 51 52.26 -9.49 11.38
N TYR C 52 52.65 -9.37 10.12
CA TYR C 52 53.99 -9.70 9.67
C TYR C 52 54.53 -8.53 8.87
N ASN C 53 55.85 -8.47 8.79
CA ASN C 53 56.48 -7.41 8.00
C ASN C 53 56.09 -7.55 6.54
N GLN C 54 56.42 -6.53 5.75
CA GLN C 54 56.19 -6.60 4.31
C GLN C 54 56.77 -7.89 3.76
N ALA C 55 55.93 -8.66 3.06
CA ALA C 55 56.36 -9.95 2.55
C ALA C 55 57.62 -9.79 1.71
N GLY C 56 58.60 -10.68 1.94
CA GLY C 56 59.87 -10.58 1.27
C GLY C 56 60.86 -9.63 1.91
N THR C 57 60.48 -8.96 3.00
CA THR C 57 61.38 -8.06 3.68
C THR C 57 62.49 -8.84 4.39
N ALA C 58 63.54 -8.13 4.79
CA ALA C 58 64.63 -8.76 5.53
C ALA C 58 64.11 -9.39 6.82
N ASP C 59 63.27 -8.67 7.55
CA ASP C 59 62.59 -9.20 8.73
C ASP C 59 61.15 -9.53 8.36
N VAL C 60 60.60 -10.56 9.02
CA VAL C 60 59.28 -11.05 8.69
C VAL C 60 58.25 -10.74 9.77
N THR C 61 58.65 -10.71 11.05
CA THR C 61 57.72 -10.56 12.16
C THR C 61 57.78 -9.13 12.68
N LYS C 62 56.61 -8.49 12.75
CA LYS C 62 56.51 -7.15 13.32
C LYS C 62 55.03 -6.89 13.59
N PHE C 63 54.69 -6.52 14.82
CA PHE C 63 53.28 -6.41 15.18
C PHE C 63 52.63 -5.15 14.61
N ARG C 64 53.41 -4.12 14.31
CA ARG C 64 52.86 -2.86 13.84
C ARG C 64 52.76 -2.77 12.33
N TYR C 65 53.12 -3.83 11.60
CA TYR C 65 53.23 -3.74 10.15
C TYR C 65 52.02 -4.35 9.46
N MET C 66 51.53 -3.65 8.45
CA MET C 66 50.32 -4.01 7.70
C MET C 66 50.74 -4.10 6.24
N SER C 67 50.95 -5.34 5.76
CA SER C 67 51.47 -5.56 4.42
C SER C 67 50.32 -5.70 3.43
N TYR C 68 50.35 -4.88 2.38
CA TYR C 68 49.30 -4.92 1.36
C TYR C 68 49.92 -4.57 0.02
N ASP C 69 49.08 -4.46 -1.02
CA ASP C 69 49.56 -4.32 -2.39
C ASP C 69 48.74 -3.27 -3.12
N HIS C 70 49.43 -2.55 -4.01
CA HIS C 70 48.80 -1.58 -4.92
C HIS C 70 49.89 -1.04 -5.84
N ASP C 71 49.46 -0.42 -6.94
CA ASP C 71 50.36 0.19 -7.90
C ASP C 71 51.46 -0.79 -8.30
N HIS C 72 51.05 -2.00 -8.67
CA HIS C 72 51.94 -3.09 -9.07
C HIS C 72 53.16 -3.18 -8.16
N ASP C 73 52.91 -3.09 -6.84
CA ASP C 73 53.97 -3.25 -5.88
C ASP C 73 53.37 -3.47 -4.50
N ILE C 74 54.08 -4.19 -3.65
CA ILE C 74 53.64 -4.51 -2.30
C ILE C 74 54.40 -3.65 -1.31
N LYS C 75 53.68 -3.06 -0.37
CA LYS C 75 54.29 -2.17 0.61
C LYS C 75 53.59 -2.33 1.96
N GLU C 76 54.26 -1.84 3.00
CA GLU C 76 53.79 -1.98 4.36
C GLU C 76 52.97 -0.73 4.76
N ASP C 77 52.67 -0.61 6.03
CA ASP C 77 51.92 0.53 6.55
C ASP C 77 51.92 0.44 8.07
N SER C 78 51.39 1.48 8.71
CA SER C 78 51.24 1.50 10.16
C SER C 78 49.94 0.79 10.52
N MET C 79 50.06 -0.34 11.23
CA MET C 79 48.89 -1.17 11.50
C MET C 79 47.87 -0.46 12.40
N GLU C 80 48.28 0.59 13.11
CA GLU C 80 47.36 1.27 14.01
C GLU C 80 46.21 1.95 13.29
N LYS C 81 46.30 2.10 11.96
CA LYS C 81 45.29 2.81 11.18
C LYS C 81 44.20 1.88 10.65
N LEU C 82 44.04 0.69 11.22
CA LEU C 82 43.04 -0.27 10.77
C LEU C 82 41.93 -0.35 11.80
N ALA C 83 40.68 -0.33 11.33
CA ALA C 83 39.53 -0.38 12.21
C ALA C 83 38.50 -1.35 11.65
N ILE C 84 37.70 -1.92 12.56
CA ILE C 84 36.61 -2.83 12.21
C ILE C 84 35.34 -2.28 12.82
N SER C 85 34.20 -2.59 12.19
CA SER C 85 32.94 -2.08 12.69
C SER C 85 31.78 -2.88 12.12
N THR C 86 30.76 -3.10 12.96
CA THR C 86 29.49 -3.68 12.50
C THR C 86 28.35 -2.69 12.64
N SER C 87 28.12 -2.17 13.84
CA SER C 87 27.19 -1.08 14.07
C SER C 87 27.83 0.01 14.93
N GLY C 88 29.15 -0.04 15.06
CA GLY C 88 29.89 0.86 15.92
C GLY C 88 31.33 0.43 16.00
N PRO C 89 32.10 1.03 16.92
CA PRO C 89 33.50 0.65 17.05
C PRO C 89 33.65 -0.83 17.41
N CYS C 90 34.68 -1.45 16.86
CA CYS C 90 35.08 -2.81 17.19
C CYS C 90 36.44 -2.81 17.87
N ARG C 91 36.62 -3.75 18.79
CA ARG C 91 37.84 -3.87 19.57
C ARG C 91 38.68 -5.00 19.00
N ARG C 92 39.73 -4.63 18.25
CA ARG C 92 40.63 -5.64 17.72
C ARG C 92 41.22 -6.46 18.86
N LEU C 93 41.21 -7.77 18.68
CA LEU C 93 41.66 -8.71 19.71
C LEU C 93 42.90 -9.49 19.30
N GLY C 94 43.02 -9.87 18.03
CA GLY C 94 44.20 -10.57 17.58
C GLY C 94 44.35 -10.46 16.08
N HIS C 95 45.58 -10.68 15.62
CA HIS C 95 45.88 -10.59 14.20
C HIS C 95 47.06 -11.50 13.88
N LYS C 96 46.95 -12.24 12.77
CA LYS C 96 48.00 -13.15 12.36
C LYS C 96 47.76 -13.53 10.90
N GLY C 97 48.78 -13.40 10.08
CA GLY C 97 48.64 -13.76 8.69
C GLY C 97 47.47 -13.06 8.03
N TYR C 98 46.75 -13.80 7.19
CA TYR C 98 45.59 -13.25 6.51
C TYR C 98 44.42 -12.98 7.44
N PHE C 99 44.45 -13.50 8.67
CA PHE C 99 43.28 -13.54 9.51
C PHE C 99 43.41 -12.62 10.71
N LEU C 100 42.26 -12.14 11.19
CA LEU C 100 42.19 -11.34 12.40
C LEU C 100 40.97 -11.78 13.18
N LEU C 101 40.99 -11.51 14.48
CA LEU C 101 39.88 -11.85 15.36
C LEU C 101 39.50 -10.63 16.17
N ALA C 102 38.20 -10.30 16.14
CA ALA C 102 37.69 -9.06 16.70
C ALA C 102 36.42 -9.37 17.49
N GLN C 103 35.74 -8.31 17.93
CA GLN C 103 34.55 -8.44 18.77
C GLN C 103 33.81 -7.11 18.84
N CYS C 104 32.50 -7.12 18.61
CA CYS C 104 31.70 -5.90 18.73
C CYS C 104 30.22 -6.28 18.63
N PRO C 105 29.34 -5.41 19.10
CA PRO C 105 27.90 -5.73 19.14
C PRO C 105 27.36 -6.05 17.75
N PRO C 106 26.11 -6.47 17.65
CA PRO C 106 25.60 -6.99 16.38
C PRO C 106 25.17 -5.87 15.44
N GLY C 107 24.71 -6.27 14.27
CA GLY C 107 24.29 -5.33 13.25
C GLY C 107 23.77 -6.04 12.02
N ASP C 108 24.16 -5.57 10.84
CA ASP C 108 23.76 -6.20 9.59
C ASP C 108 24.91 -6.39 8.61
N SER C 109 26.08 -5.80 8.86
CA SER C 109 27.20 -5.92 7.94
C SER C 109 28.50 -5.80 8.73
N VAL C 110 29.58 -6.26 8.12
CA VAL C 110 30.92 -6.17 8.69
C VAL C 110 31.75 -5.28 7.78
N THR C 111 32.46 -4.32 8.36
CA THR C 111 33.23 -3.34 7.61
C THR C 111 34.64 -3.30 8.18
N VAL C 112 35.64 -3.32 7.30
CA VAL C 112 37.03 -3.15 7.68
C VAL C 112 37.59 -1.99 6.87
N SER C 113 38.21 -1.03 7.56
CA SER C 113 38.66 0.20 6.94
C SER C 113 40.08 0.54 7.38
N ILE C 114 40.80 1.23 6.50
CA ILE C 114 42.13 1.72 6.80
C ILE C 114 42.26 3.13 6.24
N THR C 115 42.85 4.03 7.02
CA THR C 115 43.12 5.39 6.57
C THR C 115 44.60 5.52 6.23
N SER C 116 44.89 5.97 5.01
CA SER C 116 46.26 6.11 4.53
C SER C 116 46.79 7.54 4.69
N GLY C 117 46.33 8.26 5.71
CA GLY C 117 46.75 9.64 5.91
C GLY C 117 45.99 10.64 5.07
N ALA C 118 45.94 10.43 3.75
CA ALA C 118 45.19 11.30 2.85
C ALA C 118 44.02 10.61 2.18
N SER C 119 44.01 9.28 2.12
CA SER C 119 42.92 8.52 1.52
C SER C 119 42.58 7.34 2.42
N GLU C 120 41.33 6.90 2.32
CA GLU C 120 40.84 5.79 3.13
C GLU C 120 40.21 4.74 2.24
N ASN C 121 40.49 3.47 2.53
CA ASN C 121 39.91 2.34 1.81
C ASN C 121 39.13 1.47 2.79
N SER C 122 37.88 1.21 2.47
CA SER C 122 37.00 0.41 3.32
C SER C 122 36.29 -0.63 2.48
N CYS C 123 36.18 -1.84 3.02
CA CYS C 123 35.47 -2.93 2.36
C CYS C 123 34.50 -3.55 3.34
N THR C 124 33.30 -3.87 2.87
CA THR C 124 32.24 -4.39 3.72
C THR C 124 31.61 -5.61 3.08
N VAL C 125 30.88 -6.35 3.91
CA VAL C 125 30.18 -7.55 3.47
C VAL C 125 28.96 -7.76 4.36
N GLU C 126 27.85 -8.15 3.74
CA GLU C 126 26.64 -8.44 4.51
C GLU C 126 26.86 -9.68 5.37
N LYS C 127 26.32 -9.63 6.59
CA LYS C 127 26.39 -10.77 7.49
C LYS C 127 25.42 -10.56 8.65
N LYS C 128 24.61 -11.58 8.95
CA LYS C 128 23.59 -11.48 9.99
C LYS C 128 24.25 -11.84 11.33
N ILE C 129 24.77 -10.82 12.00
CA ILE C 129 25.37 -10.99 13.33
C ILE C 129 24.32 -10.62 14.36
N ARG C 130 24.00 -11.55 15.25
CA ARG C 130 23.04 -11.33 16.32
C ARG C 130 23.63 -11.84 17.63
N ARG C 131 23.49 -11.04 18.68
CA ARG C 131 23.98 -11.45 19.99
C ARG C 131 23.32 -12.75 20.43
N LYS C 132 24.14 -13.67 20.93
CA LYS C 132 23.66 -14.95 21.45
C LYS C 132 24.46 -15.30 22.69
N PHE C 133 23.84 -16.06 23.58
CA PHE C 133 24.52 -16.47 24.81
C PHE C 133 23.95 -17.80 25.26
N VAL C 134 24.75 -18.51 26.07
CA VAL C 134 24.42 -19.86 26.51
C VAL C 134 23.43 -19.80 27.66
N GLY C 135 22.87 -20.95 28.01
CA GLY C 135 21.96 -21.06 29.13
C GLY C 135 20.52 -21.17 28.69
N ARG C 136 19.64 -21.26 29.69
CA ARG C 136 18.20 -21.33 29.47
C ARG C 136 17.55 -19.96 29.64
N GLU C 137 18.30 -18.89 29.43
CA GLU C 137 17.78 -17.52 29.43
C GLU C 137 18.78 -16.66 28.68
N GLU C 138 18.26 -15.65 27.98
CA GLU C 138 19.10 -14.79 27.14
C GLU C 138 19.24 -13.45 27.85
N TYR C 139 20.43 -13.21 28.38
CA TYR C 139 20.77 -12.00 29.11
C TYR C 139 21.62 -11.08 28.21
N LEU C 140 22.12 -10.00 28.80
CA LEU C 140 22.96 -9.04 28.08
C LEU C 140 24.45 -9.32 28.27
N PHE C 141 24.91 -9.37 29.51
CA PHE C 141 26.30 -9.72 29.81
C PHE C 141 26.32 -10.61 31.04
N PRO C 142 27.33 -11.48 31.17
CA PRO C 142 27.34 -12.44 32.28
C PRO C 142 27.48 -11.72 33.61
N PRO C 143 26.52 -11.90 34.53
CA PRO C 143 26.63 -11.26 35.83
C PRO C 143 27.83 -11.78 36.60
N VAL C 144 28.20 -11.03 37.64
CA VAL C 144 29.36 -11.40 38.46
C VAL C 144 29.17 -12.79 39.06
N HIS C 145 27.97 -13.08 39.56
CA HIS C 145 27.71 -14.30 40.30
C HIS C 145 26.78 -15.21 39.51
N GLY C 146 27.08 -16.49 39.49
CA GLY C 146 26.25 -17.45 38.80
C GLY C 146 26.94 -18.79 38.67
N LYS C 147 26.27 -19.69 37.97
CA LYS C 147 26.79 -21.03 37.75
C LYS C 147 27.87 -21.01 36.68
N LEU C 148 28.64 -22.10 36.61
CA LEU C 148 29.67 -22.29 35.61
C LEU C 148 29.23 -23.40 34.66
N VAL C 149 29.31 -23.13 33.35
CA VAL C 149 28.89 -24.08 32.32
C VAL C 149 29.98 -24.14 31.26
N LYS C 150 29.82 -25.06 30.33
CA LYS C 150 30.75 -25.21 29.22
C LYS C 150 30.36 -24.30 28.07
N CYS C 151 31.35 -23.64 27.49
CA CYS C 151 31.16 -22.79 26.32
C CYS C 151 32.29 -23.07 25.34
N HIS C 152 32.16 -22.55 24.14
CA HIS C 152 33.20 -22.64 23.12
C HIS C 152 33.56 -21.23 22.68
N VAL C 153 34.83 -20.87 22.84
CA VAL C 153 35.30 -19.52 22.54
C VAL C 153 36.54 -19.61 21.67
N TYR C 154 36.83 -18.52 20.99
CA TYR C 154 38.02 -18.46 20.13
C TYR C 154 39.21 -18.05 20.98
N ASP C 155 40.17 -18.96 21.15
CA ASP C 155 41.37 -18.65 21.90
C ASP C 155 42.04 -17.43 21.30
N HIS C 156 42.43 -16.48 22.16
CA HIS C 156 43.04 -15.24 21.72
C HIS C 156 44.55 -15.36 21.55
N LEU C 157 45.06 -16.57 21.36
CA LEU C 157 46.48 -16.84 21.23
C LEU C 157 46.82 -17.14 19.79
N LYS C 158 48.00 -16.69 19.36
CA LYS C 158 48.40 -16.88 17.96
C LYS C 158 48.47 -18.36 17.61
N GLU C 159 49.03 -19.18 18.50
CA GLU C 159 49.18 -20.59 18.22
C GLU C 159 47.82 -21.23 17.95
N THR C 160 47.79 -22.14 16.99
CA THR C 160 46.56 -22.82 16.60
C THR C 160 46.89 -24.17 15.99
N SER C 161 46.10 -25.18 16.35
CA SER C 161 46.27 -26.55 15.88
C SER C 161 44.98 -27.07 15.28
N ALA C 162 44.24 -26.19 14.58
CA ALA C 162 42.99 -26.58 13.95
C ALA C 162 42.80 -25.74 12.70
N GLY C 163 42.62 -26.41 11.56
CA GLY C 163 42.40 -25.75 10.29
C GLY C 163 43.47 -26.08 9.27
N TYR C 164 43.15 -25.76 8.03
CA TYR C 164 44.01 -26.12 6.90
C TYR C 164 43.66 -25.20 5.74
N ILE C 165 44.53 -24.25 5.42
CA ILE C 165 44.34 -23.36 4.28
C ILE C 165 45.41 -23.68 3.24
N THR C 166 44.99 -23.74 1.98
CA THR C 166 45.88 -24.08 0.88
C THR C 166 46.58 -22.83 0.35
N MET C 167 47.64 -23.06 -0.43
CA MET C 167 48.37 -21.96 -1.06
C MET C 167 49.06 -22.50 -2.30
N HIS C 168 48.88 -21.80 -3.42
CA HIS C 168 49.44 -22.22 -4.69
C HIS C 168 49.98 -21.00 -5.44
N ARG C 169 50.82 -21.27 -6.44
CA ARG C 169 51.50 -20.19 -7.13
C ARG C 169 50.51 -19.35 -7.93
N PRO C 170 50.84 -18.09 -8.20
CA PRO C 170 49.87 -17.16 -8.78
C PRO C 170 49.81 -17.26 -10.31
N GLY C 171 48.77 -16.63 -10.86
CA GLY C 171 48.57 -16.59 -12.28
C GLY C 171 49.13 -15.33 -12.91
N PRO C 172 48.90 -15.14 -14.20
CA PRO C 172 49.40 -13.94 -14.87
C PRO C 172 48.52 -12.73 -14.56
N HIS C 173 49.08 -11.55 -14.77
CA HIS C 173 48.39 -10.30 -14.54
C HIS C 173 48.61 -9.38 -15.74
N ALA C 174 47.54 -8.78 -16.22
CA ALA C 174 47.58 -7.87 -17.35
C ALA C 174 47.68 -6.43 -16.87
N TYR C 175 48.09 -5.55 -17.79
CA TYR C 175 48.18 -4.13 -17.50
C TYR C 175 48.11 -3.37 -18.82
N LYS C 176 47.83 -2.07 -18.71
CA LYS C 176 47.78 -1.20 -19.89
C LYS C 176 49.00 -0.31 -20.04
N SER C 177 49.59 0.13 -18.93
CA SER C 177 50.72 1.05 -19.02
C SER C 177 51.93 0.41 -19.70
N TYR C 178 51.96 -0.92 -19.80
CA TYR C 178 53.10 -1.58 -20.44
C TYR C 178 53.08 -1.38 -21.95
N LEU C 179 51.90 -1.35 -22.55
CA LEU C 179 51.76 -1.20 -23.99
C LEU C 179 51.23 0.19 -24.31
N GLU C 180 51.89 0.85 -25.26
CA GLU C 180 51.53 2.19 -25.69
C GLU C 180 51.28 2.19 -27.19
N GLU C 181 50.23 2.90 -27.60
CA GLU C 181 49.83 2.94 -29.01
C GLU C 181 49.54 4.38 -29.43
N ALA C 182 50.39 5.32 -29.03
CA ALA C 182 50.21 6.70 -29.46
C ALA C 182 50.30 6.82 -30.98
N SER C 183 51.27 6.13 -31.58
CA SER C 183 51.40 6.08 -33.03
C SER C 183 50.74 4.82 -33.57
N GLY C 184 50.64 4.76 -34.90
CA GLY C 184 50.05 3.58 -35.52
C GLY C 184 50.81 2.30 -35.19
N GLU C 185 52.14 2.37 -35.21
CA GLU C 185 52.95 1.20 -34.87
C GLU C 185 52.86 0.92 -33.37
N VAL C 186 52.89 -0.37 -33.03
CA VAL C 186 52.77 -0.78 -31.64
C VAL C 186 54.04 -0.39 -30.88
N TYR C 187 53.87 -0.06 -29.60
CA TYR C 187 54.98 0.26 -28.72
C TYR C 187 54.70 -0.30 -27.34
N ILE C 188 55.65 -1.06 -26.80
CA ILE C 188 55.53 -1.66 -25.48
C ILE C 188 56.69 -1.17 -24.63
N LYS C 189 56.38 -0.52 -23.51
CA LYS C 189 57.39 -0.04 -22.58
C LYS C 189 57.22 -0.78 -21.25
N PRO C 190 58.05 -1.78 -20.95
CA PRO C 190 57.97 -2.44 -19.65
C PRO C 190 58.57 -1.57 -18.57
N PRO C 191 58.21 -1.81 -17.30
CA PRO C 191 58.84 -1.06 -16.21
C PRO C 191 60.35 -1.27 -16.22
N SER C 192 61.09 -0.21 -15.94
CA SER C 192 62.55 -0.28 -15.97
C SER C 192 63.04 -1.29 -14.95
N GLY C 193 64.06 -2.06 -15.34
CA GLY C 193 64.62 -3.06 -14.45
C GLY C 193 63.64 -4.14 -14.07
N LYS C 194 62.87 -4.64 -15.03
CA LYS C 194 61.88 -5.67 -14.75
C LYS C 194 61.62 -6.47 -16.02
N ASN C 195 61.74 -7.80 -15.92
CA ASN C 195 61.42 -8.67 -17.03
C ASN C 195 59.93 -8.67 -17.30
N VAL C 196 59.56 -8.81 -18.57
CA VAL C 196 58.16 -8.80 -18.98
C VAL C 196 57.99 -9.75 -20.17
N THR C 197 56.83 -10.39 -20.22
CA THR C 197 56.47 -11.24 -21.36
C THR C 197 55.33 -10.59 -22.12
N TYR C 198 55.35 -10.72 -23.44
CA TYR C 198 54.31 -10.14 -24.29
C TYR C 198 53.80 -11.20 -25.25
N GLU C 199 52.49 -11.15 -25.54
CA GLU C 199 51.87 -12.10 -26.45
C GLU C 199 50.86 -11.41 -27.35
N CYS C 200 50.81 -11.84 -28.61
CA CYS C 200 49.86 -11.33 -29.60
C CYS C 200 49.48 -12.46 -30.55
N LYS C 201 48.32 -12.31 -31.20
CA LYS C 201 47.74 -13.41 -31.99
C LYS C 201 47.57 -13.15 -33.48
N CYS C 202 47.81 -11.94 -33.99
CA CYS C 202 47.77 -11.76 -35.44
C CYS C 202 48.71 -12.72 -36.13
N GLY C 203 48.17 -13.52 -37.03
CA GLY C 203 48.97 -14.53 -37.71
C GLY C 203 49.27 -15.77 -36.90
N ASP C 204 49.82 -15.59 -35.70
CA ASP C 204 50.18 -16.71 -34.83
C ASP C 204 50.35 -16.18 -33.42
N TYR C 205 50.40 -17.11 -32.46
CA TYR C 205 50.58 -16.75 -31.05
C TYR C 205 52.01 -16.32 -30.80
N SER C 206 52.42 -15.19 -31.38
CA SER C 206 53.79 -14.71 -31.21
C SER C 206 53.97 -14.18 -29.79
N THR C 207 54.98 -14.71 -29.11
CA THR C 207 55.28 -14.32 -27.74
C THR C 207 56.77 -14.01 -27.62
N GLY C 208 57.09 -13.06 -26.75
CA GLY C 208 58.47 -12.65 -26.55
C GLY C 208 58.73 -12.20 -25.13
N ILE C 209 60.01 -12.06 -24.82
CA ILE C 209 60.49 -11.69 -23.49
C ILE C 209 61.36 -10.44 -23.63
N VAL C 210 61.14 -9.46 -22.74
CA VAL C 210 61.89 -8.22 -22.75
C VAL C 210 62.46 -8.00 -21.35
N SER C 211 63.77 -7.77 -21.29
CA SER C 211 64.46 -7.44 -20.04
C SER C 211 64.83 -5.96 -20.12
N THR C 212 63.93 -5.11 -19.64
CA THR C 212 64.11 -3.66 -19.74
C THR C 212 64.25 -3.24 -21.21
N ARG C 213 63.43 -3.84 -22.07
CA ARG C 213 63.50 -3.63 -23.51
C ARG C 213 62.11 -3.42 -24.07
N THR C 214 62.05 -2.76 -25.22
CA THR C 214 60.80 -2.50 -25.93
C THR C 214 60.85 -3.25 -27.26
N LYS C 215 60.31 -4.47 -27.26
CA LYS C 215 60.29 -5.31 -28.45
C LYS C 215 58.98 -5.07 -29.21
N MET C 216 59.09 -4.53 -30.42
CA MET C 216 57.92 -4.25 -31.23
C MET C 216 57.31 -5.53 -31.78
N ASN C 217 56.08 -5.42 -32.26
CA ASN C 217 55.40 -6.52 -32.95
C ASN C 217 54.80 -6.00 -34.26
N GLY C 218 54.71 -6.89 -35.24
CA GLY C 218 54.26 -6.47 -36.56
C GLY C 218 52.84 -5.97 -36.58
N CYS C 219 51.93 -6.69 -35.94
CA CYS C 219 50.52 -6.33 -35.97
C CYS C 219 50.30 -5.06 -35.14
N THR C 220 49.46 -4.16 -35.65
CA THR C 220 49.37 -2.80 -35.12
C THR C 220 48.25 -2.58 -34.12
N LYS C 221 47.18 -3.38 -34.16
CA LYS C 221 46.02 -3.12 -33.34
C LYS C 221 46.39 -3.10 -31.86
N ALA C 222 45.82 -2.14 -31.13
CA ALA C 222 46.18 -1.97 -29.72
C ALA C 222 45.79 -3.18 -28.89
N LYS C 223 44.58 -3.69 -29.11
CA LYS C 223 44.08 -4.81 -28.30
C LYS C 223 44.78 -6.12 -28.61
N GLN C 224 45.59 -6.17 -29.66
CA GLN C 224 46.18 -7.43 -30.13
C GLN C 224 47.27 -7.96 -29.23
N CYS C 225 47.79 -7.18 -28.29
CA CYS C 225 48.93 -7.60 -27.51
C CYS C 225 48.64 -7.41 -26.03
N ILE C 226 49.29 -8.23 -25.20
CA ILE C 226 49.14 -8.15 -23.75
C ILE C 226 50.47 -8.47 -23.11
N ALA C 227 50.74 -7.81 -21.99
CA ALA C 227 52.03 -7.89 -21.31
C ALA C 227 51.84 -8.32 -19.86
N TYR C 228 52.62 -9.32 -19.45
CA TYR C 228 52.67 -9.80 -18.06
C TYR C 228 54.00 -9.41 -17.44
N LYS C 229 53.95 -9.04 -16.17
CA LYS C 229 55.16 -8.81 -15.35
C LYS C 229 55.56 -10.08 -14.60
N ARG C 230 55.68 -11.20 -15.32
CA ARG C 230 55.79 -12.49 -14.67
C ARG C 230 56.97 -12.52 -13.70
N ASP C 231 56.68 -12.86 -12.45
CA ASP C 231 57.70 -13.09 -11.43
C ASP C 231 57.52 -14.42 -10.71
N GLN C 232 56.28 -14.82 -10.46
CA GLN C 232 55.92 -16.12 -9.87
C GLN C 232 56.90 -16.51 -8.76
N THR C 233 56.98 -15.64 -7.75
CA THR C 233 57.81 -15.90 -6.57
C THR C 233 56.99 -16.08 -5.29
N LYS C 234 55.87 -15.39 -5.16
CA LYS C 234 55.06 -15.42 -3.95
C LYS C 234 53.76 -16.17 -4.23
N TRP C 235 53.39 -17.08 -3.35
CA TRP C 235 52.15 -17.82 -3.47
C TRP C 235 50.98 -16.95 -3.06
N VAL C 236 49.76 -17.47 -3.27
CA VAL C 236 48.54 -16.74 -2.99
C VAL C 236 47.46 -17.74 -2.59
N PHE C 237 46.45 -17.26 -1.87
CA PHE C 237 45.35 -18.08 -1.40
C PHE C 237 44.24 -18.05 -2.44
N ASN C 238 43.78 -19.22 -2.84
CA ASN C 238 42.79 -19.31 -3.91
C ASN C 238 41.61 -18.39 -3.62
N SER C 239 40.98 -17.89 -4.67
CA SER C 239 39.86 -16.97 -4.53
C SER C 239 39.26 -16.67 -5.90
N PRO C 240 37.98 -16.30 -5.96
CA PRO C 240 37.35 -16.07 -7.27
C PRO C 240 38.01 -14.95 -8.07
N ASP C 241 38.64 -14.00 -7.42
CA ASP C 241 39.10 -12.78 -8.09
C ASP C 241 40.51 -12.89 -8.65
N LEU C 242 41.10 -14.09 -8.69
CA LEU C 242 42.39 -14.29 -9.30
C LEU C 242 42.22 -15.03 -10.63
N ILE C 243 43.33 -15.31 -11.30
CA ILE C 243 43.37 -16.10 -12.51
C ILE C 243 44.25 -17.32 -12.26
N ARG C 244 43.72 -18.50 -12.54
CA ARG C 244 44.48 -19.72 -12.28
C ARG C 244 45.73 -19.79 -13.14
N HIS C 245 46.81 -20.27 -12.54
CA HIS C 245 48.00 -20.61 -13.29
C HIS C 245 47.86 -22.02 -13.84
N THR C 246 48.82 -22.42 -14.68
CA THR C 246 48.73 -23.73 -15.32
C THR C 246 48.81 -24.87 -14.30
N ASP C 247 49.69 -24.74 -13.31
CA ASP C 247 49.96 -25.88 -12.43
C ASP C 247 48.77 -26.19 -11.54
N HIS C 248 48.17 -25.18 -10.92
CA HIS C 248 47.02 -25.34 -10.04
C HIS C 248 47.19 -26.56 -9.13
N SER C 249 48.26 -26.52 -8.35
CA SER C 249 48.54 -27.56 -7.36
C SER C 249 48.90 -26.89 -6.04
N VAL C 250 48.61 -27.59 -4.94
CA VAL C 250 48.80 -27.01 -3.62
C VAL C 250 50.30 -26.97 -3.34
N GLN C 251 50.92 -25.81 -3.57
CA GLN C 251 52.35 -25.67 -3.31
C GLN C 251 52.65 -25.77 -1.83
N GLY C 252 51.78 -25.20 -0.99
CA GLY C 252 51.99 -25.25 0.45
C GLY C 252 50.71 -25.02 1.19
N LYS C 253 50.84 -24.96 2.52
CA LYS C 253 49.69 -24.81 3.40
C LYS C 253 50.03 -23.80 4.49
N LEU C 254 48.98 -23.22 5.07
CA LEU C 254 49.11 -22.37 6.23
C LEU C 254 47.95 -22.64 7.19
N HIS C 255 48.21 -22.40 8.46
CA HIS C 255 47.22 -22.58 9.52
C HIS C 255 46.32 -21.36 9.60
N ILE C 256 45.07 -21.60 9.96
CA ILE C 256 44.12 -20.51 10.26
C ILE C 256 44.15 -20.29 11.76
N PRO C 257 44.70 -19.17 12.24
CA PRO C 257 44.88 -19.01 13.69
C PRO C 257 43.54 -18.77 14.39
N PHE C 258 43.62 -18.74 15.73
CA PHE C 258 42.47 -18.43 16.57
C PHE C 258 41.33 -19.43 16.36
N ARG C 259 41.62 -20.67 16.75
CA ARG C 259 40.69 -21.77 16.57
C ARG C 259 39.81 -21.95 17.81
N LEU C 260 38.68 -22.62 17.60
CA LEU C 260 37.70 -22.81 18.65
C LEU C 260 38.27 -23.69 19.77
N THR C 261 37.83 -23.41 21.00
CA THR C 261 38.30 -24.16 22.15
C THR C 261 37.22 -24.17 23.22
N PRO C 262 36.98 -25.30 23.88
CA PRO C 262 36.02 -25.31 25.00
C PRO C 262 36.63 -24.74 26.27
N THR C 263 35.80 -24.06 27.05
CA THR C 263 36.25 -23.42 28.27
C THR C 263 35.05 -23.14 29.17
N VAL C 264 35.33 -22.93 30.46
CA VAL C 264 34.26 -22.62 31.39
C VAL C 264 33.80 -21.18 31.20
N CYS C 265 32.50 -20.96 31.37
CA CYS C 265 31.88 -19.66 31.22
C CYS C 265 30.86 -19.47 32.34
N PRO C 266 30.55 -18.22 32.69
CA PRO C 266 29.54 -17.96 33.71
C PRO C 266 28.16 -17.74 33.14
N VAL C 267 27.15 -18.15 33.92
CA VAL C 267 25.76 -17.96 33.54
C VAL C 267 24.96 -17.56 34.76
N PRO C 268 23.87 -16.84 34.55
CA PRO C 268 23.09 -16.31 35.68
C PRO C 268 22.18 -17.36 36.30
N LEU C 269 21.91 -17.15 37.59
CA LEU C 269 20.94 -17.95 38.35
C LEU C 269 19.66 -17.15 38.45
N ALA C 270 18.62 -17.58 37.75
CA ALA C 270 17.37 -16.84 37.74
C ALA C 270 16.72 -16.87 39.11
N HIS C 271 15.88 -15.87 39.37
CA HIS C 271 15.19 -15.76 40.64
C HIS C 271 14.42 -17.04 40.95
N THR C 272 14.61 -17.57 42.15
CA THR C 272 13.99 -18.83 42.52
C THR C 272 12.49 -18.63 42.71
N PRO C 273 11.63 -19.42 42.05
CA PRO C 273 10.19 -19.19 42.15
C PRO C 273 9.67 -19.53 43.54
N THR C 274 8.42 -19.15 43.77
CA THR C 274 7.72 -19.42 45.02
C THR C 274 6.62 -20.45 44.74
N VAL C 275 6.71 -21.59 45.41
CA VAL C 275 5.74 -22.66 45.23
C VAL C 275 4.52 -22.38 46.09
N THR C 276 3.35 -22.79 45.60
CA THR C 276 2.08 -22.59 46.29
C THR C 276 1.43 -23.94 46.58
N LYS C 277 0.20 -23.88 47.09
CA LYS C 277 -0.56 -25.06 47.48
C LYS C 277 -1.77 -25.21 46.57
N TRP C 278 -2.04 -26.44 46.14
CA TRP C 278 -3.16 -26.72 45.25
C TRP C 278 -3.40 -28.23 45.22
N PHE C 279 -4.66 -28.63 45.42
CA PHE C 279 -5.00 -30.05 45.44
C PHE C 279 -4.74 -30.67 44.07
N LYS C 280 -3.78 -31.59 44.01
CA LYS C 280 -3.42 -32.24 42.75
C LYS C 280 -3.01 -31.19 41.71
N GLY C 281 -2.28 -30.18 42.16
CA GLY C 281 -1.83 -29.13 41.25
C GLY C 281 -0.84 -28.22 41.95
N ILE C 282 -0.33 -27.26 41.17
CA ILE C 282 0.63 -26.29 41.67
C ILE C 282 0.42 -24.96 40.94
N THR C 283 0.68 -23.86 41.65
CA THR C 283 0.81 -22.55 41.04
C THR C 283 2.21 -22.03 41.32
N LEU C 284 2.88 -21.56 40.28
CA LEU C 284 4.21 -20.99 40.39
C LEU C 284 4.12 -19.50 40.14
N HIS C 285 4.52 -18.70 41.13
CA HIS C 285 4.62 -17.26 40.97
C HIS C 285 5.99 -16.98 40.36
N LEU C 286 6.02 -16.98 39.03
CA LEU C 286 7.27 -16.94 38.29
C LEU C 286 7.67 -15.50 38.04
N THR C 287 8.89 -15.15 38.42
CA THR C 287 9.41 -13.79 38.29
C THR C 287 10.71 -13.82 37.50
N ALA C 288 10.81 -12.96 36.50
CA ALA C 288 12.02 -12.86 35.69
C ALA C 288 12.02 -11.53 34.96
N THR C 289 13.20 -10.91 34.92
CA THR C 289 13.35 -9.60 34.28
C THR C 289 13.78 -9.69 32.83
N ARG C 290 14.32 -10.81 32.39
CA ARG C 290 14.73 -11.03 31.02
C ARG C 290 14.16 -12.37 30.55
N PRO C 291 14.03 -12.56 29.24
CA PRO C 291 13.44 -13.82 28.75
C PRO C 291 14.15 -15.03 29.33
N THR C 292 13.37 -15.92 29.93
CA THR C 292 13.88 -17.16 30.52
C THR C 292 13.08 -18.32 29.94
N LEU C 293 13.68 -19.51 30.00
CA LEU C 293 13.05 -20.71 29.45
C LEU C 293 12.67 -21.64 30.60
N LEU C 294 11.39 -21.97 30.70
CA LEU C 294 10.88 -22.92 31.68
C LEU C 294 10.40 -24.17 30.97
N THR C 295 10.57 -25.32 31.62
CA THR C 295 10.11 -26.57 31.04
C THR C 295 9.77 -27.55 32.15
N THR C 296 8.96 -28.54 31.80
CA THR C 296 8.53 -29.55 32.76
C THR C 296 8.08 -30.78 32.00
N ARG C 297 8.05 -31.91 32.69
CA ARG C 297 7.62 -33.17 32.10
C ARG C 297 7.14 -34.10 33.21
N LYS C 298 6.04 -34.79 32.97
CA LYS C 298 5.55 -35.77 33.93
C LYS C 298 6.48 -36.97 33.96
N LEU C 299 6.50 -37.65 35.10
CA LEU C 299 7.36 -38.81 35.31
C LEU C 299 6.67 -40.12 34.99
N GLY C 300 5.40 -40.09 34.59
CA GLY C 300 4.64 -41.29 34.32
C GLY C 300 4.84 -41.78 32.90
N LEU C 301 3.89 -42.62 32.45
CA LEU C 301 3.97 -43.15 31.09
C LEU C 301 3.92 -42.03 30.06
N ARG C 302 3.05 -41.06 30.27
CA ARG C 302 2.90 -39.94 29.33
C ARG C 302 3.96 -38.88 29.64
N ALA C 303 4.80 -38.57 28.65
CA ALA C 303 5.81 -37.54 28.85
C ALA C 303 5.17 -36.20 29.16
N ASP C 304 4.16 -35.82 28.38
CA ASP C 304 3.44 -34.56 28.59
C ASP C 304 4.42 -33.39 28.66
N ALA C 305 5.44 -33.44 27.80
CA ALA C 305 6.46 -32.40 27.83
C ALA C 305 5.86 -31.03 27.60
N THR C 306 6.32 -30.05 28.36
CA THR C 306 5.87 -28.67 28.23
C THR C 306 7.07 -27.75 28.33
N ALA C 307 7.09 -26.72 27.48
CA ALA C 307 8.16 -25.74 27.49
C ALA C 307 7.59 -24.39 27.08
N GLU C 308 8.15 -23.33 27.67
CA GLU C 308 7.65 -21.99 27.41
C GLU C 308 8.74 -20.98 27.70
N TRP C 309 8.56 -19.77 27.17
CA TRP C 309 9.45 -18.64 27.39
C TRP C 309 8.71 -17.57 28.18
N ILE C 310 9.31 -17.13 29.27
CA ILE C 310 8.72 -16.17 30.18
C ILE C 310 9.45 -14.84 30.02
N THR C 311 8.69 -13.77 29.78
CA THR C 311 9.27 -12.46 29.55
C THR C 311 9.44 -11.68 30.86
N GLY C 312 8.34 -11.45 31.58
CA GLY C 312 8.39 -10.71 32.81
C GLY C 312 8.06 -11.54 34.03
N THR C 313 6.96 -11.21 34.71
CA THR C 313 6.49 -11.94 35.87
C THR C 313 5.02 -12.26 35.69
N THR C 314 4.63 -13.43 36.18
CA THR C 314 3.25 -13.90 36.05
C THR C 314 3.07 -15.09 37.00
N SER C 315 1.92 -15.74 36.89
CA SER C 315 1.62 -16.96 37.64
C SER C 315 1.21 -18.04 36.67
N ARG C 316 1.73 -19.26 36.87
CA ARG C 316 1.47 -20.36 35.96
C ARG C 316 0.96 -21.56 36.73
N ASN C 317 -0.08 -22.21 36.21
CA ASN C 317 -0.65 -23.40 36.81
C ASN C 317 -0.05 -24.64 36.18
N PHE C 318 0.07 -25.70 36.98
CA PHE C 318 0.60 -26.97 36.49
C PHE C 318 -0.14 -28.09 37.20
N SER C 319 -0.80 -28.94 36.43
CA SER C 319 -1.53 -30.09 36.97
C SER C 319 -0.52 -31.16 37.33
N VAL C 320 -0.04 -31.12 38.57
CA VAL C 320 0.93 -32.11 39.03
C VAL C 320 0.34 -33.50 38.87
N GLY C 321 1.14 -34.41 38.34
CA GLY C 321 0.68 -35.78 38.18
C GLY C 321 0.42 -36.44 39.52
N ARG C 322 -0.40 -37.49 39.47
CA ARG C 322 -0.67 -38.26 40.69
C ARG C 322 0.58 -38.98 41.18
N GLU C 323 1.55 -39.20 40.30
CA GLU C 323 2.75 -39.97 40.64
C GLU C 323 4.02 -39.14 40.67
N GLY C 324 4.08 -38.04 39.92
CA GLY C 324 5.23 -37.18 40.02
C GLY C 324 5.26 -36.13 38.92
N LEU C 325 6.18 -35.19 39.10
CA LEU C 325 6.35 -34.09 38.16
C LEU C 325 7.75 -33.51 38.33
N GLU C 326 8.37 -33.15 37.22
CA GLU C 326 9.69 -32.51 37.21
C GLU C 326 9.52 -31.00 37.00
N TYR C 327 10.47 -30.25 37.53
CA TYR C 327 10.39 -28.79 37.52
C TYR C 327 11.78 -28.24 37.20
N VAL C 328 11.91 -27.65 36.01
CA VAL C 328 13.15 -27.05 35.55
C VAL C 328 12.87 -25.57 35.30
N TRP C 329 13.76 -24.71 35.77
CA TRP C 329 13.58 -23.28 35.59
C TRP C 329 14.91 -22.58 35.82
N GLY C 330 15.26 -21.68 34.91
CA GLY C 330 16.57 -21.06 35.00
C GLY C 330 17.65 -22.08 34.69
N ASN C 331 18.87 -21.76 35.11
CA ASN C 331 20.01 -22.63 34.89
C ASN C 331 20.34 -23.51 36.08
N HIS C 332 19.58 -23.44 37.16
CA HIS C 332 19.86 -24.29 38.31
C HIS C 332 19.12 -25.62 38.17
N GLU C 333 19.56 -26.60 38.97
CA GLU C 333 19.09 -27.96 38.81
C GLU C 333 17.60 -28.05 39.10
N PRO C 334 16.94 -29.07 38.56
CA PRO C 334 15.48 -29.18 38.72
C PRO C 334 15.10 -29.83 40.04
N VAL C 335 13.79 -29.86 40.29
CA VAL C 335 13.24 -30.48 41.50
C VAL C 335 12.05 -31.35 41.10
N ARG C 336 11.86 -32.43 41.83
CA ARG C 336 10.77 -33.37 41.60
C ARG C 336 9.73 -33.22 42.71
N VAL C 337 8.47 -33.04 42.33
CA VAL C 337 7.38 -32.89 43.29
C VAL C 337 6.30 -33.89 42.92
N TRP C 338 5.83 -34.66 43.90
CA TRP C 338 4.77 -35.63 43.76
C TRP C 338 3.60 -35.21 44.64
N ALA C 339 2.51 -35.97 44.59
CA ALA C 339 1.28 -35.57 45.26
C ALA C 339 0.65 -36.78 45.96
N GLN C 340 -0.30 -36.48 46.85
CA GLN C 340 -1.13 -37.49 47.49
C GLN C 340 -2.54 -36.93 47.63
N GLU C 341 -3.37 -37.59 48.43
CA GLU C 341 -4.76 -37.22 48.61
C GLU C 341 -4.95 -36.40 49.87
N SER C 342 -5.93 -35.50 49.85
CA SER C 342 -6.20 -34.64 51.00
C SER C 342 -7.68 -34.41 51.27
N ALA C 343 -8.58 -35.13 50.61
CA ALA C 343 -10.01 -34.95 50.86
C ALA C 343 -10.39 -35.59 52.19
N PRO C 344 -11.54 -35.20 52.76
CA PRO C 344 -11.97 -35.76 54.04
C PRO C 344 -12.63 -37.14 53.92
N GLY C 345 -11.83 -38.20 53.88
CA GLY C 345 -12.34 -39.52 53.57
C GLY C 345 -13.05 -40.26 54.68
N ASP C 346 -12.33 -40.62 55.74
CA ASP C 346 -12.92 -41.47 56.76
C ASP C 346 -13.99 -40.71 57.53
N PRO C 347 -15.07 -41.38 57.92
CA PRO C 347 -16.12 -40.72 58.70
C PRO C 347 -15.68 -40.53 60.15
N HIS C 348 -16.60 -39.99 60.96
CA HIS C 348 -16.35 -39.71 62.36
C HIS C 348 -17.40 -40.37 63.25
N GLY C 349 -17.87 -41.56 62.85
CA GLY C 349 -18.85 -42.29 63.63
C GLY C 349 -20.29 -41.89 63.37
N TRP C 350 -20.53 -40.88 62.55
CA TRP C 350 -21.88 -40.43 62.22
C TRP C 350 -22.07 -40.51 60.72
N PRO C 351 -23.31 -40.41 60.22
CA PRO C 351 -23.50 -40.40 58.76
C PRO C 351 -22.71 -39.27 58.12
N HIS C 352 -22.12 -39.57 56.96
CA HIS C 352 -21.26 -38.61 56.28
C HIS C 352 -21.34 -38.84 54.78
N GLU C 353 -21.01 -37.79 54.03
CA GLU C 353 -20.95 -37.85 52.57
C GLU C 353 -19.54 -38.26 52.15
N ILE C 354 -19.22 -39.53 52.40
CA ILE C 354 -17.90 -40.04 52.07
C ILE C 354 -17.66 -40.05 50.58
N ILE C 355 -18.72 -40.20 49.78
CA ILE C 355 -18.56 -40.33 48.34
C ILE C 355 -17.79 -39.14 47.78
N ILE C 356 -18.03 -37.95 48.32
CA ILE C 356 -17.35 -36.76 47.82
C ILE C 356 -15.85 -36.96 47.83
N HIS C 357 -15.33 -37.54 48.91
CA HIS C 357 -13.90 -37.84 48.97
C HIS C 357 -13.49 -38.72 47.80
N TYR C 358 -14.17 -39.85 47.62
CA TYR C 358 -13.86 -40.73 46.50
C TYR C 358 -14.27 -40.13 45.17
N TYR C 359 -15.01 -39.02 45.17
CA TYR C 359 -15.22 -38.28 43.93
C TYR C 359 -14.03 -37.38 43.62
N HIS C 360 -13.35 -36.86 44.64
CA HIS C 360 -12.17 -36.05 44.40
C HIS C 360 -11.02 -36.90 43.85
N ARG C 361 -10.88 -38.12 44.36
CA ARG C 361 -9.86 -39.06 43.90
C ARG C 361 -10.54 -40.22 43.20
N HIS C 362 -10.09 -40.53 41.99
CA HIS C 362 -10.72 -41.56 41.17
C HIS C 362 -12.17 -41.21 40.92
N PRO C 363 -12.46 -40.05 40.30
CA PRO C 363 -13.87 -39.67 40.10
C PRO C 363 -14.65 -40.68 39.30
N VAL C 364 -14.03 -41.32 38.31
CA VAL C 364 -14.75 -42.25 37.44
C VAL C 364 -15.16 -43.49 38.23
N TYR C 365 -14.23 -44.06 38.99
CA TYR C 365 -14.50 -45.34 39.64
C TYR C 365 -15.63 -45.23 40.66
N THR C 366 -15.63 -44.16 41.47
CA THR C 366 -16.63 -44.05 42.53
C THR C 366 -18.03 -43.93 41.96
N VAL C 367 -18.18 -43.31 40.79
CA VAL C 367 -19.51 -43.17 40.20
C VAL C 367 -20.09 -44.53 39.84
N ILE C 368 -19.23 -45.46 39.39
CA ILE C 368 -19.71 -46.76 38.94
C ILE C 368 -20.34 -47.54 40.09
N VAL C 369 -19.70 -47.51 41.26
CA VAL C 369 -20.20 -48.33 42.38
C VAL C 369 -21.58 -47.87 42.81
N LEU C 370 -21.80 -46.55 42.87
CA LEU C 370 -23.12 -46.06 43.28
C LEU C 370 -24.19 -46.45 42.28
N CYS C 371 -23.91 -46.33 40.98
CA CYS C 371 -24.88 -46.72 39.97
C CYS C 371 -25.18 -48.21 40.04
N GLY C 372 -24.14 -49.03 40.23
CA GLY C 372 -24.35 -50.46 40.38
C GLY C 372 -25.19 -50.81 41.59
N VAL C 373 -24.93 -50.12 42.71
CA VAL C 373 -25.73 -50.35 43.92
C VAL C 373 -27.18 -49.96 43.67
N ALA C 374 -27.40 -48.82 43.01
CA ALA C 374 -28.77 -48.41 42.71
C ALA C 374 -29.47 -49.43 41.84
N LEU C 375 -28.78 -49.92 40.79
CA LEU C 375 -29.38 -50.93 39.92
C LEU C 375 -29.70 -52.20 40.69
N ALA C 376 -28.77 -52.65 41.55
CA ALA C 376 -28.99 -53.87 42.30
C ALA C 376 -30.17 -53.74 43.24
N ILE C 377 -30.27 -52.63 43.96
CA ILE C 377 -31.37 -52.45 44.90
C ILE C 377 -32.69 -52.32 44.16
N LEU C 378 -32.70 -51.62 43.03
CA LEU C 378 -33.93 -51.50 42.25
C LEU C 378 -34.39 -52.86 41.75
N VAL C 379 -33.46 -53.68 41.23
CA VAL C 379 -33.81 -55.00 40.74
C VAL C 379 -34.33 -55.85 41.88
N GLY C 380 -33.67 -55.80 43.04
CA GLY C 380 -34.12 -56.58 44.18
C GLY C 380 -35.52 -56.19 44.62
N THR C 381 -35.78 -54.89 44.71
CA THR C 381 -37.11 -54.43 45.12
C THR C 381 -38.16 -54.85 44.11
N ALA C 382 -37.88 -54.70 42.82
CA ALA C 382 -38.85 -55.07 41.80
C ALA C 382 -39.14 -56.57 41.85
N SER C 383 -38.09 -57.39 41.98
CA SER C 383 -38.28 -58.84 42.06
C SER C 383 -39.08 -59.21 43.29
N SER C 384 -38.77 -58.60 44.44
CA SER C 384 -39.50 -58.91 45.66
C SER C 384 -40.97 -58.54 45.50
N ALA C 385 -41.26 -57.37 44.96
CA ALA C 385 -42.64 -56.94 44.78
C ALA C 385 -43.38 -57.90 43.84
N ALA C 386 -42.76 -58.24 42.71
CA ALA C 386 -43.42 -59.14 41.76
C ALA C 386 -43.69 -60.49 42.38
N CYS C 387 -42.69 -61.06 43.08
CA CYS C 387 -42.85 -62.39 43.66
C CYS C 387 -43.90 -62.40 44.76
N ILE C 388 -43.88 -61.38 45.64
CA ILE C 388 -44.86 -61.36 46.72
C ILE C 388 -46.26 -61.15 46.15
N ALA C 389 -46.39 -60.33 45.10
CA ALA C 389 -47.70 -60.14 44.48
C ALA C 389 -48.19 -61.44 43.86
N LYS C 390 -47.32 -62.16 43.16
CA LYS C 390 -47.73 -63.43 42.56
C LYS C 390 -48.13 -64.44 43.62
N ALA C 391 -47.35 -64.52 44.71
CA ALA C 391 -47.70 -65.43 45.80
C ALA C 391 -49.04 -65.06 46.42
N ARG C 392 -49.28 -63.76 46.62
CA ARG C 392 -50.56 -63.33 47.17
C ARG C 392 -51.70 -63.69 46.23
N ARG C 393 -51.51 -63.49 44.93
CA ARG C 393 -52.52 -63.90 43.96
C ARG C 393 -52.83 -65.38 44.09
N ASP C 394 -51.77 -66.20 44.12
CA ASP C 394 -51.97 -67.65 44.22
C ASP C 394 -52.64 -68.02 45.54
N CYS C 395 -52.42 -67.24 46.59
CA CYS C 395 -53.18 -67.43 47.81
C CYS C 395 -54.64 -66.99 47.62
N LEU C 396 -54.88 -66.08 46.67
CA LEU C 396 -56.22 -65.70 46.28
C LEU C 396 -56.78 -66.59 45.18
N THR C 397 -56.08 -67.66 44.83
CA THR C 397 -56.59 -68.59 43.84
C THR C 397 -58.02 -69.05 44.14
N PRO C 398 -58.38 -69.41 45.36
CA PRO C 398 -59.78 -69.80 45.61
C PRO C 398 -60.69 -68.58 45.70
N TYR C 399 -61.46 -68.33 44.63
CA TYR C 399 -62.48 -67.29 44.69
C TYR C 399 -63.55 -67.67 45.70
N ALA C 400 -64.11 -68.87 45.56
CA ALA C 400 -64.90 -69.53 46.59
C ALA C 400 -65.76 -68.55 47.38
N LEU C 401 -66.58 -67.80 46.65
CA LEU C 401 -67.50 -66.89 47.32
C LEU C 401 -68.52 -67.60 48.21
N ALA C 402 -69.09 -68.72 47.72
CA ALA C 402 -70.01 -69.46 48.56
C ALA C 402 -69.31 -70.05 49.78
N PRO C 403 -68.19 -70.75 49.65
CA PRO C 403 -67.44 -71.16 50.85
C PRO C 403 -66.81 -69.96 51.55
N ASN C 404 -66.52 -70.15 52.83
CA ASN C 404 -65.88 -69.12 53.62
C ASN C 404 -64.36 -69.16 53.40
N ALA C 405 -63.68 -68.15 53.93
CA ALA C 405 -62.23 -68.10 53.85
C ALA C 405 -61.64 -69.32 54.55
N THR C 406 -60.57 -69.86 53.97
CA THR C 406 -59.96 -71.07 54.53
C THR C 406 -59.51 -70.83 55.96
N VAL C 407 -58.86 -69.69 56.21
CA VAL C 407 -58.40 -69.33 57.55
C VAL C 407 -58.23 -67.81 57.62
N PRO C 408 -58.72 -67.15 58.66
CA PRO C 408 -58.55 -65.68 58.73
C PRO C 408 -57.10 -65.22 58.75
N THR C 409 -56.17 -66.07 59.20
CA THR C 409 -54.76 -65.69 59.18
C THR C 409 -54.29 -65.47 57.75
N ALA C 410 -54.76 -66.29 56.82
CA ALA C 410 -54.42 -66.09 55.41
C ALA C 410 -54.97 -64.77 54.89
N LEU C 411 -56.19 -64.41 55.31
CA LEU C 411 -56.74 -63.12 54.92
C LEU C 411 -55.90 -61.97 55.47
N ALA C 412 -55.48 -62.09 56.73
CA ALA C 412 -54.63 -61.06 57.33
C ALA C 412 -53.30 -60.95 56.57
N VAL C 413 -52.70 -62.09 56.21
CA VAL C 413 -51.47 -62.06 55.43
C VAL C 413 -51.70 -61.38 54.09
N LEU C 414 -52.81 -61.72 53.43
CA LEU C 414 -53.13 -61.09 52.15
C LEU C 414 -53.37 -59.59 52.33
N CYS C 415 -54.07 -59.22 53.39
CA CYS C 415 -54.37 -57.81 53.66
C CYS C 415 -54.69 -57.59 55.12
N PHE D 1 -42.42 35.84 52.48
CA PHE D 1 -43.18 34.64 52.15
C PHE D 1 -42.25 33.50 51.77
N GLU D 2 -42.65 32.27 52.12
CA GLU D 2 -41.85 31.09 51.86
C GLU D 2 -42.50 30.24 50.78
N HIS D 3 -41.70 29.82 49.79
CA HIS D 3 -42.20 29.00 48.69
C HIS D 3 -41.26 27.82 48.46
N ALA D 4 -41.85 26.64 48.27
CA ALA D 4 -41.10 25.42 48.08
C ALA D 4 -41.16 24.97 46.62
N THR D 5 -40.04 24.46 46.13
CA THR D 5 -39.96 24.03 44.73
C THR D 5 -38.89 22.97 44.58
N THR D 6 -39.11 22.06 43.62
CA THR D 6 -38.14 21.02 43.29
C THR D 6 -37.45 21.39 41.99
N VAL D 7 -36.12 21.31 41.97
CA VAL D 7 -35.34 21.70 40.81
C VAL D 7 -34.42 20.56 40.41
N PRO D 8 -34.21 20.29 39.12
CA PRO D 8 -33.21 19.30 38.74
C PRO D 8 -31.81 19.77 39.08
N ASN D 9 -31.01 18.86 39.62
CA ASN D 9 -29.63 19.16 40.00
C ASN D 9 -28.77 19.05 38.74
N VAL D 10 -28.60 20.18 38.05
CA VAL D 10 -27.83 20.21 36.81
C VAL D 10 -27.47 21.67 36.51
N PRO D 11 -26.22 21.99 36.22
CA PRO D 11 -25.83 23.39 36.03
C PRO D 11 -26.30 23.96 34.70
N GLY D 12 -26.47 25.28 34.70
CA GLY D 12 -26.75 25.99 33.47
C GLY D 12 -28.15 25.81 32.91
N ILE D 13 -29.10 25.40 33.73
CA ILE D 13 -30.49 25.24 33.29
C ILE D 13 -31.40 25.94 34.28
N PRO D 14 -31.53 27.27 34.22
CA PRO D 14 -32.40 27.99 35.15
C PRO D 14 -33.80 27.40 35.25
N TYR D 15 -34.49 27.70 36.34
CA TYR D 15 -35.85 27.26 36.59
C TYR D 15 -36.69 28.46 36.98
N LYS D 16 -37.86 28.60 36.35
CA LYS D 16 -38.76 29.71 36.61
C LYS D 16 -39.93 29.22 37.45
N ALA D 17 -40.26 29.97 38.50
CA ALA D 17 -41.39 29.64 39.35
C ALA D 17 -42.03 30.93 39.85
N LEU D 18 -43.33 30.87 40.13
CA LEU D 18 -44.10 32.02 40.55
C LEU D 18 -44.58 31.87 41.99
N VAL D 19 -44.82 33.01 42.63
CA VAL D 19 -45.39 33.07 43.98
C VAL D 19 -46.69 33.85 43.90
N GLU D 20 -47.75 33.29 44.45
CA GLU D 20 -49.09 33.87 44.37
C GLU D 20 -49.51 34.36 45.75
N ARG D 21 -49.85 35.64 45.84
CA ARG D 21 -50.36 36.24 47.07
C ARG D 21 -51.47 37.21 46.73
N ALA D 22 -52.53 37.20 47.53
CA ALA D 22 -53.67 38.07 47.28
C ALA D 22 -53.25 39.53 47.41
N GLY D 23 -53.62 40.33 46.41
CA GLY D 23 -53.30 41.74 46.39
C GLY D 23 -51.92 42.08 45.87
N TYR D 24 -51.10 41.07 45.56
CA TYR D 24 -49.76 41.27 45.04
C TYR D 24 -49.63 40.59 43.69
N ALA D 25 -49.02 41.28 42.73
CA ALA D 25 -48.80 40.69 41.43
C ALA D 25 -47.83 39.52 41.55
N PRO D 26 -47.98 38.50 40.70
CA PRO D 26 -47.03 37.37 40.77
C PRO D 26 -45.61 37.84 40.54
N LEU D 27 -44.69 37.27 41.30
CA LEU D 27 -43.28 37.65 41.26
C LEU D 27 -42.47 36.52 40.63
N ASN D 28 -41.68 36.86 39.62
CA ASN D 28 -40.85 35.86 38.96
C ASN D 28 -39.70 35.44 39.87
N LEU D 29 -39.47 34.13 39.96
CA LEU D 29 -38.36 33.55 40.72
C LEU D 29 -37.55 32.69 39.78
N GLU D 30 -36.32 33.11 39.50
CA GLU D 30 -35.40 32.35 38.66
C GLU D 30 -34.33 31.74 39.55
N ILE D 31 -34.14 30.43 39.44
CA ILE D 31 -33.20 29.68 40.28
C ILE D 31 -32.18 29.01 39.36
N THR D 32 -30.90 29.23 39.63
CA THR D 32 -29.84 28.61 38.86
C THR D 32 -28.83 27.97 39.80
N VAL D 33 -28.42 26.74 39.47
CA VAL D 33 -27.36 26.05 40.20
C VAL D 33 -26.04 26.30 39.47
N VAL D 34 -25.22 27.17 40.04
CA VAL D 34 -24.00 27.58 39.35
C VAL D 34 -23.02 26.42 39.24
N SER D 35 -22.87 25.63 40.30
CA SER D 35 -21.90 24.54 40.29
C SER D 35 -22.14 23.64 41.49
N SER D 36 -22.03 22.34 41.26
CA SER D 36 -22.12 21.35 42.33
C SER D 36 -20.73 21.08 42.88
N GLU D 37 -20.70 20.56 44.11
CA GLU D 37 -19.44 20.28 44.79
C GLU D 37 -19.67 19.14 45.78
N LEU D 38 -19.30 17.92 45.37
CA LEU D 38 -19.42 16.73 46.21
C LEU D 38 -18.06 16.48 46.86
N THR D 39 -17.99 16.76 48.16
CA THR D 39 -16.73 16.61 48.91
C THR D 39 -16.91 15.56 50.00
N PRO D 40 -16.37 14.35 49.83
CA PRO D 40 -16.54 13.32 50.85
C PRO D 40 -15.46 13.40 51.93
N SER D 41 -15.69 12.64 53.00
CA SER D 41 -14.76 12.57 54.12
C SER D 41 -13.73 11.47 53.84
N THR D 42 -12.46 11.79 54.09
CA THR D 42 -11.36 10.89 53.78
C THR D 42 -10.41 10.81 54.97
N ASN D 43 -9.76 9.65 55.10
CA ASN D 43 -8.73 9.43 56.12
C ASN D 43 -7.55 8.75 55.47
N LYS D 44 -6.41 9.43 55.47
CA LYS D 44 -5.20 8.86 54.87
C LYS D 44 -4.87 7.52 55.54
N GLU D 45 -4.58 6.52 54.71
CA GLU D 45 -4.21 5.20 55.20
C GLU D 45 -2.70 4.99 55.20
N TYR D 46 -2.04 5.21 54.06
CA TYR D 46 -0.60 5.07 53.96
C TYR D 46 -0.15 5.59 52.60
N VAL D 47 1.16 5.57 52.40
CA VAL D 47 1.79 6.10 51.20
C VAL D 47 2.86 5.12 50.74
N THR D 48 2.90 4.85 49.44
CA THR D 48 3.83 3.89 48.86
C THR D 48 4.48 4.52 47.63
N CYS D 49 5.57 3.89 47.17
CA CYS D 49 6.31 4.38 46.02
C CYS D 49 7.38 3.35 45.67
N LYS D 50 8.12 3.63 44.59
CA LYS D 50 9.26 2.81 44.24
C LYS D 50 10.27 2.83 45.37
N PHE D 51 10.89 1.68 45.63
CA PHE D 51 11.83 1.54 46.72
C PHE D 51 13.24 1.35 46.19
N HIS D 52 14.18 1.17 47.13
CA HIS D 52 15.60 1.18 46.84
C HIS D 52 16.28 0.31 47.88
N THR D 53 17.07 -0.66 47.43
CA THR D 53 17.67 -1.66 48.32
C THR D 53 19.03 -1.17 48.80
N VAL D 54 19.11 -0.84 50.07
CA VAL D 54 20.40 -0.58 50.70
C VAL D 54 21.13 -1.92 50.86
N VAL D 55 22.39 -1.96 50.47
CA VAL D 55 23.19 -3.18 50.58
C VAL D 55 24.48 -2.80 51.31
N PRO D 56 24.44 -2.60 52.62
CA PRO D 56 25.61 -2.11 53.33
C PRO D 56 26.79 -3.07 53.20
N SER D 57 27.98 -2.50 53.34
CA SER D 57 29.19 -3.29 53.16
C SER D 57 29.18 -4.49 54.11
N PRO D 58 29.39 -5.71 53.61
CA PRO D 58 29.27 -6.88 54.48
C PRO D 58 30.29 -6.86 55.60
N GLN D 59 29.88 -7.35 56.76
CA GLN D 59 30.82 -7.54 57.86
C GLN D 59 31.61 -8.82 57.62
N VAL D 60 32.88 -8.83 58.01
CA VAL D 60 33.74 -9.99 57.82
C VAL D 60 34.55 -10.19 59.09
N LYS D 61 34.61 -11.44 59.56
CA LYS D 61 35.46 -11.82 60.67
C LYS D 61 36.55 -12.74 60.12
N CYS D 62 37.79 -12.31 60.20
CA CYS D 62 38.92 -13.05 59.65
C CYS D 62 39.36 -14.10 60.66
N CYS D 63 39.22 -15.37 60.29
CA CYS D 63 39.71 -16.50 61.06
C CYS D 63 38.97 -16.69 62.38
N GLY D 64 37.70 -16.28 62.43
CA GLY D 64 36.91 -16.43 63.64
C GLY D 64 35.47 -16.78 63.35
N SER D 65 34.62 -16.73 64.36
CA SER D 65 33.20 -17.05 64.23
C SER D 65 32.37 -15.79 64.46
N LEU D 66 31.18 -15.78 63.86
CA LEU D 66 30.28 -14.64 63.99
C LEU D 66 28.85 -15.15 63.91
N GLU D 67 27.94 -14.36 64.45
CA GLU D 67 26.52 -14.72 64.54
C GLU D 67 25.66 -13.57 64.04
N CYS D 68 24.52 -13.92 63.44
CA CYS D 68 23.59 -12.92 62.93
C CYS D 68 22.86 -12.23 64.07
N LYS D 69 22.40 -11.01 63.80
CA LYS D 69 21.62 -10.22 64.75
C LYS D 69 20.52 -9.50 64.01
N ALA D 70 19.31 -9.53 64.58
CA ALA D 70 18.18 -8.86 63.97
C ALA D 70 18.24 -7.36 64.23
N SER D 71 17.50 -6.61 63.40
CA SER D 71 17.45 -5.16 63.51
C SER D 71 16.03 -4.69 63.22
N SER D 72 15.80 -3.40 63.42
CA SER D 72 14.48 -2.81 63.30
C SER D 72 14.21 -2.21 61.91
N LYS D 73 15.18 -2.25 61.00
CA LYS D 73 14.96 -1.67 59.68
C LYS D 73 13.94 -2.49 58.90
N ALA D 74 13.27 -1.83 57.96
CA ALA D 74 12.23 -2.49 57.18
C ALA D 74 12.81 -3.60 56.32
N ASP D 75 12.14 -4.74 56.30
CA ASP D 75 12.52 -5.89 55.48
C ASP D 75 13.95 -6.35 55.75
N TYR D 76 14.47 -6.08 56.94
CA TYR D 76 15.84 -6.46 57.25
C TYR D 76 16.03 -7.95 57.06
N THR D 77 17.08 -8.31 56.32
CA THR D 77 17.40 -9.72 56.06
C THR D 77 18.89 -9.91 56.29
N CYS D 78 19.23 -10.76 57.26
CA CYS D 78 20.61 -10.96 57.69
C CYS D 78 20.95 -12.44 57.57
N ARG D 79 22.14 -12.74 57.06
CA ARG D 79 22.57 -14.12 56.95
C ARG D 79 24.09 -14.20 57.00
N VAL D 80 24.59 -15.24 57.66
CA VAL D 80 26.01 -15.48 57.78
C VAL D 80 26.43 -16.51 56.75
N PHE D 81 27.72 -16.56 56.46
CA PHE D 81 28.29 -17.58 55.60
C PHE D 81 29.69 -17.92 56.08
N GLY D 82 29.92 -19.21 56.32
CA GLY D 82 31.23 -19.71 56.69
C GLY D 82 31.97 -20.26 55.49
N GLY D 83 33.29 -20.32 55.63
CA GLY D 83 34.14 -20.77 54.54
C GLY D 83 34.42 -19.72 53.49
N VAL D 84 33.89 -18.50 53.65
CA VAL D 84 34.13 -17.46 52.67
C VAL D 84 35.62 -17.13 52.63
N TYR D 85 36.07 -16.62 51.48
CA TYR D 85 37.46 -16.19 51.30
C TYR D 85 37.45 -14.85 50.60
N PRO D 86 37.31 -13.75 51.34
CA PRO D 86 37.19 -12.46 50.68
C PRO D 86 38.48 -12.08 49.95
N PHE D 87 38.31 -11.49 48.77
CA PHE D 87 39.44 -11.03 47.98
C PHE D 87 39.11 -9.65 47.42
N MET D 88 40.15 -8.84 47.29
CA MET D 88 39.97 -7.46 46.86
C MET D 88 41.13 -7.09 45.94
N TRP D 89 41.09 -5.87 45.41
CA TRP D 89 42.19 -5.43 44.56
C TRP D 89 43.51 -5.57 45.30
N GLY D 90 43.52 -5.26 46.59
CA GLY D 90 44.73 -5.47 47.38
C GLY D 90 45.07 -6.92 47.62
N GLY D 91 44.18 -7.84 47.24
CA GLY D 91 44.44 -9.25 47.42
C GLY D 91 43.58 -9.87 48.49
N ALA D 92 44.16 -10.73 49.32
CA ALA D 92 43.44 -11.36 50.40
C ALA D 92 43.27 -10.40 51.56
N GLN D 93 42.04 -10.27 52.06
CA GLN D 93 41.76 -9.44 53.21
C GLN D 93 41.75 -10.20 54.52
N CYS D 94 41.40 -11.48 54.49
CA CYS D 94 41.51 -12.36 55.66
C CYS D 94 42.40 -13.54 55.29
N PHE D 95 43.01 -14.14 56.31
CA PHE D 95 43.97 -15.23 56.08
C PHE D 95 43.73 -16.33 57.12
N CYS D 96 42.85 -17.26 56.75
CA CYS D 96 42.65 -18.53 57.44
C CYS D 96 41.78 -19.39 56.55
N ASP D 97 42.21 -20.63 56.29
CA ASP D 97 41.58 -21.46 55.27
C ASP D 97 40.21 -21.91 55.75
N SER D 98 39.17 -21.18 55.34
CA SER D 98 37.76 -21.49 55.57
C SER D 98 37.29 -21.13 56.97
N GLU D 99 38.16 -20.66 57.86
CA GLU D 99 37.73 -20.29 59.21
C GLU D 99 37.02 -18.94 59.22
N ASN D 100 37.45 -18.01 58.37
CA ASN D 100 36.81 -16.71 58.29
C ASN D 100 35.35 -16.85 57.88
N THR D 101 34.53 -15.88 58.30
CA THR D 101 33.10 -15.92 58.00
C THR D 101 32.59 -14.52 57.77
N GLN D 102 31.66 -14.37 56.83
CA GLN D 102 31.14 -13.06 56.44
C GLN D 102 29.64 -13.01 56.66
N LEU D 103 29.19 -11.91 57.27
CA LEU D 103 27.79 -11.66 57.54
C LEU D 103 27.28 -10.57 56.59
N SER D 104 26.21 -10.87 55.86
CA SER D 104 25.63 -9.94 54.91
C SER D 104 24.21 -9.61 55.34
N GLU D 105 23.88 -8.32 55.38
CA GLU D 105 22.55 -7.84 55.71
C GLU D 105 22.09 -6.85 54.67
N ALA D 106 20.78 -6.87 54.38
CA ALA D 106 20.20 -5.97 53.41
C ALA D 106 18.84 -5.50 53.92
N TYR D 107 18.44 -4.31 53.46
CA TYR D 107 17.13 -3.76 53.79
C TYR D 107 16.72 -2.80 52.68
N VAL D 108 15.53 -2.22 52.83
CA VAL D 108 14.90 -1.42 51.79
C VAL D 108 14.50 -0.07 52.35
N GLU D 109 14.47 0.94 51.48
CA GLU D 109 14.08 2.29 51.86
C GLU D 109 13.52 3.00 50.65
N PHE D 110 12.58 3.92 50.88
CA PHE D 110 12.00 4.64 49.75
C PHE D 110 13.07 5.50 49.08
N ALA D 111 13.06 5.49 47.74
CA ALA D 111 14.03 6.24 46.98
C ALA D 111 13.80 7.74 47.17
N PRO D 112 14.85 8.56 47.05
CA PRO D 112 14.67 10.00 47.27
C PRO D 112 13.63 10.63 46.36
N ASP D 113 13.61 10.26 45.08
CA ASP D 113 12.66 10.86 44.16
C ASP D 113 11.23 10.62 44.58
N CYS D 114 10.98 9.61 45.42
CA CYS D 114 9.63 9.38 45.95
C CYS D 114 9.03 10.67 46.49
N THR D 115 9.86 11.59 46.97
CA THR D 115 9.34 12.82 47.54
C THR D 115 8.34 13.51 46.62
N ILE D 116 8.35 13.19 45.33
CA ILE D 116 7.39 13.74 44.39
C ILE D 116 6.55 12.67 43.71
N ASP D 117 6.97 11.41 43.72
CA ASP D 117 6.26 10.34 43.03
C ASP D 117 5.38 9.50 43.95
N HIS D 118 5.16 9.96 45.18
CA HIS D 118 4.43 9.16 46.15
C HIS D 118 2.99 8.91 45.70
N ALA D 119 2.45 7.76 46.09
CA ALA D 119 1.06 7.42 45.85
C ALA D 119 0.41 7.08 47.19
N VAL D 120 -0.68 7.78 47.51
CA VAL D 120 -1.34 7.65 48.80
C VAL D 120 -2.64 6.89 48.62
N ALA D 121 -2.89 5.92 49.50
CA ALA D 121 -4.11 5.13 49.48
C ALA D 121 -5.07 5.69 50.51
N LEU D 122 -6.29 6.03 50.07
CA LEU D 122 -7.26 6.68 50.93
C LEU D 122 -8.54 5.85 51.01
N LYS D 123 -9.23 6.01 52.13
CA LYS D 123 -10.54 5.41 52.37
C LYS D 123 -11.57 6.53 52.45
N VAL D 124 -12.66 6.38 51.71
CA VAL D 124 -13.67 7.42 51.57
C VAL D 124 -14.98 6.94 52.17
N HIS D 125 -15.78 7.88 52.65
CA HIS D 125 -17.09 7.57 53.20
C HIS D 125 -17.84 8.88 53.45
N THR D 126 -19.15 8.76 53.63
CA THR D 126 -20.02 9.87 53.99
C THR D 126 -19.84 11.05 53.03
N ALA D 127 -20.21 10.80 51.78
CA ALA D 127 -20.17 11.85 50.77
C ALA D 127 -21.15 12.97 51.13
N ALA D 128 -20.69 14.21 51.03
CA ALA D 128 -21.49 15.38 51.31
C ALA D 128 -21.50 16.30 50.10
N LEU D 129 -22.67 16.90 49.83
CA LEU D 129 -22.88 17.68 48.62
C LEU D 129 -23.08 19.15 48.98
N LYS D 130 -22.43 20.03 48.23
CA LYS D 130 -22.52 21.48 48.40
C LYS D 130 -23.02 22.08 47.10
N VAL D 131 -24.00 22.98 47.18
CA VAL D 131 -24.63 23.57 46.01
C VAL D 131 -24.52 25.10 46.11
N GLY D 132 -24.10 25.72 45.01
CA GLY D 132 -24.11 27.17 44.90
C GLY D 132 -25.30 27.60 44.04
N LEU D 133 -26.10 28.50 44.58
CA LEU D 133 -27.33 28.94 43.96
C LEU D 133 -27.30 30.43 43.67
N ARG D 134 -27.92 30.81 42.55
CA ARG D 134 -28.20 32.19 42.22
C ARG D 134 -29.70 32.34 42.04
N ILE D 135 -30.28 33.31 42.75
CA ILE D 135 -31.73 33.53 42.77
C ILE D 135 -32.01 34.94 42.29
N VAL D 136 -32.90 35.05 41.30
CA VAL D 136 -33.28 36.32 40.72
C VAL D 136 -34.77 36.54 40.97
N TYR D 137 -35.10 37.70 41.53
CA TYR D 137 -36.50 38.09 41.73
C TYR D 137 -36.60 39.60 41.60
N GLY D 138 -37.59 40.06 40.84
CA GLY D 138 -37.79 41.49 40.67
C GLY D 138 -36.56 42.18 40.12
N ASN D 139 -35.99 41.59 39.06
CA ASN D 139 -34.72 42.03 38.49
C ASN D 139 -33.71 42.38 39.58
N THR D 140 -33.66 41.55 40.63
CA THR D 140 -32.66 41.67 41.68
C THR D 140 -32.04 40.30 41.90
N THR D 141 -30.70 40.26 41.89
CA THR D 141 -29.95 39.02 41.94
C THR D 141 -29.30 38.84 43.31
N ALA D 142 -29.33 37.60 43.80
CA ALA D 142 -28.67 37.25 45.05
C ALA D 142 -27.96 35.91 44.88
N ARG D 143 -26.90 35.71 45.65
CA ARG D 143 -26.07 34.52 45.58
C ARG D 143 -26.02 33.84 46.94
N LEU D 144 -25.85 32.53 46.92
CA LEU D 144 -25.63 31.79 48.17
C LEU D 144 -24.96 30.47 47.85
N ASP D 145 -24.37 29.87 48.88
CA ASP D 145 -23.76 28.55 48.77
C ASP D 145 -24.10 27.78 50.05
N THR D 146 -24.73 26.62 49.90
CA THR D 146 -25.27 25.90 51.03
C THR D 146 -25.01 24.40 50.91
N PHE D 147 -24.90 23.76 52.07
CA PHE D 147 -24.85 22.30 52.10
C PHE D 147 -26.22 21.73 51.74
N VAL D 148 -26.22 20.56 51.10
CA VAL D 148 -27.47 19.96 50.66
C VAL D 148 -28.35 19.58 51.84
N ASN D 149 -27.77 19.36 53.02
CA ASN D 149 -28.57 19.03 54.19
C ASN D 149 -29.62 20.10 54.44
N GLY D 150 -30.84 19.67 54.74
CA GLY D 150 -31.94 20.59 54.92
C GLY D 150 -32.07 21.12 56.34
N VAL D 151 -30.95 21.26 57.05
CA VAL D 151 -30.96 21.74 58.42
C VAL D 151 -29.94 22.84 58.66
N THR D 152 -29.15 23.24 57.65
CA THR D 152 -28.13 24.26 57.78
C THR D 152 -28.37 25.34 56.74
N PRO D 153 -29.24 26.30 57.02
CA PRO D 153 -29.47 27.38 56.05
C PRO D 153 -28.21 28.19 55.79
N GLY D 154 -28.09 28.66 54.56
CA GLY D 154 -26.95 29.49 54.18
C GLY D 154 -27.12 30.93 54.62
N SER D 155 -26.01 31.67 54.49
CA SER D 155 -25.96 33.07 54.88
C SER D 155 -25.69 33.93 53.66
N SER D 156 -26.63 34.80 53.31
CA SER D 156 -26.46 35.73 52.20
C SER D 156 -27.43 36.88 52.42
N ARG D 157 -26.90 38.06 52.71
CA ARG D 157 -27.73 39.20 53.08
C ARG D 157 -28.53 38.91 54.35
N ASP D 158 -27.99 38.07 55.22
CA ASP D 158 -28.70 37.61 56.41
C ASP D 158 -30.00 36.90 56.04
N LEU D 159 -30.00 36.20 54.91
CA LEU D 159 -31.17 35.48 54.42
C LEU D 159 -30.94 33.98 54.59
N LYS D 160 -31.94 33.30 55.13
CA LYS D 160 -31.86 31.86 55.38
C LYS D 160 -32.59 31.11 54.28
N VAL D 161 -31.89 30.24 53.59
CA VAL D 161 -32.45 29.41 52.53
C VAL D 161 -32.03 27.97 52.78
N ILE D 162 -32.98 27.06 52.62
CA ILE D 162 -32.78 25.65 52.94
C ILE D 162 -32.97 24.83 51.67
N ALA D 163 -32.14 23.80 51.52
CA ALA D 163 -32.15 22.96 50.33
C ALA D 163 -32.05 21.50 50.74
N GLY D 164 -32.38 20.62 49.79
CA GLY D 164 -32.23 19.19 49.98
C GLY D 164 -33.25 18.63 50.93
N PRO D 165 -33.04 17.38 51.37
CA PRO D 165 -31.91 16.50 51.06
C PRO D 165 -32.03 15.85 49.68
N ILE D 166 -30.95 15.21 49.21
CA ILE D 166 -30.95 14.60 47.90
C ILE D 166 -32.03 13.52 47.81
N SER D 167 -32.66 13.43 46.63
CA SER D 167 -33.65 12.38 46.41
C SER D 167 -33.00 11.01 46.36
N ALA D 168 -31.93 10.87 45.58
CA ALA D 168 -31.22 9.60 45.44
C ALA D 168 -29.73 9.87 45.53
N ALA D 169 -29.07 9.28 46.53
CA ALA D 169 -27.65 9.52 46.75
C ALA D 169 -26.82 8.93 45.62
N PHE D 170 -25.81 9.67 45.18
CA PHE D 170 -24.90 9.22 44.14
C PHE D 170 -23.48 9.63 44.52
N SER D 171 -22.53 8.72 44.32
CA SER D 171 -21.13 8.99 44.63
C SER D 171 -20.23 8.14 43.75
N PRO D 172 -19.52 8.73 42.78
CA PRO D 172 -18.62 7.92 41.96
C PRO D 172 -17.50 7.28 42.73
N PHE D 173 -17.18 7.78 43.92
CA PHE D 173 -16.07 7.27 44.71
C PHE D 173 -16.42 5.89 45.28
N ASP D 174 -15.42 5.02 45.33
CA ASP D 174 -15.54 3.71 45.95
C ASP D 174 -14.78 3.70 47.27
N HIS D 175 -15.11 2.71 48.11
CA HIS D 175 -14.60 2.72 49.49
C HIS D 175 -13.09 2.89 49.54
N LYS D 176 -12.37 2.26 48.62
CA LYS D 176 -10.91 2.35 48.56
C LYS D 176 -10.52 3.09 47.29
N VAL D 177 -9.69 4.12 47.44
CA VAL D 177 -9.25 4.94 46.31
C VAL D 177 -7.75 5.14 46.42
N VAL D 178 -7.13 5.46 45.29
CA VAL D 178 -5.68 5.67 45.21
C VAL D 178 -5.43 7.01 44.54
N ILE D 179 -4.47 7.77 45.05
CA ILE D 179 -4.11 9.07 44.49
C ILE D 179 -2.64 9.08 44.18
N ARG D 180 -2.27 9.64 43.03
CA ARG D 180 -0.87 9.80 42.68
C ARG D 180 -0.73 10.86 41.59
N LYS D 181 0.09 11.87 41.86
CA LYS D 181 0.44 12.88 40.87
C LYS D 181 -0.81 13.48 40.22
N GLY D 182 -1.81 13.77 41.03
CA GLY D 182 -3.02 14.41 40.56
C GLY D 182 -4.04 13.50 39.94
N LEU D 183 -3.77 12.20 39.86
CA LEU D 183 -4.71 11.24 39.26
C LEU D 183 -5.31 10.37 40.35
N VAL D 184 -6.60 10.07 40.21
CA VAL D 184 -7.33 9.22 41.15
C VAL D 184 -7.70 7.93 40.44
N TYR D 185 -7.51 6.81 41.15
CA TYR D 185 -7.79 5.49 40.63
C TYR D 185 -8.70 4.75 41.61
N ASN D 186 -9.54 3.87 41.07
CA ASN D 186 -10.31 2.95 41.88
C ASN D 186 -9.54 1.64 42.01
N TYR D 187 -9.35 1.19 43.24
CA TYR D 187 -8.51 0.03 43.49
C TYR D 187 -8.67 -0.40 44.93
N ASP D 188 -8.56 -1.71 45.17
CA ASP D 188 -8.64 -2.27 46.52
C ASP D 188 -7.22 -2.47 47.04
N PHE D 189 -6.63 -1.36 47.50
CA PHE D 189 -5.29 -1.42 48.03
C PHE D 189 -5.24 -2.30 49.28
N PRO D 190 -4.20 -3.09 49.49
CA PRO D 190 -4.12 -3.91 50.70
C PRO D 190 -4.11 -3.05 51.95
N GLU D 191 -4.71 -3.58 53.01
CA GLU D 191 -4.77 -2.85 54.27
C GLU D 191 -3.38 -2.65 54.85
N TYR D 192 -3.19 -1.56 55.58
CA TYR D 192 -1.91 -1.31 56.23
C TYR D 192 -1.57 -2.46 57.15
N GLY D 193 -0.30 -2.85 57.15
CA GLY D 193 0.16 -3.98 57.92
C GLY D 193 0.10 -5.30 57.19
N ALA D 194 -0.51 -5.35 56.01
CA ALA D 194 -0.54 -6.53 55.17
C ALA D 194 0.25 -6.23 53.90
N MET D 195 1.24 -7.05 53.59
CA MET D 195 2.09 -6.87 52.43
C MET D 195 2.06 -8.13 51.57
N ASN D 196 2.25 -7.94 50.27
CA ASN D 196 2.33 -9.04 49.32
C ASN D 196 3.34 -8.69 48.23
N PRO D 197 4.47 -9.38 48.15
CA PRO D 197 5.51 -8.96 47.19
C PRO D 197 5.00 -8.96 45.77
N GLY D 198 5.55 -8.05 44.96
CA GLY D 198 5.19 -7.95 43.57
C GLY D 198 3.78 -7.45 43.32
N ALA D 199 3.32 -6.50 44.13
CA ALA D 199 1.99 -5.93 43.96
C ALA D 199 1.98 -4.56 44.63
N PHE D 200 0.95 -3.78 44.30
CA PHE D 200 0.85 -2.43 44.84
C PHE D 200 0.94 -2.47 46.37
N GLY D 201 1.49 -1.40 46.93
CA GLY D 201 1.60 -1.32 48.37
C GLY D 201 2.51 -2.37 48.98
N ASP D 202 3.66 -2.61 48.35
CA ASP D 202 4.67 -3.49 48.94
C ASP D 202 5.58 -2.76 49.92
N ILE D 203 5.72 -1.43 49.79
CA ILE D 203 6.31 -0.59 50.82
C ILE D 203 5.21 0.32 51.34
N GLN D 204 5.02 0.32 52.66
CA GLN D 204 3.98 1.12 53.29
C GLN D 204 4.58 1.94 54.42
N ALA D 205 4.15 3.19 54.52
CA ALA D 205 4.62 4.09 55.55
C ALA D 205 3.48 5.00 55.99
N SER D 206 3.42 5.29 57.29
CA SER D 206 2.37 6.17 57.79
C SER D 206 2.50 7.56 57.18
N SER D 207 3.72 8.08 57.09
CA SER D 207 3.98 9.37 56.48
C SER D 207 5.18 9.23 55.55
N LEU D 208 5.30 10.20 54.63
CA LEU D 208 6.36 10.13 53.63
C LEU D 208 7.74 10.10 54.29
N ASP D 209 7.92 10.85 55.37
CA ASP D 209 9.19 10.93 56.09
C ASP D 209 9.11 10.26 57.45
N ALA D 210 8.39 9.13 57.52
CA ALA D 210 8.27 8.38 58.76
C ALA D 210 9.49 7.49 58.93
N THR D 211 10.21 7.66 60.03
CA THR D 211 11.40 6.83 60.27
C THR D 211 11.02 5.37 60.46
N ASP D 212 9.80 5.10 60.91
CA ASP D 212 9.33 3.73 61.12
C ASP D 212 8.63 3.25 59.86
N ILE D 213 9.09 2.12 59.33
CA ILE D 213 8.54 1.53 58.11
C ILE D 213 8.27 0.06 58.36
N VAL D 214 7.27 -0.47 57.68
CA VAL D 214 6.96 -1.90 57.70
C VAL D 214 6.72 -2.35 56.27
N ALA D 215 7.49 -3.34 55.83
CA ALA D 215 7.36 -3.82 54.47
C ALA D 215 8.18 -5.09 54.29
N ARG D 216 7.64 -6.04 53.52
CA ARG D 216 8.33 -7.26 53.15
C ARG D 216 8.22 -7.43 51.65
N THR D 217 9.36 -7.67 50.99
CA THR D 217 9.41 -7.75 49.54
C THR D 217 10.25 -8.93 49.06
N ASP D 218 10.35 -9.98 49.88
CA ASP D 218 10.94 -11.25 49.47
C ASP D 218 12.38 -11.05 48.98
N ILE D 219 13.24 -10.66 49.93
CA ILE D 219 14.67 -10.57 49.71
C ILE D 219 15.31 -11.81 50.31
N ARG D 220 16.01 -12.58 49.46
CA ARG D 220 16.74 -13.76 49.91
C ARG D 220 18.19 -13.64 49.47
N LEU D 221 19.10 -13.71 50.43
CA LEU D 221 20.52 -13.63 50.14
C LEU D 221 21.00 -14.93 49.50
N LEU D 222 22.17 -14.85 48.86
CA LEU D 222 22.77 -15.99 48.18
C LEU D 222 24.21 -16.17 48.66
N LYS D 223 24.66 -17.41 48.65
CA LYS D 223 26.03 -17.71 49.05
C LYS D 223 26.99 -17.12 48.03
N PRO D 224 28.05 -16.43 48.45
CA PRO D 224 29.00 -15.89 47.47
C PRO D 224 29.73 -17.01 46.74
N SER D 225 29.98 -16.78 45.46
CA SER D 225 30.62 -17.79 44.61
C SER D 225 31.64 -17.16 43.68
N VAL D 226 32.25 -16.06 44.11
CA VAL D 226 33.25 -15.34 43.30
C VAL D 226 34.47 -15.10 44.16
N LYS D 227 35.62 -14.97 43.49
CA LYS D 227 36.88 -14.83 44.21
C LYS D 227 36.85 -13.61 45.12
N ASN D 228 36.49 -12.45 44.58
CA ASN D 228 36.54 -11.21 45.35
C ASN D 228 35.32 -11.10 46.26
N ILE D 229 35.23 -10.01 47.01
CA ILE D 229 34.14 -9.80 47.96
C ILE D 229 32.94 -9.24 47.22
N HIS D 230 31.78 -9.86 47.44
CA HIS D 230 30.56 -9.44 46.75
C HIS D 230 29.37 -10.14 47.40
N VAL D 231 28.31 -9.38 47.66
CA VAL D 231 27.11 -9.88 48.31
C VAL D 231 26.01 -9.99 47.26
N PRO D 232 25.63 -11.19 46.83
CA PRO D 232 24.57 -11.31 45.82
C PRO D 232 23.19 -11.35 46.43
N TYR D 233 22.31 -10.46 46.00
CA TYR D 233 20.93 -10.40 46.48
C TYR D 233 19.98 -10.68 45.33
N THR D 234 18.83 -11.27 45.65
CA THR D 234 17.78 -11.53 44.69
C THR D 234 16.44 -11.18 45.33
N GLN D 235 15.63 -10.42 44.61
CA GLN D 235 14.35 -9.95 45.14
C GLN D 235 13.35 -9.82 44.00
N ALA D 236 12.07 -9.82 44.37
CA ALA D 236 11.01 -9.66 43.39
C ALA D 236 10.97 -8.25 42.85
N VAL D 237 10.33 -8.09 41.69
CA VAL D 237 10.21 -6.77 41.08
C VAL D 237 9.35 -5.89 41.97
N SER D 238 9.68 -4.61 42.01
CA SER D 238 8.91 -3.66 42.81
C SER D 238 7.46 -3.66 42.38
N GLY D 239 6.55 -3.68 43.35
CA GLY D 239 5.14 -3.75 43.04
C GLY D 239 4.58 -2.45 42.50
N TYR D 240 5.13 -1.32 42.93
CA TYR D 240 4.59 -0.02 42.50
C TYR D 240 4.67 0.12 40.99
N GLU D 241 5.81 -0.23 40.40
CA GLU D 241 5.95 -0.15 38.95
C GLU D 241 4.97 -1.09 38.25
N MET D 242 4.79 -2.30 38.80
CA MET D 242 3.87 -3.25 38.18
C MET D 242 2.45 -2.70 38.19
N TRP D 243 2.03 -2.08 39.30
CA TRP D 243 0.72 -1.43 39.30
C TRP D 243 0.68 -0.30 38.28
N LYS D 244 1.74 0.50 38.20
CA LYS D 244 1.77 1.62 37.27
C LYS D 244 1.56 1.15 35.84
N ASN D 245 2.18 0.03 35.47
CA ASN D 245 2.09 -0.45 34.10
C ASN D 245 0.65 -0.78 33.72
N ASN D 246 -0.08 -1.45 34.61
CA ASN D 246 -1.42 -1.95 34.32
C ASN D 246 -2.49 -1.31 35.22
N SER D 247 -2.20 -0.14 35.79
CA SER D 247 -3.14 0.49 36.71
C SER D 247 -4.50 0.75 36.06
N GLY D 248 -4.56 0.83 34.73
CA GLY D 248 -5.81 1.09 34.07
C GLY D 248 -6.13 2.57 33.97
N ARG D 249 -7.30 2.86 33.43
CA ARG D 249 -7.69 4.24 33.20
C ARG D 249 -8.02 4.91 34.52
N PRO D 250 -7.76 6.22 34.66
CA PRO D 250 -8.12 6.91 35.90
C PRO D 250 -9.62 7.12 36.00
N LEU D 251 -10.07 7.80 37.06
CA LEU D 251 -11.50 8.00 37.25
C LEU D 251 -12.07 9.13 36.39
N GLN D 252 -11.21 9.98 35.82
CA GLN D 252 -11.72 11.06 34.98
C GLN D 252 -12.42 10.53 33.73
N GLU D 253 -12.10 9.30 33.31
CA GLU D 253 -12.69 8.70 32.12
C GLU D 253 -13.68 7.60 32.46
N THR D 254 -14.12 7.53 33.73
CA THR D 254 -15.11 6.55 34.14
C THR D 254 -16.23 7.13 34.98
N ALA D 255 -16.05 8.31 35.58
CA ALA D 255 -17.07 8.87 36.45
C ALA D 255 -18.36 9.09 35.66
N PRO D 256 -19.50 8.58 36.13
CA PRO D 256 -20.76 8.88 35.46
C PRO D 256 -21.19 10.32 35.72
N PHE D 257 -21.98 10.86 34.79
CA PHE D 257 -22.56 12.19 34.90
C PHE D 257 -21.51 13.29 34.80
N GLY D 258 -20.34 12.99 34.25
CA GLY D 258 -19.35 14.00 33.96
C GLY D 258 -18.86 14.78 35.16
N CYS D 259 -18.62 14.09 36.26
CA CYS D 259 -18.01 14.74 37.43
C CYS D 259 -16.56 15.09 37.11
N LYS D 260 -16.20 16.35 37.31
CA LYS D 260 -14.81 16.76 37.19
C LYS D 260 -14.18 16.70 38.57
N ILE D 261 -13.15 15.88 38.73
CA ILE D 261 -12.62 15.51 40.03
C ILE D 261 -11.31 16.24 40.27
N GLU D 262 -11.21 16.90 41.43
CA GLU D 262 -9.99 17.61 41.83
C GLU D 262 -9.40 16.89 43.03
N VAL D 263 -8.07 16.84 43.08
CA VAL D 263 -7.39 15.93 44.02
C VAL D 263 -7.25 16.58 45.39
N GLU D 264 -6.84 17.83 45.45
CA GLU D 264 -6.38 18.40 46.72
C GLU D 264 -7.39 18.38 47.86
N PRO D 265 -8.64 18.82 47.71
CA PRO D 265 -9.73 18.25 48.53
C PRO D 265 -10.22 16.85 48.15
N LEU D 266 -9.89 16.34 46.96
CA LEU D 266 -10.42 15.06 46.51
C LEU D 266 -11.95 15.11 46.41
N ARG D 267 -12.45 16.08 45.65
CA ARG D 267 -13.89 16.31 45.52
C ARG D 267 -14.29 16.31 44.06
N ALA D 268 -15.50 15.82 43.79
CA ALA D 268 -16.10 15.94 42.47
C ALA D 268 -16.83 17.28 42.36
N THR D 269 -16.96 17.77 41.12
CA THR D 269 -17.59 19.05 40.88
C THR D 269 -18.32 19.02 39.55
N ASN D 270 -19.38 19.81 39.47
CA ASN D 270 -20.06 20.13 38.22
C ASN D 270 -20.56 18.87 37.51
N CYS D 271 -21.31 18.05 38.24
CA CYS D 271 -22.03 16.93 37.65
C CYS D 271 -23.45 16.87 38.19
N ALA D 272 -24.33 16.25 37.42
CA ALA D 272 -25.77 16.34 37.61
C ALA D 272 -26.37 14.97 37.89
N TYR D 273 -27.14 14.89 38.98
CA TYR D 273 -28.00 13.75 39.23
C TYR D 273 -28.93 14.09 40.40
N GLY D 274 -30.22 13.78 40.25
CA GLY D 274 -31.16 13.94 41.33
C GLY D 274 -31.92 15.24 41.29
N HIS D 275 -32.85 15.37 42.23
CA HIS D 275 -33.69 16.54 42.35
C HIS D 275 -33.50 17.17 43.73
N ILE D 276 -33.43 18.48 43.77
CA ILE D 276 -33.19 19.25 44.98
C ILE D 276 -34.51 19.90 45.39
N PRO D 277 -35.08 19.56 46.55
CA PRO D 277 -36.18 20.38 47.08
C PRO D 277 -35.65 21.56 47.87
N ILE D 278 -36.11 22.77 47.54
CA ILE D 278 -35.58 23.99 48.13
C ILE D 278 -36.74 24.89 48.54
N SER D 279 -36.63 25.47 49.72
CA SER D 279 -37.59 26.43 50.25
C SER D 279 -36.93 27.79 50.29
N ILE D 280 -37.50 28.77 49.58
CA ILE D 280 -36.94 30.10 49.45
C ILE D 280 -37.84 31.08 50.19
N ASP D 281 -37.25 31.92 51.02
CA ASP D 281 -37.96 32.95 51.76
C ASP D 281 -37.64 34.31 51.18
N ILE D 282 -38.68 35.03 50.75
CA ILE D 282 -38.54 36.32 50.09
C ILE D 282 -38.97 37.40 51.07
N PRO D 283 -38.26 38.52 51.17
CA PRO D 283 -38.77 39.64 51.97
C PRO D 283 -40.05 40.20 51.39
N ASP D 284 -40.95 40.66 52.26
CA ASP D 284 -42.23 41.19 51.81
C ASP D 284 -42.04 42.44 50.96
N ALA D 285 -41.09 43.30 51.35
CA ALA D 285 -40.89 44.55 50.61
C ALA D 285 -40.59 44.30 49.15
N ALA D 286 -39.99 43.14 48.82
CA ALA D 286 -39.72 42.83 47.42
C ALA D 286 -41.00 42.76 46.60
N PHE D 287 -42.11 42.37 47.22
CA PHE D 287 -43.37 42.29 46.50
C PHE D 287 -43.88 43.68 46.17
N VAL D 288 -44.67 43.76 45.10
CA VAL D 288 -45.28 44.99 44.63
C VAL D 288 -46.78 44.81 44.61
N ARG D 289 -47.50 45.78 45.18
CA ARG D 289 -48.95 45.68 45.27
C ARG D 289 -49.58 45.67 43.89
N SER D 290 -50.66 44.91 43.74
CA SER D 290 -51.35 44.79 42.46
C SER D 290 -51.97 46.11 42.01
N SER D 291 -52.14 47.07 42.93
CA SER D 291 -52.75 48.33 42.55
C SER D 291 -51.92 49.06 41.50
N GLU D 292 -50.60 49.08 41.67
CA GLU D 292 -49.70 49.70 40.72
C GLU D 292 -49.29 48.78 39.58
N SER D 293 -49.62 47.49 39.66
CA SER D 293 -49.28 46.58 38.58
C SER D 293 -50.09 46.93 37.33
N PRO D 294 -49.50 46.82 36.14
CA PRO D 294 -50.26 47.11 34.92
C PRO D 294 -51.46 46.19 34.79
N THR D 295 -52.55 46.75 34.27
CA THR D 295 -53.79 46.01 34.07
C THR D 295 -53.91 45.64 32.60
N ILE D 296 -54.08 44.35 32.32
CA ILE D 296 -54.15 43.85 30.95
C ILE D 296 -55.56 43.34 30.68
N LEU D 297 -55.95 43.39 29.41
CA LEU D 297 -57.30 43.01 29.00
C LEU D 297 -57.23 42.39 27.61
N GLU D 298 -58.06 41.37 27.39
CA GLU D 298 -58.23 40.75 26.07
C GLU D 298 -56.91 40.22 25.53
N VAL D 299 -56.39 39.21 26.22
CA VAL D 299 -55.13 38.57 25.85
C VAL D 299 -55.42 37.35 24.98
N SER D 300 -54.49 37.05 24.05
CA SER D 300 -54.63 35.88 23.20
C SER D 300 -53.27 35.49 22.65
N CYS D 301 -53.16 34.24 22.21
CA CYS D 301 -51.93 33.71 21.62
C CYS D 301 -51.98 33.74 20.09
N THR D 302 -50.82 33.45 19.52
CA THR D 302 -50.70 33.08 18.10
C THR D 302 -49.35 32.40 17.94
N VAL D 303 -49.38 31.12 17.57
CA VAL D 303 -48.16 30.33 17.42
C VAL D 303 -47.68 30.49 15.97
N ALA D 304 -46.75 31.43 15.76
CA ALA D 304 -46.26 31.67 14.41
C ALA D 304 -45.60 30.42 13.84
N ASP D 305 -44.77 29.75 14.64
CA ASP D 305 -44.17 28.48 14.23
C ASP D 305 -43.45 27.90 15.45
N CYS D 306 -43.51 26.58 15.57
CA CYS D 306 -42.87 25.85 16.65
C CYS D 306 -42.12 24.66 16.09
N ILE D 307 -40.90 24.44 16.60
CA ILE D 307 -40.07 23.32 16.18
C ILE D 307 -39.77 22.48 17.43
N TYR D 308 -40.00 21.18 17.33
CA TYR D 308 -39.77 20.26 18.44
C TYR D 308 -38.28 19.94 18.54
N SER D 309 -37.51 20.99 18.80
CA SER D 309 -36.05 20.91 18.81
C SER D 309 -35.52 20.78 20.23
N ALA D 310 -34.35 20.15 20.35
CA ALA D 310 -33.68 20.07 21.64
C ALA D 310 -33.36 21.45 22.18
N ASP D 311 -32.80 22.31 21.33
CA ASP D 311 -32.50 23.67 21.73
C ASP D 311 -33.79 24.48 21.86
N PHE D 312 -33.65 25.71 22.33
CA PHE D 312 -34.80 26.59 22.54
C PHE D 312 -35.10 27.29 21.22
N GLY D 313 -35.95 26.66 20.41
CA GLY D 313 -36.23 27.15 19.07
C GLY D 313 -37.70 27.38 18.79
N GLY D 314 -38.55 27.27 19.80
CA GLY D 314 -39.96 27.53 19.61
C GLY D 314 -40.28 29.01 19.77
N SER D 315 -41.25 29.46 18.97
CA SER D 315 -41.65 30.87 18.95
C SER D 315 -43.14 30.99 19.25
N LEU D 316 -43.53 32.15 19.77
CA LEU D 316 -44.92 32.41 20.13
C LEU D 316 -45.14 33.91 20.06
N THR D 317 -46.42 34.31 19.98
CA THR D 317 -46.78 35.72 20.02
C THR D 317 -48.00 35.88 20.90
N LEU D 318 -48.05 37.00 21.63
CA LEU D 318 -49.19 37.31 22.48
C LEU D 318 -49.71 38.71 22.13
N GLN D 319 -51.03 38.83 22.08
CA GLN D 319 -51.69 40.11 21.84
C GLN D 319 -52.48 40.48 23.08
N TYR D 320 -52.29 41.70 23.56
CA TYR D 320 -52.90 42.17 24.79
C TYR D 320 -53.47 43.56 24.60
N LYS D 321 -54.40 43.91 25.48
CA LYS D 321 -54.93 45.27 25.56
C LYS D 321 -54.86 45.70 27.02
N ALA D 322 -54.20 46.83 27.27
CA ALA D 322 -53.96 47.31 28.63
C ALA D 322 -54.31 48.79 28.71
N ASN D 323 -54.08 49.38 29.88
CA ASN D 323 -54.38 50.78 30.13
C ASN D 323 -53.24 51.56 30.77
N ARG D 324 -52.30 50.90 31.44
CA ARG D 324 -51.21 51.56 32.13
C ARG D 324 -49.87 51.09 31.59
N GLU D 325 -48.89 51.98 31.62
CA GLU D 325 -47.54 51.66 31.16
C GLU D 325 -46.73 51.07 32.30
N GLY D 326 -45.98 50.02 31.99
CA GLY D 326 -45.16 49.38 32.99
C GLY D 326 -44.62 48.05 32.49
N HIS D 327 -44.17 47.24 33.44
CA HIS D 327 -43.63 45.91 33.15
C HIS D 327 -44.47 44.87 33.86
N CYS D 328 -44.79 43.78 33.16
CA CYS D 328 -45.57 42.70 33.72
C CYS D 328 -44.84 41.38 33.54
N PRO D 329 -45.01 40.44 34.47
CA PRO D 329 -44.34 39.13 34.35
C PRO D 329 -45.14 38.13 33.54
N VAL D 330 -44.40 37.24 32.87
CA VAL D 330 -44.97 36.20 32.03
C VAL D 330 -44.39 34.87 32.46
N HIS D 331 -45.09 33.79 32.10
CA HIS D 331 -44.65 32.46 32.51
C HIS D 331 -45.54 31.42 31.83
N SER D 332 -45.02 30.21 31.72
CA SER D 332 -45.80 29.06 31.26
C SER D 332 -45.99 28.11 32.44
N HIS D 333 -47.25 27.84 32.79
CA HIS D 333 -47.55 26.99 33.93
C HIS D 333 -47.51 25.51 33.60
N SER D 334 -47.40 25.15 32.32
CA SER D 334 -47.26 23.74 31.93
C SER D 334 -45.78 23.38 31.95
N THR D 335 -45.43 22.35 32.72
CA THR D 335 -44.03 22.00 32.89
C THR D 335 -43.38 21.59 31.57
N THR D 336 -44.16 21.04 30.63
CA THR D 336 -43.58 20.55 29.40
C THR D 336 -42.89 21.64 28.58
N ALA D 337 -43.22 22.90 28.82
CA ALA D 337 -42.65 24.01 28.07
C ALA D 337 -42.13 25.07 29.03
N VAL D 338 -41.04 25.71 28.65
CA VAL D 338 -40.41 26.77 29.44
C VAL D 338 -40.14 27.96 28.53
N LEU D 339 -40.50 29.16 28.99
CA LEU D 339 -40.29 30.38 28.23
C LEU D 339 -38.83 30.78 28.33
N LYS D 340 -38.49 31.96 27.79
CA LYS D 340 -37.13 32.49 27.81
C LYS D 340 -37.00 33.73 28.67
N GLU D 341 -37.94 34.66 28.56
CA GLU D 341 -37.94 35.88 29.36
C GLU D 341 -39.04 35.81 30.42
N ALA D 342 -38.87 36.58 31.48
CA ALA D 342 -39.78 36.58 32.61
C ALA D 342 -40.71 37.78 32.62
N THR D 343 -40.21 38.96 32.28
CA THR D 343 -40.98 40.19 32.33
C THR D 343 -40.89 40.90 30.98
N THR D 344 -41.93 41.68 30.67
CA THR D 344 -41.97 42.43 29.43
C THR D 344 -42.74 43.73 29.63
N HIS D 345 -42.37 44.72 28.83
CA HIS D 345 -43.07 45.99 28.81
C HIS D 345 -44.48 45.82 28.26
N VAL D 346 -45.41 46.61 28.77
CA VAL D 346 -46.82 46.54 28.39
C VAL D 346 -47.27 47.91 27.91
N THR D 347 -47.96 47.93 26.77
CA THR D 347 -48.53 49.14 26.19
C THR D 347 -50.05 49.03 26.17
N ALA D 348 -50.70 50.06 25.65
CA ALA D 348 -52.15 50.09 25.64
C ALA D 348 -52.73 48.94 24.84
N THR D 349 -52.18 48.68 23.65
CA THR D 349 -52.68 47.64 22.76
C THR D 349 -51.55 46.87 22.10
N GLY D 350 -50.40 46.77 22.77
CA GLY D 350 -49.24 46.16 22.15
C GLY D 350 -49.34 44.65 22.09
N SER D 351 -48.54 44.09 21.18
CA SER D 351 -48.37 42.64 21.04
C SER D 351 -46.88 42.35 21.05
N ILE D 352 -46.50 41.24 21.68
CA ILE D 352 -45.10 40.93 21.91
C ILE D 352 -44.84 39.46 21.57
N THR D 353 -43.69 39.20 20.96
CA THR D 353 -43.27 37.84 20.65
C THR D 353 -42.38 37.30 21.77
N LEU D 354 -42.47 35.99 21.99
CA LEU D 354 -41.72 35.30 23.02
C LEU D 354 -41.07 34.06 22.43
N HIS D 355 -39.98 33.64 23.07
CA HIS D 355 -39.27 32.42 22.69
C HIS D 355 -39.39 31.40 23.81
N PHE D 356 -39.62 30.13 23.43
CA PHE D 356 -39.86 29.08 24.39
C PHE D 356 -39.38 27.75 23.84
N SER D 357 -39.17 26.81 24.75
CA SER D 357 -38.74 25.46 24.40
C SER D 357 -39.73 24.46 24.98
N THR D 358 -39.89 23.33 24.29
CA THR D 358 -40.82 22.30 24.71
C THR D 358 -40.20 20.94 24.47
N SER D 359 -40.69 19.95 25.22
CA SER D 359 -40.23 18.57 25.11
C SER D 359 -41.26 17.67 24.45
N SER D 360 -42.32 18.23 23.86
CA SER D 360 -43.36 17.47 23.21
C SER D 360 -43.69 18.10 21.85
N PRO D 361 -44.18 17.31 20.90
CA PRO D 361 -44.54 17.88 19.59
C PRO D 361 -45.83 18.68 19.65
N GLN D 362 -46.81 18.19 20.41
CA GLN D 362 -48.09 18.86 20.59
C GLN D 362 -47.88 19.94 21.65
N ALA D 363 -47.58 21.16 21.21
CA ALA D 363 -47.27 22.25 22.13
C ALA D 363 -48.58 22.95 22.48
N ASN D 364 -49.28 22.40 23.47
CA ASN D 364 -50.54 22.97 23.95
C ASN D 364 -50.44 23.18 25.45
N PHE D 365 -50.73 24.39 25.91
CA PHE D 365 -50.55 24.68 27.33
C PHE D 365 -51.21 26.01 27.66
N ILE D 366 -51.09 26.37 28.94
CA ILE D 366 -51.65 27.59 29.51
C ILE D 366 -50.49 28.52 29.83
N VAL D 367 -50.57 29.76 29.33
CA VAL D 367 -49.52 30.76 29.52
C VAL D 367 -50.13 31.92 30.31
N SER D 368 -49.45 32.30 31.39
CA SER D 368 -49.89 33.42 32.21
C SER D 368 -49.11 34.67 31.81
N LEU D 369 -49.85 35.72 31.45
CA LEU D 369 -49.29 37.03 31.16
C LEU D 369 -49.72 37.96 32.28
N CYS D 370 -48.75 38.58 32.94
CA CYS D 370 -49.02 39.36 34.15
C CYS D 370 -49.93 38.54 35.06
N GLY D 371 -51.04 39.12 35.52
CA GLY D 371 -51.95 38.40 36.39
C GLY D 371 -52.98 37.51 35.71
N LYS D 372 -53.11 37.59 34.39
CA LYS D 372 -54.13 36.87 33.65
C LYS D 372 -53.55 35.62 33.00
N LYS D 373 -54.45 34.74 32.55
CA LYS D 373 -54.09 33.48 31.92
C LYS D 373 -54.68 33.41 30.51
N THR D 374 -54.07 32.55 29.69
CA THR D 374 -54.55 32.33 28.33
C THR D 374 -54.14 30.92 27.90
N THR D 375 -55.12 30.09 27.55
CA THR D 375 -54.85 28.74 27.07
C THR D 375 -54.72 28.76 25.55
N CYS D 376 -53.78 27.98 25.03
CA CYS D 376 -53.50 28.03 23.60
C CYS D 376 -52.52 26.94 23.22
N ASN D 377 -52.55 26.59 21.93
CA ASN D 377 -52.00 25.32 21.47
C ASN D 377 -51.54 25.44 20.02
N ALA D 378 -50.68 24.50 19.62
CA ALA D 378 -50.19 24.40 18.25
C ALA D 378 -49.40 23.10 18.12
N GLU D 379 -48.90 22.87 16.91
CA GLU D 379 -48.19 21.64 16.55
C GLU D 379 -46.79 21.98 16.07
N CYS D 380 -45.81 21.24 16.57
CA CYS D 380 -44.41 21.43 16.22
C CYS D 380 -43.91 20.22 15.44
N LYS D 381 -42.74 20.36 14.83
CA LYS D 381 -42.14 19.34 13.99
C LYS D 381 -40.75 18.99 14.48
N PRO D 382 -40.26 17.78 14.19
CA PRO D 382 -38.90 17.43 14.60
C PRO D 382 -37.88 18.25 13.81
N PRO D 383 -36.68 18.44 14.35
CA PRO D 383 -35.68 19.26 13.67
C PRO D 383 -34.82 18.46 12.71
N ALA D 384 -34.14 19.20 11.83
CA ALA D 384 -33.23 18.58 10.87
C ALA D 384 -31.94 18.14 11.55
N ASP D 385 -31.39 18.99 12.42
CA ASP D 385 -30.16 18.66 13.14
C ASP D 385 -30.50 17.89 14.40
N HIS D 386 -29.90 16.70 14.55
CA HIS D 386 -30.24 15.78 15.62
C HIS D 386 -29.12 15.59 16.64
N ILE D 387 -28.01 16.31 16.52
CA ILE D 387 -26.97 16.27 17.54
C ILE D 387 -26.51 17.69 17.84
N ILE D 388 -26.56 18.08 19.12
CA ILE D 388 -26.12 19.41 19.55
C ILE D 388 -25.63 19.29 20.99
N GLY D 389 -24.89 20.31 21.42
CA GLY D 389 -24.20 20.25 22.70
C GLY D 389 -24.54 21.36 23.67
N GLU D 390 -25.82 21.71 23.78
CA GLU D 390 -26.29 22.77 24.66
C GLU D 390 -27.42 22.26 25.53
N PRO D 391 -27.74 22.98 26.63
CA PRO D 391 -28.81 22.53 27.53
C PRO D 391 -30.03 22.00 26.80
N HIS D 392 -30.39 20.74 27.10
CA HIS D 392 -31.46 20.04 26.41
C HIS D 392 -32.38 19.42 27.44
N LYS D 393 -33.66 19.29 27.07
CA LYS D 393 -34.67 18.70 27.95
C LYS D 393 -34.82 19.53 29.22
N VAL D 394 -35.07 20.83 29.03
CA VAL D 394 -35.36 21.70 30.17
C VAL D 394 -36.48 21.11 31.02
N ASP D 395 -37.34 20.30 30.40
CA ASP D 395 -38.27 19.46 31.13
C ASP D 395 -38.18 18.05 30.57
N GLN D 396 -38.11 17.05 31.46
CA GLN D 396 -38.07 15.67 31.03
C GLN D 396 -39.38 15.26 30.38
N GLU D 397 -39.30 14.33 29.44
CA GLU D 397 -40.51 13.84 28.77
C GLU D 397 -41.45 13.20 29.79
N PHE D 398 -42.74 13.40 29.58
CA PHE D 398 -43.80 12.88 30.45
C PHE D 398 -44.80 12.07 29.62
N GLN D 399 -44.26 11.15 28.81
CA GLN D 399 -45.05 10.34 27.89
C GLN D 399 -46.05 11.21 27.13
N ALA D 400 -45.70 12.47 26.91
CA ALA D 400 -46.54 13.39 26.14
C ALA D 400 -46.18 13.41 24.66
N ALA D 401 -45.22 12.58 24.24
CA ALA D 401 -44.87 12.51 22.82
C ALA D 401 -46.05 12.07 21.97
N VAL D 402 -47.03 11.39 22.56
CA VAL D 402 -48.22 11.01 21.81
C VAL D 402 -48.90 12.26 21.28
N SER D 403 -49.16 12.29 19.98
CA SER D 403 -49.78 13.43 19.33
C SER D 403 -51.30 13.36 19.49
N LYS D 404 -51.93 14.53 19.32
CA LYS D 404 -53.38 14.59 19.38
C LYS D 404 -54.01 13.72 18.30
N THR D 405 -53.45 13.76 17.08
CA THR D 405 -53.95 12.92 16.01
C THR D 405 -53.79 11.44 16.35
N SER D 406 -52.64 11.06 16.92
CA SER D 406 -52.45 9.67 17.33
C SER D 406 -53.42 9.29 18.44
N TRP D 407 -53.67 10.22 19.38
CA TRP D 407 -54.67 9.96 20.42
C TRP D 407 -56.03 9.69 19.80
N ASN D 408 -56.42 10.50 18.82
CA ASN D 408 -57.71 10.31 18.17
C ASN D 408 -57.76 8.98 17.42
N TRP D 409 -56.66 8.62 16.74
CA TRP D 409 -56.63 7.33 16.05
C TRP D 409 -56.83 6.18 17.03
N LEU D 410 -56.12 6.21 18.15
CA LEU D 410 -56.27 5.14 19.13
C LEU D 410 -57.67 5.12 19.73
N LEU D 411 -58.23 6.31 20.02
CA LEU D 411 -59.57 6.37 20.58
C LEU D 411 -60.60 5.80 19.63
N ALA D 412 -60.50 6.15 18.34
CA ALA D 412 -61.47 5.65 17.37
C ALA D 412 -61.27 4.17 17.09
N LEU D 413 -60.04 3.68 17.19
CA LEU D 413 -59.79 2.26 16.93
C LEU D 413 -60.56 1.37 17.90
N PHE D 414 -60.55 1.71 19.18
CA PHE D 414 -61.17 0.87 20.18
C PHE D 414 -62.69 0.85 20.01
N GLY D 415 -63.28 -0.33 20.22
CA GLY D 415 -64.71 -0.50 20.07
C GLY D 415 -65.30 -1.16 21.29
N GLY D 416 -66.62 -0.98 21.43
CA GLY D 416 -67.34 -1.49 22.58
C GLY D 416 -67.92 -2.88 22.39
N ALA D 417 -67.05 -3.89 22.27
CA ALA D 417 -67.54 -5.27 22.23
C ALA D 417 -68.17 -5.68 23.55
N SER D 418 -67.72 -5.08 24.66
CA SER D 418 -68.36 -5.32 25.94
C SER D 418 -69.82 -4.89 25.90
N SER D 419 -70.09 -3.73 25.29
CA SER D 419 -71.48 -3.33 25.09
C SER D 419 -72.23 -4.35 24.25
N LEU D 420 -71.54 -4.98 23.29
CA LEU D 420 -72.21 -5.98 22.46
C LEU D 420 -72.58 -7.23 23.24
N ILE D 421 -71.69 -7.70 24.13
CA ILE D 421 -72.05 -8.85 24.97
C ILE D 421 -73.17 -8.47 25.93
N VAL D 422 -73.16 -7.24 26.44
CA VAL D 422 -74.24 -6.80 27.32
C VAL D 422 -75.56 -6.80 26.57
N VAL D 423 -75.57 -6.28 25.34
CA VAL D 423 -76.78 -6.29 24.52
C VAL D 423 -77.20 -7.72 24.22
N GLY D 424 -76.24 -8.61 24.00
CA GLY D 424 -76.56 -10.00 23.79
C GLY D 424 -77.27 -10.61 24.99
N LEU D 425 -76.78 -10.33 26.18
CA LEU D 425 -77.44 -10.83 27.39
C LEU D 425 -78.83 -10.24 27.55
N ILE D 426 -78.98 -8.95 27.23
CA ILE D 426 -80.28 -8.30 27.35
C ILE D 426 -81.29 -8.95 26.39
N VAL D 427 -80.90 -9.11 25.13
CA VAL D 427 -81.78 -9.77 24.17
C VAL D 427 -81.99 -11.22 24.54
N LEU D 428 -81.03 -11.83 25.24
CA LEU D 428 -81.22 -13.21 25.70
C LEU D 428 -82.30 -13.30 26.76
N VAL D 429 -82.31 -12.38 27.71
CA VAL D 429 -83.38 -12.39 28.72
C VAL D 429 -84.72 -12.04 28.07
N CYS D 430 -84.71 -11.14 27.09
CA CYS D 430 -85.93 -10.86 26.33
C CYS D 430 -86.43 -12.12 25.63
N SER D 431 -85.53 -12.86 24.99
CA SER D 431 -85.90 -14.14 24.40
C SER D 431 -86.37 -15.12 25.46
N SER D 432 -85.85 -15.01 26.68
CA SER D 432 -86.29 -15.91 27.75
C SER D 432 -87.74 -15.68 28.09
N MET D 433 -88.15 -14.42 28.28
CA MET D 433 -89.58 -14.18 28.48
C MET D 433 -90.37 -14.56 27.22
N LEU D 434 -89.79 -14.37 26.04
CA LEU D 434 -90.48 -14.80 24.83
C LEU D 434 -90.76 -16.30 24.83
N ILE D 435 -89.77 -17.09 25.26
CA ILE D 435 -89.98 -18.53 25.41
C ILE D 435 -91.05 -18.80 26.44
N ASN D 436 -91.04 -18.05 27.54
CA ASN D 436 -92.11 -18.19 28.53
C ASN D 436 -93.46 -17.97 27.87
N THR D 437 -93.51 -17.15 26.81
CA THR D 437 -94.72 -17.07 26.00
C THR D 437 -94.85 -18.28 25.08
N ARG D 438 -93.88 -18.48 24.19
CA ARG D 438 -93.90 -19.58 23.22
C ARG D 438 -95.25 -19.71 22.52
N ILE E 1 25.75 17.60 61.08
CA ILE E 1 25.51 17.46 59.66
C ILE E 1 26.17 18.61 58.90
N THR E 2 26.55 18.36 57.65
CA THR E 2 27.25 19.36 56.85
C THR E 2 27.20 18.94 55.39
N ASP E 3 27.91 19.71 54.56
CA ASP E 3 28.02 19.42 53.14
C ASP E 3 29.44 19.53 52.62
N ASP E 4 30.42 19.73 53.49
CA ASP E 4 31.82 19.81 53.05
C ASP E 4 32.22 18.49 52.39
N PHE E 5 33.01 18.60 51.32
CA PHE E 5 33.45 17.44 50.56
C PHE E 5 34.94 17.17 50.69
N THR E 6 35.72 18.10 51.26
CA THR E 6 37.14 17.88 51.42
C THR E 6 37.47 16.81 52.45
N LEU E 7 36.48 16.35 53.22
CA LEU E 7 36.69 15.36 54.26
C LEU E 7 36.55 13.93 53.74
N THR E 8 36.13 13.74 52.49
CA THR E 8 35.86 12.42 51.95
C THR E 8 36.71 12.20 50.71
N SER E 9 36.91 10.92 50.38
CA SER E 9 37.76 10.50 49.27
C SER E 9 37.02 9.49 48.43
N PRO E 10 37.58 9.11 47.28
CA PRO E 10 36.97 8.06 46.46
C PRO E 10 37.35 6.69 46.98
N TYR E 11 36.64 5.69 46.46
CA TYR E 11 36.81 4.31 46.88
C TYR E 11 36.80 3.38 45.67
N LEU E 12 37.71 2.41 45.68
CA LEU E 12 37.76 1.43 44.61
C LEU E 12 36.49 0.59 44.59
N GLY E 13 36.00 0.28 43.39
CA GLY E 13 34.81 -0.52 43.23
C GLY E 13 35.07 -1.70 42.31
N PHE E 14 34.09 -2.59 42.25
CA PHE E 14 34.12 -3.76 41.39
C PHE E 14 33.02 -3.61 40.34
N CYS E 15 33.40 -3.52 39.07
CA CYS E 15 32.45 -3.31 38.00
C CYS E 15 32.25 -4.60 37.20
N PRO E 16 31.00 -4.91 36.81
CA PRO E 16 30.79 -6.09 35.95
C PRO E 16 31.50 -5.97 34.62
N TYR E 17 31.71 -4.76 34.13
CA TYR E 17 32.40 -4.50 32.89
C TYR E 17 33.72 -3.79 33.14
N CYS E 18 34.62 -3.91 32.19
CA CYS E 18 35.84 -3.12 32.14
C CYS E 18 36.18 -2.92 30.67
N ARG E 19 37.39 -2.44 30.39
CA ARG E 19 37.79 -2.30 28.99
C ARG E 19 37.82 -3.66 28.30
N HIS E 20 38.37 -4.67 28.98
CA HIS E 20 38.51 -5.99 28.40
C HIS E 20 37.24 -6.83 28.51
N SER E 21 36.09 -6.20 28.75
CA SER E 21 34.79 -6.84 28.64
C SER E 21 34.65 -8.04 29.58
N ALA E 22 35.24 -7.96 30.77
CA ALA E 22 35.02 -8.94 31.82
C ALA E 22 35.04 -8.23 33.16
N PRO E 23 34.32 -8.75 34.15
CA PRO E 23 34.25 -8.05 35.44
C PRO E 23 35.63 -7.87 36.05
N CYS E 24 35.84 -6.72 36.68
CA CYS E 24 37.14 -6.42 37.26
C CYS E 24 37.01 -5.19 38.14
N PHE E 25 38.10 -4.87 38.84
CA PHE E 25 38.11 -3.69 39.70
C PHE E 25 38.30 -2.43 38.87
N SER E 26 37.91 -1.30 39.46
CA SER E 26 38.02 -0.03 38.77
C SER E 26 37.66 1.11 39.73
N PRO E 27 38.19 2.31 39.53
CA PRO E 27 37.79 3.47 40.34
C PRO E 27 36.57 4.22 39.82
N ILE E 28 35.82 3.65 38.88
CA ILE E 28 34.69 4.32 38.27
C ILE E 28 33.44 3.45 38.39
N LYS E 29 33.39 2.64 39.46
CA LYS E 29 32.20 1.84 39.70
C LYS E 29 30.97 2.73 39.84
N ILE E 30 29.87 2.31 39.23
CA ILE E 30 28.58 2.96 39.38
C ILE E 30 27.60 1.95 39.96
N GLU E 31 26.92 2.34 41.04
CA GLU E 31 25.97 1.46 41.70
C GLU E 31 24.55 1.97 41.69
N ASN E 32 24.29 3.17 41.17
CA ASN E 32 22.95 3.73 41.19
C ASN E 32 22.70 4.51 39.90
N VAL E 33 21.45 4.43 39.42
CA VAL E 33 21.02 5.17 38.24
C VAL E 33 19.54 5.46 38.37
N TRP E 34 19.17 6.73 38.24
CA TRP E 34 17.78 7.15 38.32
C TRP E 34 17.35 7.72 36.97
N ASP E 35 16.09 7.46 36.61
CA ASP E 35 15.60 7.83 35.28
C ASP E 35 14.18 8.39 35.32
N GLU E 36 13.59 8.57 36.51
CA GLU E 36 12.18 8.94 36.60
C GLU E 36 11.87 10.29 35.98
N SER E 37 12.87 11.13 35.71
CA SER E 37 12.60 12.46 35.19
C SER E 37 11.81 12.40 33.89
N ASP E 38 10.86 13.32 33.75
CA ASP E 38 10.05 13.36 32.54
C ASP E 38 10.86 13.83 31.33
N ASP E 39 11.79 14.78 31.55
CA ASP E 39 12.59 15.29 30.44
C ASP E 39 13.43 14.18 29.82
N GLY E 40 14.01 13.33 30.65
CA GLY E 40 14.93 12.30 30.19
C GLY E 40 16.28 12.36 30.88
N SER E 41 16.53 13.36 31.72
CA SER E 41 17.82 13.47 32.38
C SER E 41 18.07 12.25 33.26
N ILE E 42 19.33 11.84 33.34
CA ILE E 42 19.74 10.67 34.09
C ILE E 42 20.77 11.09 35.13
N ARG E 43 20.54 10.67 36.38
CA ARG E 43 21.52 10.87 37.44
C ARG E 43 22.38 9.61 37.58
N ILE E 44 23.69 9.79 37.57
CA ILE E 44 24.64 8.70 37.68
C ILE E 44 25.53 8.98 38.89
N GLN E 45 25.64 8.00 39.78
CA GLN E 45 26.50 8.09 40.95
C GLN E 45 27.70 7.18 40.75
N VAL E 46 28.89 7.76 40.70
CA VAL E 46 30.11 6.99 40.44
C VAL E 46 30.91 6.90 41.74
N SER E 47 31.96 6.08 41.70
CA SER E 47 32.81 5.92 42.86
C SER E 47 33.86 7.01 42.96
N ALA E 48 34.23 7.61 41.85
CA ALA E 48 35.18 8.71 41.87
C ALA E 48 34.50 9.99 42.35
N GLN E 49 35.30 11.03 42.57
CA GLN E 49 34.81 12.37 42.84
C GLN E 49 35.25 13.30 41.73
N PHE E 50 34.31 14.09 41.22
CA PHE E 50 34.63 15.18 40.31
C PHE E 50 33.81 16.39 40.69
N GLY E 51 34.11 17.52 40.06
CA GLY E 51 33.62 18.80 40.50
C GLY E 51 34.37 19.36 41.68
N TYR E 52 35.31 18.61 42.24
CA TYR E 52 36.14 19.08 43.33
C TYR E 52 37.59 18.72 43.03
N ASN E 53 38.50 19.46 43.65
CA ASN E 53 39.91 19.15 43.54
C ASN E 53 40.19 17.81 44.22
N GLN E 54 41.44 17.35 44.09
CA GLN E 54 41.85 16.15 44.81
C GLN E 54 41.46 16.25 46.28
N ALA E 55 40.62 15.33 46.72
CA ALA E 55 40.15 15.34 48.10
C ALA E 55 41.32 15.49 49.05
N GLY E 56 41.33 16.60 49.80
CA GLY E 56 42.43 16.92 50.68
C GLY E 56 43.44 17.89 50.11
N THR E 57 43.23 18.40 48.91
CA THR E 57 44.16 19.35 48.31
C THR E 57 44.07 20.70 49.02
N ALA E 58 45.00 21.59 48.68
CA ALA E 58 44.95 22.94 49.22
C ALA E 58 43.67 23.65 48.81
N ASP E 59 43.27 23.50 47.55
CA ASP E 59 42.00 24.01 47.05
C ASP E 59 41.02 22.85 46.92
N VAL E 60 39.74 23.13 47.13
CA VAL E 60 38.71 22.10 47.14
C VAL E 60 37.79 22.16 45.94
N THR E 61 37.49 23.33 45.40
CA THR E 61 36.55 23.49 44.30
C THR E 61 37.31 23.83 43.03
N LYS E 62 37.12 23.01 41.99
CA LYS E 62 37.72 23.27 40.67
C LYS E 62 36.96 22.43 39.66
N PHE E 63 36.27 23.09 38.73
CA PHE E 63 35.42 22.36 37.79
C PHE E 63 36.21 21.43 36.90
N ARG E 64 37.40 21.85 36.47
CA ARG E 64 38.18 21.07 35.53
C ARG E 64 38.78 19.81 36.14
N TYR E 65 38.71 19.64 37.46
CA TYR E 65 39.38 18.53 38.11
C TYR E 65 38.45 17.33 38.25
N MET E 66 39.05 16.18 38.56
CA MET E 66 38.36 14.91 38.62
C MET E 66 39.15 14.03 39.58
N SER E 67 38.67 13.90 40.81
CA SER E 67 39.43 13.24 41.88
C SER E 67 39.09 11.76 41.89
N TYR E 68 40.11 10.91 41.69
CA TYR E 68 39.93 9.47 41.69
C TYR E 68 41.08 8.83 42.46
N ASP E 69 41.08 7.50 42.50
CA ASP E 69 42.02 6.75 43.33
C ASP E 69 42.55 5.54 42.58
N HIS E 70 43.83 5.24 42.79
CA HIS E 70 44.48 4.04 42.28
C HIS E 70 45.90 4.02 42.82
N ASP E 71 46.56 2.87 42.69
CA ASP E 71 47.95 2.71 43.09
C ASP E 71 48.17 3.23 44.50
N HIS E 72 47.29 2.80 45.41
CA HIS E 72 47.30 3.22 46.81
C HIS E 72 47.58 4.71 46.95
N ASP E 73 46.83 5.51 46.20
CA ASP E 73 46.92 6.97 46.32
C ASP E 73 45.81 7.60 45.49
N ILE E 74 45.41 8.81 45.91
CA ILE E 74 44.39 9.59 45.21
C ILE E 74 45.08 10.64 44.35
N LYS E 75 44.45 10.98 43.23
CA LYS E 75 45.03 11.97 42.34
C LYS E 75 43.95 12.50 41.41
N GLU E 76 44.30 13.56 40.67
CA GLU E 76 43.37 14.30 39.84
C GLU E 76 43.45 13.86 38.39
N ASP E 77 42.77 14.60 37.51
CA ASP E 77 42.82 14.43 36.07
C ASP E 77 41.97 15.53 35.45
N SER E 78 42.20 15.79 34.17
CA SER E 78 41.41 16.78 33.45
C SER E 78 39.99 16.25 33.26
N MET E 79 39.02 16.97 33.81
CA MET E 79 37.64 16.50 33.78
C MET E 79 37.05 16.46 32.38
N GLU E 80 37.71 17.08 31.39
CA GLU E 80 37.23 17.02 30.01
C GLU E 80 37.35 15.64 29.41
N LYS E 81 38.09 14.72 30.04
CA LYS E 81 38.30 13.38 29.51
C LYS E 81 37.28 12.38 30.02
N LEU E 82 36.09 12.83 30.40
CA LEU E 82 35.04 11.96 30.90
C LEU E 82 33.86 11.96 29.92
N ALA E 83 33.41 10.76 29.53
CA ALA E 83 32.35 10.62 28.56
C ALA E 83 31.29 9.65 29.06
N ILE E 84 30.07 9.84 28.58
CA ILE E 84 28.91 9.05 28.99
C ILE E 84 28.19 8.58 27.74
N SER E 85 27.77 7.32 27.72
CA SER E 85 27.16 6.75 26.53
C SER E 85 26.15 5.68 26.89
N THR E 86 25.00 5.71 26.20
CA THR E 86 24.03 4.62 26.27
C THR E 86 23.90 3.92 24.93
N SER E 87 23.55 4.65 23.88
CA SER E 87 23.62 4.17 22.51
C SER E 87 24.45 5.12 21.65
N GLY E 88 25.27 5.95 22.29
CA GLY E 88 26.01 6.99 21.62
C GLY E 88 26.31 8.10 22.60
N PRO E 89 27.32 8.94 22.30
CA PRO E 89 27.72 9.98 23.24
C PRO E 89 26.56 10.72 23.89
N CYS E 90 26.60 10.90 25.20
CA CYS E 90 25.67 11.77 25.90
C CYS E 90 26.30 13.13 26.16
N ARG E 91 25.43 14.13 26.34
CA ARG E 91 25.83 15.50 26.61
C ARG E 91 25.84 15.71 28.12
N ARG E 92 27.03 15.80 28.71
CA ARG E 92 27.12 16.07 30.13
C ARG E 92 26.40 17.37 30.46
N LEU E 93 25.63 17.35 31.53
CA LEU E 93 24.82 18.50 31.92
C LEU E 93 25.27 19.14 33.22
N GLY E 94 25.61 18.34 34.23
CA GLY E 94 26.09 18.90 35.48
C GLY E 94 26.80 17.85 36.29
N HIS E 95 27.59 18.33 37.26
CA HIS E 95 28.35 17.43 38.12
C HIS E 95 28.51 18.07 39.49
N LYS E 96 28.53 17.23 40.52
CA LYS E 96 28.76 17.72 41.88
C LYS E 96 29.03 16.54 42.80
N GLY E 97 30.13 16.62 43.56
CA GLY E 97 30.45 15.54 44.47
C GLY E 97 30.54 14.21 43.74
N TYR E 98 29.87 13.20 44.31
CA TYR E 98 29.84 11.89 43.67
C TYR E 98 28.96 11.89 42.43
N PHE E 99 27.89 12.68 42.43
CA PHE E 99 26.81 12.54 41.46
C PHE E 99 27.04 13.41 40.23
N LEU E 100 26.43 12.98 39.12
CA LEU E 100 26.42 13.76 37.90
C LEU E 100 25.08 13.58 37.21
N LEU E 101 24.71 14.57 36.40
CA LEU E 101 23.46 14.56 35.66
C LEU E 101 23.77 14.72 34.18
N ALA E 102 23.25 13.80 33.37
CA ALA E 102 23.54 13.76 31.95
C ALA E 102 22.24 13.49 31.20
N GLN E 103 22.36 13.23 29.90
CA GLN E 103 21.19 12.94 29.06
C GLN E 103 21.63 12.37 27.72
N CYS E 104 20.98 11.29 27.29
CA CYS E 104 21.22 10.73 25.96
C CYS E 104 20.05 9.83 25.60
N PRO E 105 19.88 9.54 24.31
CA PRO E 105 18.72 8.75 23.87
C PRO E 105 18.73 7.38 24.50
N PRO E 106 17.66 6.60 24.30
CA PRO E 106 17.54 5.32 25.00
C PRO E 106 18.46 4.27 24.43
N GLY E 107 18.63 3.20 25.20
CA GLY E 107 19.45 2.08 24.82
C GLY E 107 19.19 0.87 25.71
N ASP E 108 20.26 0.17 26.09
CA ASP E 108 20.13 -0.96 27.01
C ASP E 108 21.17 -0.94 28.13
N SER E 109 22.15 -0.04 28.09
CA SER E 109 23.17 0.02 29.12
C SER E 109 23.61 1.47 29.28
N VAL E 110 24.21 1.75 30.43
CA VAL E 110 24.82 3.05 30.70
C VAL E 110 26.31 2.82 30.92
N THR E 111 27.14 3.58 30.21
CA THR E 111 28.59 3.43 30.26
C THR E 111 29.19 4.78 30.58
N VAL E 112 30.15 4.79 31.49
CA VAL E 112 30.93 5.98 31.81
C VAL E 112 32.40 5.63 31.61
N SER E 113 33.11 6.44 30.82
CA SER E 113 34.46 6.14 30.39
C SER E 113 35.37 7.33 30.60
N ILE E 114 36.64 7.05 30.86
CA ILE E 114 37.67 8.08 30.99
C ILE E 114 38.93 7.59 30.29
N THR E 115 39.54 8.48 29.50
CA THR E 115 40.78 8.17 28.81
C THR E 115 41.93 8.86 29.53
N SER E 116 42.95 8.06 29.89
CA SER E 116 44.11 8.55 30.63
C SER E 116 45.28 8.87 29.70
N GLY E 117 45.00 9.28 28.48
CA GLY E 117 46.06 9.57 27.51
C GLY E 117 46.63 8.34 26.83
N ALA E 118 47.04 7.34 27.61
CA ALA E 118 47.55 6.09 27.07
C ALA E 118 46.68 4.89 27.37
N SER E 119 45.84 4.97 28.41
CA SER E 119 44.93 3.88 28.77
C SER E 119 43.56 4.46 29.06
N GLU E 120 42.54 3.63 28.84
CA GLU E 120 41.15 4.03 29.05
C GLU E 120 40.48 3.06 30.00
N ASN E 121 39.70 3.60 30.93
CA ASN E 121 38.92 2.81 31.88
C ASN E 121 37.46 3.18 31.75
N SER E 122 36.61 2.18 31.50
CA SER E 122 35.19 2.37 31.35
C SER E 122 34.46 1.37 32.22
N CYS E 123 33.39 1.81 32.86
CA CYS E 123 32.52 0.92 33.63
C CYS E 123 31.08 1.18 33.23
N THR E 124 30.28 0.12 33.23
CA THR E 124 28.93 0.22 32.71
C THR E 124 28.01 -0.72 33.47
N VAL E 125 26.71 -0.48 33.30
CA VAL E 125 25.69 -1.22 34.02
C VAL E 125 24.44 -1.30 33.17
N GLU E 126 23.75 -2.43 33.24
CA GLU E 126 22.49 -2.59 32.53
C GLU E 126 21.43 -1.68 33.12
N LYS E 127 20.62 -1.08 32.25
CA LYS E 127 19.50 -0.26 32.68
C LYS E 127 18.56 -0.02 31.52
N LYS E 128 17.27 -0.26 31.72
CA LYS E 128 16.26 -0.18 30.66
C LYS E 128 15.83 1.27 30.51
N ILE E 129 16.57 2.02 29.69
CA ILE E 129 16.25 3.41 29.40
C ILE E 129 15.41 3.44 28.14
N ARG E 130 14.21 4.01 28.25
CA ARG E 130 13.31 4.16 27.11
C ARG E 130 12.71 5.55 27.12
N ARG E 131 12.67 6.18 25.95
CA ARG E 131 12.13 7.52 25.82
C ARG E 131 10.68 7.56 26.30
N LYS E 132 10.37 8.56 27.12
CA LYS E 132 9.01 8.77 27.61
C LYS E 132 8.72 10.26 27.59
N PHE E 133 7.44 10.60 27.48
CA PHE E 133 7.03 11.99 27.42
C PHE E 133 5.61 12.13 27.94
N VAL E 134 5.26 13.35 28.32
CA VAL E 134 4.01 13.64 29.00
C VAL E 134 2.96 14.05 27.97
N GLY E 135 1.70 13.81 28.30
CA GLY E 135 0.59 14.16 27.45
C GLY E 135 -0.21 12.92 27.04
N ARG E 136 -1.33 13.19 26.39
CA ARG E 136 -2.21 12.14 25.88
C ARG E 136 -1.79 11.64 24.50
N GLU E 137 -0.54 11.88 24.11
CA GLU E 137 -0.01 11.44 22.83
C GLU E 137 1.51 11.46 22.93
N GLU E 138 2.14 10.39 22.46
CA GLU E 138 3.60 10.24 22.55
C GLU E 138 4.22 10.78 21.27
N TYR E 139 4.94 11.88 21.40
CA TYR E 139 5.62 12.53 20.30
C TYR E 139 7.11 12.20 20.36
N LEU E 140 7.90 12.84 19.50
CA LEU E 140 9.36 12.67 19.50
C LEU E 140 10.06 13.78 20.25
N PHE E 141 9.72 15.03 19.96
CA PHE E 141 10.25 16.18 20.70
C PHE E 141 9.12 17.19 20.89
N PRO E 142 9.20 18.01 21.93
CA PRO E 142 8.17 19.03 22.14
C PRO E 142 8.19 20.07 21.03
N PRO E 143 7.13 20.18 20.22
CA PRO E 143 7.16 21.14 19.11
C PRO E 143 7.17 22.57 19.60
N VAL E 144 7.23 23.52 18.66
CA VAL E 144 7.32 24.92 19.02
C VAL E 144 6.02 25.42 19.62
N HIS E 145 4.89 25.00 19.06
CA HIS E 145 3.58 25.52 19.44
C HIS E 145 2.76 24.42 20.08
N GLY E 146 2.13 24.74 21.21
CA GLY E 146 1.28 23.78 21.88
C GLY E 146 0.92 24.26 23.28
N LYS E 147 0.18 23.40 23.98
CA LYS E 147 -0.27 23.72 25.32
C LYS E 147 0.88 23.62 26.32
N LEU E 148 0.65 24.16 27.51
CA LEU E 148 1.60 24.09 28.61
C LEU E 148 1.04 23.18 29.69
N VAL E 149 1.84 22.23 30.15
CA VAL E 149 1.41 21.25 31.14
C VAL E 149 2.47 21.13 32.23
N LYS E 150 2.04 20.77 33.42
CA LYS E 150 2.97 20.51 34.51
C LYS E 150 3.71 19.21 34.29
N CYS E 151 4.99 19.21 34.64
CA CYS E 151 5.80 18.00 34.62
C CYS E 151 6.88 18.16 35.67
N HIS E 152 7.72 17.14 35.82
CA HIS E 152 8.78 17.14 36.80
C HIS E 152 10.10 16.86 36.11
N VAL E 153 11.08 17.73 36.32
CA VAL E 153 12.39 17.61 35.67
C VAL E 153 13.46 17.80 36.72
N TYR E 154 14.65 17.26 36.43
CA TYR E 154 15.79 17.41 37.32
C TYR E 154 16.39 18.80 37.13
N ASP E 155 16.43 19.58 38.21
CA ASP E 155 17.03 20.90 38.14
C ASP E 155 18.50 20.78 37.72
N HIS E 156 18.94 21.70 36.86
CA HIS E 156 20.31 21.71 36.36
C HIS E 156 21.25 22.49 37.25
N LEU E 157 20.89 22.74 38.51
CA LEU E 157 21.66 23.57 39.41
C LEU E 157 22.29 22.72 40.51
N LYS E 158 23.49 23.12 40.94
CA LYS E 158 24.20 22.37 41.96
C LYS E 158 23.41 22.29 43.26
N GLU E 159 22.80 23.40 43.67
CA GLU E 159 22.09 23.44 44.94
C GLU E 159 20.91 22.48 44.92
N THR E 160 20.65 21.85 46.06
CA THR E 160 19.57 20.89 46.20
C THR E 160 19.01 20.96 47.62
N SER E 161 17.81 20.41 47.78
CA SER E 161 17.20 20.25 49.08
C SER E 161 16.49 18.90 49.20
N ALA E 162 16.95 17.91 48.44
CA ALA E 162 16.31 16.60 48.39
C ALA E 162 17.36 15.51 48.58
N GLY E 163 16.98 14.48 49.33
CA GLY E 163 17.81 13.31 49.51
C GLY E 163 18.70 13.38 50.73
N TYR E 164 19.30 12.24 51.04
CA TYR E 164 20.08 12.08 52.27
C TYR E 164 21.01 10.89 52.08
N ILE E 165 22.31 11.16 51.91
CA ILE E 165 23.30 10.11 51.72
C ILE E 165 24.20 10.07 52.95
N THR E 166 24.51 8.87 53.42
CA THR E 166 25.31 8.69 54.61
C THR E 166 26.77 8.41 54.24
N MET E 167 27.66 8.74 55.16
CA MET E 167 29.08 8.46 54.99
C MET E 167 29.70 8.17 56.35
N HIS E 168 30.53 7.12 56.40
CA HIS E 168 31.19 6.72 57.64
C HIS E 168 32.61 6.29 57.32
N ARG E 169 33.39 6.11 58.39
CA ARG E 169 34.82 5.87 58.23
C ARG E 169 35.07 4.53 57.55
N PRO E 170 36.22 4.38 56.91
CA PRO E 170 36.44 3.23 56.02
C PRO E 170 36.93 2.02 56.77
N GLY E 171 36.81 0.87 56.11
CA GLY E 171 37.30 -0.38 56.65
C GLY E 171 38.77 -0.55 56.38
N PRO E 172 39.34 -1.67 56.81
CA PRO E 172 40.77 -1.93 56.58
C PRO E 172 41.01 -2.27 55.12
N HIS E 173 42.28 -2.52 54.81
CA HIS E 173 42.68 -2.88 53.45
C HIS E 173 43.97 -3.66 53.51
N ALA E 174 44.02 -4.76 52.76
CA ALA E 174 45.20 -5.61 52.69
C ALA E 174 45.93 -5.37 51.37
N TYR E 175 47.17 -5.84 51.32
CA TYR E 175 48.02 -5.66 50.15
C TYR E 175 49.13 -6.69 50.20
N LYS E 176 49.76 -6.93 49.05
CA LYS E 176 50.82 -7.93 48.95
C LYS E 176 52.22 -7.32 48.95
N SER E 177 52.37 -6.08 48.47
CA SER E 177 53.70 -5.47 48.46
C SER E 177 54.27 -5.30 49.86
N TYR E 178 53.42 -5.25 50.88
CA TYR E 178 53.88 -5.02 52.24
C TYR E 178 54.76 -6.17 52.73
N LEU E 179 54.38 -7.40 52.42
CA LEU E 179 55.07 -8.59 52.92
C LEU E 179 55.81 -9.26 51.78
N GLU E 180 57.10 -9.53 51.98
CA GLU E 180 57.94 -10.21 51.01
C GLU E 180 58.44 -11.51 51.61
N GLU E 181 58.49 -12.56 50.78
CA GLU E 181 58.85 -13.90 51.23
C GLU E 181 59.81 -14.55 50.26
N ALA E 182 60.81 -13.79 49.78
CA ALA E 182 61.82 -14.38 48.93
C ALA E 182 62.59 -15.48 49.65
N SER E 183 62.95 -15.23 50.90
CA SER E 183 63.60 -16.21 51.75
C SER E 183 62.57 -16.92 52.62
N GLY E 184 63.03 -17.94 53.34
CA GLY E 184 62.13 -18.68 54.22
C GLY E 184 61.55 -17.78 55.31
N GLU E 185 62.39 -16.95 55.92
CA GLU E 185 61.92 -16.04 56.96
C GLU E 185 61.04 -14.95 56.35
N VAL E 186 60.04 -14.52 57.12
CA VAL E 186 59.13 -13.48 56.65
C VAL E 186 59.88 -12.17 56.51
N TYR E 187 59.41 -11.32 55.59
CA TYR E 187 59.94 -9.98 55.40
C TYR E 187 58.79 -9.03 55.11
N ILE E 188 58.82 -7.86 55.73
CA ILE E 188 57.81 -6.82 55.54
C ILE E 188 58.52 -5.52 55.22
N LYS E 189 58.09 -4.85 54.14
CA LYS E 189 58.65 -3.57 53.74
C LYS E 189 57.50 -2.58 53.55
N PRO E 190 57.11 -1.88 54.62
CA PRO E 190 56.11 -0.82 54.45
C PRO E 190 56.67 0.32 53.62
N PRO E 191 55.81 1.05 52.90
CA PRO E 191 56.32 2.17 52.09
C PRO E 191 57.04 3.20 52.96
N SER E 192 58.09 3.78 52.39
CA SER E 192 58.86 4.79 53.11
C SER E 192 57.96 5.93 53.53
N GLY E 193 58.16 6.39 54.77
CA GLY E 193 57.37 7.50 55.28
C GLY E 193 55.89 7.21 55.39
N LYS E 194 55.53 6.04 55.92
CA LYS E 194 54.13 5.68 56.07
C LYS E 194 53.98 4.68 57.20
N ASN E 195 53.10 4.98 58.16
CA ASN E 195 52.81 4.05 59.23
C ASN E 195 52.02 2.86 58.70
N VAL E 196 52.26 1.69 59.31
CA VAL E 196 51.59 0.47 58.89
C VAL E 196 51.38 -0.41 60.12
N THR E 197 50.23 -1.09 60.16
CA THR E 197 49.94 -2.08 61.17
C THR E 197 50.05 -3.46 60.54
N TYR E 198 50.38 -4.46 61.35
CA TYR E 198 50.43 -5.84 60.87
C TYR E 198 49.83 -6.75 61.92
N GLU E 199 49.08 -7.75 61.46
CA GLU E 199 48.49 -8.76 62.31
C GLU E 199 48.80 -10.14 61.75
N CYS E 200 48.94 -11.11 62.65
CA CYS E 200 49.44 -12.42 62.25
C CYS E 200 49.03 -13.42 63.33
N LYS E 201 48.29 -14.47 62.94
CA LYS E 201 47.69 -15.40 63.90
C LYS E 201 48.58 -16.59 64.26
N CYS E 202 49.78 -16.71 63.70
CA CYS E 202 50.63 -17.85 64.04
C CYS E 202 50.89 -17.88 65.54
N GLY E 203 50.35 -18.90 66.21
CA GLY E 203 50.47 -18.99 67.67
C GLY E 203 49.48 -18.13 68.41
N ASP E 204 49.42 -16.84 68.09
CA ASP E 204 48.49 -15.91 68.72
C ASP E 204 48.27 -14.76 67.76
N TYR E 205 47.28 -13.92 68.09
CA TYR E 205 46.99 -12.75 67.28
C TYR E 205 48.05 -11.68 67.51
N SER E 206 49.29 -11.97 67.12
CA SER E 206 50.37 -11.02 67.32
C SER E 206 50.24 -9.87 66.33
N THR E 207 50.30 -8.64 66.85
CA THR E 207 50.16 -7.45 66.03
C THR E 207 51.26 -6.46 66.38
N GLY E 208 51.66 -5.67 65.37
CA GLY E 208 52.71 -4.69 65.55
C GLY E 208 52.47 -3.47 64.67
N ILE E 209 53.24 -2.43 64.97
CA ILE E 209 53.17 -1.16 64.26
C ILE E 209 54.57 -0.79 63.79
N VAL E 210 54.67 -0.31 62.56
CA VAL E 210 55.95 0.07 61.97
C VAL E 210 55.81 1.46 61.36
N SER E 211 56.73 2.36 61.71
CA SER E 211 56.82 3.69 61.12
C SER E 211 58.07 3.71 60.25
N THR E 212 57.89 3.34 58.97
CA THR E 212 59.01 3.21 58.04
C THR E 212 60.02 2.18 58.56
N ARG E 213 59.50 1.09 59.12
CA ARG E 213 60.33 0.05 59.73
C ARG E 213 59.90 -1.31 59.22
N THR E 214 60.84 -2.25 59.25
CA THR E 214 60.61 -3.63 58.84
C THR E 214 60.72 -4.51 60.09
N LYS E 215 59.60 -4.67 60.80
CA LYS E 215 59.54 -5.48 61.99
C LYS E 215 59.28 -6.94 61.59
N MET E 216 60.13 -7.84 62.07
CA MET E 216 60.04 -9.24 61.71
C MET E 216 59.07 -9.96 62.66
N ASN E 217 58.55 -11.10 62.18
CA ASN E 217 57.68 -11.95 62.97
C ASN E 217 58.21 -13.38 62.93
N GLY E 218 58.00 -14.10 64.03
CA GLY E 218 58.57 -15.43 64.14
C GLY E 218 58.04 -16.38 63.07
N CYS E 219 56.75 -16.31 62.79
CA CYS E 219 56.14 -17.23 61.83
C CYS E 219 56.68 -16.98 60.44
N THR E 220 56.89 -18.06 59.68
CA THR E 220 57.57 -17.98 58.40
C THR E 220 56.63 -18.03 57.20
N LYS E 221 55.48 -18.71 57.32
CA LYS E 221 54.60 -18.88 56.18
C LYS E 221 54.11 -17.54 55.65
N ALA E 222 54.01 -17.44 54.33
CA ALA E 222 53.68 -16.16 53.69
C ALA E 222 52.27 -15.71 54.06
N LYS E 223 51.32 -16.64 54.06
CA LYS E 223 49.90 -16.27 54.10
C LYS E 223 49.38 -16.00 55.51
N GLN E 224 50.17 -16.25 56.55
CA GLN E 224 49.68 -16.10 57.92
C GLN E 224 49.79 -14.68 58.45
N CYS E 225 50.27 -13.73 57.63
CA CYS E 225 50.50 -12.36 58.07
C CYS E 225 49.83 -11.40 57.09
N ILE E 226 49.36 -10.26 57.62
CA ILE E 226 48.72 -9.25 56.79
C ILE E 226 49.01 -7.88 57.38
N ALA E 227 48.93 -6.84 56.55
CA ALA E 227 49.23 -5.49 56.95
C ALA E 227 48.18 -4.51 56.43
N TYR E 228 47.96 -3.44 57.21
CA TYR E 228 47.09 -2.34 56.84
C TYR E 228 47.90 -1.05 56.79
N LYS E 229 47.55 -0.18 55.83
CA LYS E 229 48.07 1.19 55.77
C LYS E 229 47.11 2.15 56.47
N ARG E 230 46.75 1.83 57.72
CA ARG E 230 45.66 2.55 58.37
C ARG E 230 45.91 4.04 58.41
N ASP E 231 44.96 4.81 57.90
CA ASP E 231 45.00 6.27 57.93
C ASP E 231 43.76 6.87 58.56
N GLN E 232 42.58 6.30 58.30
CA GLN E 232 41.32 6.72 58.91
C GLN E 232 41.22 8.24 59.01
N THR E 233 41.47 8.91 57.89
CA THR E 233 41.36 10.37 57.80
C THR E 233 40.16 10.83 57.01
N LYS E 234 39.78 10.11 55.96
CA LYS E 234 38.65 10.47 55.12
C LYS E 234 37.55 9.41 55.23
N TRP E 235 36.31 9.85 55.06
CA TRP E 235 35.17 8.95 55.11
C TRP E 235 34.90 8.35 53.73
N VAL E 236 33.90 7.47 53.67
CA VAL E 236 33.54 6.78 52.43
C VAL E 236 32.05 6.50 52.47
N PHE E 237 31.48 6.25 51.29
CA PHE E 237 30.07 5.93 51.16
C PHE E 237 29.89 4.41 51.21
N ASN E 238 28.75 3.98 51.76
CA ASN E 238 28.51 2.56 51.98
C ASN E 238 28.27 1.86 50.64
N SER E 239 29.12 0.90 50.31
CA SER E 239 29.00 0.15 49.08
C SER E 239 29.27 -1.33 49.35
N PRO E 240 28.73 -2.21 48.51
CA PRO E 240 29.01 -3.65 48.71
C PRO E 240 30.47 -4.02 48.53
N ASP E 241 31.29 -3.11 48.02
CA ASP E 241 32.68 -3.42 47.68
C ASP E 241 33.67 -2.99 48.75
N LEU E 242 33.20 -2.57 49.92
CA LEU E 242 34.06 -2.15 51.02
C LEU E 242 33.81 -3.06 52.23
N ILE E 243 34.48 -2.72 53.34
CA ILE E 243 34.30 -3.41 54.61
C ILE E 243 34.13 -2.34 55.68
N ARG E 244 33.54 -2.73 56.80
CA ARG E 244 33.16 -1.79 57.84
C ARG E 244 34.14 -1.87 59.00
N HIS E 245 34.62 -0.71 59.44
CA HIS E 245 35.43 -0.65 60.65
C HIS E 245 34.63 -1.20 61.82
N THR E 246 35.35 -1.75 62.80
CA THR E 246 34.68 -2.43 63.91
C THR E 246 33.70 -1.52 64.63
N ASP E 247 33.94 -0.20 64.62
CA ASP E 247 33.04 0.70 65.32
C ASP E 247 31.64 0.68 64.71
N HIS E 248 31.56 0.68 63.38
CA HIS E 248 30.28 0.57 62.68
C HIS E 248 29.33 1.68 63.10
N SER E 249 29.71 2.92 62.80
CA SER E 249 28.94 4.10 63.14
C SER E 249 28.84 5.02 61.94
N VAL E 250 27.85 5.91 61.98
CA VAL E 250 27.61 6.89 60.92
C VAL E 250 28.23 8.21 61.37
N GLN E 251 29.11 8.76 60.52
CA GLN E 251 29.85 9.98 60.87
C GLN E 251 29.28 11.24 60.24
N GLY E 252 28.77 11.18 59.01
CA GLY E 252 28.32 12.41 58.38
C GLY E 252 27.32 12.15 57.27
N LYS E 253 26.79 13.25 56.76
CA LYS E 253 25.77 13.23 55.72
C LYS E 253 26.18 14.14 54.58
N LEU E 254 25.66 13.83 53.39
CA LEU E 254 25.80 14.69 52.24
C LEU E 254 24.50 14.68 51.43
N HIS E 255 24.29 15.75 50.69
CA HIS E 255 23.13 15.91 49.83
C HIS E 255 23.40 15.27 48.47
N ILE E 256 22.34 14.81 47.83
CA ILE E 256 22.40 14.35 46.45
C ILE E 256 21.96 15.52 45.57
N PRO E 257 22.85 16.11 44.77
CA PRO E 257 22.48 17.30 44.00
C PRO E 257 21.60 16.95 42.82
N PHE E 258 21.10 18.00 42.15
CA PHE E 258 20.26 17.85 40.97
C PHE E 258 18.98 17.09 41.31
N ARG E 259 18.18 17.71 42.16
CA ARG E 259 16.95 17.11 42.66
C ARG E 259 15.75 17.50 41.81
N LEU E 260 14.68 16.71 41.93
CA LEU E 260 13.50 16.88 41.11
C LEU E 260 12.76 18.16 41.45
N THR E 261 12.14 18.77 40.43
CA THR E 261 11.40 20.00 40.60
C THR E 261 10.25 20.05 39.60
N PRO E 262 9.08 20.52 40.01
CA PRO E 262 7.99 20.70 39.05
C PRO E 262 8.18 21.96 38.22
N THR E 263 7.75 21.89 36.96
CA THR E 263 7.94 22.98 36.03
C THR E 263 6.96 22.83 34.87
N VAL E 264 6.74 23.93 34.16
CA VAL E 264 5.88 23.92 32.98
C VAL E 264 6.68 23.44 31.78
N CYS E 265 6.05 22.64 30.93
CA CYS E 265 6.68 22.14 29.71
C CYS E 265 5.66 22.16 28.60
N PRO E 266 6.12 22.18 27.34
CA PRO E 266 5.17 22.24 26.22
C PRO E 266 4.75 20.86 25.74
N VAL E 267 3.54 20.81 25.19
CA VAL E 267 3.01 19.59 24.59
C VAL E 267 2.25 19.94 23.32
N PRO E 268 2.25 19.02 22.35
CA PRO E 268 1.64 19.33 21.06
C PRO E 268 0.12 19.37 21.13
N LEU E 269 -0.45 20.08 20.16
CA LEU E 269 -1.91 20.15 19.97
C LEU E 269 -2.24 19.31 18.74
N ALA E 270 -2.88 18.17 18.95
CA ALA E 270 -3.18 17.26 17.86
C ALA E 270 -4.17 17.88 16.89
N HIS E 271 -4.08 17.44 15.63
CA HIS E 271 -4.99 17.92 14.60
C HIS E 271 -6.43 17.69 15.02
N THR E 272 -7.24 18.75 14.94
CA THR E 272 -8.60 18.66 15.43
C THR E 272 -9.44 17.76 14.51
N PRO E 273 -10.29 16.90 15.07
CA PRO E 273 -11.06 15.98 14.24
C PRO E 273 -12.19 16.71 13.52
N THR E 274 -12.94 15.96 12.72
CA THR E 274 -14.10 16.46 12.00
C THR E 274 -15.33 15.70 12.47
N VAL E 275 -16.38 16.43 12.80
CA VAL E 275 -17.62 15.83 13.30
C VAL E 275 -18.58 15.65 12.13
N THR E 276 -19.13 14.45 12.00
CA THR E 276 -20.08 14.11 10.95
C THR E 276 -21.48 14.01 11.55
N LYS E 277 -22.43 13.61 10.72
CA LYS E 277 -23.83 13.49 11.11
C LYS E 277 -24.26 12.02 11.05
N TRP E 278 -24.95 11.57 12.09
CA TRP E 278 -25.35 10.17 12.19
C TRP E 278 -26.49 10.08 13.21
N PHE E 279 -27.67 9.68 12.75
CA PHE E 279 -28.83 9.59 13.63
C PHE E 279 -28.50 8.81 14.89
N LYS E 280 -28.65 9.45 16.04
CA LYS E 280 -28.32 8.84 17.33
C LYS E 280 -26.91 8.27 17.30
N GLY E 281 -25.99 9.02 16.69
CA GLY E 281 -24.62 8.56 16.58
C GLY E 281 -23.73 9.66 16.06
N ILE E 282 -22.43 9.35 15.99
CA ILE E 282 -21.44 10.25 15.43
C ILE E 282 -20.39 9.40 14.72
N THR E 283 -19.76 9.98 13.70
CA THR E 283 -18.62 9.37 13.04
C THR E 283 -17.50 10.40 12.98
N LEU E 284 -16.34 10.05 13.51
CA LEU E 284 -15.21 10.96 13.62
C LEU E 284 -14.12 10.50 12.67
N HIS E 285 -13.69 11.41 11.78
CA HIS E 285 -12.56 11.17 10.88
C HIS E 285 -11.29 11.55 11.63
N LEU E 286 -10.76 10.60 12.38
CA LEU E 286 -9.61 10.86 13.24
C LEU E 286 -8.33 10.80 12.42
N THR E 287 -7.59 11.91 12.40
CA THR E 287 -6.36 12.02 11.61
C THR E 287 -5.21 12.36 12.55
N ALA E 288 -4.18 11.52 12.53
CA ALA E 288 -3.00 11.75 13.35
C ALA E 288 -1.81 11.07 12.70
N THR E 289 -0.61 11.58 13.01
CA THR E 289 0.62 11.05 12.47
C THR E 289 1.44 10.27 13.49
N ARG E 290 1.18 10.44 14.78
CA ARG E 290 1.87 9.74 15.85
C ARG E 290 0.84 9.20 16.82
N PRO E 291 1.20 8.20 17.61
CA PRO E 291 0.22 7.60 18.54
C PRO E 291 -0.47 8.67 19.39
N THR E 292 -1.79 8.63 19.41
CA THR E 292 -2.60 9.56 20.18
C THR E 292 -3.66 8.79 20.94
N LEU E 293 -3.88 9.18 22.20
CA LEU E 293 -4.80 8.48 23.08
C LEU E 293 -6.13 9.24 23.10
N LEU E 294 -7.18 8.58 22.64
CA LEU E 294 -8.53 9.14 22.63
C LEU E 294 -9.37 8.45 23.70
N THR E 295 -10.24 9.22 24.35
CA THR E 295 -11.12 8.68 25.38
C THR E 295 -12.48 9.35 25.28
N THR E 296 -13.49 8.63 25.75
CA THR E 296 -14.85 9.14 25.72
C THR E 296 -15.67 8.40 26.78
N ARG E 297 -16.78 9.02 27.17
CA ARG E 297 -17.67 8.43 28.16
C ARG E 297 -19.04 9.07 28.06
N LYS E 298 -20.07 8.28 28.33
CA LYS E 298 -21.42 8.80 28.40
C LYS E 298 -21.60 9.59 29.70
N LEU E 299 -22.75 10.25 29.81
CA LEU E 299 -23.08 11.05 30.99
C LEU E 299 -24.26 10.49 31.77
N GLY E 300 -24.72 9.29 31.43
CA GLY E 300 -25.84 8.67 32.11
C GLY E 300 -25.40 7.80 33.27
N LEU E 301 -26.33 6.94 33.72
CA LEU E 301 -26.01 6.02 34.80
C LEU E 301 -24.84 5.12 34.43
N ARG E 302 -24.84 4.61 33.20
CA ARG E 302 -23.77 3.75 32.72
C ARG E 302 -22.62 4.61 32.21
N ALA E 303 -21.45 4.48 32.82
CA ALA E 303 -20.30 5.28 32.41
C ALA E 303 -19.94 4.99 30.96
N ASP E 304 -19.92 3.72 30.57
CA ASP E 304 -19.57 3.32 29.21
C ASP E 304 -18.22 3.90 28.81
N ALA E 305 -17.27 3.86 29.74
CA ALA E 305 -15.94 4.39 29.47
C ALA E 305 -15.31 3.68 28.27
N THR E 306 -14.66 4.46 27.41
CA THR E 306 -13.98 3.93 26.25
C THR E 306 -12.68 4.67 26.05
N ALA E 307 -11.62 3.93 25.76
CA ALA E 307 -10.30 4.51 25.51
C ALA E 307 -9.63 3.72 24.40
N GLU E 308 -8.79 4.41 23.62
CA GLU E 308 -8.12 3.77 22.49
C GLU E 308 -6.85 4.53 22.16
N TRP E 309 -5.94 3.83 21.49
CA TRP E 309 -4.69 4.41 20.98
C TRP E 309 -4.74 4.35 19.47
N ILE E 310 -4.52 5.49 18.81
CA ILE E 310 -4.65 5.61 17.37
C ILE E 310 -3.27 5.91 16.80
N THR E 311 -2.85 5.12 15.81
CA THR E 311 -1.53 5.27 15.21
C THR E 311 -1.54 6.24 14.04
N GLY E 312 -2.40 6.00 13.06
CA GLY E 312 -2.45 6.84 11.88
C GLY E 312 -3.75 7.60 11.74
N THR E 313 -4.49 7.32 10.67
CA THR E 313 -5.77 7.97 10.40
C THR E 313 -6.81 6.91 10.08
N THR E 314 -8.05 7.17 10.49
CA THR E 314 -9.15 6.24 10.27
C THR E 314 -10.46 6.97 10.58
N SER E 315 -11.56 6.22 10.57
CA SER E 315 -12.87 6.74 10.94
C SER E 315 -13.45 5.85 12.02
N ARG E 316 -14.02 6.46 13.06
CA ARG E 316 -14.56 5.72 14.19
C ARG E 316 -15.99 6.15 14.47
N ASN E 317 -16.87 5.17 14.63
CA ASN E 317 -18.26 5.43 14.98
C ASN E 317 -18.43 5.46 16.49
N PHE E 318 -19.44 6.19 16.96
CA PHE E 318 -19.73 6.29 18.38
C PHE E 318 -21.23 6.44 18.56
N SER E 319 -21.84 5.50 19.27
CA SER E 319 -23.27 5.56 19.55
C SER E 319 -23.50 6.62 20.61
N VAL E 320 -23.83 7.84 20.16
CA VAL E 320 -24.02 8.95 21.08
C VAL E 320 -25.15 8.62 22.04
N GLY E 321 -24.90 8.87 23.33
CA GLY E 321 -25.96 8.67 24.31
C GLY E 321 -27.11 9.62 24.08
N ARG E 322 -28.31 9.14 24.40
CA ARG E 322 -29.50 9.98 24.27
C ARG E 322 -29.39 11.21 25.16
N GLU E 323 -28.93 11.04 26.40
CA GLU E 323 -28.80 12.17 27.31
C GLU E 323 -27.62 13.06 26.91
N GLY E 324 -26.48 12.46 26.61
CA GLY E 324 -25.31 13.25 26.22
C GLY E 324 -24.12 12.37 25.96
N LEU E 325 -23.03 13.02 25.56
CA LEU E 325 -21.78 12.33 25.27
C LEU E 325 -20.62 13.29 25.47
N GLU E 326 -19.56 12.79 26.07
CA GLU E 326 -18.31 13.54 26.19
C GLU E 326 -17.37 13.15 25.06
N TYR E 327 -16.37 14.01 24.82
CA TYR E 327 -15.44 13.80 23.72
C TYR E 327 -14.09 14.40 24.12
N VAL E 328 -13.09 13.54 24.28
CA VAL E 328 -11.73 13.94 24.61
C VAL E 328 -10.82 13.40 23.52
N TRP E 329 -9.91 14.25 23.03
CA TRP E 329 -8.99 13.82 21.99
C TRP E 329 -7.79 14.75 21.99
N GLY E 330 -6.60 14.17 21.85
CA GLY E 330 -5.40 14.98 21.90
C GLY E 330 -5.17 15.54 23.29
N ASN E 331 -4.50 16.68 23.34
CA ASN E 331 -4.21 17.35 24.59
C ASN E 331 -5.17 18.47 24.93
N HIS E 332 -6.03 18.87 23.99
CA HIS E 332 -6.90 20.01 24.25
C HIS E 332 -8.13 19.57 25.05
N GLU E 333 -8.89 20.56 25.52
CA GLU E 333 -9.98 20.31 26.43
C GLU E 333 -11.12 19.58 25.72
N PRO E 334 -11.96 18.88 26.45
CA PRO E 334 -13.01 18.06 25.84
C PRO E 334 -14.22 18.89 25.47
N VAL E 335 -15.17 18.25 24.78
CA VAL E 335 -16.43 18.87 24.41
C VAL E 335 -17.57 17.92 24.78
N ARG E 336 -18.76 18.49 24.90
CA ARG E 336 -19.97 17.74 25.21
C ARG E 336 -20.95 17.91 24.06
N VAL E 337 -21.39 16.78 23.49
CA VAL E 337 -22.36 16.78 22.39
C VAL E 337 -23.51 15.88 22.78
N TRP E 338 -24.73 16.39 22.63
CA TRP E 338 -25.95 15.66 22.96
C TRP E 338 -26.76 15.43 21.70
N ALA E 339 -27.76 14.56 21.81
CA ALA E 339 -28.55 14.14 20.66
C ALA E 339 -30.05 14.28 20.95
N GLN E 340 -30.83 14.33 19.89
CA GLN E 340 -32.28 14.39 19.98
C GLN E 340 -32.86 13.53 18.86
N GLU E 341 -34.15 13.70 18.60
CA GLU E 341 -34.88 12.85 17.66
C GLU E 341 -35.08 13.59 16.35
N SER E 342 -35.05 12.84 15.25
CA SER E 342 -35.22 13.43 13.92
C SER E 342 -36.07 12.58 12.99
N ALA E 343 -36.77 11.58 13.49
CA ALA E 343 -37.64 10.77 12.65
C ALA E 343 -38.91 11.55 12.29
N PRO E 344 -39.58 11.19 11.19
CA PRO E 344 -40.80 11.91 10.78
C PRO E 344 -42.05 11.48 11.54
N GLY E 345 -42.23 12.05 12.72
CA GLY E 345 -43.29 11.64 13.61
C GLY E 345 -44.67 12.20 13.28
N ASP E 346 -44.82 13.51 13.33
CA ASP E 346 -46.14 14.10 13.17
C ASP E 346 -46.66 13.83 11.76
N PRO E 347 -47.94 13.51 11.60
CA PRO E 347 -48.51 13.32 10.26
C PRO E 347 -48.77 14.64 9.57
N HIS E 348 -49.37 14.55 8.39
CA HIS E 348 -49.70 15.72 7.58
C HIS E 348 -51.18 15.74 7.22
N GLY E 349 -52.03 15.21 8.11
CA GLY E 349 -53.46 15.18 7.88
C GLY E 349 -53.95 14.00 7.07
N TRP E 350 -53.06 13.16 6.57
CA TRP E 350 -53.43 11.99 5.78
C TRP E 350 -52.94 10.74 6.48
N PRO E 351 -53.40 9.55 6.09
CA PRO E 351 -52.88 8.32 6.69
C PRO E 351 -51.37 8.24 6.52
N HIS E 352 -50.69 7.76 7.55
CA HIS E 352 -49.24 7.70 7.55
C HIS E 352 -48.78 6.56 8.44
N GLU E 353 -47.54 6.12 8.21
CA GLU E 353 -46.91 5.10 9.05
C GLU E 353 -46.16 5.79 10.19
N ILE E 354 -46.95 6.36 11.10
CA ILE E 354 -46.38 7.09 12.23
C ILE E 354 -45.58 6.16 13.14
N ILE E 355 -45.99 4.88 13.23
CA ILE E 355 -45.32 3.95 14.12
C ILE E 355 -43.83 3.91 13.84
N ILE E 356 -43.44 4.05 12.56
CA ILE E 356 -42.02 3.98 12.22
C ILE E 356 -41.23 5.00 13.03
N HIS E 357 -41.76 6.22 13.16
CA HIS E 357 -41.10 7.21 13.99
C HIS E 357 -40.92 6.68 15.42
N TYR E 358 -42.01 6.20 16.03
CA TYR E 358 -41.91 5.65 17.36
C TYR E 358 -41.14 4.34 17.38
N TYR E 359 -40.89 3.73 16.21
CA TYR E 359 -39.96 2.61 16.15
C TYR E 359 -38.52 3.10 16.19
N HIS E 360 -38.24 4.26 15.59
CA HIS E 360 -36.89 4.80 15.63
C HIS E 360 -36.50 5.24 17.04
N ARG E 361 -37.46 5.83 17.77
CA ARG E 361 -37.23 6.28 19.14
C ARG E 361 -38.11 5.44 20.07
N HIS E 362 -37.48 4.82 21.07
CA HIS E 362 -38.17 3.91 21.97
C HIS E 362 -38.76 2.74 21.19
N PRO E 363 -37.92 1.96 20.49
CA PRO E 363 -38.47 0.86 19.68
C PRO E 363 -39.24 -0.16 20.49
N VAL E 364 -38.79 -0.45 21.72
CA VAL E 364 -39.44 -1.49 22.51
C VAL E 364 -40.85 -1.09 22.89
N TYR E 365 -41.02 0.15 23.37
CA TYR E 365 -42.32 0.57 23.87
C TYR E 365 -43.38 0.56 22.78
N THR E 366 -43.03 1.04 21.58
CA THR E 366 -44.03 1.15 20.52
C THR E 366 -44.57 -0.20 20.11
N VAL E 367 -43.75 -1.25 20.20
CA VAL E 367 -44.23 -2.58 19.82
C VAL E 367 -45.31 -3.05 20.78
N ILE E 368 -45.18 -2.73 22.07
CA ILE E 368 -46.12 -3.23 23.06
C ILE E 368 -47.52 -2.70 22.80
N VAL E 369 -47.63 -1.41 22.47
CA VAL E 369 -48.95 -0.81 22.28
C VAL E 369 -49.67 -1.46 21.11
N LEU E 370 -48.95 -1.72 20.01
CA LEU E 370 -49.59 -2.36 18.85
C LEU E 370 -50.07 -3.76 19.19
N CYS E 371 -49.24 -4.54 19.90
CA CYS E 371 -49.66 -5.89 20.29
C CYS E 371 -50.87 -5.84 21.20
N GLY E 372 -50.88 -4.91 22.15
CA GLY E 372 -52.04 -4.78 23.03
C GLY E 372 -53.30 -4.39 22.27
N VAL E 373 -53.16 -3.49 21.30
CA VAL E 373 -54.32 -3.11 20.48
C VAL E 373 -54.82 -4.30 19.69
N ALA E 374 -53.91 -5.07 19.09
CA ALA E 374 -54.32 -6.25 18.35
C ALA E 374 -55.04 -7.25 19.24
N LEU E 375 -54.51 -7.49 20.44
CA LEU E 375 -55.16 -8.41 21.36
C LEU E 375 -56.54 -7.91 21.76
N ALA E 376 -56.66 -6.61 22.05
CA ALA E 376 -57.94 -6.06 22.46
C ALA E 376 -58.98 -6.18 21.34
N ILE E 377 -58.59 -5.85 20.11
CA ILE E 377 -59.54 -5.92 19.01
C ILE E 377 -59.92 -7.37 18.72
N LEU E 378 -58.95 -8.29 18.80
CA LEU E 378 -59.27 -9.70 18.58
C LEU E 378 -60.24 -10.21 19.64
N VAL E 379 -59.99 -9.85 20.91
CA VAL E 379 -60.89 -10.28 21.99
C VAL E 379 -62.28 -9.71 21.77
N GLY E 380 -62.36 -8.43 21.41
CA GLY E 380 -63.67 -7.83 21.17
C GLY E 380 -64.41 -8.50 20.04
N THR E 381 -63.71 -8.78 18.94
CA THR E 381 -64.35 -9.42 17.80
C THR E 381 -64.83 -10.82 18.15
N ALA E 382 -63.99 -11.62 18.79
CA ALA E 382 -64.40 -12.96 19.17
C ALA E 382 -65.57 -12.92 20.13
N SER E 383 -65.53 -12.01 21.12
CA SER E 383 -66.66 -11.84 22.02
C SER E 383 -67.93 -11.55 21.23
N SER E 384 -67.94 -10.45 20.49
CA SER E 384 -69.13 -10.04 19.74
C SER E 384 -69.66 -11.18 18.89
N ALA E 385 -68.77 -11.93 18.23
CA ALA E 385 -69.22 -13.05 17.41
C ALA E 385 -69.93 -14.09 18.26
N ALA E 386 -69.34 -14.46 19.41
CA ALA E 386 -69.97 -15.43 20.28
C ALA E 386 -71.31 -14.92 20.79
N CYS E 387 -71.37 -13.64 21.16
CA CYS E 387 -72.59 -13.06 21.69
C CYS E 387 -73.71 -13.09 20.65
N ILE E 388 -73.39 -12.68 19.42
CA ILE E 388 -74.43 -12.66 18.39
C ILE E 388 -74.86 -14.07 18.04
N ALA E 389 -73.92 -15.02 18.00
CA ALA E 389 -74.32 -16.41 17.74
C ALA E 389 -75.22 -16.94 18.84
N LYS E 390 -74.88 -16.66 20.10
CA LYS E 390 -75.69 -17.14 21.21
C LYS E 390 -77.07 -16.49 21.21
N ALA E 391 -77.14 -15.20 20.92
CA ALA E 391 -78.44 -14.53 20.83
C ALA E 391 -79.27 -15.08 19.68
N ARG E 392 -78.63 -15.40 18.55
CA ARG E 392 -79.34 -16.02 17.44
C ARG E 392 -79.88 -17.39 17.84
N ARG E 393 -79.08 -18.17 18.58
CA ARG E 393 -79.58 -19.44 19.08
C ARG E 393 -80.78 -19.23 20.01
N ASP E 394 -80.68 -18.25 20.90
CA ASP E 394 -81.76 -17.98 21.84
C ASP E 394 -83.04 -17.60 21.10
N CYS E 395 -82.93 -16.74 20.08
CA CYS E 395 -84.08 -16.43 19.25
C CYS E 395 -84.54 -17.66 18.47
N LEU E 396 -83.61 -18.53 18.08
CA LEU E 396 -83.92 -19.77 17.40
C LEU E 396 -84.15 -20.93 18.36
N THR E 397 -84.06 -20.69 19.67
CA THR E 397 -84.35 -21.74 20.64
C THR E 397 -85.71 -22.38 20.41
N PRO E 398 -86.79 -21.64 20.16
CA PRO E 398 -88.09 -22.30 19.94
C PRO E 398 -88.11 -22.99 18.59
N TYR E 399 -88.16 -24.33 18.59
CA TYR E 399 -88.15 -25.06 17.33
C TYR E 399 -89.23 -24.54 16.39
N ALA E 400 -90.47 -24.44 16.90
CA ALA E 400 -91.55 -23.73 16.21
C ALA E 400 -91.67 -24.16 14.76
N LEU E 401 -91.54 -25.46 14.51
CA LEU E 401 -91.74 -25.96 13.16
C LEU E 401 -93.20 -25.99 12.74
N ALA E 402 -94.10 -26.41 13.64
CA ALA E 402 -95.53 -26.35 13.34
C ALA E 402 -96.00 -24.92 13.11
N PRO E 403 -95.73 -23.96 13.98
CA PRO E 403 -96.10 -22.57 13.69
C PRO E 403 -95.07 -21.88 12.80
N ASN E 404 -95.50 -20.77 12.22
CA ASN E 404 -94.62 -19.95 11.41
C ASN E 404 -93.76 -19.06 12.31
N ALA E 405 -92.90 -18.25 11.69
CA ALA E 405 -92.08 -17.33 12.45
C ALA E 405 -92.96 -16.38 13.25
N THR E 406 -92.54 -16.07 14.48
CA THR E 406 -93.32 -15.20 15.33
C THR E 406 -93.57 -13.85 14.66
N VAL E 407 -92.53 -13.27 14.08
CA VAL E 407 -92.64 -12.02 13.33
C VAL E 407 -91.59 -12.03 12.23
N PRO E 408 -91.92 -11.61 11.01
CA PRO E 408 -90.89 -11.59 9.95
C PRO E 408 -89.73 -10.68 10.27
N THR E 409 -89.92 -9.68 11.12
CA THR E 409 -88.80 -8.83 11.53
C THR E 409 -87.75 -9.64 12.28
N ALA E 410 -88.19 -10.54 13.16
CA ALA E 410 -87.24 -11.39 13.87
C ALA E 410 -86.47 -12.28 12.91
N LEU E 411 -87.16 -12.85 11.91
CA LEU E 411 -86.48 -13.67 10.92
C LEU E 411 -85.46 -12.86 10.14
N ALA E 412 -85.83 -11.64 9.74
CA ALA E 412 -84.89 -10.77 9.03
C ALA E 412 -83.67 -10.46 9.89
N VAL E 413 -83.89 -10.19 11.18
CA VAL E 413 -82.77 -9.98 12.09
C VAL E 413 -81.87 -11.20 12.13
N LEU E 414 -82.49 -12.40 12.22
CA LEU E 414 -81.72 -13.63 12.21
C LEU E 414 -80.97 -13.80 10.89
N CYS E 415 -81.62 -13.50 9.78
CA CYS E 415 -81.00 -13.63 8.47
C CYS E 415 -81.76 -12.81 7.43
N PHE F 1 -8.45 -16.44 -55.51
CA PHE F 1 -9.49 -17.15 -54.77
C PHE F 1 -9.57 -16.67 -53.34
N GLU F 2 -10.78 -16.47 -52.85
CA GLU F 2 -11.03 -16.03 -51.48
C GLU F 2 -11.49 -17.23 -50.65
N HIS F 3 -10.89 -17.40 -49.47
CA HIS F 3 -11.17 -18.54 -48.62
C HIS F 3 -11.13 -18.08 -47.16
N ALA F 4 -12.15 -18.45 -46.40
CA ALA F 4 -12.36 -17.93 -45.05
C ALA F 4 -12.01 -18.99 -44.01
N THR F 5 -11.71 -18.52 -42.80
CA THR F 5 -11.39 -19.42 -41.69
C THR F 5 -11.70 -18.71 -40.38
N THR F 6 -11.81 -19.51 -39.33
CA THR F 6 -11.87 -19.02 -37.95
C THR F 6 -10.66 -19.55 -37.22
N VAL F 7 -9.80 -18.65 -36.76
CA VAL F 7 -8.54 -19.06 -36.14
C VAL F 7 -8.53 -18.66 -34.68
N PRO F 8 -8.12 -19.53 -33.77
CA PRO F 8 -8.01 -19.11 -32.35
C PRO F 8 -7.04 -17.95 -32.21
N ASN F 9 -7.41 -16.99 -31.37
CA ASN F 9 -6.59 -15.80 -31.14
C ASN F 9 -5.65 -16.06 -29.98
N VAL F 10 -4.62 -16.85 -30.26
CA VAL F 10 -3.63 -17.23 -29.27
C VAL F 10 -2.27 -17.33 -29.95
N PRO F 11 -1.23 -16.68 -29.41
CA PRO F 11 0.05 -16.69 -30.11
C PRO F 11 0.70 -18.07 -30.12
N GLY F 12 1.50 -18.31 -31.16
CA GLY F 12 2.26 -19.54 -31.25
C GLY F 12 1.43 -20.79 -31.39
N ILE F 13 0.31 -20.71 -32.11
CA ILE F 13 -0.51 -21.88 -32.41
C ILE F 13 -0.82 -21.85 -33.90
N PRO F 14 0.03 -22.43 -34.75
CA PRO F 14 -0.26 -22.41 -36.19
C PRO F 14 -1.56 -23.15 -36.51
N TYR F 15 -2.27 -22.66 -37.52
CA TYR F 15 -3.48 -23.27 -38.01
C TYR F 15 -3.27 -23.66 -39.47
N LYS F 16 -3.62 -24.90 -39.80
CA LYS F 16 -3.46 -25.44 -41.15
C LYS F 16 -4.81 -25.49 -41.85
N ALA F 17 -4.81 -25.16 -43.14
CA ALA F 17 -6.02 -25.21 -43.94
C ALA F 17 -5.62 -25.48 -45.38
N LEU F 18 -6.62 -25.83 -46.20
CA LEU F 18 -6.42 -26.10 -47.61
C LEU F 18 -7.32 -25.18 -48.43
N VAL F 19 -7.27 -25.35 -49.75
CA VAL F 19 -8.13 -24.62 -50.67
C VAL F 19 -8.47 -25.54 -51.83
N GLU F 20 -9.74 -25.87 -51.98
CA GLU F 20 -10.21 -26.84 -52.96
C GLU F 20 -10.76 -26.12 -54.19
N ARG F 21 -10.20 -26.43 -55.35
CA ARG F 21 -10.71 -25.91 -56.62
C ARG F 21 -10.43 -26.95 -57.70
N ALA F 22 -11.40 -27.17 -58.57
CA ALA F 22 -11.26 -28.20 -59.59
C ALA F 22 -10.12 -27.89 -60.53
N GLY F 23 -9.35 -28.93 -60.87
CA GLY F 23 -8.27 -28.80 -61.82
C GLY F 23 -6.94 -28.34 -61.25
N TYR F 24 -6.88 -28.01 -59.96
CA TYR F 24 -5.66 -27.55 -59.32
C TYR F 24 -5.41 -28.40 -58.08
N ALA F 25 -4.15 -28.75 -57.84
CA ALA F 25 -3.82 -29.51 -56.66
C ALA F 25 -4.03 -28.67 -55.41
N PRO F 26 -4.39 -29.30 -54.28
CA PRO F 26 -4.60 -28.54 -53.05
C PRO F 26 -3.33 -27.82 -52.64
N LEU F 27 -3.49 -26.62 -52.07
CA LEU F 27 -2.38 -25.81 -51.60
C LEU F 27 -2.50 -25.62 -50.10
N ASN F 28 -1.43 -25.92 -49.38
CA ASN F 28 -1.41 -25.74 -47.93
C ASN F 28 -1.47 -24.25 -47.60
N LEU F 29 -2.04 -23.95 -46.44
CA LEU F 29 -2.15 -22.57 -45.96
C LEU F 29 -1.97 -22.59 -44.46
N GLU F 30 -0.91 -21.94 -43.98
CA GLU F 30 -0.58 -21.89 -42.56
C GLU F 30 -0.78 -20.46 -42.07
N ILE F 31 -1.53 -20.32 -40.98
CA ILE F 31 -1.81 -19.01 -40.38
C ILE F 31 -1.26 -19.01 -38.97
N THR F 32 -0.50 -17.97 -38.62
CA THR F 32 0.05 -17.83 -37.28
C THR F 32 -0.19 -16.41 -36.79
N VAL F 33 -0.61 -16.29 -35.53
CA VAL F 33 -0.84 -15.00 -34.89
C VAL F 33 0.42 -14.69 -34.10
N VAL F 34 1.30 -13.87 -34.67
CA VAL F 34 2.61 -13.66 -34.06
C VAL F 34 2.48 -12.97 -32.71
N SER F 35 1.62 -11.95 -32.62
CA SER F 35 1.44 -11.22 -31.38
C SER F 35 0.24 -10.31 -31.50
N SER F 36 -0.52 -10.20 -30.40
CA SER F 36 -1.68 -9.33 -30.35
C SER F 36 -1.30 -7.95 -29.85
N GLU F 37 -2.20 -6.98 -30.05
CA GLU F 37 -1.98 -5.62 -29.58
C GLU F 37 -3.35 -4.97 -29.39
N LEU F 38 -3.81 -4.92 -28.14
CA LEU F 38 -5.06 -4.26 -27.78
C LEU F 38 -4.72 -2.86 -27.27
N THR F 39 -5.01 -1.84 -28.08
CA THR F 39 -4.73 -0.46 -27.72
C THR F 39 -6.05 0.29 -27.58
N PRO F 40 -6.39 0.82 -26.41
CA PRO F 40 -7.64 1.56 -26.26
C PRO F 40 -7.44 3.06 -26.50
N SER F 41 -8.58 3.75 -26.60
CA SER F 41 -8.59 5.21 -26.76
C SER F 41 -8.80 5.84 -25.40
N THR F 42 -7.95 6.81 -25.07
CA THR F 42 -7.91 7.38 -23.73
C THR F 42 -7.80 8.90 -23.81
N ASN F 43 -8.27 9.56 -22.76
CA ASN F 43 -8.14 11.00 -22.60
C ASN F 43 -7.59 11.30 -21.22
N LYS F 44 -6.65 12.25 -21.15
CA LYS F 44 -6.03 12.60 -19.88
C LYS F 44 -6.98 13.47 -19.08
N GLU F 45 -7.26 13.05 -17.84
CA GLU F 45 -8.16 13.81 -16.98
C GLU F 45 -7.38 14.83 -16.15
N TYR F 46 -6.39 14.37 -15.39
CA TYR F 46 -5.55 15.26 -14.60
C TYR F 46 -4.39 14.46 -14.03
N VAL F 47 -3.52 15.16 -13.31
CA VAL F 47 -2.30 14.60 -12.74
C VAL F 47 -2.17 15.07 -11.30
N THR F 48 -1.80 14.16 -10.42
CA THR F 48 -1.65 14.44 -9.00
C THR F 48 -0.35 13.83 -8.51
N CYS F 49 0.10 14.30 -7.35
CA CYS F 49 1.35 13.84 -6.76
C CYS F 49 1.47 14.44 -5.37
N LYS F 50 2.54 14.08 -4.67
CA LYS F 50 2.82 14.65 -3.36
C LYS F 50 2.96 16.16 -3.48
N PHE F 51 2.41 16.88 -2.50
CA PHE F 51 2.35 18.34 -2.54
C PHE F 51 3.24 18.93 -1.46
N HIS F 52 3.32 20.26 -1.46
CA HIS F 52 4.21 21.01 -0.59
C HIS F 52 3.49 22.29 -0.19
N THR F 53 3.36 22.51 1.11
CA THR F 53 2.66 23.68 1.62
C THR F 53 3.62 24.85 1.72
N VAL F 54 3.32 25.92 1.01
CA VAL F 54 4.10 27.14 1.09
C VAL F 54 3.65 27.92 2.31
N VAL F 55 4.61 28.52 3.01
CA VAL F 55 4.30 29.29 4.22
C VAL F 55 5.02 30.63 4.10
N PRO F 56 4.51 31.56 3.31
CA PRO F 56 5.22 32.82 3.11
C PRO F 56 5.32 33.62 4.39
N SER F 57 6.32 34.49 4.45
CA SER F 57 6.59 35.22 5.67
C SER F 57 5.33 35.97 6.11
N PRO F 58 4.90 35.81 7.37
CA PRO F 58 3.66 36.47 7.80
C PRO F 58 3.79 37.98 7.71
N GLN F 59 2.74 38.63 7.20
CA GLN F 59 2.72 40.08 7.20
C GLN F 59 2.40 40.57 8.61
N VAL F 60 3.02 41.68 9.01
CA VAL F 60 2.78 42.25 10.32
C VAL F 60 2.45 43.72 10.15
N LYS F 61 1.22 44.10 10.48
CA LYS F 61 0.82 45.50 10.54
C LYS F 61 0.67 45.81 12.03
N CYS F 62 1.66 46.51 12.58
CA CYS F 62 1.87 46.55 14.02
C CYS F 62 1.61 47.95 14.56
N CYS F 63 0.96 47.98 15.73
CA CYS F 63 0.29 49.18 16.24
C CYS F 63 -0.63 49.79 15.19
N GLY F 64 -1.38 48.94 14.50
CA GLY F 64 -2.37 49.39 13.53
C GLY F 64 -3.45 48.35 13.34
N SER F 65 -4.19 48.43 12.24
CA SER F 65 -5.23 47.46 11.91
C SER F 65 -4.99 46.93 10.49
N LEU F 66 -5.33 45.67 10.29
CA LEU F 66 -5.17 45.05 8.99
C LEU F 66 -6.31 44.08 8.75
N GLU F 67 -6.59 43.83 7.47
CA GLU F 67 -7.72 42.99 7.05
C GLU F 67 -7.24 41.92 6.10
N CYS F 68 -7.92 40.77 6.14
CA CYS F 68 -7.58 39.66 5.26
C CYS F 68 -7.99 39.96 3.82
N LYS F 69 -7.26 39.36 2.88
CA LYS F 69 -7.55 39.50 1.46
C LYS F 69 -7.38 38.15 0.79
N ALA F 70 -8.34 37.77 -0.04
CA ALA F 70 -8.28 36.50 -0.74
C ALA F 70 -7.34 36.59 -1.93
N SER F 71 -7.02 35.43 -2.49
CA SER F 71 -6.11 35.35 -3.64
C SER F 71 -6.57 34.23 -4.55
N SER F 72 -5.77 33.93 -5.57
CA SER F 72 -6.11 32.94 -6.58
C SER F 72 -5.34 31.64 -6.44
N LYS F 73 -4.33 31.59 -5.59
CA LYS F 73 -3.55 30.37 -5.44
C LYS F 73 -4.41 29.24 -4.90
N ALA F 74 -4.07 28.01 -5.27
CA ALA F 74 -4.85 26.85 -4.87
C ALA F 74 -4.80 26.67 -3.36
N ASP F 75 -5.93 26.28 -2.78
CA ASP F 75 -6.04 25.99 -1.35
C ASP F 75 -5.69 27.20 -0.50
N TYR F 76 -5.71 28.40 -1.06
CA TYR F 76 -5.31 29.58 -0.32
C TYR F 76 -6.14 29.73 0.94
N THR F 77 -5.47 29.90 2.07
CA THR F 77 -6.13 30.09 3.36
C THR F 77 -5.49 31.26 4.07
N CYS F 78 -6.32 32.18 4.55
CA CYS F 78 -5.88 33.43 5.13
C CYS F 78 -6.51 33.63 6.50
N ARG F 79 -5.80 34.35 7.37
CA ARG F 79 -6.38 34.66 8.67
C ARG F 79 -5.55 35.75 9.35
N VAL F 80 -6.24 36.69 9.99
CA VAL F 80 -5.60 37.74 10.76
C VAL F 80 -5.66 37.37 12.23
N PHE F 81 -4.75 37.97 13.00
CA PHE F 81 -4.76 37.79 14.45
C PHE F 81 -4.35 39.09 15.11
N GLY F 82 -5.19 39.56 16.04
CA GLY F 82 -4.88 40.72 16.84
C GLY F 82 -4.36 40.34 18.20
N GLY F 83 -3.63 41.27 18.83
CA GLY F 83 -3.02 41.01 20.10
C GLY F 83 -1.72 40.22 20.04
N VAL F 84 -1.25 39.89 18.85
CA VAL F 84 0.02 39.18 18.68
C VAL F 84 1.14 40.09 19.17
N TYR F 85 2.34 39.54 19.33
CA TYR F 85 3.48 40.28 19.87
C TYR F 85 4.76 39.66 19.36
N PRO F 86 5.13 39.93 18.11
CA PRO F 86 6.29 39.25 17.53
C PRO F 86 7.57 39.56 18.30
N PHE F 87 8.42 38.54 18.42
CA PHE F 87 9.77 38.69 18.95
C PHE F 87 10.74 37.96 18.04
N MET F 88 11.97 38.46 18.00
CA MET F 88 12.98 37.92 17.10
C MET F 88 14.33 38.05 17.78
N TRP F 89 15.35 37.45 17.15
CA TRP F 89 16.67 37.47 17.78
C TRP F 89 17.12 38.88 18.08
N GLY F 90 16.68 39.86 17.28
CA GLY F 90 16.99 41.25 17.58
C GLY F 90 16.16 41.84 18.70
N GLY F 91 15.04 41.22 19.04
CA GLY F 91 14.19 41.71 20.10
C GLY F 91 12.79 42.04 19.62
N ALA F 92 12.05 42.81 20.42
CA ALA F 92 10.69 43.19 20.06
C ALA F 92 10.68 43.89 18.71
N GLN F 93 9.96 43.32 17.74
CA GLN F 93 10.00 43.86 16.39
C GLN F 93 9.11 45.10 16.23
N CYS F 94 8.14 45.30 17.12
CA CYS F 94 7.51 46.61 17.27
C CYS F 94 7.15 46.87 18.73
N PHE F 95 6.33 47.93 18.91
CA PHE F 95 6.12 48.63 20.16
C PHE F 95 4.65 49.01 20.28
N CYS F 96 3.85 48.15 20.88
CA CYS F 96 2.47 48.48 21.26
C CYS F 96 1.82 47.28 21.95
N ASP F 97 1.14 47.53 23.06
CA ASP F 97 0.58 46.45 23.87
C ASP F 97 -0.67 45.87 23.22
N SER F 98 -0.48 44.88 22.36
CA SER F 98 -1.53 44.08 21.73
C SER F 98 -2.33 44.84 20.68
N GLU F 99 -2.00 46.11 20.41
CA GLU F 99 -2.70 46.83 19.36
C GLU F 99 -2.28 46.37 17.97
N ASN F 100 -1.07 45.83 17.85
CA ASN F 100 -0.59 45.28 16.59
C ASN F 100 -1.47 44.15 16.10
N THR F 101 -1.25 43.74 14.86
CA THR F 101 -1.90 42.56 14.31
C THR F 101 -1.02 41.96 13.23
N GLN F 102 -1.19 40.65 13.01
CA GLN F 102 -0.40 39.93 12.02
C GLN F 102 -1.32 39.09 11.15
N LEU F 103 -1.03 39.11 9.85
CA LEU F 103 -1.80 38.37 8.85
C LEU F 103 -0.97 37.19 8.37
N SER F 104 -1.57 36.00 8.38
CA SER F 104 -0.91 34.77 8.00
C SER F 104 -1.69 34.11 6.87
N GLU F 105 -0.96 33.65 5.85
CA GLU F 105 -1.56 33.01 4.69
C GLU F 105 -0.75 31.77 4.34
N ALA F 106 -1.44 30.77 3.79
CA ALA F 106 -0.79 29.53 3.39
C ALA F 106 -1.46 28.99 2.14
N TYR F 107 -0.66 28.33 1.30
CA TYR F 107 -1.17 27.70 0.08
C TYR F 107 -0.25 26.55 -0.29
N VAL F 108 -0.63 25.82 -1.33
CA VAL F 108 -0.01 24.54 -1.67
C VAL F 108 0.42 24.54 -3.13
N GLU F 109 1.46 23.77 -3.42
CA GLU F 109 1.92 23.59 -4.79
C GLU F 109 2.66 22.27 -4.90
N PHE F 110 2.74 21.72 -6.11
CA PHE F 110 3.36 20.42 -6.27
C PHE F 110 4.87 20.52 -6.08
N ALA F 111 5.44 19.52 -5.39
CA ALA F 111 6.86 19.52 -5.09
C ALA F 111 7.68 19.34 -6.36
N PRO F 112 8.93 19.82 -6.38
CA PRO F 112 9.72 19.70 -7.60
C PRO F 112 9.90 18.27 -8.08
N ASP F 113 10.14 17.33 -7.14
CA ASP F 113 10.36 15.95 -7.54
C ASP F 113 9.16 15.37 -8.29
N CYS F 114 7.98 15.97 -8.13
CA CYS F 114 6.81 15.52 -8.87
C CYS F 114 7.12 15.42 -10.36
N THR F 115 8.04 16.25 -10.86
CA THR F 115 8.37 16.22 -12.28
C THR F 115 8.66 14.81 -12.79
N ILE F 116 8.97 13.87 -11.89
CA ILE F 116 9.15 12.48 -12.28
C ILE F 116 8.26 11.53 -11.48
N ASP F 117 7.64 11.94 -10.39
CA ASP F 117 6.83 11.07 -9.55
C ASP F 117 5.34 11.25 -9.79
N HIS F 118 4.96 11.92 -10.87
CA HIS F 118 3.56 12.23 -11.12
C HIS F 118 2.74 10.95 -11.34
N ALA F 119 1.49 10.99 -10.88
CA ALA F 119 0.52 9.93 -11.15
C ALA F 119 -0.66 10.56 -11.88
N VAL F 120 -0.93 10.09 -13.09
CA VAL F 120 -1.94 10.69 -13.96
C VAL F 120 -3.13 9.75 -14.07
N ALA F 121 -4.33 10.30 -13.96
CA ALA F 121 -5.56 9.54 -14.06
C ALA F 121 -6.09 9.61 -15.49
N LEU F 122 -6.60 8.47 -15.98
CA LEU F 122 -7.06 8.36 -17.35
C LEU F 122 -8.45 7.73 -17.39
N LYS F 123 -9.21 8.14 -18.40
CA LYS F 123 -10.49 7.55 -18.74
C LYS F 123 -10.36 6.87 -20.09
N VAL F 124 -10.73 5.59 -20.16
CA VAL F 124 -10.53 4.78 -21.35
C VAL F 124 -11.86 4.28 -21.87
N HIS F 125 -11.93 4.04 -23.18
CA HIS F 125 -13.15 3.60 -23.81
C HIS F 125 -12.82 2.97 -25.16
N THR F 126 -13.77 2.21 -25.68
CA THR F 126 -13.73 1.66 -27.04
C THR F 126 -12.37 1.01 -27.32
N ALA F 127 -12.11 -0.07 -26.60
CA ALA F 127 -10.88 -0.82 -26.81
C ALA F 127 -10.79 -1.29 -28.25
N ALA F 128 -9.62 -1.12 -28.86
CA ALA F 128 -9.36 -1.58 -30.21
C ALA F 128 -8.18 -2.55 -30.18
N LEU F 129 -8.17 -3.49 -31.14
CA LEU F 129 -7.19 -4.56 -31.14
C LEU F 129 -6.55 -4.69 -32.52
N LYS F 130 -5.24 -4.88 -32.54
CA LYS F 130 -4.46 -5.04 -33.76
C LYS F 130 -3.73 -6.38 -33.70
N VAL F 131 -3.71 -7.09 -34.82
CA VAL F 131 -3.14 -8.43 -34.88
C VAL F 131 -2.10 -8.49 -35.98
N GLY F 132 -0.95 -9.09 -35.66
CA GLY F 132 0.06 -9.40 -36.64
C GLY F 132 -0.05 -10.83 -37.07
N LEU F 133 -0.31 -11.04 -38.36
CA LEU F 133 -0.47 -12.37 -38.94
C LEU F 133 0.73 -12.69 -39.81
N ARG F 134 1.21 -13.92 -39.70
CA ARG F 134 2.19 -14.47 -40.63
C ARG F 134 1.55 -15.65 -41.34
N ILE F 135 1.56 -15.61 -42.67
CA ILE F 135 0.89 -16.63 -43.48
C ILE F 135 1.94 -17.32 -44.34
N VAL F 136 1.75 -18.61 -44.55
CA VAL F 136 2.66 -19.42 -45.37
C VAL F 136 1.82 -20.20 -46.37
N TYR F 137 2.22 -20.11 -47.64
CA TYR F 137 1.51 -20.82 -48.70
C TYR F 137 2.51 -21.14 -49.81
N GLY F 138 2.49 -22.38 -50.29
CA GLY F 138 3.36 -22.77 -51.38
C GLY F 138 4.81 -22.50 -51.03
N ASN F 139 5.23 -22.90 -49.83
CA ASN F 139 6.56 -22.63 -49.31
C ASN F 139 6.99 -21.19 -49.60
N THR F 140 6.07 -20.24 -49.41
CA THR F 140 6.36 -18.82 -49.47
C THR F 140 5.73 -18.15 -48.26
N THR F 141 6.47 -17.23 -47.65
CA THR F 141 6.07 -16.57 -46.41
C THR F 141 5.65 -15.14 -46.69
N ALA F 142 4.56 -14.71 -46.05
CA ALA F 142 4.09 -13.35 -46.18
C ALA F 142 3.71 -12.82 -44.80
N ARG F 143 3.85 -11.51 -44.65
CA ARG F 143 3.58 -10.80 -43.41
C ARG F 143 2.33 -9.95 -43.57
N LEU F 144 1.67 -9.65 -42.45
CA LEU F 144 0.70 -8.58 -42.43
C LEU F 144 0.42 -8.18 -40.99
N ASP F 145 -0.11 -6.97 -40.83
CA ASP F 145 -0.52 -6.45 -39.53
C ASP F 145 -1.76 -5.60 -39.75
N THR F 146 -2.89 -6.05 -39.23
CA THR F 146 -4.16 -5.39 -39.49
C THR F 146 -4.97 -5.23 -38.21
N PHE F 147 -5.83 -4.22 -38.19
CA PHE F 147 -6.82 -4.10 -37.14
C PHE F 147 -7.94 -5.11 -37.39
N VAL F 148 -8.37 -5.77 -36.32
CA VAL F 148 -9.32 -6.86 -36.43
C VAL F 148 -10.64 -6.44 -37.06
N ASN F 149 -10.92 -5.15 -37.11
CA ASN F 149 -12.10 -4.67 -37.82
C ASN F 149 -12.01 -5.01 -39.31
N GLY F 150 -13.16 -5.32 -39.90
CA GLY F 150 -13.25 -5.82 -41.25
C GLY F 150 -13.24 -4.79 -42.36
N VAL F 151 -13.36 -3.50 -42.05
CA VAL F 151 -13.38 -2.50 -43.12
C VAL F 151 -11.97 -2.16 -43.56
N THR F 152 -10.98 -2.44 -42.71
CA THR F 152 -9.60 -2.06 -42.99
C THR F 152 -8.84 -3.24 -43.60
N PRO F 153 -8.23 -3.06 -44.77
CA PRO F 153 -7.37 -4.10 -45.29
C PRO F 153 -5.90 -3.99 -44.89
N GLY F 154 -5.14 -5.06 -45.16
CA GLY F 154 -3.70 -5.04 -45.07
C GLY F 154 -3.11 -5.70 -46.31
N SER F 155 -2.38 -4.90 -47.10
CA SER F 155 -1.77 -5.34 -48.34
C SER F 155 -0.28 -5.47 -48.09
N SER F 156 0.25 -6.69 -48.28
CA SER F 156 1.66 -6.95 -48.05
C SER F 156 2.07 -8.18 -48.84
N ARG F 157 3.25 -8.09 -49.46
CA ARG F 157 3.86 -9.22 -50.16
C ARG F 157 2.85 -9.92 -51.06
N ASP F 158 2.28 -9.17 -52.00
CA ASP F 158 1.41 -9.65 -53.08
C ASP F 158 0.02 -10.00 -52.52
N LEU F 159 -0.16 -10.01 -51.20
CA LEU F 159 -1.42 -10.45 -50.59
C LEU F 159 -2.06 -9.30 -49.83
N LYS F 160 -3.39 -9.18 -49.94
CA LYS F 160 -4.16 -8.26 -49.11
C LYS F 160 -5.20 -9.07 -48.35
N VAL F 161 -5.10 -9.06 -47.02
CA VAL F 161 -5.93 -9.89 -46.15
C VAL F 161 -6.75 -8.98 -45.25
N ILE F 162 -8.01 -9.35 -45.04
CA ILE F 162 -8.94 -8.59 -44.22
C ILE F 162 -9.35 -9.45 -43.02
N ALA F 163 -9.31 -8.86 -41.84
CA ALA F 163 -9.69 -9.55 -40.62
C ALA F 163 -11.19 -9.40 -40.36
N GLY F 164 -11.67 -10.10 -39.35
CA GLY F 164 -13.06 -10.00 -38.92
C GLY F 164 -13.15 -9.75 -37.43
N PRO F 165 -14.22 -9.09 -36.99
CA PRO F 165 -14.30 -8.69 -35.59
C PRO F 165 -14.23 -9.89 -34.65
N ILE F 166 -13.59 -9.69 -33.50
CA ILE F 166 -13.45 -10.75 -32.52
C ILE F 166 -14.82 -11.28 -32.14
N SER F 167 -14.90 -12.60 -31.90
CA SER F 167 -16.16 -13.21 -31.51
C SER F 167 -16.57 -12.76 -30.11
N ALA F 168 -15.65 -12.81 -29.15
CA ALA F 168 -15.92 -12.40 -27.77
C ALA F 168 -14.87 -11.39 -27.32
N ALA F 169 -15.34 -10.22 -26.91
CA ALA F 169 -14.48 -9.08 -26.62
C ALA F 169 -13.90 -9.21 -25.23
N PHE F 170 -12.63 -8.85 -25.08
CA PHE F 170 -11.95 -8.78 -23.80
C PHE F 170 -11.36 -7.39 -23.63
N SER F 171 -11.49 -6.82 -22.43
CA SER F 171 -11.00 -5.49 -22.14
C SER F 171 -10.63 -5.42 -20.65
N PRO F 172 -9.39 -5.77 -20.31
CA PRO F 172 -9.01 -5.76 -18.89
C PRO F 172 -9.14 -4.39 -18.24
N PHE F 173 -8.94 -3.32 -19.01
CA PHE F 173 -9.04 -1.98 -18.46
C PHE F 173 -10.48 -1.64 -18.09
N ASP F 174 -10.65 -0.92 -17.00
CA ASP F 174 -11.95 -0.43 -16.57
C ASP F 174 -12.17 0.99 -17.06
N HIS F 175 -13.36 1.53 -16.79
CA HIS F 175 -13.67 2.88 -17.24
C HIS F 175 -12.64 3.88 -16.72
N LYS F 176 -12.19 3.72 -15.49
CA LYS F 176 -11.20 4.59 -14.87
C LYS F 176 -9.91 3.83 -14.64
N VAL F 177 -8.77 4.47 -14.90
CA VAL F 177 -7.47 3.87 -14.65
C VAL F 177 -6.52 4.94 -14.12
N VAL F 178 -5.46 4.48 -13.47
CA VAL F 178 -4.43 5.38 -12.96
C VAL F 178 -3.09 4.83 -13.43
N ILE F 179 -2.19 5.70 -13.89
CA ILE F 179 -0.87 5.27 -14.33
C ILE F 179 0.16 6.14 -13.62
N ARG F 180 1.16 5.48 -13.02
CA ARG F 180 2.22 6.19 -12.32
C ARG F 180 3.50 5.38 -12.37
N LYS F 181 4.59 6.03 -12.78
CA LYS F 181 5.91 5.40 -12.81
C LYS F 181 5.86 4.05 -13.54
N GLY F 182 5.11 4.00 -14.63
CA GLY F 182 5.06 2.81 -15.45
C GLY F 182 4.16 1.70 -14.93
N LEU F 183 3.42 1.94 -13.85
CA LEU F 183 2.52 0.94 -13.28
C LEU F 183 1.08 1.41 -13.46
N VAL F 184 0.22 0.49 -13.87
CA VAL F 184 -1.19 0.75 -14.11
C VAL F 184 -2.00 0.15 -12.97
N TYR F 185 -2.94 0.93 -12.44
CA TYR F 185 -3.83 0.51 -11.37
C TYR F 185 -5.27 0.72 -11.80
N ASN F 186 -6.14 -0.18 -11.38
CA ASN F 186 -7.58 -0.06 -11.60
C ASN F 186 -8.17 0.59 -10.36
N TYR F 187 -8.60 1.84 -10.48
CA TYR F 187 -9.03 2.62 -9.34
C TYR F 187 -9.99 3.70 -9.80
N ASP F 188 -11.03 3.95 -9.01
CA ASP F 188 -12.04 4.96 -9.35
C ASP F 188 -11.57 6.28 -8.75
N PHE F 189 -10.77 7.01 -9.51
CA PHE F 189 -10.27 8.30 -9.04
C PHE F 189 -11.39 9.34 -9.07
N PRO F 190 -11.36 10.31 -8.16
CA PRO F 190 -12.41 11.33 -8.15
C PRO F 190 -12.42 12.14 -9.44
N GLU F 191 -13.61 12.56 -9.84
CA GLU F 191 -13.75 13.39 -11.03
C GLU F 191 -13.07 14.73 -10.82
N TYR F 192 -12.62 15.34 -11.91
CA TYR F 192 -11.94 16.62 -11.82
C TYR F 192 -12.83 17.65 -11.13
N GLY F 193 -12.23 18.48 -10.30
CA GLY F 193 -12.98 19.45 -9.53
C GLY F 193 -13.59 18.91 -8.26
N ALA F 194 -13.37 17.64 -7.93
CA ALA F 194 -13.85 17.04 -6.70
C ALA F 194 -12.64 16.69 -5.84
N MET F 195 -12.41 17.46 -4.79
CA MET F 195 -11.30 17.24 -3.87
C MET F 195 -11.84 16.75 -2.54
N ASN F 196 -11.21 15.69 -2.01
CA ASN F 196 -11.53 15.18 -0.69
C ASN F 196 -10.23 14.94 0.07
N PRO F 197 -9.97 15.66 1.16
CA PRO F 197 -8.68 15.52 1.84
C PRO F 197 -8.43 14.10 2.32
N GLY F 198 -7.16 13.73 2.36
CA GLY F 198 -6.77 12.39 2.79
C GLY F 198 -7.19 11.29 1.85
N ALA F 199 -7.11 11.53 0.55
CA ALA F 199 -7.46 10.53 -0.45
C ALA F 199 -6.78 10.91 -1.76
N PHE F 200 -6.73 9.95 -2.68
CA PHE F 200 -6.12 10.22 -3.98
C PHE F 200 -6.78 11.41 -4.64
N GLY F 201 -6.00 12.13 -5.44
CA GLY F 201 -6.51 13.32 -6.09
C GLY F 201 -6.83 14.46 -5.16
N ASP F 202 -6.01 14.65 -4.12
CA ASP F 202 -6.16 15.84 -3.28
C ASP F 202 -5.64 17.09 -3.97
N ILE F 203 -4.59 16.95 -4.78
CA ILE F 203 -4.07 18.02 -5.62
C ILE F 203 -4.31 17.61 -7.07
N GLN F 204 -4.95 18.50 -7.82
CA GLN F 204 -5.27 18.22 -9.22
C GLN F 204 -4.84 19.40 -10.09
N ALA F 205 -4.35 19.09 -11.28
CA ALA F 205 -3.95 20.11 -12.24
C ALA F 205 -4.17 19.57 -13.64
N SER F 206 -4.56 20.46 -14.56
CA SER F 206 -4.78 20.05 -15.94
C SER F 206 -3.50 19.50 -16.56
N SER F 207 -2.37 20.15 -16.29
CA SER F 207 -1.07 19.70 -16.76
C SER F 207 -0.08 19.79 -15.61
N LEU F 208 1.09 19.17 -15.82
CA LEU F 208 2.10 19.15 -14.76
C LEU F 208 2.56 20.56 -14.41
N ASP F 209 2.74 21.41 -15.43
CA ASP F 209 3.25 22.77 -15.25
C ASP F 209 2.17 23.81 -15.54
N ALA F 210 0.93 23.53 -15.12
CA ALA F 210 -0.18 24.45 -15.30
C ALA F 210 -0.18 25.45 -14.15
N THR F 211 -0.08 26.74 -14.47
CA THR F 211 -0.06 27.76 -13.44
C THR F 211 -1.34 27.77 -12.62
N ASP F 212 -2.45 27.33 -13.21
CA ASP F 212 -3.73 27.26 -12.50
C ASP F 212 -3.88 25.89 -11.86
N ILE F 213 -4.19 25.87 -10.56
CA ILE F 213 -4.37 24.64 -9.81
C ILE F 213 -5.60 24.79 -8.94
N VAL F 214 -6.34 23.69 -8.78
CA VAL F 214 -7.53 23.64 -7.94
C VAL F 214 -7.35 22.49 -6.96
N ALA F 215 -7.42 22.79 -5.66
CA ALA F 215 -7.24 21.76 -4.65
C ALA F 215 -7.59 22.32 -3.29
N ARG F 216 -8.23 21.51 -2.46
CA ARG F 216 -8.51 21.84 -1.06
C ARG F 216 -8.08 20.66 -0.22
N THR F 217 -7.28 20.91 0.82
CA THR F 217 -6.74 19.86 1.67
C THR F 217 -6.87 20.19 3.15
N ASP F 218 -7.87 21.00 3.50
CA ASP F 218 -8.23 21.26 4.90
C ASP F 218 -7.02 21.76 5.68
N ILE F 219 -6.57 22.95 5.29
CA ILE F 219 -5.53 23.68 6.03
C ILE F 219 -6.21 24.70 6.92
N ARG F 220 -5.99 24.59 8.22
CA ARG F 220 -6.52 25.53 9.20
C ARG F 220 -5.36 26.10 10.01
N LEU F 221 -5.33 27.44 10.12
CA LEU F 221 -4.26 28.10 10.86
C LEU F 221 -4.58 28.08 12.35
N LEU F 222 -3.56 28.35 13.15
CA LEU F 222 -3.68 28.40 14.61
C LEU F 222 -3.12 29.70 15.12
N LYS F 223 -3.74 30.25 16.16
CA LYS F 223 -3.30 31.52 16.72
C LYS F 223 -1.90 31.36 17.31
N PRO F 224 -0.95 32.22 16.96
CA PRO F 224 0.38 32.13 17.59
C PRO F 224 0.28 32.20 19.10
N SER F 225 1.06 31.36 19.78
CA SER F 225 1.06 31.31 21.24
C SER F 225 2.49 31.16 21.78
N VAL F 226 3.46 31.74 21.08
CA VAL F 226 4.86 31.63 21.45
C VAL F 226 5.49 33.02 21.46
N LYS F 227 6.61 33.13 22.16
CA LYS F 227 7.28 34.42 22.29
C LYS F 227 7.70 34.95 20.92
N ASN F 228 8.39 34.15 20.13
CA ASN F 228 8.96 34.61 18.87
C ASN F 228 7.89 34.63 17.80
N ILE F 229 8.29 34.85 16.55
CA ILE F 229 7.37 34.91 15.42
C ILE F 229 7.35 33.54 14.74
N HIS F 230 6.14 33.00 14.58
CA HIS F 230 5.98 31.69 13.97
C HIS F 230 4.52 31.50 13.61
N VAL F 231 4.26 31.03 12.40
CA VAL F 231 2.92 30.75 11.92
C VAL F 231 2.69 29.25 12.04
N PRO F 232 1.86 28.78 12.98
CA PRO F 232 1.60 27.34 13.07
C PRO F 232 0.46 26.90 12.18
N TYR F 233 0.73 25.94 11.30
CA TYR F 233 -0.28 25.42 10.39
C TYR F 233 -0.57 23.97 10.76
N THR F 234 -1.76 23.52 10.38
CA THR F 234 -2.18 22.14 10.62
C THR F 234 -3.00 21.66 9.44
N GLN F 235 -2.69 20.46 8.95
CA GLN F 235 -3.33 19.93 7.76
C GLN F 235 -3.39 18.41 7.84
N ALA F 236 -4.27 17.83 7.03
CA ALA F 236 -4.37 16.38 6.94
C ALA F 236 -3.18 15.82 6.16
N VAL F 237 -2.93 14.53 6.38
CA VAL F 237 -1.82 13.88 5.69
C VAL F 237 -2.09 13.86 4.18
N SER F 238 -1.01 13.88 3.41
CA SER F 238 -1.15 13.94 1.95
C SER F 238 -1.92 12.73 1.44
N GLY F 239 -2.88 12.99 0.54
CA GLY F 239 -3.67 11.91 -0.01
C GLY F 239 -2.86 10.98 -0.91
N TYR F 240 -1.93 11.54 -1.69
CA TYR F 240 -1.15 10.73 -2.61
C TYR F 240 -0.33 9.68 -1.86
N GLU F 241 0.29 10.07 -0.75
CA GLU F 241 1.05 9.11 0.04
C GLU F 241 0.15 8.00 0.56
N MET F 242 -1.04 8.36 1.04
CA MET F 242 -1.96 7.35 1.55
C MET F 242 -2.37 6.37 0.46
N TRP F 243 -2.64 6.88 -0.75
CA TRP F 243 -2.97 5.99 -1.86
C TRP F 243 -1.79 5.10 -2.20
N LYS F 244 -0.57 5.66 -2.14
CA LYS F 244 0.62 4.87 -2.44
C LYS F 244 0.77 3.72 -1.44
N ASN F 245 0.53 3.99 -0.16
CA ASN F 245 0.74 2.97 0.86
C ASN F 245 -0.16 1.76 0.65
N ASN F 246 -1.44 1.99 0.38
CA ASN F 246 -2.43 0.92 0.26
C ASN F 246 -3.05 0.88 -1.14
N SER F 247 -2.25 1.13 -2.17
CA SER F 247 -2.77 1.15 -3.54
C SER F 247 -3.24 -0.22 -3.99
N GLY F 248 -2.83 -1.28 -3.32
CA GLY F 248 -3.13 -2.62 -3.78
C GLY F 248 -2.19 -3.07 -4.87
N ARG F 249 -2.40 -4.30 -5.34
CA ARG F 249 -1.55 -4.85 -6.37
C ARG F 249 -1.79 -4.16 -7.70
N PRO F 250 -0.79 -4.12 -8.59
CA PRO F 250 -1.00 -3.49 -9.89
C PRO F 250 -1.84 -4.35 -10.81
N LEU F 251 -2.05 -3.90 -12.05
CA LEU F 251 -2.88 -4.63 -13.00
C LEU F 251 -2.12 -5.75 -13.70
N GLN F 252 -0.78 -5.78 -13.61
CA GLN F 252 -0.03 -6.86 -14.24
C GLN F 252 -0.39 -8.20 -13.62
N GLU F 253 -0.54 -8.25 -12.30
CA GLU F 253 -0.83 -9.49 -11.59
C GLU F 253 -2.32 -9.76 -11.45
N THR F 254 -3.15 -9.04 -12.20
CA THR F 254 -4.60 -9.23 -12.15
C THR F 254 -5.27 -9.34 -13.51
N ALA F 255 -4.64 -8.85 -14.57
CA ALA F 255 -5.27 -8.90 -15.88
C ALA F 255 -5.52 -10.35 -16.29
N PRO F 256 -6.74 -10.73 -16.64
CA PRO F 256 -6.98 -12.11 -17.08
C PRO F 256 -6.31 -12.39 -18.42
N PHE F 257 -6.02 -13.68 -18.63
CA PHE F 257 -5.43 -14.18 -19.87
C PHE F 257 -3.99 -13.71 -20.06
N GLY F 258 -3.35 -13.22 -19.00
CA GLY F 258 -1.94 -12.89 -19.06
C GLY F 258 -1.59 -11.83 -20.07
N CYS F 259 -2.32 -10.71 -20.07
CA CYS F 259 -2.06 -9.63 -21.01
C CYS F 259 -0.87 -8.81 -20.53
N LYS F 260 0.19 -8.79 -21.34
CA LYS F 260 1.38 -8.02 -21.01
C LYS F 260 1.12 -6.55 -21.33
N ILE F 261 0.98 -5.74 -20.30
CA ILE F 261 0.51 -4.36 -20.44
C ILE F 261 1.71 -3.43 -20.44
N GLU F 262 1.90 -2.70 -21.52
CA GLU F 262 2.93 -1.68 -21.64
C GLU F 262 2.31 -0.30 -21.53
N VAL F 263 3.14 0.66 -21.15
CA VAL F 263 2.68 1.94 -20.63
C VAL F 263 2.63 3.01 -21.72
N GLU F 264 3.75 3.26 -22.40
CA GLU F 264 3.81 4.44 -23.25
C GLU F 264 2.68 4.51 -24.28
N PRO F 265 2.10 3.40 -24.77
CA PRO F 265 0.84 3.51 -25.51
C PRO F 265 -0.35 3.20 -24.63
N LEU F 266 -0.09 2.70 -23.42
CA LEU F 266 -1.11 2.20 -22.52
C LEU F 266 -1.93 1.11 -23.22
N ARG F 267 -1.26 0.02 -23.54
CA ARG F 267 -1.86 -1.03 -24.36
C ARG F 267 -1.40 -2.40 -23.90
N ALA F 268 -2.29 -3.37 -24.07
CA ALA F 268 -1.99 -4.77 -23.77
C ALA F 268 -1.47 -5.47 -25.00
N THR F 269 -0.66 -6.50 -24.79
CA THR F 269 -0.12 -7.29 -25.89
C THR F 269 0.01 -8.74 -25.47
N ASN F 270 -0.04 -9.62 -26.47
CA ASN F 270 0.28 -11.04 -26.32
C ASN F 270 -0.62 -11.66 -25.25
N CYS F 271 -1.91 -11.73 -25.58
CA CYS F 271 -2.86 -12.39 -24.70
C CYS F 271 -4.11 -12.78 -25.48
N ALA F 272 -4.68 -13.93 -25.11
CA ALA F 272 -5.61 -14.67 -25.94
C ALA F 272 -7.00 -14.67 -25.33
N TYR F 273 -7.98 -14.23 -26.10
CA TYR F 273 -9.39 -14.43 -25.79
C TYR F 273 -10.20 -14.24 -27.06
N GLY F 274 -11.04 -15.21 -27.38
CA GLY F 274 -11.85 -15.14 -28.58
C GLY F 274 -11.16 -15.74 -29.79
N HIS F 275 -11.83 -15.62 -30.93
CA HIS F 275 -11.34 -16.14 -32.20
C HIS F 275 -11.43 -15.05 -33.26
N ILE F 276 -10.57 -15.15 -34.27
CA ILE F 276 -10.51 -14.19 -35.36
C ILE F 276 -11.15 -14.83 -36.59
N PRO F 277 -12.25 -14.26 -37.12
CA PRO F 277 -12.65 -14.63 -38.48
C PRO F 277 -11.80 -13.90 -39.50
N ILE F 278 -11.17 -14.66 -40.38
CA ILE F 278 -10.18 -14.10 -41.30
C ILE F 278 -10.38 -14.68 -42.69
N SER F 279 -10.45 -13.82 -43.70
CA SER F 279 -10.61 -14.24 -45.08
C SER F 279 -9.33 -13.89 -45.85
N ILE F 280 -8.78 -14.88 -46.55
CA ILE F 280 -7.54 -14.72 -47.30
C ILE F 280 -7.85 -14.79 -48.78
N ASP F 281 -7.37 -13.81 -49.53
CA ASP F 281 -7.37 -13.88 -50.99
C ASP F 281 -5.98 -14.31 -51.44
N ILE F 282 -5.94 -15.25 -52.39
CA ILE F 282 -4.69 -15.84 -52.86
C ILE F 282 -4.64 -15.66 -54.38
N PRO F 283 -3.55 -15.15 -54.94
CA PRO F 283 -3.48 -15.03 -56.39
C PRO F 283 -3.58 -16.38 -57.07
N ASP F 284 -4.26 -16.41 -58.22
CA ASP F 284 -4.39 -17.65 -58.96
C ASP F 284 -3.04 -18.14 -59.47
N ALA F 285 -2.07 -17.24 -59.63
CA ALA F 285 -0.76 -17.64 -60.11
C ALA F 285 -0.08 -18.59 -59.14
N ALA F 286 -0.19 -18.32 -57.83
CA ALA F 286 0.47 -19.17 -56.84
C ALA F 286 -0.06 -20.60 -56.90
N PHE F 287 -1.31 -20.78 -57.30
CA PHE F 287 -1.88 -22.11 -57.39
C PHE F 287 -1.27 -22.88 -58.57
N VAL F 288 -1.31 -24.20 -58.47
CA VAL F 288 -0.66 -25.09 -59.44
C VAL F 288 -1.69 -26.05 -59.98
N ARG F 289 -1.65 -26.29 -61.30
CA ARG F 289 -2.57 -27.23 -61.92
C ARG F 289 -2.32 -28.64 -61.41
N SER F 290 -3.40 -29.40 -61.27
CA SER F 290 -3.29 -30.80 -60.85
C SER F 290 -2.56 -31.65 -61.88
N SER F 291 -2.47 -31.19 -63.13
CA SER F 291 -1.82 -31.99 -64.17
C SER F 291 -0.35 -32.23 -63.84
N GLU F 292 0.36 -31.20 -63.37
CA GLU F 292 1.76 -31.36 -63.00
C GLU F 292 1.95 -31.87 -61.58
N SER F 293 0.90 -31.90 -60.77
CA SER F 293 1.03 -32.38 -59.40
C SER F 293 1.22 -33.89 -59.39
N PRO F 294 1.94 -34.43 -58.40
CA PRO F 294 2.13 -35.88 -58.34
C PRO F 294 0.81 -36.62 -58.22
N THR F 295 0.75 -37.79 -58.83
CA THR F 295 -0.42 -38.67 -58.78
C THR F 295 -0.10 -39.84 -57.86
N ILE F 296 -0.97 -40.08 -56.88
CA ILE F 296 -0.76 -41.10 -55.87
C ILE F 296 -1.80 -42.19 -56.01
N LEU F 297 -1.42 -43.40 -55.60
CA LEU F 297 -2.28 -44.57 -55.69
C LEU F 297 -2.03 -45.46 -54.49
N GLU F 298 -3.09 -46.09 -53.99
CA GLU F 298 -3.00 -47.10 -52.92
C GLU F 298 -2.29 -46.54 -51.69
N VAL F 299 -2.95 -45.56 -51.07
CA VAL F 299 -2.48 -44.96 -49.84
C VAL F 299 -3.08 -45.70 -48.64
N SER F 300 -2.28 -45.90 -47.60
CA SER F 300 -2.70 -46.69 -46.45
C SER F 300 -2.06 -46.14 -45.19
N CYS F 301 -2.83 -46.18 -44.09
CA CYS F 301 -2.42 -45.70 -42.78
C CYS F 301 -1.79 -46.83 -41.96
N THR F 302 -1.06 -46.43 -40.92
CA THR F 302 -0.61 -47.36 -39.89
C THR F 302 -0.20 -46.56 -38.66
N VAL F 303 -0.86 -46.81 -37.53
CA VAL F 303 -0.58 -46.08 -36.29
C VAL F 303 0.36 -46.94 -35.45
N ALA F 304 1.65 -46.64 -35.53
CA ALA F 304 2.63 -47.40 -34.75
C ALA F 304 2.40 -47.21 -33.27
N ASP F 305 2.22 -45.96 -32.83
CA ASP F 305 1.99 -45.66 -31.42
C ASP F 305 1.56 -44.21 -31.30
N CYS F 306 0.55 -43.97 -30.48
CA CYS F 306 0.03 -42.62 -30.25
C CYS F 306 -0.20 -42.41 -28.77
N ILE F 307 0.19 -41.23 -28.28
CA ILE F 307 0.04 -40.87 -26.87
C ILE F 307 -0.89 -39.66 -26.80
N TYR F 308 -1.91 -39.76 -25.96
CA TYR F 308 -2.86 -38.66 -25.73
C TYR F 308 -2.15 -37.62 -24.85
N SER F 309 -1.16 -36.96 -25.45
CA SER F 309 -0.33 -36.00 -24.75
C SER F 309 -0.72 -34.58 -25.09
N ALA F 310 -0.54 -33.69 -24.12
CA ALA F 310 -0.74 -32.27 -24.39
C ALA F 310 0.23 -31.77 -25.44
N ASP F 311 1.49 -32.18 -25.34
CA ASP F 311 2.48 -31.88 -26.38
C ASP F 311 2.27 -32.83 -27.55
N PHE F 312 2.75 -32.40 -28.71
CA PHE F 312 2.56 -33.17 -29.95
C PHE F 312 3.43 -34.41 -29.88
N GLY F 313 2.79 -35.57 -29.64
CA GLY F 313 3.53 -36.80 -29.43
C GLY F 313 2.98 -38.02 -30.14
N GLY F 314 1.88 -37.87 -30.87
CA GLY F 314 1.33 -38.99 -31.61
C GLY F 314 2.10 -39.24 -32.91
N SER F 315 2.14 -40.50 -33.32
CA SER F 315 2.91 -40.92 -34.48
C SER F 315 2.04 -41.68 -35.45
N LEU F 316 2.41 -41.65 -36.73
CA LEU F 316 1.64 -42.27 -37.78
C LEU F 316 2.58 -42.56 -38.94
N THR F 317 2.18 -43.49 -39.80
CA THR F 317 2.94 -43.80 -41.00
C THR F 317 1.98 -44.02 -42.17
N LEU F 318 2.41 -43.58 -43.35
CA LEU F 318 1.61 -43.70 -44.57
C LEU F 318 2.42 -44.38 -45.65
N GLN F 319 1.78 -45.31 -46.35
CA GLN F 319 2.38 -46.00 -47.49
C GLN F 319 1.57 -45.74 -48.74
N TYR F 320 2.23 -45.28 -49.79
CA TYR F 320 1.58 -44.86 -51.02
C TYR F 320 2.20 -45.56 -52.22
N LYS F 321 1.52 -45.48 -53.35
CA LYS F 321 2.06 -45.88 -54.64
C LYS F 321 1.75 -44.79 -55.66
N ALA F 322 2.80 -44.27 -56.30
CA ALA F 322 2.65 -43.14 -57.21
C ALA F 322 3.48 -43.41 -58.46
N ASN F 323 3.51 -42.43 -59.36
CA ASN F 323 4.22 -42.54 -60.62
C ASN F 323 5.12 -41.36 -60.95
N ARG F 324 4.86 -40.17 -60.38
CA ARG F 324 5.62 -38.97 -60.70
C ARG F 324 6.32 -38.45 -59.45
N GLU F 325 7.62 -38.21 -59.58
CA GLU F 325 8.39 -37.61 -58.49
C GLU F 325 7.97 -36.15 -58.29
N GLY F 326 7.87 -35.75 -57.03
CA GLY F 326 7.50 -34.38 -56.72
C GLY F 326 7.16 -34.22 -55.25
N HIS F 327 6.49 -33.12 -54.95
CA HIS F 327 6.06 -32.79 -53.60
C HIS F 327 4.54 -32.72 -53.57
N CYS F 328 3.95 -33.26 -52.50
CA CYS F 328 2.51 -33.21 -52.33
C CYS F 328 2.18 -32.74 -50.92
N PRO F 329 1.06 -32.04 -50.75
CA PRO F 329 0.65 -31.62 -49.41
C PRO F 329 0.08 -32.77 -48.60
N VAL F 330 -0.13 -32.51 -47.31
CA VAL F 330 -0.73 -33.47 -46.39
C VAL F 330 -1.47 -32.69 -45.32
N HIS F 331 -2.58 -33.24 -44.86
CA HIS F 331 -3.38 -32.55 -43.85
C HIS F 331 -4.27 -33.55 -43.14
N SER F 332 -4.78 -33.13 -41.98
CA SER F 332 -5.78 -33.90 -41.22
C SER F 332 -7.02 -33.02 -41.08
N HIS F 333 -8.03 -33.28 -41.90
CA HIS F 333 -9.22 -32.43 -41.91
C HIS F 333 -10.06 -32.61 -40.65
N SER F 334 -9.81 -33.65 -39.86
CA SER F 334 -10.47 -33.76 -38.57
C SER F 334 -9.89 -32.74 -37.60
N THR F 335 -10.75 -31.91 -37.02
CA THR F 335 -10.29 -30.85 -36.14
C THR F 335 -9.65 -31.38 -34.87
N THR F 336 -10.02 -32.59 -34.45
CA THR F 336 -9.48 -33.13 -33.20
C THR F 336 -7.97 -33.32 -33.27
N ALA F 337 -7.46 -33.81 -34.40
CA ALA F 337 -6.04 -34.11 -34.57
C ALA F 337 -5.41 -33.13 -35.54
N VAL F 338 -4.18 -32.72 -35.24
CA VAL F 338 -3.44 -31.77 -36.06
C VAL F 338 -2.10 -32.38 -36.42
N LEU F 339 -1.73 -32.29 -37.69
CA LEU F 339 -0.46 -32.81 -38.17
C LEU F 339 0.65 -31.82 -37.85
N LYS F 340 1.88 -32.16 -38.23
CA LYS F 340 3.05 -31.33 -37.96
C LYS F 340 3.60 -30.66 -39.22
N GLU F 341 3.86 -31.43 -40.27
CA GLU F 341 4.32 -30.88 -41.54
C GLU F 341 3.21 -30.95 -42.57
N ALA F 342 3.26 -30.03 -43.54
CA ALA F 342 2.22 -29.89 -44.54
C ALA F 342 2.55 -30.56 -45.86
N THR F 343 3.77 -30.38 -46.37
CA THR F 343 4.18 -30.94 -47.65
C THR F 343 5.30 -31.94 -47.45
N THR F 344 5.29 -32.97 -48.29
CA THR F 344 6.32 -34.01 -48.23
C THR F 344 6.61 -34.50 -49.64
N HIS F 345 7.83 -35.02 -49.81
CA HIS F 345 8.21 -35.62 -51.08
C HIS F 345 7.44 -36.92 -51.29
N VAL F 346 7.28 -37.28 -52.56
CA VAL F 346 6.55 -38.48 -52.95
C VAL F 346 7.40 -39.26 -53.94
N THR F 347 7.51 -40.56 -53.73
CA THR F 347 8.23 -41.47 -54.61
C THR F 347 7.27 -42.49 -55.19
N ALA F 348 7.81 -43.42 -55.97
CA ALA F 348 6.97 -44.40 -56.67
C ALA F 348 6.20 -45.26 -55.66
N THR F 349 6.89 -45.79 -54.66
CA THR F 349 6.26 -46.68 -53.68
C THR F 349 6.76 -46.40 -52.26
N GLY F 350 7.21 -45.19 -52.00
CA GLY F 350 7.81 -44.89 -50.71
C GLY F 350 6.80 -44.76 -49.59
N SER F 351 7.29 -44.96 -48.37
CA SER F 351 6.52 -44.76 -47.15
C SER F 351 7.12 -43.61 -46.37
N ILE F 352 6.27 -42.88 -45.65
CA ILE F 352 6.71 -41.72 -44.89
C ILE F 352 6.03 -41.70 -43.54
N THR F 353 6.80 -41.37 -42.51
CA THR F 353 6.28 -41.24 -41.15
C THR F 353 5.88 -39.80 -40.89
N LEU F 354 4.80 -39.63 -40.12
CA LEU F 354 4.26 -38.33 -39.77
C LEU F 354 4.09 -38.23 -38.26
N HIS F 355 4.21 -37.02 -37.75
CA HIS F 355 3.93 -36.72 -36.35
C HIS F 355 2.66 -35.91 -36.27
N PHE F 356 1.97 -36.00 -35.13
CA PHE F 356 0.69 -35.33 -34.97
C PHE F 356 0.39 -35.19 -33.49
N SER F 357 -0.69 -34.46 -33.21
CA SER F 357 -1.19 -34.28 -31.85
C SER F 357 -2.69 -34.47 -31.86
N THR F 358 -3.24 -34.89 -30.73
CA THR F 358 -4.66 -35.10 -30.58
C THR F 358 -5.08 -34.73 -29.17
N SER F 359 -6.37 -34.43 -29.01
CA SER F 359 -6.95 -34.08 -27.72
C SER F 359 -7.92 -35.13 -27.21
N SER F 360 -8.09 -36.23 -27.93
CA SER F 360 -9.00 -37.30 -27.53
C SER F 360 -8.26 -38.64 -27.55
N PRO F 361 -8.68 -39.59 -26.71
CA PRO F 361 -7.97 -40.87 -26.66
C PRO F 361 -8.26 -41.73 -27.88
N GLN F 362 -9.50 -41.67 -28.39
CA GLN F 362 -9.90 -42.42 -29.57
C GLN F 362 -9.49 -41.63 -30.81
N ALA F 363 -8.22 -41.76 -31.17
CA ALA F 363 -7.64 -40.95 -32.24
C ALA F 363 -8.03 -41.58 -33.57
N ASN F 364 -9.16 -41.15 -34.11
CA ASN F 364 -9.63 -41.58 -35.42
C ASN F 364 -9.93 -40.36 -36.27
N PHE F 365 -9.54 -40.42 -37.55
CA PHE F 365 -9.74 -39.29 -38.43
C PHE F 365 -9.38 -39.68 -39.86
N ILE F 366 -9.68 -38.77 -40.77
CA ILE F 366 -9.34 -38.91 -42.19
C ILE F 366 -8.19 -37.95 -42.48
N VAL F 367 -7.12 -38.49 -43.05
CA VAL F 367 -5.95 -37.70 -43.44
C VAL F 367 -5.92 -37.64 -44.96
N SER F 368 -5.75 -36.43 -45.48
CA SER F 368 -5.58 -36.22 -46.91
C SER F 368 -4.10 -36.22 -47.24
N LEU F 369 -3.68 -37.18 -48.07
CA LEU F 369 -2.33 -37.22 -48.62
C LEU F 369 -2.40 -36.73 -50.05
N CYS F 370 -1.65 -35.67 -50.35
CA CYS F 370 -1.70 -35.05 -51.66
C CYS F 370 -3.15 -34.72 -52.01
N GLY F 371 -3.69 -35.34 -53.06
CA GLY F 371 -5.07 -35.08 -53.45
C GLY F 371 -6.06 -36.12 -52.99
N LYS F 372 -5.58 -37.22 -52.41
CA LYS F 372 -6.44 -38.33 -52.02
C LYS F 372 -6.68 -38.35 -50.52
N LYS F 373 -7.66 -39.16 -50.11
CA LYS F 373 -8.06 -39.28 -48.72
C LYS F 373 -7.70 -40.67 -48.19
N THR F 374 -7.67 -40.79 -46.86
CA THR F 374 -7.51 -42.09 -46.22
C THR F 374 -8.01 -42.00 -44.78
N THR F 375 -8.97 -42.86 -44.43
CA THR F 375 -9.43 -42.97 -43.06
C THR F 375 -8.47 -43.84 -42.25
N CYS F 376 -8.39 -43.56 -40.94
CA CYS F 376 -7.67 -44.47 -40.06
C CYS F 376 -7.88 -44.08 -38.61
N ASN F 377 -7.74 -45.08 -37.74
CA ASN F 377 -8.11 -44.97 -36.33
C ASN F 377 -7.08 -45.69 -35.48
N ALA F 378 -7.05 -45.32 -34.20
CA ALA F 378 -6.20 -45.96 -33.21
C ALA F 378 -6.60 -45.43 -31.84
N GLU F 379 -5.98 -46.00 -30.80
CA GLU F 379 -6.24 -45.62 -29.42
C GLU F 379 -4.96 -45.09 -28.79
N CYS F 380 -5.09 -44.01 -28.02
CA CYS F 380 -3.96 -43.38 -27.36
C CYS F 380 -4.15 -43.45 -25.85
N LYS F 381 -3.03 -43.50 -25.12
CA LYS F 381 -3.04 -43.59 -23.68
C LYS F 381 -2.58 -42.27 -23.05
N PRO F 382 -3.03 -41.96 -21.84
CA PRO F 382 -2.60 -40.72 -21.20
C PRO F 382 -1.11 -40.73 -20.89
N PRO F 383 -0.49 -39.56 -20.77
CA PRO F 383 0.95 -39.50 -20.56
C PRO F 383 1.33 -39.50 -19.08
N ALA F 384 2.59 -39.85 -18.83
CA ALA F 384 3.10 -39.85 -17.46
C ALA F 384 3.18 -38.43 -16.90
N ASP F 385 3.80 -37.52 -17.65
CA ASP F 385 3.94 -36.14 -17.21
C ASP F 385 2.63 -35.39 -17.44
N HIS F 386 2.14 -34.71 -16.40
CA HIS F 386 0.82 -34.08 -16.43
C HIS F 386 0.87 -32.58 -16.22
N ILE F 387 2.05 -31.95 -16.26
CA ILE F 387 2.16 -30.50 -16.15
C ILE F 387 3.25 -30.03 -17.11
N ILE F 388 2.86 -29.27 -18.12
CA ILE F 388 3.81 -28.73 -19.10
C ILE F 388 3.20 -27.46 -19.69
N GLY F 389 4.05 -26.50 -20.04
CA GLY F 389 3.64 -25.18 -20.45
C GLY F 389 3.69 -24.88 -21.93
N GLU F 390 3.92 -25.87 -22.78
CA GLU F 390 4.02 -25.65 -24.21
C GLU F 390 2.64 -25.71 -24.86
N PRO F 391 2.50 -25.19 -26.11
CA PRO F 391 1.19 -25.15 -26.76
C PRO F 391 0.38 -26.42 -26.55
N HIS F 392 -0.80 -26.27 -25.95
CA HIS F 392 -1.67 -27.39 -25.58
C HIS F 392 -3.08 -27.10 -26.04
N LYS F 393 -3.82 -28.16 -26.35
CA LYS F 393 -5.19 -28.07 -26.82
C LYS F 393 -5.25 -27.27 -28.12
N VAL F 394 -4.38 -27.66 -29.06
CA VAL F 394 -4.45 -27.14 -30.41
C VAL F 394 -5.89 -27.18 -30.92
N ASP F 395 -6.66 -28.16 -30.48
CA ASP F 395 -8.10 -28.19 -30.68
C ASP F 395 -8.77 -28.39 -29.33
N GLN F 396 -9.81 -27.59 -29.05
CA GLN F 396 -10.55 -27.73 -27.81
C GLN F 396 -11.33 -29.04 -27.80
N GLU F 397 -11.51 -29.60 -26.60
CA GLU F 397 -12.23 -30.86 -26.48
C GLU F 397 -13.66 -30.70 -26.97
N PHE F 398 -14.16 -31.74 -27.64
CA PHE F 398 -15.51 -31.76 -28.20
C PHE F 398 -16.26 -32.99 -27.71
N GLN F 399 -16.25 -33.18 -26.39
CA GLN F 399 -16.85 -34.33 -25.72
C GLN F 399 -16.44 -35.65 -26.37
N ALA F 400 -15.31 -35.66 -27.07
CA ALA F 400 -14.80 -36.86 -27.72
C ALA F 400 -13.94 -37.71 -26.79
N ALA F 401 -13.77 -37.28 -25.53
CA ALA F 401 -13.01 -38.09 -24.58
C ALA F 401 -13.65 -39.46 -24.37
N VAL F 402 -14.95 -39.58 -24.63
CA VAL F 402 -15.60 -40.88 -24.49
C VAL F 402 -15.02 -41.84 -25.51
N SER F 403 -14.47 -42.95 -25.03
CA SER F 403 -13.93 -43.97 -25.92
C SER F 403 -15.05 -44.88 -26.41
N LYS F 404 -14.74 -45.62 -27.48
CA LYS F 404 -15.73 -46.55 -28.03
C LYS F 404 -16.15 -47.58 -27.01
N THR F 405 -15.25 -47.97 -26.10
CA THR F 405 -15.60 -48.94 -25.07
C THR F 405 -16.64 -48.37 -24.11
N SER F 406 -16.47 -47.11 -23.69
CA SER F 406 -17.45 -46.50 -22.81
C SER F 406 -18.81 -46.37 -23.50
N TRP F 407 -18.81 -45.96 -24.77
CA TRP F 407 -20.06 -45.91 -25.52
C TRP F 407 -20.69 -47.29 -25.60
N ASN F 408 -19.88 -48.32 -25.82
CA ASN F 408 -20.42 -49.68 -25.91
C ASN F 408 -21.06 -50.10 -24.59
N TRP F 409 -20.40 -49.82 -23.46
CA TRP F 409 -20.98 -50.15 -22.16
C TRP F 409 -22.30 -49.41 -21.96
N LEU F 410 -22.31 -48.10 -22.21
CA LEU F 410 -23.52 -47.32 -22.00
C LEU F 410 -24.67 -47.83 -22.86
N LEU F 411 -24.39 -48.10 -24.14
CA LEU F 411 -25.43 -48.60 -25.03
C LEU F 411 -25.91 -49.98 -24.61
N ALA F 412 -24.98 -50.86 -24.22
CA ALA F 412 -25.34 -52.23 -23.87
C ALA F 412 -26.22 -52.26 -22.63
N LEU F 413 -25.94 -51.41 -21.64
CA LEU F 413 -26.73 -51.44 -20.42
C LEU F 413 -28.20 -51.18 -20.72
N PHE F 414 -28.49 -50.18 -21.55
CA PHE F 414 -29.87 -49.84 -21.86
C PHE F 414 -30.58 -51.00 -22.55
N GLY F 415 -31.85 -51.21 -22.20
CA GLY F 415 -32.64 -52.26 -22.78
C GLY F 415 -34.00 -51.74 -23.21
N GLY F 416 -34.66 -52.56 -24.03
CA GLY F 416 -35.96 -52.18 -24.57
C GLY F 416 -37.11 -52.46 -23.65
N ALA F 417 -37.12 -51.80 -22.49
CA ALA F 417 -38.22 -51.97 -21.55
C ALA F 417 -39.48 -51.27 -22.03
N SER F 418 -39.35 -50.18 -22.78
CA SER F 418 -40.51 -49.57 -23.41
C SER F 418 -41.18 -50.55 -24.36
N SER F 419 -40.39 -51.28 -25.15
CA SER F 419 -40.94 -52.35 -25.98
C SER F 419 -41.60 -53.42 -25.12
N LEU F 420 -41.06 -53.69 -23.93
CA LEU F 420 -41.67 -54.70 -23.07
C LEU F 420 -43.04 -54.27 -22.58
N ILE F 421 -43.18 -53.01 -22.16
CA ILE F 421 -44.50 -52.53 -21.73
C ILE F 421 -45.45 -52.46 -22.92
N VAL F 422 -44.93 -52.13 -24.11
CA VAL F 422 -45.78 -52.16 -25.30
C VAL F 422 -46.28 -53.57 -25.57
N VAL F 423 -45.39 -54.56 -25.39
CA VAL F 423 -45.80 -55.95 -25.56
C VAL F 423 -46.82 -56.34 -24.49
N GLY F 424 -46.66 -55.79 -23.29
CA GLY F 424 -47.65 -56.05 -22.25
C GLY F 424 -49.02 -55.55 -22.63
N LEU F 425 -49.09 -54.32 -23.15
CA LEU F 425 -50.37 -53.80 -23.63
C LEU F 425 -50.91 -54.62 -24.79
N ILE F 426 -50.02 -55.06 -25.68
CA ILE F 426 -50.44 -55.86 -26.83
C ILE F 426 -51.05 -57.18 -26.36
N VAL F 427 -50.41 -57.83 -25.38
CA VAL F 427 -50.95 -59.09 -24.88
C VAL F 427 -52.21 -58.84 -24.07
N LEU F 428 -52.35 -57.66 -23.46
CA LEU F 428 -53.61 -57.33 -22.78
C LEU F 428 -54.75 -57.26 -23.79
N VAL F 429 -54.55 -56.54 -24.88
CA VAL F 429 -55.61 -56.48 -25.90
C VAL F 429 -55.83 -57.85 -26.54
N CYS F 430 -54.76 -58.64 -26.70
CA CYS F 430 -54.91 -59.99 -27.22
C CYS F 430 -55.74 -60.85 -26.28
N SER F 431 -55.54 -60.69 -24.96
CA SER F 431 -56.35 -61.42 -23.99
C SER F 431 -57.80 -60.97 -24.05
N SER F 432 -58.03 -59.67 -24.27
CA SER F 432 -59.41 -59.20 -24.46
C SER F 432 -60.05 -59.87 -25.67
N MET F 433 -59.31 -59.95 -26.78
CA MET F 433 -59.82 -60.66 -27.96
C MET F 433 -60.03 -62.13 -27.66
N LEU F 434 -59.18 -62.73 -26.84
CA LEU F 434 -59.36 -64.13 -26.45
C LEU F 434 -60.65 -64.31 -25.66
N ILE F 435 -60.92 -63.40 -24.72
CA ILE F 435 -62.19 -63.43 -23.98
C ILE F 435 -63.35 -63.32 -24.97
N ASN F 436 -63.20 -62.46 -25.98
CA ASN F 436 -64.23 -62.37 -27.00
C ASN F 436 -64.44 -63.72 -27.69
N THR F 437 -63.33 -64.38 -28.06
CA THR F 437 -63.44 -65.71 -28.68
C THR F 437 -63.93 -66.74 -27.67
N ARG F 438 -63.27 -66.81 -26.51
CA ARG F 438 -63.59 -67.77 -25.45
C ARG F 438 -64.26 -69.05 -25.94
N ILE G 1 15.05 36.58 -14.70
CA ILE G 1 15.48 35.37 -14.03
C ILE G 1 16.99 35.19 -14.23
N THR G 2 17.63 34.49 -13.30
CA THR G 2 19.07 34.28 -13.36
C THR G 2 19.45 33.16 -12.40
N ASP G 3 20.75 32.90 -12.30
CA ASP G 3 21.29 31.92 -11.36
C ASP G 3 22.44 32.51 -10.54
N ASP G 4 22.72 33.80 -10.68
CA ASP G 4 23.77 34.43 -9.87
C ASP G 4 23.40 34.33 -8.40
N PHE G 5 24.41 34.11 -7.56
CA PHE G 5 24.19 33.82 -6.16
C PHE G 5 24.76 34.88 -5.22
N THR G 6 25.61 35.78 -5.70
CA THR G 6 26.18 36.80 -4.83
C THR G 6 25.18 37.86 -4.41
N LEU G 7 23.96 37.81 -4.94
CA LEU G 7 22.94 38.82 -4.66
C LEU G 7 22.06 38.47 -3.46
N THR G 8 22.34 37.36 -2.77
CA THR G 8 21.55 36.95 -1.63
C THR G 8 22.46 36.76 -0.43
N SER G 9 21.85 36.58 0.73
CA SER G 9 22.55 36.51 2.00
C SER G 9 21.86 35.47 2.88
N PRO G 10 22.54 34.97 3.90
CA PRO G 10 21.89 34.00 4.79
C PRO G 10 21.02 34.68 5.82
N TYR G 11 19.93 34.00 6.18
CA TYR G 11 18.91 34.55 7.06
C TYR G 11 18.79 33.72 8.32
N LEU G 12 18.76 34.39 9.46
CA LEU G 12 18.61 33.69 10.73
C LEU G 12 17.27 32.95 10.76
N GLY G 13 17.28 31.75 11.35
CA GLY G 13 16.09 30.95 11.46
C GLY G 13 15.84 30.52 12.90
N PHE G 14 14.68 29.91 13.12
CA PHE G 14 14.25 29.44 14.42
C PHE G 14 14.16 27.93 14.38
N CYS G 15 15.11 27.25 15.03
CA CYS G 15 15.17 25.80 14.97
C CYS G 15 14.57 25.17 16.23
N PRO G 16 13.77 24.11 16.07
CA PRO G 16 13.24 23.43 17.27
C PRO G 16 14.33 22.85 18.16
N TYR G 17 15.43 22.40 17.59
CA TYR G 17 16.56 21.90 18.37
C TYR G 17 17.65 22.95 18.45
N CYS G 18 18.48 22.83 19.49
CA CYS G 18 19.74 23.55 19.58
C CYS G 18 20.69 22.69 20.39
N ARG G 19 21.89 23.21 20.63
CA ARG G 19 22.88 22.44 21.38
C ARG G 19 22.38 22.12 22.78
N HIS G 20 21.49 22.96 23.33
CA HIS G 20 20.93 22.75 24.65
C HIS G 20 19.56 22.08 24.60
N SER G 21 19.19 21.50 23.46
CA SER G 21 18.00 20.65 23.34
C SER G 21 16.72 21.42 23.66
N ALA G 22 16.64 22.68 23.24
CA ALA G 22 15.42 23.47 23.33
C ALA G 22 15.37 24.42 22.14
N PRO G 23 14.17 24.77 21.67
CA PRO G 23 14.07 25.62 20.48
C PRO G 23 14.78 26.95 20.69
N CYS G 24 15.44 27.43 19.64
CA CYS G 24 16.18 28.69 19.73
C CYS G 24 16.55 29.15 18.33
N PHE G 25 17.02 30.39 18.25
CA PHE G 25 17.48 30.93 16.98
C PHE G 25 18.83 30.32 16.61
N SER G 26 19.09 30.23 15.31
CA SER G 26 20.33 29.67 14.81
C SER G 26 20.44 30.01 13.32
N PRO G 27 21.65 29.97 12.77
CA PRO G 27 21.84 30.24 11.34
C PRO G 27 21.80 29.01 10.45
N ILE G 28 21.42 27.85 10.97
CA ILE G 28 21.45 26.61 10.20
C ILE G 28 20.06 25.99 10.18
N LYS G 29 19.02 26.83 10.19
CA LYS G 29 17.66 26.32 10.15
C LYS G 29 17.43 25.46 8.92
N ILE G 30 16.71 24.36 9.10
CA ILE G 30 16.27 23.51 8.01
C ILE G 30 14.75 23.60 7.93
N GLU G 31 14.23 23.72 6.71
CA GLU G 31 12.79 23.75 6.49
C GLU G 31 12.30 22.80 5.41
N ASN G 32 13.19 22.06 4.76
CA ASN G 32 12.78 21.13 3.71
C ASN G 32 13.72 19.95 3.68
N VAL G 33 13.16 18.77 3.44
CA VAL G 33 13.94 17.53 3.35
C VAL G 33 13.22 16.60 2.38
N TRP G 34 13.93 16.14 1.36
CA TRP G 34 13.38 15.24 0.36
C TRP G 34 14.19 13.96 0.34
N ASP G 35 13.50 12.81 0.32
CA ASP G 35 14.17 11.52 0.34
C ASP G 35 13.53 10.52 -0.61
N GLU G 36 12.79 11.00 -1.63
CA GLU G 36 12.11 10.08 -2.54
C GLU G 36 13.07 9.29 -3.41
N SER G 37 14.33 9.69 -3.50
CA SER G 37 15.29 8.99 -4.35
C SER G 37 15.39 7.52 -3.95
N ASP G 38 15.35 6.65 -4.95
CA ASP G 38 15.44 5.21 -4.66
C ASP G 38 16.81 4.84 -4.12
N ASP G 39 17.85 5.52 -4.59
CA ASP G 39 19.20 5.22 -4.11
C ASP G 39 19.35 5.52 -2.62
N GLY G 40 18.48 6.37 -2.06
CA GLY G 40 18.53 6.71 -0.66
C GLY G 40 19.16 8.05 -0.35
N SER G 41 19.60 8.79 -1.36
CA SER G 41 20.18 10.10 -1.11
C SER G 41 19.12 11.04 -0.56
N ILE G 42 19.57 12.10 0.12
CA ILE G 42 18.68 13.05 0.78
C ILE G 42 19.14 14.46 0.46
N ARG G 43 18.21 15.31 0.04
CA ARG G 43 18.47 16.73 -0.16
C ARG G 43 18.05 17.50 1.09
N ILE G 44 18.89 18.43 1.52
CA ILE G 44 18.65 19.25 2.69
C ILE G 44 18.80 20.71 2.27
N GLN G 45 17.82 21.54 2.65
CA GLN G 45 17.82 22.96 2.34
C GLN G 45 18.00 23.73 3.63
N VAL G 46 19.19 24.29 3.83
CA VAL G 46 19.54 24.96 5.07
C VAL G 46 19.43 26.46 4.89
N SER G 47 19.43 27.18 6.00
CA SER G 47 19.32 28.64 5.95
C SER G 47 20.61 29.27 5.44
N ALA G 48 21.76 28.82 5.92
CA ALA G 48 23.02 29.42 5.55
C ALA G 48 23.30 29.19 4.07
N GLN G 49 24.39 29.79 3.59
CA GLN G 49 24.89 29.56 2.24
C GLN G 49 26.27 28.92 2.34
N PHE G 50 26.46 27.81 1.62
CA PHE G 50 27.78 27.23 1.46
C PHE G 50 27.95 26.79 0.02
N GLY G 51 29.17 26.36 -0.31
CA GLY G 51 29.53 26.10 -1.69
C GLY G 51 29.96 27.33 -2.45
N TYR G 52 29.69 28.52 -1.92
CA TYR G 52 30.10 29.77 -2.53
C TYR G 52 30.75 30.64 -1.45
N ASN G 53 31.59 31.56 -1.91
CA ASN G 53 32.27 32.46 -0.99
C ASN G 53 31.25 33.26 -0.19
N GLN G 54 31.74 33.90 0.89
CA GLN G 54 30.90 34.80 1.66
C GLN G 54 30.15 35.74 0.73
N ALA G 55 28.83 35.74 0.85
CA ALA G 55 28.01 36.56 -0.03
C ALA G 55 28.48 38.01 0.01
N GLY G 56 28.65 38.60 -1.17
CA GLY G 56 29.16 39.95 -1.29
C GLY G 56 30.67 40.05 -1.29
N THR G 57 31.39 38.94 -1.20
CA THR G 57 32.84 38.98 -1.21
C THR G 57 33.34 39.32 -2.62
N ALA G 58 34.63 39.64 -2.70
CA ALA G 58 35.24 39.92 -4.00
C ALA G 58 35.10 38.72 -4.94
N ASP G 59 35.35 37.52 -4.43
CA ASP G 59 35.11 36.29 -5.15
C ASP G 59 33.79 35.67 -4.68
N VAL G 60 33.12 34.96 -5.59
CA VAL G 60 31.80 34.41 -5.30
C VAL G 60 31.82 32.91 -5.09
N THR G 61 32.71 32.17 -5.75
CA THR G 61 32.73 30.72 -5.70
C THR G 61 34.00 30.25 -4.99
N LYS G 62 33.83 29.45 -3.93
CA LYS G 62 34.95 28.81 -3.26
C LYS G 62 34.39 27.65 -2.45
N PHE G 63 34.77 26.43 -2.81
CA PHE G 63 34.14 25.26 -2.22
C PHE G 63 34.34 25.20 -0.71
N ARG G 64 35.56 25.47 -0.25
CA ARG G 64 35.84 25.34 1.17
C ARG G 64 35.15 26.41 2.02
N TYR G 65 34.53 27.40 1.40
CA TYR G 65 34.01 28.54 2.16
C TYR G 65 32.60 28.22 2.65
N MET G 66 32.29 28.65 3.87
CA MET G 66 30.96 28.49 4.45
C MET G 66 30.47 29.89 4.85
N SER G 67 29.34 30.30 4.29
CA SER G 67 28.81 31.66 4.46
C SER G 67 27.62 31.62 5.41
N TYR G 68 27.75 32.25 6.58
CA TYR G 68 26.69 32.27 7.56
C TYR G 68 26.59 33.67 8.15
N ASP G 69 25.65 33.85 9.08
CA ASP G 69 25.32 35.18 9.59
C ASP G 69 25.09 35.12 11.09
N HIS G 70 25.55 36.16 11.79
CA HIS G 70 25.33 36.31 13.22
C HIS G 70 25.91 37.66 13.63
N ASP G 71 25.59 38.06 14.87
CA ASP G 71 26.11 39.30 15.44
C ASP G 71 25.88 40.48 14.48
N HIS G 72 24.66 40.55 13.95
CA HIS G 72 24.27 41.54 12.95
C HIS G 72 25.38 41.78 11.93
N ASP G 73 25.86 40.69 11.34
CA ASP G 73 26.87 40.75 10.29
C ASP G 73 27.03 39.37 9.69
N ILE G 74 27.44 39.35 8.41
CA ILE G 74 27.67 38.12 7.67
C ILE G 74 29.16 37.80 7.70
N LYS G 75 29.49 36.51 7.81
CA LYS G 75 30.89 36.11 7.86
C LYS G 75 31.06 34.68 7.34
N GLU G 76 32.32 34.24 7.36
CA GLU G 76 32.81 33.04 6.70
C GLU G 76 33.07 31.93 7.72
N ASP G 77 33.22 30.70 7.21
CA ASP G 77 33.75 29.58 7.99
C ASP G 77 34.29 28.56 7.00
N SER G 78 35.15 27.67 7.50
CA SER G 78 35.74 26.63 6.67
C SER G 78 34.76 25.47 6.52
N MET G 79 34.55 25.02 5.28
CA MET G 79 33.53 24.02 5.02
C MET G 79 33.81 22.70 5.72
N GLU G 80 35.07 22.39 6.04
CA GLU G 80 35.39 21.09 6.60
C GLU G 80 34.77 20.88 7.98
N LYS G 81 34.24 21.92 8.61
CA LYS G 81 33.67 21.83 9.95
C LYS G 81 32.16 21.70 9.93
N LEU G 82 31.61 21.04 8.91
CA LEU G 82 30.18 20.80 8.79
C LEU G 82 29.92 19.30 8.78
N ALA G 83 28.95 18.85 9.56
CA ALA G 83 28.62 17.44 9.65
C ALA G 83 27.12 17.24 9.61
N ILE G 84 26.70 16.07 9.13
CA ILE G 84 25.29 15.69 9.06
C ILE G 84 25.16 14.32 9.70
N SER G 85 24.00 14.06 10.31
CA SER G 85 23.78 12.79 10.97
C SER G 85 22.30 12.50 11.11
N THR G 86 21.93 11.22 10.93
CA THR G 86 20.59 10.76 11.25
C THR G 86 20.61 9.75 12.39
N SER G 87 21.37 8.67 12.25
CA SER G 87 21.63 7.74 13.34
C SER G 87 23.12 7.51 13.53
N GLY G 88 23.94 8.37 12.94
CA GLY G 88 25.37 8.22 12.96
C GLY G 88 26.02 9.15 11.96
N PRO G 89 27.28 8.90 11.61
CA PRO G 89 27.93 9.75 10.61
C PRO G 89 27.21 9.70 9.27
N CYS G 90 27.18 10.84 8.59
CA CYS G 90 26.57 10.96 7.27
C CYS G 90 27.61 11.50 6.30
N ARG G 91 27.62 10.93 5.09
CA ARG G 91 28.62 11.24 4.09
C ARG G 91 28.09 12.31 3.15
N ARG G 92 28.77 13.45 3.11
CA ARG G 92 28.39 14.51 2.19
C ARG G 92 28.73 14.10 0.76
N LEU G 93 27.85 14.47 -0.17
CA LEU G 93 28.02 14.15 -1.58
C LEU G 93 28.09 15.37 -2.47
N GLY G 94 27.25 16.37 -2.22
CA GLY G 94 27.28 17.59 -3.02
C GLY G 94 26.75 18.76 -2.23
N HIS G 95 27.09 19.95 -2.70
CA HIS G 95 26.65 21.18 -2.02
C HIS G 95 26.66 22.32 -3.02
N LYS G 96 25.57 23.10 -3.04
CA LYS G 96 25.46 24.21 -3.97
C LYS G 96 24.42 25.17 -3.42
N GLY G 97 24.78 26.44 -3.31
CA GLY G 97 23.83 27.45 -2.88
C GLY G 97 23.21 27.07 -1.54
N TYR G 98 21.88 27.15 -1.48
CA TYR G 98 21.15 26.86 -0.25
C TYR G 98 21.06 25.37 0.04
N PHE G 99 21.34 24.51 -0.94
CA PHE G 99 21.01 23.09 -0.84
C PHE G 99 22.27 22.24 -0.77
N LEU G 100 22.14 21.08 -0.16
CA LEU G 100 23.21 20.09 -0.19
C LEU G 100 22.58 18.70 -0.22
N LEU G 101 23.33 17.75 -0.76
CA LEU G 101 22.85 16.40 -0.98
C LEU G 101 23.80 15.43 -0.30
N ALA G 102 23.26 14.58 0.57
CA ALA G 102 24.04 13.68 1.39
C ALA G 102 23.44 12.27 1.31
N GLN G 103 24.09 11.34 2.00
CA GLN G 103 23.65 9.94 2.02
C GLN G 103 24.03 9.35 3.37
N CYS G 104 23.10 8.61 3.97
CA CYS G 104 23.37 7.94 5.24
C CYS G 104 22.21 7.06 5.68
N PRO G 105 22.46 6.09 6.56
CA PRO G 105 21.43 5.08 6.88
C PRO G 105 20.21 5.71 7.52
N PRO G 106 19.14 4.94 7.68
CA PRO G 106 17.89 5.53 8.20
C PRO G 106 17.97 5.90 9.66
N GLY G 107 16.85 6.40 10.20
CA GLY G 107 16.78 6.80 11.58
C GLY G 107 15.41 7.38 11.92
N ASP G 108 15.39 8.49 12.65
CA ASP G 108 14.16 9.19 12.95
C ASP G 108 14.26 10.70 12.79
N SER G 109 15.45 11.26 12.67
CA SER G 109 15.62 12.70 12.55
C SER G 109 16.86 12.98 11.71
N VAL G 110 16.95 14.22 11.22
CA VAL G 110 18.08 14.68 10.43
C VAL G 110 18.70 15.85 11.17
N THR G 111 20.03 15.84 11.30
CA THR G 111 20.75 16.76 12.16
C THR G 111 21.90 17.35 11.37
N VAL G 112 22.08 18.66 11.47
CA VAL G 112 23.21 19.34 10.83
C VAL G 112 23.94 20.16 11.89
N SER G 113 25.25 19.95 12.00
CA SER G 113 26.04 20.57 13.05
C SER G 113 27.28 21.23 12.45
N ILE G 114 27.72 22.31 13.09
CA ILE G 114 28.95 22.99 12.70
C ILE G 114 29.69 23.38 13.97
N THR G 115 31.00 23.11 13.99
CA THR G 115 31.85 23.44 15.12
C THR G 115 32.71 24.65 14.75
N SER G 116 32.63 25.70 15.56
CA SER G 116 33.38 26.93 15.33
C SER G 116 34.72 26.94 16.05
N GLY G 117 35.30 25.78 16.32
CA GLY G 117 36.55 25.68 17.05
C GLY G 117 36.38 25.65 18.55
N ALA G 118 35.67 26.63 19.10
CA ALA G 118 35.39 26.69 20.53
C ALA G 118 33.93 26.48 20.87
N SER G 119 33.02 26.67 19.91
CA SER G 119 31.59 26.48 20.14
C SER G 119 31.00 25.69 18.97
N GLU G 120 29.95 24.94 19.25
CA GLU G 120 29.29 24.11 18.27
C GLU G 120 27.80 24.42 18.25
N ASN G 121 27.23 24.51 17.06
CA ASN G 121 25.81 24.80 16.88
C ASN G 121 25.21 23.73 15.97
N SER G 122 24.09 23.17 16.39
CA SER G 122 23.40 22.14 15.63
C SER G 122 21.92 22.48 15.52
N CYS G 123 21.33 22.09 14.39
CA CYS G 123 19.90 22.22 14.17
C CYS G 123 19.39 20.92 13.56
N THR G 124 18.21 20.48 14.01
CA THR G 124 17.73 19.16 13.63
C THR G 124 16.25 19.29 13.27
N VAL G 125 15.72 18.24 12.64
CA VAL G 125 14.31 18.20 12.30
C VAL G 125 13.86 16.75 12.23
N GLU G 126 12.66 16.48 12.72
CA GLU G 126 12.09 15.15 12.66
C GLU G 126 11.80 14.76 11.21
N LYS G 127 12.08 13.51 10.88
CA LYS G 127 11.79 13.00 9.55
C LYS G 127 11.89 11.48 9.54
N LYS G 128 10.89 10.81 8.97
CA LYS G 128 10.85 9.34 8.95
C LYS G 128 11.67 8.86 7.77
N ILE G 129 12.92 8.47 8.01
CA ILE G 129 13.80 7.92 7.00
C ILE G 129 13.84 6.41 7.19
N ARG G 130 13.46 5.67 6.15
CA ARG G 130 13.49 4.22 6.16
C ARG G 130 14.15 3.72 4.89
N ARG G 131 15.05 2.75 5.03
CA ARG G 131 15.71 2.19 3.86
C ARG G 131 14.69 1.54 2.94
N LYS G 132 14.79 1.85 1.65
CA LYS G 132 13.92 1.27 0.63
C LYS G 132 14.77 0.95 -0.58
N PHE G 133 14.32 -0.04 -1.36
CA PHE G 133 15.06 -0.41 -2.56
C PHE G 133 14.11 -1.02 -3.58
N VAL G 134 14.56 -1.01 -4.84
CA VAL G 134 13.73 -1.40 -5.95
C VAL G 134 13.80 -2.91 -6.15
N GLY G 135 12.76 -3.47 -6.74
CA GLY G 135 12.69 -4.89 -7.03
C GLY G 135 11.59 -5.57 -6.23
N ARG G 136 11.39 -6.84 -6.54
CA ARG G 136 10.40 -7.66 -5.88
C ARG G 136 10.95 -8.34 -4.62
N GLU G 137 12.12 -7.92 -4.15
CA GLU G 137 12.76 -8.51 -2.99
C GLU G 137 13.64 -7.46 -2.33
N GLU G 138 13.34 -7.13 -1.08
CA GLU G 138 14.02 -6.06 -0.36
C GLU G 138 15.31 -6.63 0.23
N TYR G 139 16.43 -6.27 -0.39
CA TYR G 139 17.76 -6.67 0.07
C TYR G 139 18.38 -5.54 0.88
N LEU G 140 19.67 -5.68 1.20
CA LEU G 140 20.41 -4.67 1.97
C LEU G 140 21.17 -3.72 1.05
N PHE G 141 22.06 -4.25 0.22
CA PHE G 141 22.77 -3.45 -0.78
C PHE G 141 22.86 -4.26 -2.06
N PRO G 142 22.85 -3.61 -3.22
CA PRO G 142 22.80 -4.34 -4.48
C PRO G 142 24.02 -5.24 -4.64
N PRO G 143 23.85 -6.43 -5.20
CA PRO G 143 24.99 -7.33 -5.39
C PRO G 143 25.76 -6.99 -6.65
N VAL G 144 26.90 -7.67 -6.81
CA VAL G 144 27.73 -7.46 -7.99
C VAL G 144 27.03 -8.01 -9.23
N HIS G 145 26.34 -9.13 -9.10
CA HIS G 145 25.70 -9.81 -10.23
C HIS G 145 24.19 -9.73 -10.08
N GLY G 146 23.51 -9.37 -11.16
CA GLY G 146 22.06 -9.30 -11.14
C GLY G 146 21.54 -8.59 -12.36
N LYS G 147 20.21 -8.52 -12.43
CA LYS G 147 19.55 -7.86 -13.54
C LYS G 147 19.65 -6.35 -13.40
N LEU G 148 19.34 -5.66 -14.50
CA LEU G 148 19.34 -4.21 -14.54
C LEU G 148 17.91 -3.71 -14.72
N VAL G 149 17.51 -2.74 -13.91
CA VAL G 149 16.15 -2.21 -13.90
C VAL G 149 16.22 -0.69 -13.87
N LYS G 150 15.06 -0.06 -14.04
CA LYS G 150 14.97 1.38 -13.97
C LYS G 150 14.81 1.85 -12.54
N CYS G 151 15.53 2.90 -12.18
CA CYS G 151 15.41 3.55 -10.87
C CYS G 151 15.52 5.04 -11.09
N HIS G 152 15.30 5.81 -10.02
CA HIS G 152 15.44 7.26 -10.06
C HIS G 152 16.41 7.66 -8.96
N VAL G 153 17.45 8.39 -9.34
CA VAL G 153 18.51 8.78 -8.41
C VAL G 153 18.79 10.26 -8.59
N TYR G 154 19.31 10.87 -7.53
CA TYR G 154 19.70 12.28 -7.57
C TYR G 154 21.11 12.38 -8.16
N ASP G 155 21.26 13.14 -9.23
CA ASP G 155 22.57 13.32 -9.83
C ASP G 155 23.51 14.01 -8.84
N HIS G 156 24.76 13.54 -8.82
CA HIS G 156 25.79 14.10 -7.96
C HIS G 156 26.49 15.29 -8.59
N LEU G 157 25.85 15.95 -9.55
CA LEU G 157 26.45 17.05 -10.29
C LEU G 157 25.75 18.35 -9.95
N LYS G 158 26.51 19.44 -9.93
CA LYS G 158 25.95 20.74 -9.57
C LYS G 158 24.85 21.15 -10.53
N GLU G 159 25.02 20.88 -11.82
CA GLU G 159 24.06 21.31 -12.82
C GLU G 159 22.70 20.67 -12.56
N THR G 160 21.65 21.48 -12.70
CA THR G 160 20.28 21.03 -12.53
C THR G 160 19.39 21.69 -13.56
N SER G 161 18.26 21.04 -13.86
CA SER G 161 17.25 21.62 -14.73
C SER G 161 15.84 21.34 -14.23
N ALA G 162 15.69 21.18 -12.91
CA ALA G 162 14.38 20.96 -12.30
C ALA G 162 14.25 21.81 -11.05
N GLY G 163 13.05 22.34 -10.84
CA GLY G 163 12.75 23.14 -9.67
C GLY G 163 12.88 24.62 -9.93
N TYR G 164 12.28 25.40 -9.03
CA TYR G 164 12.17 26.84 -9.22
C TYR G 164 11.94 27.45 -7.84
N ILE G 165 12.96 28.09 -7.27
CA ILE G 165 12.86 28.67 -5.93
C ILE G 165 12.80 30.18 -6.07
N THR G 166 11.90 30.80 -5.31
CA THR G 166 11.71 32.24 -5.37
C THR G 166 12.71 32.96 -4.49
N MET G 167 12.78 34.28 -4.68
CA MET G 167 13.66 35.11 -3.86
C MET G 167 13.17 36.56 -3.95
N HIS G 168 13.18 37.26 -2.82
CA HIS G 168 12.74 38.64 -2.77
C HIS G 168 13.47 39.37 -1.66
N ARG G 169 13.38 40.70 -1.70
CA ARG G 169 14.12 41.54 -0.78
C ARG G 169 13.66 41.32 0.65
N PRO G 170 14.51 41.63 1.62
CA PRO G 170 14.20 41.30 3.02
C PRO G 170 13.30 42.37 3.65
N GLY G 171 12.73 41.99 4.80
CA GLY G 171 11.94 42.90 5.59
C GLY G 171 12.80 43.68 6.57
N PRO G 172 12.19 44.39 7.49
CA PRO G 172 12.94 45.14 8.48
C PRO G 172 13.44 44.24 9.60
N HIS G 173 14.26 44.80 10.47
CA HIS G 173 14.86 44.06 11.57
C HIS G 173 14.98 45.01 12.76
N ALA G 174 14.65 44.51 13.94
CA ALA G 174 14.72 45.27 15.17
C ALA G 174 15.99 44.91 15.94
N TYR G 175 16.36 45.77 16.88
CA TYR G 175 17.51 45.52 17.73
C TYR G 175 17.36 46.32 19.01
N LYS G 176 18.00 45.83 20.07
CA LYS G 176 18.01 46.52 21.35
C LYS G 176 19.28 47.35 21.55
N SER G 177 20.42 46.89 21.05
CA SER G 177 21.66 47.62 21.22
C SER G 177 21.62 48.99 20.54
N TYR G 178 20.68 49.21 19.62
CA TYR G 178 20.61 50.50 18.95
C TYR G 178 20.09 51.59 19.87
N LEU G 179 19.35 51.23 20.92
CA LEU G 179 18.80 52.18 21.86
C LEU G 179 19.28 51.85 23.27
N GLU G 180 19.59 52.90 24.04
CA GLU G 180 20.00 52.77 25.42
C GLU G 180 19.12 53.68 26.28
N GLU G 181 18.78 53.20 27.48
CA GLU G 181 17.85 53.89 28.35
C GLU G 181 18.35 53.87 29.80
N ALA G 182 19.66 54.03 29.97
CA ALA G 182 20.21 54.07 31.32
C ALA G 182 19.64 55.25 32.10
N SER G 183 19.53 56.41 31.46
CA SER G 183 18.90 57.57 32.06
C SER G 183 17.41 57.62 31.69
N GLY G 184 16.68 58.50 32.37
CA GLY G 184 15.27 58.64 32.06
C GLY G 184 15.02 58.99 30.60
N GLU G 185 15.85 59.88 30.05
CA GLU G 185 15.74 60.25 28.65
C GLU G 185 16.22 59.11 27.76
N VAL G 186 15.60 59.00 26.59
CA VAL G 186 15.99 57.97 25.64
C VAL G 186 17.43 58.23 25.16
N TYR G 187 18.05 57.18 24.62
CA TYR G 187 19.34 57.31 23.98
C TYR G 187 19.45 56.29 22.86
N ILE G 188 19.88 56.75 21.69
CA ILE G 188 20.05 55.91 20.51
C ILE G 188 21.50 56.03 20.05
N LYS G 189 22.18 54.89 19.92
CA LYS G 189 23.56 54.85 19.44
C LYS G 189 23.63 53.86 18.28
N PRO G 190 23.33 54.31 17.05
CA PRO G 190 23.44 53.41 15.91
C PRO G 190 24.88 52.99 15.70
N PRO G 191 25.12 51.81 15.13
CA PRO G 191 26.50 51.35 14.95
C PRO G 191 27.31 52.35 14.14
N SER G 192 28.58 52.50 14.52
CA SER G 192 29.46 53.47 13.86
C SER G 192 29.58 53.14 12.38
N GLY G 193 29.57 54.18 11.55
CA GLY G 193 29.66 53.99 10.11
C GLY G 193 28.54 53.17 9.54
N LYS G 194 27.31 53.45 9.96
CA LYS G 194 26.16 52.67 9.52
C LYS G 194 24.90 53.52 9.64
N ASN G 195 24.12 53.60 8.58
CA ASN G 195 22.84 54.30 8.62
C ASN G 195 21.83 53.50 9.43
N VAL G 196 20.86 54.21 10.00
CA VAL G 196 19.82 53.58 10.80
C VAL G 196 18.57 54.44 10.75
N THR G 197 17.41 53.78 10.78
CA THR G 197 16.13 54.45 10.90
C THR G 197 15.55 54.14 12.28
N TYR G 198 14.83 55.11 12.85
CA TYR G 198 14.21 54.92 14.15
C TYR G 198 12.76 55.42 14.08
N GLU G 199 11.87 54.74 14.81
CA GLU G 199 10.45 55.04 14.77
C GLU G 199 9.83 54.87 16.14
N CYS G 200 8.96 55.81 16.52
CA CYS G 200 8.07 55.61 17.66
C CYS G 200 6.84 56.51 17.53
N LYS G 201 5.81 56.16 18.31
CA LYS G 201 4.46 56.64 18.09
C LYS G 201 3.99 57.70 19.08
N CYS G 202 4.72 57.92 20.17
CA CYS G 202 4.30 58.89 21.17
C CYS G 202 3.90 60.20 20.50
N GLY G 203 2.62 60.55 20.59
CA GLY G 203 2.10 61.71 19.87
C GLY G 203 1.81 61.44 18.42
N ASP G 204 2.78 60.89 17.68
CA ASP G 204 2.62 60.60 16.27
C ASP G 204 3.68 59.59 15.86
N TYR G 205 3.50 59.02 14.66
CA TYR G 205 4.46 58.06 14.14
C TYR G 205 5.73 58.77 13.69
N SER G 206 6.45 59.36 14.65
CA SER G 206 7.67 60.09 14.34
C SER G 206 8.78 59.11 13.97
N THR G 207 9.45 59.40 12.86
CA THR G 207 10.56 58.59 12.37
C THR G 207 11.73 59.51 12.02
N GLY G 208 12.94 58.95 12.11
CA GLY G 208 14.14 59.71 11.81
C GLY G 208 15.24 58.82 11.25
N ILE G 209 16.18 59.47 10.57
CA ILE G 209 17.33 58.82 9.95
C ILE G 209 18.59 59.33 10.62
N VAL G 210 19.50 58.43 10.96
CA VAL G 210 20.74 58.75 11.64
C VAL G 210 21.89 58.08 10.91
N SER G 211 22.88 58.87 10.51
CA SER G 211 24.10 58.38 9.85
C SER G 211 25.25 58.55 10.84
N THR G 212 25.54 57.50 11.60
CA THR G 212 26.54 57.56 12.65
C THR G 212 26.24 58.70 13.62
N ARG G 213 24.95 58.88 13.92
CA ARG G 213 24.48 59.98 14.73
C ARG G 213 23.52 59.45 15.78
N THR G 214 23.39 60.20 16.88
CA THR G 214 22.49 59.86 17.98
C THR G 214 21.41 60.94 18.07
N LYS G 215 20.34 60.78 17.29
CA LYS G 215 19.20 61.69 17.34
C LYS G 215 18.31 61.32 18.52
N MET G 216 17.47 62.26 18.94
CA MET G 216 16.66 62.11 20.13
C MET G 216 15.17 62.29 19.83
N ASN G 217 14.35 61.76 20.73
CA ASN G 217 12.90 61.84 20.64
C ASN G 217 12.35 62.33 21.98
N GLY G 218 11.25 63.08 21.90
CA GLY G 218 10.66 63.64 23.11
C GLY G 218 10.20 62.58 24.09
N CYS G 219 9.52 61.55 23.59
CA CYS G 219 8.99 60.51 24.47
C CYS G 219 10.12 59.69 25.06
N THR G 220 9.94 59.26 26.31
CA THR G 220 11.04 58.72 27.12
C THR G 220 11.02 57.22 27.30
N LYS G 221 9.88 56.56 27.13
CA LYS G 221 9.79 55.15 27.49
C LYS G 221 10.75 54.30 26.66
N ALA G 222 11.39 53.34 27.32
CA ALA G 222 12.38 52.50 26.65
C ALA G 222 11.76 51.70 25.51
N LYS G 223 10.59 51.10 25.76
CA LYS G 223 9.94 50.27 24.77
C LYS G 223 9.50 51.08 23.54
N GLN G 224 9.47 52.40 23.65
CA GLN G 224 8.75 53.20 22.68
C GLN G 224 9.34 53.09 21.28
N CYS G 225 10.59 53.54 21.10
CA CYS G 225 11.17 53.64 19.76
C CYS G 225 12.03 52.42 19.43
N ILE G 226 11.96 52.02 18.16
CA ILE G 226 12.65 50.86 17.63
C ILE G 226 13.43 51.28 16.40
N ALA G 227 14.52 50.57 16.11
CA ALA G 227 15.46 50.96 15.07
C ALA G 227 15.66 49.83 14.07
N TYR G 228 15.73 50.20 12.79
CA TYR G 228 16.07 49.31 11.70
C TYR G 228 17.43 49.69 11.12
N LYS G 229 18.27 48.67 10.89
CA LYS G 229 19.52 48.85 10.15
C LYS G 229 19.31 48.58 8.67
N ARG G 230 18.32 49.26 8.08
CA ARG G 230 17.87 48.91 6.73
C ARG G 230 19.01 49.00 5.72
N ASP G 231 19.15 47.96 4.93
CA ASP G 231 20.10 47.91 3.81
C ASP G 231 19.45 47.50 2.50
N GLN G 232 18.47 46.60 2.55
CA GLN G 232 17.72 46.14 1.38
C GLN G 232 18.63 45.99 0.16
N THR G 233 19.74 45.27 0.37
CA THR G 233 20.70 44.99 -0.69
C THR G 233 20.61 43.56 -1.19
N LYS G 234 20.62 42.58 -0.30
CA LYS G 234 20.63 41.17 -0.67
C LYS G 234 19.23 40.60 -0.50
N TRP G 235 18.83 39.76 -1.46
CA TRP G 235 17.53 39.10 -1.40
C TRP G 235 17.58 37.92 -0.43
N VAL G 236 16.41 37.37 -0.13
CA VAL G 236 16.29 36.32 0.88
C VAL G 236 15.13 35.42 0.51
N PHE G 237 15.28 34.13 0.81
CA PHE G 237 14.22 33.15 0.60
C PHE G 237 13.11 33.35 1.63
N ASN G 238 11.87 33.15 1.20
CA ASN G 238 10.76 33.31 2.14
C ASN G 238 10.77 32.16 3.15
N SER G 239 10.60 32.51 4.42
CA SER G 239 10.53 31.53 5.49
C SER G 239 9.62 32.07 6.57
N PRO G 240 9.01 31.21 7.38
CA PRO G 240 8.13 31.70 8.43
C PRO G 240 8.84 32.60 9.44
N ASP G 241 10.15 32.47 9.56
CA ASP G 241 10.92 33.19 10.58
C ASP G 241 11.35 34.58 10.14
N LEU G 242 10.90 35.05 8.98
CA LEU G 242 11.25 36.36 8.49
C LEU G 242 10.00 37.24 8.42
N ILE G 243 10.21 38.48 7.98
CA ILE G 243 9.13 39.45 7.82
C ILE G 243 9.23 40.02 6.41
N ARG G 244 8.11 40.50 5.89
CA ARG G 244 8.03 40.94 4.51
C ARG G 244 8.07 42.46 4.44
N HIS G 245 8.92 42.98 3.54
CA HIS G 245 8.88 44.41 3.24
C HIS G 245 7.53 44.78 2.65
N THR G 246 7.10 46.00 2.91
CA THR G 246 5.73 46.39 2.56
C THR G 246 5.42 46.19 1.09
N ASP G 247 6.43 46.21 0.21
CA ASP G 247 6.17 46.03 -1.21
C ASP G 247 5.58 44.66 -1.50
N HIS G 248 6.13 43.60 -0.89
CA HIS G 248 5.66 42.23 -1.10
C HIS G 248 5.69 41.88 -2.59
N SER G 249 6.91 41.84 -3.14
CA SER G 249 7.12 41.54 -4.54
C SER G 249 8.22 40.50 -4.70
N VAL G 250 8.11 39.72 -5.77
CA VAL G 250 9.10 38.70 -6.12
C VAL G 250 10.16 39.34 -7.00
N GLN G 251 11.42 39.16 -6.64
CA GLN G 251 12.53 39.79 -7.33
C GLN G 251 13.34 38.86 -8.21
N GLY G 252 13.58 37.62 -7.78
CA GLY G 252 14.41 36.74 -8.57
C GLY G 252 14.10 35.28 -8.29
N LYS G 253 14.83 34.42 -8.99
CA LYS G 253 14.66 32.98 -8.88
C LYS G 253 16.02 32.31 -8.83
N LEU G 254 16.01 31.07 -8.33
CA LEU G 254 17.23 30.26 -8.31
C LEU G 254 16.85 28.79 -8.52
N HIS G 255 17.84 28.04 -8.99
CA HIS G 255 17.68 26.62 -9.30
C HIS G 255 18.05 25.78 -8.08
N ILE G 256 17.22 24.80 -7.77
CA ILE G 256 17.51 23.83 -6.71
C ILE G 256 18.39 22.75 -7.33
N PRO G 257 19.62 22.57 -6.85
CA PRO G 257 20.52 21.61 -7.49
C PRO G 257 20.23 20.18 -7.08
N PHE G 258 20.95 19.26 -7.73
CA PHE G 258 20.91 17.84 -7.39
C PHE G 258 19.48 17.29 -7.53
N ARG G 259 19.02 17.30 -8.78
CA ARG G 259 17.64 16.93 -9.09
C ARG G 259 17.58 15.53 -9.72
N LEU G 260 16.36 14.98 -9.73
CA LEU G 260 16.14 13.57 -10.01
C LEU G 260 16.47 13.23 -11.45
N THR G 261 16.81 11.97 -11.69
CA THR G 261 17.03 11.48 -13.04
C THR G 261 16.83 9.96 -13.08
N PRO G 262 16.30 9.42 -14.18
CA PRO G 262 16.17 7.96 -14.29
C PRO G 262 17.47 7.33 -14.77
N THR G 263 17.78 6.17 -14.20
CA THR G 263 19.06 5.53 -14.46
C THR G 263 18.95 4.03 -14.19
N VAL G 264 19.89 3.28 -14.74
CA VAL G 264 19.94 1.84 -14.51
C VAL G 264 20.40 1.55 -13.09
N CYS G 265 19.78 0.56 -12.45
CA CYS G 265 20.16 0.08 -11.14
C CYS G 265 20.28 -1.44 -11.18
N PRO G 266 21.14 -2.01 -10.35
CA PRO G 266 21.24 -3.47 -10.28
C PRO G 266 20.36 -4.08 -9.20
N VAL G 267 19.81 -5.25 -9.52
CA VAL G 267 18.95 -5.97 -8.58
C VAL G 267 19.32 -7.44 -8.58
N PRO G 268 19.17 -8.10 -7.44
CA PRO G 268 19.61 -9.49 -7.32
C PRO G 268 18.67 -10.45 -8.05
N LEU G 269 19.23 -11.61 -8.41
CA LEU G 269 18.50 -12.71 -9.00
C LEU G 269 18.30 -13.76 -7.91
N ALA G 270 17.06 -13.93 -7.46
CA ALA G 270 16.79 -14.85 -6.37
C ALA G 270 17.00 -16.29 -6.80
N HIS G 271 17.24 -17.15 -5.81
CA HIS G 271 17.46 -18.56 -6.08
C HIS G 271 16.28 -19.15 -6.84
N THR G 272 16.57 -19.83 -7.93
CA THR G 272 15.50 -20.37 -8.78
C THR G 272 14.80 -21.51 -8.06
N PRO G 273 13.47 -21.55 -8.03
CA PRO G 273 12.77 -22.60 -7.29
C PRO G 273 12.90 -23.94 -7.99
N THR G 274 12.49 -24.99 -7.28
CA THR G 274 12.48 -26.35 -7.79
C THR G 274 11.03 -26.77 -7.97
N VAL G 275 10.65 -27.10 -9.20
CA VAL G 275 9.29 -27.51 -9.51
C VAL G 275 9.13 -28.99 -9.19
N THR G 276 7.92 -29.39 -8.83
CA THR G 276 7.62 -30.76 -8.43
C THR G 276 6.52 -31.32 -9.33
N LYS G 277 6.04 -32.51 -8.98
CA LYS G 277 4.99 -33.20 -9.72
C LYS G 277 3.75 -33.31 -8.84
N TRP G 278 2.58 -33.05 -9.42
CA TRP G 278 1.33 -33.10 -8.68
C TRP G 278 0.20 -33.08 -9.70
N PHE G 279 -0.73 -34.02 -9.57
CA PHE G 279 -1.83 -34.13 -10.53
C PHE G 279 -2.75 -32.93 -10.40
N LYS G 280 -2.86 -32.14 -11.47
CA LYS G 280 -3.66 -30.93 -11.48
C LYS G 280 -3.22 -29.96 -10.39
N GLY G 281 -1.91 -29.85 -10.20
CA GLY G 281 -1.36 -28.93 -9.23
C GLY G 281 0.15 -28.96 -9.24
N ILE G 282 0.74 -28.10 -8.42
CA ILE G 282 2.19 -27.98 -8.32
C ILE G 282 2.57 -27.72 -6.87
N THR G 283 3.73 -28.22 -6.48
CA THR G 283 4.37 -27.87 -5.22
C THR G 283 5.71 -27.23 -5.52
N LEU G 284 5.95 -26.05 -4.97
CA LEU G 284 7.16 -25.29 -5.22
C LEU G 284 7.98 -25.25 -3.93
N HIS G 285 9.21 -25.76 -4.01
CA HIS G 285 10.14 -25.70 -2.88
C HIS G 285 10.86 -24.37 -2.97
N LEU G 286 10.28 -23.35 -2.35
CA LEU G 286 10.76 -21.98 -2.49
C LEU G 286 11.81 -21.71 -1.42
N THR G 287 12.98 -21.26 -1.86
CA THR G 287 14.11 -20.97 -0.99
C THR G 287 14.53 -19.52 -1.17
N ALA G 288 14.60 -18.77 -0.08
CA ALA G 288 15.03 -17.38 -0.13
C ALA G 288 15.50 -16.97 1.25
N THR G 289 16.57 -16.18 1.27
CA THR G 289 17.20 -15.76 2.52
C THR G 289 16.73 -14.39 3.00
N ARG G 290 16.19 -13.57 2.12
CA ARG G 290 15.68 -12.25 2.45
C ARG G 290 14.27 -12.11 1.91
N PRO G 291 13.49 -11.18 2.45
CA PRO G 291 12.09 -11.05 2.01
C PRO G 291 12.00 -10.93 0.49
N THR G 292 11.13 -11.74 -0.09
CA THR G 292 10.90 -11.75 -1.53
C THR G 292 9.41 -11.77 -1.79
N LEU G 293 9.01 -11.30 -2.97
CA LEU G 293 7.60 -11.23 -3.35
C LEU G 293 7.35 -12.24 -4.46
N LEU G 294 6.42 -13.16 -4.22
CA LEU G 294 5.97 -14.12 -5.22
C LEU G 294 4.55 -13.79 -5.65
N THR G 295 4.30 -13.92 -6.95
CA THR G 295 2.98 -13.63 -7.49
C THR G 295 2.66 -14.62 -8.60
N THR G 296 1.36 -14.88 -8.78
CA THR G 296 0.90 -15.76 -9.84
C THR G 296 -0.57 -15.47 -10.12
N ARG G 297 -1.02 -15.94 -11.28
CA ARG G 297 -2.42 -15.77 -11.66
C ARG G 297 -2.76 -16.80 -12.73
N LYS G 298 -4.01 -17.27 -12.69
CA LYS G 298 -4.49 -18.19 -13.71
C LYS G 298 -4.69 -17.45 -15.04
N LEU G 299 -4.67 -18.22 -16.12
CA LEU G 299 -4.78 -17.67 -17.46
C LEU G 299 -6.19 -17.80 -18.04
N GLY G 300 -7.16 -18.20 -17.22
CA GLY G 300 -8.53 -18.35 -17.68
C GLY G 300 -9.36 -17.10 -17.45
N LEU G 301 -10.67 -17.28 -17.46
CA LEU G 301 -11.57 -16.16 -17.23
C LEU G 301 -11.34 -15.55 -15.85
N ARG G 302 -11.17 -16.39 -14.83
CA ARG G 302 -10.95 -15.91 -13.47
C ARG G 302 -9.49 -15.54 -13.29
N ALA G 303 -9.25 -14.32 -12.83
CA ALA G 303 -7.87 -13.87 -12.62
C ALA G 303 -7.19 -14.72 -11.55
N ASP G 304 -7.88 -14.97 -10.44
CA ASP G 304 -7.34 -15.76 -9.34
C ASP G 304 -5.97 -15.22 -8.91
N ALA G 305 -5.86 -13.90 -8.85
CA ALA G 305 -4.59 -13.27 -8.50
C ALA G 305 -4.13 -13.73 -7.12
N THR G 306 -2.86 -14.07 -7.02
CA THR G 306 -2.27 -14.49 -5.76
C THR G 306 -0.93 -13.79 -5.58
N ALA G 307 -0.74 -13.16 -4.43
CA ALA G 307 0.50 -12.48 -4.10
C ALA G 307 0.88 -12.81 -2.66
N GLU G 308 2.17 -12.92 -2.40
CA GLU G 308 2.62 -13.26 -1.06
C GLU G 308 4.06 -12.80 -0.88
N TRP G 309 4.42 -12.51 0.37
CA TRP G 309 5.78 -12.20 0.76
C TRP G 309 6.36 -13.37 1.53
N ILE G 310 7.48 -13.90 1.05
CA ILE G 310 8.14 -15.06 1.65
C ILE G 310 9.42 -14.58 2.31
N THR G 311 9.62 -14.98 3.55
CA THR G 311 10.79 -14.55 4.33
C THR G 311 11.93 -15.55 4.23
N GLY G 312 11.69 -16.79 4.65
CA GLY G 312 12.72 -17.82 4.64
C GLY G 312 12.54 -18.83 3.53
N THR G 313 12.57 -20.11 3.89
CA THR G 313 12.39 -21.20 2.94
C THR G 313 11.22 -22.06 3.38
N THR G 314 10.48 -22.57 2.41
CA THR G 314 9.31 -23.41 2.70
C THR G 314 8.87 -24.08 1.40
N SER G 315 7.72 -24.75 1.47
CA SER G 315 7.09 -25.36 0.30
C SER G 315 5.68 -24.81 0.18
N ARG G 316 5.28 -24.48 -1.05
CA ARG G 316 4.00 -23.86 -1.29
C ARG G 316 3.22 -24.65 -2.33
N ASN G 317 1.93 -24.85 -2.07
CA ASN G 317 1.05 -25.54 -3.00
C ASN G 317 0.38 -24.53 -3.92
N PHE G 318 0.09 -24.96 -5.14
CA PHE G 318 -0.58 -24.09 -6.12
C PHE G 318 -1.43 -24.97 -7.03
N SER G 319 -2.74 -24.78 -6.97
CA SER G 319 -3.68 -25.55 -7.78
C SER G 319 -3.62 -25.02 -9.20
N VAL G 320 -2.70 -25.58 -10.00
CA VAL G 320 -2.58 -25.18 -11.39
C VAL G 320 -3.92 -25.34 -12.08
N GLY G 321 -4.29 -24.35 -12.88
CA GLY G 321 -5.53 -24.44 -13.63
C GLY G 321 -5.44 -25.47 -14.74
N ARG G 322 -6.61 -25.84 -15.24
CA ARG G 322 -6.66 -26.78 -16.36
C ARG G 322 -6.15 -26.14 -17.64
N GLU G 323 -6.20 -24.81 -17.73
CA GLU G 323 -5.85 -24.11 -18.96
C GLU G 323 -4.46 -23.52 -18.92
N GLY G 324 -4.02 -22.99 -17.78
CA GLY G 324 -2.67 -22.50 -17.66
C GLY G 324 -2.48 -21.74 -16.37
N LEU G 325 -1.20 -21.52 -16.04
CA LEU G 325 -0.83 -20.83 -14.82
C LEU G 325 0.45 -20.03 -15.05
N GLU G 326 0.42 -18.77 -14.66
CA GLU G 326 1.60 -17.92 -14.68
C GLU G 326 2.41 -18.13 -13.41
N TYR G 327 3.69 -17.75 -13.47
CA TYR G 327 4.59 -17.97 -12.35
C TYR G 327 5.63 -16.86 -12.34
N VAL G 328 5.54 -15.97 -11.35
CA VAL G 328 6.47 -14.86 -11.16
C VAL G 328 7.19 -15.08 -9.85
N TRP G 329 8.52 -15.05 -9.87
CA TRP G 329 9.28 -15.20 -8.64
C TRP G 329 10.63 -14.52 -8.82
N GLY G 330 11.03 -13.72 -7.82
CA GLY G 330 12.28 -13.00 -7.94
C GLY G 330 12.18 -11.90 -8.98
N ASN G 331 13.35 -11.47 -9.45
CA ASN G 331 13.44 -10.42 -10.45
C ASN G 331 13.47 -10.95 -11.88
N HIS G 332 13.59 -12.26 -12.08
CA HIS G 332 13.69 -12.78 -13.43
C HIS G 332 12.30 -13.00 -14.03
N GLU G 333 12.28 -13.12 -15.35
CA GLU G 333 11.02 -13.18 -16.07
C GLU G 333 10.22 -14.42 -15.67
N PRO G 334 8.90 -14.38 -15.81
CA PRO G 334 8.05 -15.46 -15.33
C PRO G 334 8.07 -16.65 -16.28
N VAL G 335 7.32 -17.69 -15.89
CA VAL G 335 7.16 -18.89 -16.70
C VAL G 335 5.70 -19.31 -16.66
N ARG G 336 5.22 -19.91 -17.74
CA ARG G 336 3.85 -20.39 -17.85
C ARG G 336 3.86 -21.91 -17.88
N VAL G 337 3.06 -22.52 -17.01
CA VAL G 337 2.95 -23.97 -16.92
C VAL G 337 1.49 -24.35 -17.05
N TRP G 338 1.19 -25.32 -17.91
CA TRP G 338 -0.16 -25.82 -18.12
C TRP G 338 -0.22 -27.29 -17.73
N ALA G 339 -1.44 -27.83 -17.68
CA ALA G 339 -1.68 -29.16 -17.14
C ALA G 339 -2.52 -29.98 -18.10
N GLN G 340 -2.41 -31.30 -17.95
CA GLN G 340 -3.25 -32.26 -18.67
C GLN G 340 -3.63 -33.36 -17.69
N GLU G 341 -4.18 -34.45 -18.21
CA GLU G 341 -4.72 -35.54 -17.41
C GLU G 341 -3.80 -36.75 -17.45
N SER G 342 -3.80 -37.50 -16.35
CA SER G 342 -2.91 -38.66 -16.22
C SER G 342 -3.59 -39.86 -15.57
N ALA G 343 -4.91 -39.86 -15.46
CA ALA G 343 -5.62 -40.99 -14.88
C ALA G 343 -5.74 -42.13 -15.90
N PRO G 344 -5.96 -43.36 -15.42
CA PRO G 344 -6.06 -44.50 -16.35
C PRO G 344 -7.40 -44.57 -17.07
N GLY G 345 -7.53 -43.85 -18.19
CA GLY G 345 -8.80 -43.75 -18.88
C GLY G 345 -9.19 -44.96 -19.70
N ASP G 346 -8.42 -45.26 -20.75
CA ASP G 346 -8.80 -46.34 -21.64
C ASP G 346 -8.67 -47.70 -20.94
N PRO G 347 -9.57 -48.63 -21.24
CA PRO G 347 -9.45 -49.99 -20.68
C PRO G 347 -8.38 -50.80 -21.43
N HIS G 348 -8.27 -52.07 -21.04
CA HIS G 348 -7.28 -52.97 -21.62
C HIS G 348 -7.94 -54.27 -22.11
N GLY G 349 -9.18 -54.17 -22.57
CA GLY G 349 -9.90 -55.33 -23.08
C GLY G 349 -10.61 -56.17 -22.04
N TRP G 350 -10.45 -55.84 -20.76
CA TRP G 350 -11.10 -56.54 -19.67
C TRP G 350 -11.94 -55.55 -18.86
N PRO G 351 -12.88 -56.03 -18.05
CA PRO G 351 -13.67 -55.12 -17.23
C PRO G 351 -12.76 -54.27 -16.35
N HIS G 352 -13.08 -52.98 -16.26
CA HIS G 352 -12.25 -52.02 -15.54
C HIS G 352 -13.13 -50.98 -14.88
N GLU G 353 -12.57 -50.34 -13.85
CA GLU G 353 -13.24 -49.22 -13.17
C GLU G 353 -12.94 -47.93 -13.93
N ILE G 354 -13.54 -47.82 -15.11
CA ILE G 354 -13.28 -46.68 -15.98
C ILE G 354 -13.72 -45.39 -15.31
N ILE G 355 -14.86 -45.43 -14.61
CA ILE G 355 -15.46 -44.23 -14.05
C ILE G 355 -14.45 -43.44 -13.22
N ILE G 356 -13.52 -44.13 -12.56
CA ILE G 356 -12.57 -43.45 -11.69
C ILE G 356 -11.82 -42.37 -12.46
N HIS G 357 -11.37 -42.70 -13.69
CA HIS G 357 -10.73 -41.69 -14.52
C HIS G 357 -11.64 -40.49 -14.70
N TYR G 358 -12.88 -40.73 -15.13
CA TYR G 358 -13.82 -39.64 -15.33
C TYR G 358 -14.26 -39.02 -14.00
N TYR G 359 -13.93 -39.64 -12.88
CA TYR G 359 -14.12 -38.97 -11.59
C TYR G 359 -12.94 -38.09 -11.25
N HIS G 360 -11.73 -38.49 -11.65
CA HIS G 360 -10.57 -37.61 -11.47
C HIS G 360 -10.67 -36.38 -12.35
N ARG G 361 -11.18 -36.53 -13.57
CA ARG G 361 -11.32 -35.46 -14.53
C ARG G 361 -12.80 -35.27 -14.86
N HIS G 362 -13.28 -34.04 -14.80
CA HIS G 362 -14.71 -33.74 -14.90
C HIS G 362 -15.49 -34.52 -13.85
N PRO G 363 -15.19 -34.33 -12.56
CA PRO G 363 -15.88 -35.14 -11.53
C PRO G 363 -17.38 -34.95 -11.51
N VAL G 364 -17.87 -33.74 -11.80
CA VAL G 364 -19.30 -33.48 -11.72
C VAL G 364 -20.04 -34.20 -12.84
N TYR G 365 -19.51 -34.12 -14.06
CA TYR G 365 -20.24 -34.67 -15.21
C TYR G 365 -20.41 -36.18 -15.11
N THR G 366 -19.36 -36.89 -14.66
CA THR G 366 -19.41 -38.35 -14.65
C THR G 366 -20.47 -38.87 -13.70
N VAL G 367 -20.72 -38.17 -12.59
CA VAL G 367 -21.72 -38.65 -11.63
C VAL G 367 -23.11 -38.62 -12.25
N ILE G 368 -23.39 -37.64 -13.09
CA ILE G 368 -24.73 -37.49 -13.66
C ILE G 368 -25.07 -38.68 -14.54
N VAL G 369 -24.12 -39.12 -15.37
CA VAL G 369 -24.42 -40.19 -16.32
C VAL G 369 -24.77 -41.48 -15.58
N LEU G 370 -24.04 -41.79 -14.51
CA LEU G 370 -24.32 -43.00 -13.76
C LEU G 370 -25.70 -42.95 -13.11
N CYS G 371 -26.05 -41.79 -12.53
CA CYS G 371 -27.37 -41.65 -11.92
C CYS G 371 -28.48 -41.78 -12.97
N GLY G 372 -28.29 -41.16 -14.12
CA GLY G 372 -29.28 -41.29 -15.19
C GLY G 372 -29.42 -42.73 -15.67
N VAL G 373 -28.29 -43.43 -15.77
CA VAL G 373 -28.32 -44.84 -16.18
C VAL G 373 -29.10 -45.67 -15.17
N ALA G 374 -28.82 -45.44 -13.88
CA ALA G 374 -29.53 -46.17 -12.84
C ALA G 374 -31.02 -45.88 -12.90
N LEU G 375 -31.39 -44.62 -13.06
CA LEU G 375 -32.81 -44.26 -13.15
C LEU G 375 -33.47 -44.93 -14.35
N ALA G 376 -32.79 -44.91 -15.51
CA ALA G 376 -33.37 -45.50 -16.71
C ALA G 376 -33.57 -47.01 -16.53
N ILE G 377 -32.56 -47.69 -16.00
CA ILE G 377 -32.68 -49.15 -15.85
C ILE G 377 -33.75 -49.49 -14.82
N LEU G 378 -33.83 -48.72 -13.73
CA LEU G 378 -34.88 -48.98 -12.74
C LEU G 378 -36.26 -48.77 -13.33
N VAL G 379 -36.45 -47.68 -14.09
CA VAL G 379 -37.75 -47.42 -14.70
C VAL G 379 -38.10 -48.54 -15.68
N GLY G 380 -37.14 -48.97 -16.49
CA GLY G 380 -37.40 -50.04 -17.43
C GLY G 380 -37.78 -51.33 -16.74
N THR G 381 -37.04 -51.70 -15.69
CA THR G 381 -37.35 -52.92 -14.96
C THR G 381 -38.73 -52.85 -14.33
N ALA G 382 -39.07 -51.71 -13.72
CA ALA G 382 -40.38 -51.58 -13.10
C ALA G 382 -41.49 -51.67 -14.14
N SER G 383 -41.31 -51.02 -15.29
CA SER G 383 -42.33 -51.08 -16.34
C SER G 383 -42.49 -52.49 -16.86
N SER G 384 -41.38 -53.21 -17.08
CA SER G 384 -41.46 -54.58 -17.56
C SER G 384 -42.15 -55.47 -16.54
N ALA G 385 -41.82 -55.31 -15.27
CA ALA G 385 -42.45 -56.14 -14.23
C ALA G 385 -43.95 -55.88 -14.18
N ALA G 386 -44.35 -54.61 -14.21
CA ALA G 386 -45.77 -54.29 -14.19
C ALA G 386 -46.48 -54.85 -15.42
N CYS G 387 -45.86 -54.72 -16.60
CA CYS G 387 -46.48 -55.21 -17.82
C CYS G 387 -46.65 -56.73 -17.77
N ILE G 388 -45.63 -57.46 -17.34
CA ILE G 388 -45.72 -58.90 -17.32
C ILE G 388 -46.72 -59.37 -16.26
N ALA G 389 -46.76 -58.70 -15.11
CA ALA G 389 -47.74 -59.05 -14.10
C ALA G 389 -49.16 -58.82 -14.62
N LYS G 390 -49.39 -57.69 -15.29
CA LYS G 390 -50.71 -57.43 -15.84
C LYS G 390 -51.07 -58.44 -16.92
N ALA G 391 -50.10 -58.81 -17.76
CA ALA G 391 -50.37 -59.83 -18.77
C ALA G 391 -50.76 -61.16 -18.13
N ARG G 392 -50.04 -61.55 -17.08
CA ARG G 392 -50.38 -62.78 -16.37
C ARG G 392 -51.78 -62.70 -15.78
N ARG G 393 -52.12 -61.56 -15.19
CA ARG G 393 -53.46 -61.41 -14.61
C ARG G 393 -54.54 -61.49 -15.68
N ASP G 394 -54.33 -60.84 -16.82
CA ASP G 394 -55.30 -60.92 -17.91
C ASP G 394 -55.45 -62.36 -18.40
N CYS G 395 -54.34 -63.07 -18.56
CA CYS G 395 -54.42 -64.47 -18.96
C CYS G 395 -55.09 -65.30 -17.88
N LEU G 396 -54.85 -64.97 -16.61
CA LEU G 396 -55.48 -65.64 -15.49
C LEU G 396 -56.78 -64.98 -15.06
N THR G 397 -57.14 -63.83 -15.64
CA THR G 397 -58.37 -63.15 -15.23
C THR G 397 -59.59 -64.05 -15.31
N PRO G 398 -59.82 -64.79 -16.38
CA PRO G 398 -60.92 -65.77 -16.37
C PRO G 398 -60.69 -66.82 -15.29
N TYR G 399 -61.76 -67.22 -14.63
CA TYR G 399 -61.66 -68.23 -13.58
C TYR G 399 -61.19 -69.56 -14.15
N ALA G 400 -61.73 -69.96 -15.30
CA ALA G 400 -61.31 -71.14 -16.06
C ALA G 400 -61.60 -72.45 -15.34
N LEU G 401 -62.40 -72.43 -14.28
CA LEU G 401 -62.71 -73.66 -13.57
C LEU G 401 -63.74 -74.57 -14.25
N ALA G 402 -64.71 -74.00 -14.96
CA ALA G 402 -65.70 -74.83 -15.64
C ALA G 402 -65.07 -75.75 -16.66
N PRO G 403 -64.24 -75.28 -17.59
CA PRO G 403 -63.48 -76.19 -18.44
C PRO G 403 -62.09 -76.46 -17.87
N ASN G 404 -61.38 -77.37 -18.52
CA ASN G 404 -59.98 -77.61 -18.18
C ASN G 404 -59.13 -76.44 -18.69
N ALA G 405 -57.83 -76.55 -18.50
CA ALA G 405 -56.92 -75.52 -18.99
C ALA G 405 -57.10 -75.35 -20.49
N THR G 406 -57.20 -74.11 -20.94
CA THR G 406 -57.44 -73.84 -22.35
C THR G 406 -56.35 -74.46 -23.21
N VAL G 407 -55.09 -74.23 -22.87
CA VAL G 407 -53.95 -74.84 -23.55
C VAL G 407 -52.80 -74.94 -22.55
N PRO G 408 -52.15 -76.11 -22.41
CA PRO G 408 -51.04 -76.20 -21.47
C PRO G 408 -49.89 -75.26 -21.78
N THR G 409 -49.75 -74.84 -23.04
CA THR G 409 -48.70 -73.87 -23.38
C THR G 409 -48.94 -72.54 -22.66
N ALA G 410 -50.20 -72.10 -22.60
CA ALA G 410 -50.50 -70.88 -21.87
C ALA G 410 -50.18 -71.03 -20.39
N LEU G 411 -50.48 -72.20 -19.81
CA LEU G 411 -50.12 -72.44 -18.41
C LEU G 411 -48.62 -72.38 -18.21
N ALA G 412 -47.85 -73.00 -19.12
CA ALA G 412 -46.40 -72.97 -19.01
C ALA G 412 -45.87 -71.54 -19.11
N VAL G 413 -46.42 -70.76 -20.03
CA VAL G 413 -46.03 -69.35 -20.14
C VAL G 413 -46.34 -68.61 -18.84
N LEU G 414 -47.52 -68.87 -18.27
CA LEU G 414 -47.88 -68.23 -17.02
C LEU G 414 -46.94 -68.64 -15.88
N CYS G 415 -46.59 -69.92 -15.82
CA CYS G 415 -45.71 -70.42 -14.77
C CYS G 415 -45.08 -71.74 -15.18
N PHE H 1 -27.73 25.94 6.23
CA PHE H 1 -28.84 25.05 5.94
C PHE H 1 -28.79 24.58 4.49
N GLU H 2 -29.14 23.31 4.28
CA GLU H 2 -29.13 22.69 2.96
C GLU H 2 -30.56 22.53 2.47
N HIS H 3 -30.80 22.91 1.21
CA HIS H 3 -32.14 22.89 0.65
C HIS H 3 -32.06 22.46 -0.81
N ALA H 4 -32.93 21.53 -1.20
CA ALA H 4 -32.86 20.89 -2.51
C ALA H 4 -34.00 21.35 -3.39
N THR H 5 -33.76 21.32 -4.70
CA THR H 5 -34.76 21.71 -5.69
C THR H 5 -34.55 20.92 -6.97
N THR H 6 -35.58 20.89 -7.80
CA THR H 6 -35.49 20.41 -9.17
C THR H 6 -35.83 21.58 -10.08
N VAL H 7 -34.94 21.90 -11.02
CA VAL H 7 -35.10 23.08 -11.87
C VAL H 7 -35.11 22.66 -13.33
N PRO H 8 -35.86 23.34 -14.19
CA PRO H 8 -35.77 23.03 -15.62
C PRO H 8 -34.49 23.61 -16.21
N ASN H 9 -33.72 22.76 -16.88
CA ASN H 9 -32.49 23.20 -17.50
C ASN H 9 -32.81 24.02 -18.75
N VAL H 10 -32.90 25.33 -18.59
CA VAL H 10 -33.28 26.22 -19.69
C VAL H 10 -32.88 27.64 -19.32
N PRO H 11 -32.19 28.37 -20.19
CA PRO H 11 -31.71 29.71 -19.81
C PRO H 11 -32.85 30.73 -19.77
N GLY H 12 -32.61 31.78 -18.98
CA GLY H 12 -33.52 32.90 -18.91
C GLY H 12 -34.88 32.56 -18.34
N ILE H 13 -34.96 31.60 -17.42
CA ILE H 13 -36.21 31.25 -16.75
C ILE H 13 -35.93 31.15 -15.26
N PRO H 14 -35.96 32.25 -14.51
CA PRO H 14 -35.62 32.19 -13.08
C PRO H 14 -36.59 31.29 -12.32
N TYR H 15 -36.07 30.65 -11.28
CA TYR H 15 -36.83 29.77 -10.41
C TYR H 15 -36.79 30.32 -8.99
N LYS H 16 -37.96 30.49 -8.39
CA LYS H 16 -38.10 31.05 -7.05
C LYS H 16 -38.45 29.94 -6.07
N ALA H 17 -37.74 29.92 -4.93
CA ALA H 17 -38.01 28.94 -3.89
C ALA H 17 -37.74 29.56 -2.53
N LEU H 18 -38.27 28.93 -1.49
CA LEU H 18 -38.13 29.40 -0.12
C LEU H 18 -37.42 28.36 0.72
N VAL H 19 -36.98 28.80 1.89
CA VAL H 19 -36.39 27.92 2.90
C VAL H 19 -37.10 28.19 4.22
N GLU H 20 -37.64 27.13 4.83
CA GLU H 20 -38.45 27.24 6.04
C GLU H 20 -37.64 26.79 7.24
N ARG H 21 -37.44 27.68 8.19
CA ARG H 21 -36.75 27.36 9.44
C ARG H 21 -37.48 28.05 10.59
N ALA H 22 -37.73 27.30 11.66
CA ALA H 22 -38.43 27.87 12.80
C ALA H 22 -37.64 29.02 13.39
N GLY H 23 -38.33 30.13 13.66
CA GLY H 23 -37.71 31.31 14.22
C GLY H 23 -36.99 32.18 13.23
N TYR H 24 -36.95 31.79 11.96
CA TYR H 24 -36.33 32.58 10.90
C TYR H 24 -37.37 32.89 9.84
N ALA H 25 -37.48 34.16 9.47
CA ALA H 25 -38.43 34.54 8.44
C ALA H 25 -38.05 33.86 7.12
N PRO H 26 -39.02 33.54 6.28
CA PRO H 26 -38.69 32.88 5.01
C PRO H 26 -37.74 33.72 4.18
N LEU H 27 -36.79 33.05 3.54
CA LEU H 27 -35.76 33.70 2.73
C LEU H 27 -36.00 33.34 1.27
N ASN H 28 -36.13 34.34 0.41
CA ASN H 28 -36.26 34.08 -1.01
C ASN H 28 -34.98 33.45 -1.53
N LEU H 29 -35.11 32.71 -2.63
CA LEU H 29 -33.95 32.09 -3.26
C LEU H 29 -34.26 31.98 -4.74
N GLU H 30 -33.54 32.76 -5.56
CA GLU H 30 -33.74 32.79 -7.00
C GLU H 30 -32.56 32.10 -7.67
N ILE H 31 -32.85 31.14 -8.55
CA ILE H 31 -31.83 30.40 -9.29
C ILE H 31 -32.04 30.69 -10.77
N THR H 32 -30.95 31.01 -11.47
CA THR H 32 -31.00 31.23 -12.91
C THR H 32 -29.86 30.47 -13.57
N VAL H 33 -30.16 29.80 -14.68
CA VAL H 33 -29.16 29.08 -15.46
C VAL H 33 -28.73 30.03 -16.57
N VAL H 34 -27.58 30.67 -16.40
CA VAL H 34 -27.16 31.70 -17.34
C VAL H 34 -26.92 31.13 -18.72
N SER H 35 -26.26 29.97 -18.80
CA SER H 35 -25.96 29.36 -20.08
C SER H 35 -25.52 27.92 -19.86
N SER H 36 -26.08 27.03 -20.68
CA SER H 36 -25.72 25.62 -20.65
C SER H 36 -24.40 25.41 -21.39
N GLU H 37 -23.77 24.26 -21.14
CA GLU H 37 -22.47 23.97 -21.75
C GLU H 37 -22.29 22.45 -21.74
N LEU H 38 -22.35 21.85 -22.93
CA LEU H 38 -22.21 20.40 -23.11
C LEU H 38 -20.95 20.15 -23.93
N THR H 39 -19.94 19.54 -23.30
CA THR H 39 -18.67 19.26 -23.96
C THR H 39 -18.40 17.77 -23.94
N PRO H 40 -18.31 17.09 -25.08
CA PRO H 40 -17.96 15.67 -25.09
C PRO H 40 -16.47 15.43 -25.24
N SER H 41 -16.05 14.23 -24.85
CA SER H 41 -14.66 13.81 -24.98
C SER H 41 -14.42 13.30 -26.39
N THR H 42 -13.32 13.71 -26.99
CA THR H 42 -13.03 13.41 -28.39
C THR H 42 -11.58 12.98 -28.54
N ASN H 43 -11.33 12.24 -29.61
CA ASN H 43 -9.98 11.89 -30.04
C ASN H 43 -9.86 12.16 -31.53
N LYS H 44 -8.65 12.49 -31.97
CA LYS H 44 -8.41 12.80 -33.38
C LYS H 44 -8.13 11.51 -34.14
N GLU H 45 -9.03 11.14 -35.05
CA GLU H 45 -8.84 9.93 -35.84
C GLU H 45 -7.86 10.16 -36.97
N TYR H 46 -8.15 11.12 -37.85
CA TYR H 46 -7.25 11.48 -38.94
C TYR H 46 -7.78 12.74 -39.60
N VAL H 47 -7.08 13.16 -40.66
CA VAL H 47 -7.40 14.36 -41.41
C VAL H 47 -7.32 14.03 -42.89
N THR H 48 -8.04 14.81 -43.70
CA THR H 48 -8.04 14.60 -45.14
C THR H 48 -8.30 15.93 -45.83
N CYS H 49 -8.05 15.96 -47.14
CA CYS H 49 -8.23 17.17 -47.93
C CYS H 49 -7.98 16.82 -49.38
N LYS H 50 -8.26 17.79 -50.26
CA LYS H 50 -7.97 17.62 -51.67
C LYS H 50 -6.50 17.31 -51.86
N PHE H 51 -6.22 16.31 -52.68
CA PHE H 51 -4.85 15.85 -52.90
C PHE H 51 -4.32 16.37 -54.23
N HIS H 52 -3.11 15.94 -54.57
CA HIS H 52 -2.43 16.36 -55.78
C HIS H 52 -1.55 15.22 -56.25
N THR H 53 -1.70 14.85 -57.51
CA THR H 53 -0.93 13.75 -58.08
C THR H 53 0.46 14.22 -58.46
N VAL H 54 1.48 13.54 -57.95
CA VAL H 54 2.86 13.81 -58.31
C VAL H 54 3.19 12.96 -59.54
N VAL H 55 3.75 13.60 -60.55
CA VAL H 55 4.04 12.93 -61.83
C VAL H 55 5.51 13.12 -62.12
N PRO H 56 6.40 12.42 -61.43
CA PRO H 56 7.84 12.66 -61.60
C PRO H 56 8.30 12.21 -62.98
N SER H 57 9.40 12.81 -63.42
CA SER H 57 9.88 12.57 -64.77
C SER H 57 10.13 11.08 -64.97
N PRO H 58 9.73 10.51 -66.12
CA PRO H 58 9.91 9.08 -66.33
C PRO H 58 11.37 8.72 -66.52
N GLN H 59 11.78 7.60 -65.92
CA GLN H 59 13.16 7.14 -66.04
C GLN H 59 13.32 6.42 -67.37
N VAL H 60 14.06 7.01 -68.29
CA VAL H 60 14.25 6.47 -69.63
C VAL H 60 15.62 5.82 -69.68
N LYS H 61 15.68 4.60 -70.22
CA LYS H 61 16.93 3.91 -70.47
C LYS H 61 17.09 3.74 -71.97
N CYS H 62 18.18 4.28 -72.52
CA CYS H 62 18.43 4.26 -73.95
C CYS H 62 19.19 2.99 -74.30
N CYS H 63 18.59 2.17 -75.16
CA CYS H 63 19.24 0.97 -75.68
C CYS H 63 19.63 0.02 -74.56
N GLY H 64 18.76 -0.13 -73.57
CA GLY H 64 19.01 -1.03 -72.47
C GLY H 64 17.75 -1.66 -71.92
N SER H 65 17.85 -2.27 -70.75
CA SER H 65 16.71 -2.87 -70.07
C SER H 65 16.60 -2.31 -68.66
N LEU H 66 15.36 -2.23 -68.17
CA LEU H 66 15.10 -1.66 -66.87
C LEU H 66 13.92 -2.38 -66.24
N GLU H 67 13.81 -2.26 -64.92
CA GLU H 67 12.77 -2.93 -64.15
C GLU H 67 12.17 -1.95 -63.15
N CYS H 68 10.96 -2.27 -62.71
CA CYS H 68 10.28 -1.43 -61.72
C CYS H 68 10.84 -1.67 -60.32
N LYS H 69 10.60 -0.72 -59.44
CA LYS H 69 11.00 -0.81 -58.05
C LYS H 69 9.96 -0.11 -57.19
N ALA H 70 9.52 -0.78 -56.12
CA ALA H 70 8.51 -0.21 -55.25
C ALA H 70 9.12 0.84 -54.33
N SER H 71 8.25 1.70 -53.79
CA SER H 71 8.67 2.79 -52.92
C SER H 71 7.67 2.92 -51.77
N SER H 72 8.02 3.76 -50.81
CA SER H 72 7.20 3.96 -49.62
C SER H 72 6.19 5.09 -49.75
N LYS H 73 6.23 5.85 -50.84
CA LYS H 73 5.27 6.95 -51.01
C LYS H 73 3.86 6.40 -51.07
N ALA H 74 2.92 7.15 -50.51
CA ALA H 74 1.53 6.71 -50.47
C ALA H 74 0.99 6.50 -51.89
N ASP H 75 0.25 5.42 -52.07
CA ASP H 75 -0.36 5.10 -53.36
C ASP H 75 0.68 4.92 -54.46
N TYR H 76 1.91 4.57 -54.11
CA TYR H 76 2.96 4.46 -55.12
C TYR H 76 2.57 3.42 -56.16
N THR H 77 2.68 3.81 -57.43
CA THR H 77 2.39 2.92 -58.55
C THR H 77 3.53 3.00 -59.55
N CYS H 78 3.86 1.88 -60.17
CA CYS H 78 4.97 1.78 -61.10
C CYS H 78 4.54 0.98 -62.32
N ARG H 79 5.22 1.23 -63.43
CA ARG H 79 5.04 0.38 -64.60
C ARG H 79 6.13 0.68 -65.62
N VAL H 80 6.66 -0.37 -66.22
CA VAL H 80 7.67 -0.24 -67.26
C VAL H 80 7.00 -0.43 -68.61
N PHE H 81 7.63 0.10 -69.65
CA PHE H 81 7.14 -0.08 -71.02
C PHE H 81 8.32 -0.18 -71.95
N GLY H 82 8.33 -1.24 -72.75
CA GLY H 82 9.32 -1.40 -73.79
C GLY H 82 8.85 -0.80 -75.10
N GLY H 83 9.81 -0.63 -76.02
CA GLY H 83 9.51 -0.03 -77.31
C GLY H 83 9.39 1.47 -77.30
N VAL H 84 9.63 2.11 -76.16
CA VAL H 84 9.56 3.57 -76.10
C VAL H 84 10.60 4.16 -77.03
N TYR H 85 10.37 5.41 -77.45
CA TYR H 85 11.27 6.11 -78.36
C TYR H 85 11.12 7.61 -78.14
N PRO H 86 11.43 8.10 -76.93
CA PRO H 86 11.09 9.48 -76.58
C PRO H 86 11.70 10.49 -77.56
N PHE H 87 10.96 11.56 -77.79
CA PHE H 87 11.40 12.68 -78.62
C PHE H 87 11.25 13.96 -77.82
N MET H 88 12.00 14.98 -78.22
CA MET H 88 11.94 16.29 -77.59
C MET H 88 12.12 17.36 -78.66
N TRP H 89 11.99 18.62 -78.24
CA TRP H 89 12.19 19.73 -79.17
C TRP H 89 13.56 19.64 -79.83
N GLY H 90 14.55 19.11 -79.12
CA GLY H 90 15.85 18.89 -79.72
C GLY H 90 15.86 17.70 -80.66
N GLY H 91 15.05 16.68 -80.34
CA GLY H 91 14.96 15.48 -81.13
C GLY H 91 15.00 14.25 -80.25
N ALA H 92 15.37 13.13 -80.84
CA ALA H 92 15.39 11.87 -80.12
C ALA H 92 16.31 11.94 -78.91
N GLN H 93 15.81 11.48 -77.77
CA GLN H 93 16.61 11.39 -76.56
C GLN H 93 17.27 10.03 -76.40
N CYS H 94 16.95 9.08 -77.27
CA CYS H 94 17.63 7.79 -77.34
C CYS H 94 17.74 7.40 -78.81
N PHE H 95 18.66 6.48 -79.10
CA PHE H 95 18.87 5.99 -80.47
C PHE H 95 19.09 4.47 -80.44
N CYS H 96 18.00 3.72 -80.48
CA CYS H 96 17.97 2.29 -80.76
C CYS H 96 16.53 1.90 -81.02
N ASP H 97 16.34 1.00 -81.99
CA ASP H 97 15.02 0.68 -82.50
C ASP H 97 14.29 -0.24 -81.52
N SER H 98 13.68 0.39 -80.51
CA SER H 98 12.80 -0.22 -79.52
C SER H 98 13.53 -0.91 -78.37
N GLU H 99 14.86 -0.93 -78.35
CA GLU H 99 15.55 -1.52 -77.20
C GLU H 99 15.31 -0.69 -75.94
N ASN H 100 15.35 0.62 -76.06
CA ASN H 100 15.14 1.51 -74.91
C ASN H 100 13.84 1.16 -74.20
N THR H 101 13.77 1.51 -72.90
CA THR H 101 12.60 1.22 -72.08
C THR H 101 12.37 2.35 -71.11
N GLN H 102 11.10 2.66 -70.84
CA GLN H 102 10.73 3.79 -69.99
C GLN H 102 9.94 3.29 -68.79
N LEU H 103 10.36 3.70 -67.60
CA LEU H 103 9.68 3.39 -66.35
C LEU H 103 8.95 4.62 -65.86
N SER H 104 7.66 4.49 -65.57
CA SER H 104 6.83 5.59 -65.09
C SER H 104 6.26 5.23 -63.73
N GLU H 105 6.32 6.16 -62.79
CA GLU H 105 5.82 5.97 -61.44
C GLU H 105 4.99 7.18 -61.03
N ALA H 106 4.15 6.97 -60.01
CA ALA H 106 3.25 8.01 -59.56
C ALA H 106 2.92 7.83 -58.09
N TYR H 107 2.64 8.95 -57.42
CA TYR H 107 2.16 8.95 -56.05
C TYR H 107 1.46 10.28 -55.79
N VAL H 108 0.77 10.35 -54.65
CA VAL H 108 -0.14 11.46 -54.35
C VAL H 108 0.28 12.10 -53.03
N GLU H 109 0.20 13.44 -52.97
CA GLU H 109 0.49 14.18 -51.77
C GLU H 109 -0.56 15.26 -51.57
N PHE H 110 -0.82 15.60 -50.31
CA PHE H 110 -1.83 16.62 -50.04
C PHE H 110 -1.42 17.96 -50.64
N ALA H 111 -2.40 18.70 -51.12
CA ALA H 111 -2.13 19.99 -51.74
C ALA H 111 -1.68 21.00 -50.68
N PRO H 112 -0.96 22.05 -51.09
CA PRO H 112 -0.51 23.04 -50.10
C PRO H 112 -1.65 23.73 -49.37
N ASP H 113 -2.64 24.24 -50.11
CA ASP H 113 -3.76 24.93 -49.48
C ASP H 113 -4.48 24.06 -48.47
N CYS H 114 -4.25 22.75 -48.51
CA CYS H 114 -4.77 21.84 -47.50
C CYS H 114 -4.57 22.41 -46.09
N THR H 115 -3.44 23.10 -45.89
CA THR H 115 -3.12 23.63 -44.57
C THR H 115 -4.27 24.39 -43.95
N ILE H 116 -5.20 24.90 -44.75
CA ILE H 116 -6.36 25.62 -44.24
C ILE H 116 -7.68 24.93 -44.59
N ASP H 117 -7.71 24.06 -45.60
CA ASP H 117 -8.93 23.41 -46.04
C ASP H 117 -9.10 22.02 -45.44
N HIS H 118 -8.27 21.64 -44.47
CA HIS H 118 -8.28 20.28 -43.96
C HIS H 118 -9.59 19.97 -43.24
N ALA H 119 -10.08 18.74 -43.44
CA ALA H 119 -11.25 18.23 -42.75
C ALA H 119 -10.82 17.11 -41.82
N VAL H 120 -11.21 17.21 -40.55
CA VAL H 120 -10.75 16.32 -39.50
C VAL H 120 -11.89 15.40 -39.10
N ALA H 121 -11.63 14.10 -39.04
CA ALA H 121 -12.61 13.12 -38.60
C ALA H 121 -12.36 12.81 -37.13
N LEU H 122 -13.43 12.86 -36.33
CA LEU H 122 -13.33 12.71 -34.89
C LEU H 122 -14.31 11.66 -34.40
N LYS H 123 -13.93 11.01 -33.30
CA LYS H 123 -14.78 10.09 -32.57
C LYS H 123 -15.08 10.69 -31.21
N VAL H 124 -16.36 10.74 -30.84
CA VAL H 124 -16.78 11.42 -29.61
C VAL H 124 -17.58 10.45 -28.76
N HIS H 125 -17.63 10.74 -27.46
CA HIS H 125 -18.21 9.83 -26.48
C HIS H 125 -18.36 10.57 -25.16
N THR H 126 -19.12 9.96 -24.25
CA THR H 126 -19.21 10.38 -22.85
C THR H 126 -19.43 11.89 -22.74
N ALA H 127 -20.58 12.33 -23.23
CA ALA H 127 -20.93 13.74 -23.15
C ALA H 127 -20.96 14.20 -21.70
N ALA H 128 -20.35 15.36 -21.44
CA ALA H 128 -20.31 15.96 -20.11
C ALA H 128 -20.91 17.36 -20.19
N LEU H 129 -21.65 17.76 -19.16
CA LEU H 129 -22.43 18.98 -19.18
C LEU H 129 -21.96 19.90 -18.06
N LYS H 130 -21.80 21.18 -18.39
CA LYS H 130 -21.35 22.21 -17.47
C LYS H 130 -22.43 23.28 -17.36
N VAL H 131 -22.74 23.70 -16.13
CA VAL H 131 -23.81 24.66 -15.88
C VAL H 131 -23.23 25.89 -15.22
N GLY H 132 -23.66 27.06 -15.69
CA GLY H 132 -23.38 28.31 -15.03
C GLY H 132 -24.63 28.80 -14.32
N LEU H 133 -24.53 28.89 -13.00
CA LEU H 133 -25.66 29.25 -12.15
C LEU H 133 -25.42 30.61 -11.52
N ARG H 134 -26.48 31.43 -11.48
CA ARG H 134 -26.50 32.67 -10.74
C ARG H 134 -27.61 32.58 -9.69
N ILE H 135 -27.25 32.76 -8.43
CA ILE H 135 -28.16 32.55 -7.31
C ILE H 135 -28.26 33.84 -6.52
N VAL H 136 -29.50 34.27 -6.23
CA VAL H 136 -29.77 35.49 -5.49
C VAL H 136 -30.49 35.10 -4.21
N TYR H 137 -29.98 35.58 -3.08
CA TYR H 137 -30.62 35.35 -1.78
C TYR H 137 -30.39 36.56 -0.90
N GLY H 138 -31.45 37.08 -0.28
CA GLY H 138 -31.33 38.21 0.61
C GLY H 138 -30.71 39.41 -0.06
N ASN H 139 -31.18 39.74 -1.27
CA ASN H 139 -30.60 40.78 -2.11
C ASN H 139 -29.08 40.72 -2.10
N THR H 140 -28.54 39.50 -2.17
CA THR H 140 -27.11 39.28 -2.38
C THR H 140 -26.97 38.27 -3.51
N THR H 141 -26.13 38.59 -4.49
CA THR H 141 -25.96 37.80 -5.69
C THR H 141 -24.65 37.03 -5.65
N ALA H 142 -24.68 35.78 -6.13
CA ALA H 142 -23.50 34.95 -6.22
C ALA H 142 -23.53 34.17 -7.52
N ARG H 143 -22.36 33.76 -7.97
CA ARG H 143 -22.20 33.04 -9.23
C ARG H 143 -21.44 31.75 -8.98
N LEU H 144 -21.65 30.78 -9.87
CA LEU H 144 -20.87 29.55 -9.81
C LEU H 144 -20.96 28.86 -11.17
N ASP H 145 -20.01 27.96 -11.41
CA ASP H 145 -20.00 27.12 -12.60
C ASP H 145 -19.59 25.72 -12.18
N THR H 146 -20.48 24.75 -12.38
CA THR H 146 -20.27 23.41 -11.87
C THR H 146 -20.56 22.36 -12.94
N PHE H 147 -19.80 21.28 -12.88
CA PHE H 147 -20.11 20.12 -13.71
C PHE H 147 -21.46 19.54 -13.29
N VAL H 148 -22.19 18.99 -14.26
CA VAL H 148 -23.51 18.46 -13.96
C VAL H 148 -23.44 17.30 -12.99
N ASN H 149 -22.32 16.59 -12.95
CA ASN H 149 -22.20 15.47 -12.02
C ASN H 149 -22.40 15.94 -10.59
N GLY H 150 -23.16 15.17 -9.81
CA GLY H 150 -23.49 15.55 -8.45
C GLY H 150 -22.45 15.13 -7.44
N VAL H 151 -21.19 15.08 -7.85
CA VAL H 151 -20.10 14.71 -6.96
C VAL H 151 -18.93 15.67 -7.02
N THR H 152 -19.05 16.79 -7.74
CA THR H 152 -17.98 17.77 -7.90
C THR H 152 -18.52 19.15 -7.55
N PRO H 153 -18.65 19.45 -6.26
CA PRO H 153 -19.17 20.76 -5.87
C PRO H 153 -18.32 21.89 -6.42
N GLY H 154 -18.98 22.96 -6.87
CA GLY H 154 -18.26 24.12 -7.34
C GLY H 154 -17.80 25.01 -6.20
N SER H 155 -16.86 25.89 -6.50
CA SER H 155 -16.25 26.79 -5.52
C SER H 155 -16.68 28.21 -5.83
N SER H 156 -17.31 28.86 -4.85
CA SER H 156 -17.67 30.28 -4.97
C SER H 156 -17.86 30.80 -3.55
N ARG H 157 -16.95 31.66 -3.10
CA ARG H 157 -16.94 32.13 -1.71
C ARG H 157 -16.67 30.97 -0.75
N ASP H 158 -15.89 30.00 -1.20
CA ASP H 158 -15.63 28.78 -0.42
C ASP H 158 -16.94 28.09 -0.05
N LEU H 159 -17.90 28.11 -0.97
CA LEU H 159 -19.20 27.49 -0.80
C LEU H 159 -19.31 26.28 -1.72
N LYS H 160 -19.85 25.18 -1.19
CA LYS H 160 -20.04 23.96 -1.95
C LYS H 160 -21.48 23.88 -2.42
N VAL H 161 -21.67 23.77 -3.73
CA VAL H 161 -22.99 23.61 -4.33
C VAL H 161 -22.92 22.45 -5.33
N ILE H 162 -23.87 21.53 -5.22
CA ILE H 162 -23.89 20.32 -6.03
C ILE H 162 -25.08 20.37 -6.96
N ALA H 163 -24.90 19.83 -8.17
CA ALA H 163 -25.93 19.84 -9.19
C ALA H 163 -26.00 18.48 -9.86
N GLY H 164 -27.16 18.20 -10.46
CA GLY H 164 -27.36 16.99 -11.23
C GLY H 164 -27.47 15.76 -10.36
N PRO H 165 -27.41 14.58 -10.99
CA PRO H 165 -27.19 14.32 -12.43
C PRO H 165 -28.44 14.58 -13.27
N ILE H 166 -28.28 14.69 -14.58
CA ILE H 166 -29.41 14.98 -15.46
C ILE H 166 -30.41 13.82 -15.42
N SER H 167 -31.69 14.17 -15.56
CA SER H 167 -32.73 13.15 -15.56
C SER H 167 -32.59 12.23 -16.78
N ALA H 168 -32.42 12.81 -17.96
CA ALA H 168 -32.28 12.06 -19.20
C ALA H 168 -31.11 12.62 -19.99
N ALA H 169 -30.14 11.77 -20.31
CA ALA H 169 -28.96 12.22 -21.05
C ALA H 169 -29.34 12.61 -22.47
N PHE H 170 -28.70 13.65 -22.98
CA PHE H 170 -28.94 14.13 -24.34
C PHE H 170 -27.61 14.55 -24.95
N SER H 171 -27.41 14.20 -26.22
CA SER H 171 -26.20 14.55 -26.93
C SER H 171 -26.46 14.61 -28.43
N PRO H 172 -26.49 15.80 -29.04
CA PRO H 172 -26.71 15.83 -30.50
C PRO H 172 -25.63 15.11 -31.28
N PHE H 173 -24.42 15.02 -30.74
CA PHE H 173 -23.32 14.40 -31.45
C PHE H 173 -23.53 12.89 -31.56
N ASP H 174 -23.14 12.33 -32.70
CA ASP H 174 -23.18 10.89 -32.92
C ASP H 174 -21.81 10.30 -32.56
N HIS H 175 -21.67 8.99 -32.76
CA HIS H 175 -20.40 8.35 -32.45
C HIS H 175 -19.27 8.89 -33.31
N LYS H 176 -19.53 9.08 -34.60
CA LYS H 176 -18.53 9.58 -35.54
C LYS H 176 -18.98 10.94 -36.07
N VAL H 177 -18.09 11.93 -36.01
CA VAL H 177 -18.38 13.26 -36.50
C VAL H 177 -17.22 13.71 -37.37
N VAL H 178 -17.45 14.74 -38.17
CA VAL H 178 -16.38 15.34 -38.96
C VAL H 178 -16.51 16.85 -38.83
N ILE H 179 -15.38 17.55 -38.96
CA ILE H 179 -15.34 18.99 -38.77
C ILE H 179 -14.46 19.60 -39.85
N ARG H 180 -14.91 20.70 -40.43
CA ARG H 180 -14.11 21.37 -41.46
C ARG H 180 -14.51 22.83 -41.55
N LYS H 181 -13.50 23.71 -41.52
CA LYS H 181 -13.71 25.14 -41.72
C LYS H 181 -14.84 25.68 -40.85
N GLY H 182 -14.88 25.20 -39.61
CA GLY H 182 -15.83 25.72 -38.64
C GLY H 182 -17.22 25.12 -38.71
N LEU H 183 -17.44 24.11 -39.53
CA LEU H 183 -18.74 23.45 -39.65
C LEU H 183 -18.61 21.99 -39.24
N VAL H 184 -19.52 21.52 -38.40
CA VAL H 184 -19.56 20.13 -37.97
C VAL H 184 -20.61 19.39 -38.79
N TYR H 185 -20.24 18.23 -39.31
CA TYR H 185 -21.15 17.36 -40.04
C TYR H 185 -21.22 16.02 -39.32
N ASN H 186 -22.38 15.39 -39.36
CA ASN H 186 -22.59 14.07 -38.76
C ASN H 186 -22.47 13.05 -39.87
N TYR H 187 -21.39 12.27 -39.85
CA TYR H 187 -21.06 11.38 -40.96
C TYR H 187 -20.39 10.13 -40.41
N ASP H 188 -20.51 9.04 -41.16
CA ASP H 188 -19.88 7.77 -40.82
C ASP H 188 -18.65 7.61 -41.71
N PHE H 189 -17.53 8.18 -41.26
CA PHE H 189 -16.32 8.16 -42.06
C PHE H 189 -15.67 6.78 -42.02
N PRO H 190 -15.00 6.37 -43.11
CA PRO H 190 -14.28 5.10 -43.08
C PRO H 190 -13.21 5.10 -42.00
N GLU H 191 -13.03 3.94 -41.36
CA GLU H 191 -12.05 3.83 -40.29
C GLU H 191 -10.63 3.94 -40.83
N TYR H 192 -9.71 4.35 -39.97
CA TYR H 192 -8.32 4.53 -40.37
C TYR H 192 -7.80 3.22 -40.98
N GLY H 193 -7.22 3.33 -42.17
CA GLY H 193 -6.67 2.19 -42.88
C GLY H 193 -7.52 1.70 -44.04
N ALA H 194 -8.78 2.12 -44.13
CA ALA H 194 -9.68 1.70 -45.17
C ALA H 194 -9.88 2.86 -46.14
N MET H 195 -9.40 2.68 -47.38
CA MET H 195 -9.53 3.69 -48.42
C MET H 195 -10.45 3.18 -49.52
N ASN H 196 -11.36 4.03 -49.97
CA ASN H 196 -12.25 3.72 -51.08
C ASN H 196 -12.18 4.89 -52.07
N PRO H 197 -11.87 4.66 -53.34
CA PRO H 197 -11.81 5.78 -54.29
C PRO H 197 -13.18 6.41 -54.47
N GLY H 198 -13.17 7.71 -54.74
CA GLY H 198 -14.41 8.44 -54.95
C GLY H 198 -15.30 8.47 -53.73
N ALA H 199 -14.72 8.66 -52.55
CA ALA H 199 -15.48 8.73 -51.32
C ALA H 199 -14.66 9.49 -50.29
N PHE H 200 -15.32 9.89 -49.20
CA PHE H 200 -14.65 10.66 -48.17
C PHE H 200 -13.47 9.88 -47.60
N GLY H 201 -12.42 10.62 -47.24
CA GLY H 201 -11.27 10.02 -46.59
C GLY H 201 -10.47 9.08 -47.46
N ASP H 202 -10.26 9.42 -48.73
CA ASP H 202 -9.38 8.62 -49.57
C ASP H 202 -7.92 8.86 -49.25
N ILE H 203 -7.56 10.07 -48.84
CA ILE H 203 -6.21 10.39 -48.35
C ILE H 203 -6.33 10.62 -46.85
N GLN H 204 -5.59 9.82 -46.07
CA GLN H 204 -5.66 9.89 -44.62
C GLN H 204 -4.25 10.00 -44.05
N ALA H 205 -4.10 10.88 -43.06
CA ALA H 205 -2.81 11.09 -42.42
C ALA H 205 -3.04 11.32 -40.94
N SER H 206 -2.09 10.85 -40.13
CA SER H 206 -2.19 11.03 -38.68
C SER H 206 -2.20 12.51 -38.32
N SER H 207 -1.40 13.31 -39.02
CA SER H 207 -1.34 14.75 -38.80
C SER H 207 -1.27 15.45 -40.16
N LEU H 208 -1.49 16.77 -40.14
CA LEU H 208 -1.47 17.53 -41.38
C LEU H 208 -0.11 17.45 -42.06
N ASP H 209 0.96 17.53 -41.28
CA ASP H 209 2.33 17.56 -41.81
C ASP H 209 3.08 16.27 -41.49
N ALA H 210 2.39 15.13 -41.59
CA ALA H 210 3.00 13.84 -41.33
C ALA H 210 3.64 13.30 -42.61
N THR H 211 4.93 12.98 -42.54
CA THR H 211 5.62 12.45 -43.71
C THR H 211 5.07 11.09 -44.11
N ASP H 212 4.53 10.33 -43.17
CA ASP H 212 3.96 9.02 -43.45
C ASP H 212 2.49 9.17 -43.78
N ILE H 213 2.10 8.69 -44.96
CA ILE H 213 0.72 8.79 -45.43
C ILE H 213 0.34 7.44 -46.03
N VAL H 214 -0.90 7.03 -45.77
CA VAL H 214 -1.46 5.80 -46.32
C VAL H 214 -2.71 6.17 -47.11
N ALA H 215 -2.75 5.79 -48.37
CA ALA H 215 -3.88 6.15 -49.21
C ALA H 215 -3.79 5.43 -50.54
N ARG H 216 -4.95 5.02 -51.07
CA ARG H 216 -5.06 4.48 -52.42
C ARG H 216 -6.21 5.17 -53.12
N THR H 217 -6.02 5.47 -54.42
CA THR H 217 -7.06 6.15 -55.18
C THR H 217 -7.21 5.59 -56.59
N ASP H 218 -6.82 4.33 -56.82
CA ASP H 218 -7.01 3.66 -58.11
C ASP H 218 -6.32 4.45 -59.23
N ILE H 219 -5.00 4.52 -59.12
CA ILE H 219 -4.16 5.14 -60.14
C ILE H 219 -3.65 4.05 -61.07
N ARG H 220 -3.95 4.18 -62.35
CA ARG H 220 -3.49 3.24 -63.37
C ARG H 220 -2.80 4.00 -64.49
N LEU H 221 -1.61 3.55 -64.85
CA LEU H 221 -0.83 4.18 -65.90
C LEU H 221 -1.31 3.72 -67.27
N LEU H 222 -0.88 4.46 -68.29
CA LEU H 222 -1.22 4.16 -69.67
C LEU H 222 0.05 4.12 -70.52
N LYS H 223 0.06 3.23 -71.50
CA LYS H 223 1.22 3.12 -72.37
C LYS H 223 1.39 4.41 -73.16
N PRO H 224 2.62 4.90 -73.35
CA PRO H 224 2.81 6.09 -74.19
C PRO H 224 2.29 5.84 -75.60
N SER H 225 1.61 6.85 -76.15
CA SER H 225 0.99 6.71 -77.47
C SER H 225 1.09 7.97 -78.31
N VAL H 226 2.04 8.87 -78.02
CA VAL H 226 2.23 10.08 -78.80
C VAL H 226 3.71 10.24 -79.10
N LYS H 227 4.02 11.06 -80.11
CA LYS H 227 5.38 11.10 -80.62
C LYS H 227 6.35 11.59 -79.55
N ASN H 228 5.96 12.61 -78.80
CA ASN H 228 6.82 13.21 -77.79
C ASN H 228 6.81 12.34 -76.53
N ILE H 229 7.38 12.84 -75.45
CA ILE H 229 7.49 12.12 -74.19
C ILE H 229 6.42 12.64 -73.24
N HIS H 230 5.73 11.71 -72.58
CA HIS H 230 4.70 12.05 -71.61
C HIS H 230 4.31 10.78 -70.87
N VAL H 231 3.81 10.95 -69.64
CA VAL H 231 3.40 9.82 -68.83
C VAL H 231 1.90 9.95 -68.56
N PRO H 232 1.05 9.36 -69.39
CA PRO H 232 -0.40 9.55 -69.21
C PRO H 232 -0.90 8.78 -68.00
N TYR H 233 -1.60 9.50 -67.11
CA TYR H 233 -2.12 8.92 -65.89
C TYR H 233 -3.63 9.13 -65.83
N THR H 234 -4.34 8.12 -65.32
CA THR H 234 -5.77 8.18 -65.10
C THR H 234 -6.07 7.86 -63.65
N GLN H 235 -6.99 8.60 -63.05
CA GLN H 235 -7.27 8.45 -61.63
C GLN H 235 -8.71 8.84 -61.36
N ALA H 236 -9.28 8.23 -60.33
CA ALA H 236 -10.66 8.53 -59.95
C ALA H 236 -10.74 9.93 -59.36
N VAL H 237 -11.92 10.54 -59.50
CA VAL H 237 -12.10 11.90 -59.01
C VAL H 237 -11.85 11.95 -57.51
N SER H 238 -11.32 13.09 -57.04
CA SER H 238 -11.00 13.23 -55.63
C SER H 238 -12.23 12.98 -54.77
N GLY H 239 -12.05 12.17 -53.73
CA GLY H 239 -13.17 11.85 -52.86
C GLY H 239 -13.64 13.05 -52.06
N TYR H 240 -12.70 13.86 -51.56
CA TYR H 240 -13.08 14.97 -50.70
C TYR H 240 -13.95 15.98 -51.44
N GLU H 241 -13.62 16.27 -52.70
CA GLU H 241 -14.44 17.20 -53.47
C GLU H 241 -15.87 16.66 -53.64
N MET H 242 -15.99 15.37 -53.94
CA MET H 242 -17.32 14.79 -54.10
C MET H 242 -18.11 14.85 -52.80
N TRP H 243 -17.45 14.59 -51.67
CA TRP H 243 -18.13 14.72 -50.39
C TRP H 243 -18.55 16.15 -50.13
N LYS H 244 -17.70 17.11 -50.51
CA LYS H 244 -18.04 18.52 -50.33
C LYS H 244 -19.27 18.89 -51.13
N ASN H 245 -19.38 18.38 -52.36
CA ASN H 245 -20.48 18.77 -53.23
C ASN H 245 -21.83 18.41 -52.62
N ASN H 246 -21.95 17.20 -52.07
CA ASN H 246 -23.22 16.68 -51.56
C ASN H 246 -23.17 16.38 -50.06
N SER H 247 -22.35 17.12 -49.32
CA SER H 247 -22.17 16.84 -47.90
C SER H 247 -23.47 16.94 -47.12
N GLY H 248 -24.47 17.66 -47.64
CA GLY H 248 -25.69 17.87 -46.91
C GLY H 248 -25.56 19.02 -45.93
N ARG H 249 -26.67 19.31 -45.26
CA ARG H 249 -26.69 20.44 -44.34
C ARG H 249 -25.83 20.16 -43.12
N PRO H 250 -25.25 21.20 -42.51
CA PRO H 250 -24.42 20.97 -41.31
C PRO H 250 -25.27 20.61 -40.11
N LEU H 251 -24.64 20.48 -38.95
CA LEU H 251 -25.38 20.17 -37.72
C LEU H 251 -25.97 21.41 -37.07
N GLN H 252 -25.61 22.61 -37.53
CA GLN H 252 -26.19 23.82 -36.96
C GLN H 252 -27.69 23.90 -37.23
N GLU H 253 -28.15 23.29 -38.32
CA GLU H 253 -29.55 23.37 -38.72
C GLU H 253 -30.30 22.07 -38.47
N THR H 254 -29.75 21.18 -37.64
CA THR H 254 -30.43 19.94 -37.32
C THR H 254 -30.38 19.59 -35.84
N ALA H 255 -29.53 20.22 -35.04
CA ALA H 255 -29.42 19.85 -33.63
C ALA H 255 -30.74 20.12 -32.92
N PRO H 256 -31.29 19.15 -32.20
CA PRO H 256 -32.53 19.42 -31.46
C PRO H 256 -32.28 20.32 -30.26
N PHE H 257 -33.35 20.99 -29.84
CA PHE H 257 -33.34 21.89 -28.69
C PHE H 257 -32.52 23.14 -28.93
N GLY H 258 -32.24 23.46 -30.18
CA GLY H 258 -31.60 24.73 -30.52
C GLY H 258 -30.23 24.92 -29.91
N CYS H 259 -29.36 23.92 -30.00
CA CYS H 259 -28.05 24.00 -29.38
C CYS H 259 -27.08 24.74 -30.29
N LYS H 260 -26.39 25.73 -29.72
CA LYS H 260 -25.39 26.51 -30.45
C LYS H 260 -24.04 25.80 -30.35
N ILE H 261 -23.52 25.35 -31.47
CA ILE H 261 -22.38 24.44 -31.50
C ILE H 261 -21.14 25.21 -31.93
N GLU H 262 -20.19 25.35 -31.01
CA GLU H 262 -18.91 26.01 -31.29
C GLU H 262 -17.85 24.94 -31.57
N VAL H 263 -16.86 25.34 -32.36
CA VAL H 263 -15.97 24.38 -33.02
C VAL H 263 -14.70 24.13 -32.22
N GLU H 264 -14.00 25.19 -31.82
CA GLU H 264 -12.67 25.00 -31.23
C GLU H 264 -12.69 24.02 -30.07
N PRO H 265 -13.38 24.27 -28.95
CA PRO H 265 -13.65 23.17 -28.01
C PRO H 265 -14.48 22.05 -28.60
N LEU H 266 -15.25 22.32 -29.67
CA LEU H 266 -16.18 21.36 -30.25
C LEU H 266 -17.24 20.95 -29.22
N ARG H 267 -18.04 21.94 -28.82
CA ARG H 267 -19.01 21.75 -27.76
C ARG H 267 -20.25 22.58 -28.01
N ALA H 268 -21.37 22.12 -27.45
CA ALA H 268 -22.65 22.81 -27.60
C ALA H 268 -22.92 23.69 -26.39
N THR H 269 -23.74 24.72 -26.60
CA THR H 269 -23.99 25.72 -25.59
C THR H 269 -25.40 26.28 -25.74
N ASN H 270 -25.92 26.78 -24.62
CA ASN H 270 -27.14 27.58 -24.59
C ASN H 270 -28.31 26.82 -25.22
N CYS H 271 -28.60 25.63 -24.67
CA CYS H 271 -29.68 24.82 -25.20
C CYS H 271 -30.26 23.95 -24.10
N ALA H 272 -31.57 23.78 -24.13
CA ALA H 272 -32.36 23.34 -22.98
C ALA H 272 -33.00 21.99 -23.23
N TYR H 273 -32.86 21.09 -22.26
CA TYR H 273 -33.63 19.86 -22.22
C TYR H 273 -33.36 19.18 -20.88
N GLY H 274 -34.36 18.47 -20.38
CA GLY H 274 -34.20 17.74 -19.13
C GLY H 274 -34.33 18.62 -17.91
N HIS H 275 -34.22 17.97 -16.74
CA HIS H 275 -34.30 18.63 -15.46
C HIS H 275 -32.99 18.45 -14.72
N ILE H 276 -32.74 19.34 -13.74
CA ILE H 276 -31.51 19.33 -12.96
C ILE H 276 -31.89 19.33 -11.49
N PRO H 277 -31.52 18.30 -10.71
CA PRO H 277 -31.64 18.41 -9.25
C PRO H 277 -30.41 19.10 -8.67
N ILE H 278 -30.66 20.09 -7.80
CA ILE H 278 -29.61 20.93 -7.27
C ILE H 278 -29.82 21.14 -5.78
N SER H 279 -28.75 21.01 -5.01
CA SER H 279 -28.78 21.25 -3.56
C SER H 279 -27.95 22.49 -3.25
N ILE H 280 -28.54 23.45 -2.55
CA ILE H 280 -27.91 24.71 -2.22
C ILE H 280 -27.71 24.77 -0.72
N ASP H 281 -26.50 25.13 -0.29
CA ASP H 281 -26.19 25.37 1.11
C ASP H 281 -26.09 26.87 1.33
N ILE H 282 -26.83 27.39 2.30
CA ILE H 282 -26.89 28.81 2.60
C ILE H 282 -26.29 29.01 3.99
N PRO H 283 -25.40 29.99 4.18
CA PRO H 283 -24.88 30.24 5.52
C PRO H 283 -25.99 30.67 6.48
N ASP H 284 -25.85 30.26 7.74
CA ASP H 284 -26.86 30.60 8.74
C ASP H 284 -26.95 32.11 8.94
N ALA H 285 -25.81 32.80 8.88
CA ALA H 285 -25.81 34.24 9.10
C ALA H 285 -26.74 34.96 8.11
N ALA H 286 -26.90 34.41 6.91
CA ALA H 286 -27.78 35.05 5.93
C ALA H 286 -29.23 35.06 6.42
N PHE H 287 -29.63 34.04 7.17
CA PHE H 287 -30.99 33.99 7.69
C PHE H 287 -31.21 35.10 8.71
N VAL H 288 -32.46 35.54 8.82
CA VAL H 288 -32.86 36.59 9.74
C VAL H 288 -33.93 36.04 10.67
N ARG H 289 -33.77 36.29 11.97
CA ARG H 289 -34.74 35.80 12.94
C ARG H 289 -36.10 36.45 12.71
N SER H 290 -37.16 35.67 12.91
CA SER H 290 -38.51 36.18 12.72
C SER H 290 -38.83 37.28 13.72
N SER H 291 -38.05 37.42 14.79
CA SER H 291 -38.34 38.46 15.78
C SER H 291 -38.28 39.84 15.17
N GLU H 292 -37.27 40.10 14.33
CA GLU H 292 -37.14 41.38 13.66
C GLU H 292 -37.94 41.45 12.36
N SER H 293 -38.48 40.33 11.89
CA SER H 293 -39.26 40.36 10.66
C SER H 293 -40.58 41.08 10.89
N PRO H 294 -41.06 41.85 9.92
CA PRO H 294 -42.35 42.51 10.08
C PRO H 294 -43.48 41.52 10.30
N THR H 295 -44.46 41.93 11.11
CA THR H 295 -45.61 41.10 11.45
C THR H 295 -46.83 41.62 10.70
N ILE H 296 -47.55 40.71 10.03
CA ILE H 296 -48.67 41.06 9.18
C ILE H 296 -49.94 40.50 9.76
N LEU H 297 -51.06 41.16 9.46
CA LEU H 297 -52.36 40.75 9.96
C LEU H 297 -53.42 41.04 8.90
N GLU H 298 -54.37 40.12 8.77
CA GLU H 298 -55.55 40.30 7.91
C GLU H 298 -55.15 40.56 6.45
N VAL H 299 -54.53 39.54 5.86
CA VAL H 299 -54.12 39.58 4.46
C VAL H 299 -55.28 39.12 3.59
N SER H 300 -55.42 39.75 2.43
CA SER H 300 -56.54 39.45 1.53
C SER H 300 -56.10 39.62 0.08
N CYS H 301 -56.52 38.66 -0.76
CA CYS H 301 -56.29 38.67 -2.20
C CYS H 301 -57.32 39.53 -2.92
N THR H 302 -56.99 39.89 -4.16
CA THR H 302 -57.97 40.46 -5.08
C THR H 302 -57.39 40.39 -6.48
N VAL H 303 -58.09 39.70 -7.39
CA VAL H 303 -57.64 39.56 -8.78
C VAL H 303 -58.44 40.56 -9.60
N ALA H 304 -57.80 41.69 -9.92
CA ALA H 304 -58.46 42.69 -10.77
C ALA H 304 -58.74 42.13 -12.16
N ASP H 305 -57.78 41.42 -12.72
CA ASP H 305 -57.94 40.79 -14.04
C ASP H 305 -56.77 39.87 -14.28
N CYS H 306 -57.04 38.75 -14.95
CA CYS H 306 -56.01 37.78 -15.29
C CYS H 306 -56.15 37.40 -16.76
N ILE H 307 -55.02 37.35 -17.46
CA ILE H 307 -54.97 36.99 -18.87
C ILE H 307 -54.12 35.73 -19.00
N TYR H 308 -54.66 34.72 -19.67
CA TYR H 308 -54.03 33.41 -19.82
C TYR H 308 -52.96 33.46 -20.91
N SER H 309 -52.00 34.37 -20.73
CA SER H 309 -51.01 34.65 -21.75
C SER H 309 -49.75 33.82 -21.54
N ALA H 310 -49.00 33.64 -22.63
CA ALA H 310 -47.71 32.96 -22.54
C ALA H 310 -46.75 33.76 -21.67
N ASP H 311 -46.70 35.08 -21.86
CA ASP H 311 -45.83 35.94 -21.08
C ASP H 311 -46.42 36.19 -19.70
N PHE H 312 -45.78 37.07 -18.93
CA PHE H 312 -46.23 37.39 -17.58
C PHE H 312 -47.18 38.57 -17.67
N GLY H 313 -48.48 38.28 -17.64
CA GLY H 313 -49.48 39.31 -17.84
C GLY H 313 -50.56 39.34 -16.78
N GLY H 314 -50.59 38.34 -15.91
CA GLY H 314 -51.61 38.31 -14.85
C GLY H 314 -51.31 39.32 -13.77
N SER H 315 -52.38 39.92 -13.24
CA SER H 315 -52.28 40.94 -12.21
C SER H 315 -52.97 40.47 -10.94
N LEU H 316 -52.48 40.94 -9.80
CA LEU H 316 -53.03 40.56 -8.51
C LEU H 316 -52.80 41.72 -7.54
N THR H 317 -53.57 41.76 -6.46
CA THR H 317 -53.40 42.77 -5.43
C THR H 317 -53.61 42.14 -4.07
N LEU H 318 -52.87 42.64 -3.08
CA LEU H 318 -52.95 42.14 -1.71
C LEU H 318 -53.13 43.31 -0.76
N GLN H 319 -54.01 43.11 0.22
CA GLN H 319 -54.30 44.11 1.26
C GLN H 319 -53.89 43.50 2.59
N TYR H 320 -53.07 44.22 3.36
CA TYR H 320 -52.48 43.70 4.58
C TYR H 320 -52.60 44.73 5.70
N LYS H 321 -52.56 44.24 6.94
CA LYS H 321 -52.48 45.09 8.12
C LYS H 321 -51.31 44.62 8.97
N ALA H 322 -50.36 45.51 9.22
CA ALA H 322 -49.13 45.18 9.92
C ALA H 322 -48.82 46.25 10.95
N ASN H 323 -47.69 46.10 11.62
CA ASN H 323 -47.33 46.98 12.73
C ASN H 323 -45.92 47.54 12.58
N ARG H 324 -45.04 46.80 11.91
CA ARG H 324 -43.62 47.16 11.83
C ARG H 324 -43.22 47.39 10.37
N GLU H 325 -42.44 48.44 10.15
CA GLU H 325 -41.96 48.76 8.81
C GLU H 325 -40.80 47.85 8.44
N GLY H 326 -40.78 47.43 7.18
CA GLY H 326 -39.70 46.57 6.72
C GLY H 326 -40.04 45.95 5.38
N HIS H 327 -39.29 44.90 5.04
CA HIS H 327 -39.48 44.17 3.79
C HIS H 327 -39.89 42.74 4.12
N CYS H 328 -40.95 42.27 3.48
CA CYS H 328 -41.41 40.90 3.65
C CYS H 328 -41.38 40.16 2.32
N PRO H 329 -41.06 38.87 2.31
CA PRO H 329 -41.06 38.11 1.05
C PRO H 329 -42.46 37.68 0.66
N VAL H 330 -42.61 37.46 -0.65
CA VAL H 330 -43.88 37.03 -1.23
C VAL H 330 -43.59 35.93 -2.25
N HIS H 331 -44.44 34.91 -2.28
CA HIS H 331 -44.23 33.80 -3.20
C HIS H 331 -45.55 33.10 -3.46
N SER H 332 -45.56 32.27 -4.50
CA SER H 332 -46.71 31.43 -4.84
C SER H 332 -46.24 29.98 -4.85
N HIS H 333 -46.64 29.22 -3.83
CA HIS H 333 -46.21 27.83 -3.71
C HIS H 333 -46.80 26.94 -4.79
N SER H 334 -47.85 27.38 -5.49
CA SER H 334 -48.44 26.57 -6.55
C SER H 334 -47.58 26.66 -7.80
N THR H 335 -47.12 25.50 -8.28
CA THR H 335 -46.25 25.48 -9.45
C THR H 335 -46.94 26.05 -10.68
N THR H 336 -48.27 25.96 -10.74
CA THR H 336 -48.99 26.45 -11.90
C THR H 336 -48.77 27.94 -12.13
N ALA H 337 -48.45 28.69 -11.09
CA ALA H 337 -48.27 30.13 -11.19
C ALA H 337 -46.94 30.54 -10.58
N VAL H 338 -46.37 31.63 -11.11
CA VAL H 338 -45.11 32.18 -10.62
C VAL H 338 -45.24 33.69 -10.55
N LEU H 339 -44.74 34.27 -9.45
CA LEU H 339 -44.79 35.71 -9.24
C LEU H 339 -43.61 36.39 -9.92
N LYS H 340 -43.54 37.71 -9.76
CA LYS H 340 -42.50 38.53 -10.37
C LYS H 340 -41.43 38.96 -9.38
N GLU H 341 -41.81 39.55 -8.26
CA GLU H 341 -40.86 40.03 -7.25
C GLU H 341 -40.97 39.18 -6.00
N ALA H 342 -39.83 39.00 -5.32
CA ALA H 342 -39.76 38.14 -4.16
C ALA H 342 -40.06 38.86 -2.85
N THR H 343 -39.69 40.13 -2.73
CA THR H 343 -39.91 40.90 -1.52
C THR H 343 -40.64 42.19 -1.84
N THR H 344 -41.24 42.77 -0.80
CA THR H 344 -41.90 44.06 -0.94
C THR H 344 -41.95 44.75 0.41
N HIS H 345 -42.02 46.08 0.36
CA HIS H 345 -42.17 46.88 1.57
C HIS H 345 -43.55 46.67 2.17
N VAL H 346 -43.60 46.65 3.49
CA VAL H 346 -44.83 46.42 4.24
C VAL H 346 -45.10 47.61 5.14
N THR H 347 -46.29 48.17 5.05
CA THR H 347 -46.72 49.32 5.84
C THR H 347 -47.77 48.89 6.84
N ALA H 348 -48.28 49.85 7.62
CA ALA H 348 -49.25 49.55 8.66
C ALA H 348 -50.53 48.98 8.07
N THR H 349 -51.07 49.65 7.05
CA THR H 349 -52.32 49.22 6.42
C THR H 349 -52.26 49.35 4.91
N GLY H 350 -51.07 49.23 4.33
CA GLY H 350 -50.93 49.42 2.90
C GLY H 350 -51.45 48.24 2.09
N SER H 351 -51.71 48.51 0.82
CA SER H 351 -52.10 47.51 -0.16
C SER H 351 -51.20 47.64 -1.37
N ILE H 352 -50.77 46.51 -1.92
CA ILE H 352 -49.78 46.52 -3.01
C ILE H 352 -50.17 45.51 -4.08
N THR H 353 -49.84 45.86 -5.32
CA THR H 353 -50.10 45.00 -6.47
C THR H 353 -48.93 44.04 -6.68
N LEU H 354 -49.16 43.09 -7.58
CA LEU H 354 -48.16 42.09 -7.94
C LEU H 354 -48.45 41.60 -9.35
N HIS H 355 -47.40 41.25 -10.06
CA HIS H 355 -47.50 40.70 -11.41
C HIS H 355 -47.10 39.23 -11.37
N PHE H 356 -47.94 38.38 -11.95
CA PHE H 356 -47.73 36.94 -11.92
C PHE H 356 -48.11 36.34 -13.26
N SER H 357 -47.70 35.09 -13.47
CA SER H 357 -48.00 34.35 -14.69
C SER H 357 -48.49 32.98 -14.30
N THR H 358 -49.30 32.38 -15.19
CA THR H 358 -49.90 31.09 -14.95
C THR H 358 -50.02 30.33 -16.25
N SER H 359 -50.10 29.00 -16.14
CA SER H 359 -50.18 28.10 -17.28
C SER H 359 -51.54 27.42 -17.39
N SER H 360 -52.57 27.94 -16.74
CA SER H 360 -53.91 27.39 -16.80
C SER H 360 -54.91 28.53 -16.91
N PRO H 361 -56.10 28.26 -17.45
CA PRO H 361 -57.14 29.31 -17.47
C PRO H 361 -57.73 29.56 -16.10
N GLN H 362 -57.84 28.53 -15.26
CA GLN H 362 -58.32 28.67 -13.88
C GLN H 362 -57.10 28.95 -13.01
N ALA H 363 -56.94 30.21 -12.60
CA ALA H 363 -55.78 30.62 -11.82
C ALA H 363 -56.22 30.70 -10.36
N ASN H 364 -56.09 29.58 -9.66
CA ASN H 364 -56.32 29.52 -8.23
C ASN H 364 -55.08 28.95 -7.55
N PHE H 365 -54.71 29.53 -6.41
CA PHE H 365 -53.51 29.07 -5.72
C PHE H 365 -53.40 29.78 -4.38
N ILE H 366 -52.39 29.36 -3.63
CA ILE H 366 -52.09 29.89 -2.30
C ILE H 366 -50.84 30.74 -2.43
N VAL H 367 -50.95 32.02 -2.10
CA VAL H 367 -49.82 32.95 -2.11
C VAL H 367 -49.42 33.19 -0.68
N SER H 368 -48.13 33.03 -0.40
CA SER H 368 -47.57 33.31 0.92
C SER H 368 -47.01 34.72 0.92
N LEU H 369 -47.59 35.58 1.75
CA LEU H 369 -47.07 36.92 2.00
C LEU H 369 -46.33 36.88 3.34
N CYS H 370 -45.05 37.20 3.31
CA CYS H 370 -44.20 37.04 4.48
C CYS H 370 -44.42 35.64 5.05
N GLY H 371 -44.72 35.51 6.33
CA GLY H 371 -44.95 34.20 6.91
C GLY H 371 -46.35 33.66 6.77
N LYS H 372 -47.33 34.48 6.39
CA LYS H 372 -48.72 34.06 6.35
C LYS H 372 -49.12 33.61 4.96
N LYS H 373 -50.20 32.82 4.91
CA LYS H 373 -50.71 32.26 3.67
C LYS H 373 -52.03 32.92 3.30
N THR H 374 -52.40 32.81 2.03
CA THR H 374 -53.69 33.33 1.57
C THR H 374 -54.11 32.58 0.30
N THR H 375 -55.23 31.88 0.37
CA THR H 375 -55.81 31.26 -0.81
C THR H 375 -56.54 32.30 -1.65
N CYS H 376 -56.53 32.11 -2.97
CA CYS H 376 -57.38 32.95 -3.80
C CYS H 376 -57.40 32.42 -5.24
N ASN H 377 -58.52 32.70 -5.91
CA ASN H 377 -58.84 32.10 -7.20
C ASN H 377 -59.38 33.16 -8.14
N ALA H 378 -59.28 32.87 -9.43
CA ALA H 378 -59.85 33.72 -10.47
C ALA H 378 -59.86 32.93 -11.78
N GLU H 379 -60.58 33.47 -12.76
CA GLU H 379 -60.67 32.89 -14.09
C GLU H 379 -59.96 33.79 -15.09
N CYS H 380 -59.10 33.21 -15.91
CA CYS H 380 -58.32 33.95 -16.89
C CYS H 380 -58.80 33.61 -18.30
N LYS H 381 -58.61 34.56 -19.21
CA LYS H 381 -59.03 34.40 -20.59
C LYS H 381 -57.82 34.25 -21.52
N PRO H 382 -57.97 33.60 -22.67
CA PRO H 382 -56.85 33.50 -23.61
C PRO H 382 -56.49 34.85 -24.18
N PRO H 383 -55.25 35.03 -24.66
CA PRO H 383 -54.83 36.32 -25.19
C PRO H 383 -55.23 36.51 -26.65
N ALA H 384 -55.20 37.78 -27.07
CA ALA H 384 -55.51 38.10 -28.47
C ALA H 384 -54.42 37.58 -29.39
N ASP H 385 -53.16 37.86 -29.08
CA ASP H 385 -52.05 37.32 -29.85
C ASP H 385 -51.72 35.92 -29.37
N HIS H 386 -51.18 35.11 -30.28
CA HIS H 386 -50.93 33.70 -30.02
C HIS H 386 -49.55 33.23 -30.50
N ILE H 387 -48.66 34.15 -30.85
CA ILE H 387 -47.30 33.78 -31.26
C ILE H 387 -46.35 34.84 -30.72
N ILE H 388 -45.43 34.43 -29.83
CA ILE H 388 -44.43 35.32 -29.26
C ILE H 388 -43.20 34.50 -28.95
N GLY H 389 -42.05 35.17 -28.85
CA GLY H 389 -40.79 34.49 -28.68
C GLY H 389 -40.11 34.76 -27.35
N GLU H 390 -40.90 34.97 -26.31
CA GLU H 390 -40.38 35.26 -24.98
C GLU H 390 -40.53 34.04 -24.08
N PRO H 391 -39.70 33.91 -23.03
CA PRO H 391 -39.86 32.79 -22.09
C PRO H 391 -41.32 32.46 -21.77
N HIS H 392 -41.72 31.24 -22.13
CA HIS H 392 -43.10 30.78 -22.03
C HIS H 392 -43.13 29.43 -21.35
N LYS H 393 -44.22 29.15 -20.65
CA LYS H 393 -44.40 27.90 -19.92
C LYS H 393 -43.32 27.75 -18.85
N VAL H 394 -43.28 28.76 -17.97
CA VAL H 394 -42.40 28.67 -16.81
C VAL H 394 -42.76 27.43 -15.99
N ASP H 395 -44.01 26.99 -16.05
CA ASP H 395 -44.42 25.70 -15.52
C ASP H 395 -45.14 24.94 -16.62
N GLN H 396 -44.76 23.68 -16.82
CA GLN H 396 -45.41 22.85 -17.82
C GLN H 396 -46.85 22.57 -17.42
N GLU H 397 -47.71 22.39 -18.42
CA GLU H 397 -49.12 22.13 -18.15
C GLU H 397 -49.25 20.82 -17.37
N PHE H 398 -50.21 20.80 -16.44
CA PHE H 398 -50.46 19.66 -15.56
C PHE H 398 -51.92 19.23 -15.67
N GLN H 399 -52.38 19.08 -16.92
CA GLN H 399 -53.78 18.73 -17.22
C GLN H 399 -54.74 19.55 -16.36
N ALA H 400 -54.36 20.78 -16.05
CA ALA H 400 -55.21 21.70 -15.31
C ALA H 400 -56.01 22.62 -16.21
N ALA H 401 -55.90 22.46 -17.54
CA ALA H 401 -56.67 23.30 -18.45
C ALA H 401 -58.16 23.16 -18.23
N VAL H 402 -58.61 22.06 -17.63
CA VAL H 402 -60.03 21.91 -17.32
C VAL H 402 -60.47 23.04 -16.40
N SER H 403 -61.54 23.71 -16.78
CA SER H 403 -62.06 24.83 -16.01
C SER H 403 -63.06 24.33 -14.96
N LYS H 404 -63.38 25.21 -14.01
CA LYS H 404 -64.35 24.84 -12.98
C LYS H 404 -65.70 24.52 -13.59
N THR H 405 -66.12 25.30 -14.60
CA THR H 405 -67.37 24.99 -15.29
C THR H 405 -67.28 23.64 -15.98
N SER H 406 -66.13 23.32 -16.56
CA SER H 406 -65.96 22.01 -17.18
C SER H 406 -66.10 20.89 -16.15
N TRP H 407 -65.52 21.08 -14.96
CA TRP H 407 -65.66 20.09 -13.90
C TRP H 407 -67.12 19.97 -13.47
N ASN H 408 -67.84 21.09 -13.40
CA ASN H 408 -69.25 21.03 -13.04
C ASN H 408 -70.05 20.25 -14.09
N TRP H 409 -69.76 20.48 -15.36
CA TRP H 409 -70.43 19.72 -16.41
C TRP H 409 -70.09 18.24 -16.32
N LEU H 410 -68.83 17.92 -16.00
CA LEU H 410 -68.46 16.52 -15.83
C LEU H 410 -69.22 15.90 -14.66
N LEU H 411 -69.35 16.62 -13.56
CA LEU H 411 -70.09 16.11 -12.41
C LEU H 411 -71.55 15.86 -12.77
N ALA H 412 -72.18 16.81 -13.46
CA ALA H 412 -73.55 16.61 -13.91
C ALA H 412 -73.65 15.54 -14.99
N LEU H 413 -72.52 15.14 -15.56
CA LEU H 413 -72.53 14.17 -16.66
C LEU H 413 -72.87 12.77 -16.17
N PHE H 414 -72.28 12.35 -15.06
CA PHE H 414 -72.40 10.96 -14.62
C PHE H 414 -73.83 10.66 -14.17
N GLY H 415 -74.21 9.39 -14.29
CA GLY H 415 -75.54 8.95 -13.91
C GLY H 415 -75.49 7.66 -13.11
N GLY H 416 -76.30 7.60 -12.06
CA GLY H 416 -76.31 6.48 -11.14
C GLY H 416 -77.30 5.39 -11.45
N ALA H 417 -77.06 4.62 -12.53
CA ALA H 417 -77.91 3.46 -12.81
C ALA H 417 -77.67 2.32 -11.81
N SER H 418 -76.52 2.34 -11.11
CA SER H 418 -76.26 1.33 -10.11
C SER H 418 -77.35 1.33 -9.03
N SER H 419 -77.79 2.52 -8.63
CA SER H 419 -78.88 2.61 -7.66
C SER H 419 -80.14 1.97 -8.22
N LEU H 420 -80.42 2.19 -9.51
CA LEU H 420 -81.61 1.59 -10.10
C LEU H 420 -81.54 0.07 -10.10
N ILE H 421 -80.39 -0.51 -10.44
CA ILE H 421 -80.28 -1.97 -10.43
C ILE H 421 -80.39 -2.49 -9.00
N VAL H 422 -79.82 -1.76 -8.04
CA VAL H 422 -79.92 -2.19 -6.64
C VAL H 422 -81.39 -2.18 -6.19
N VAL H 423 -82.12 -1.14 -6.55
CA VAL H 423 -83.55 -1.08 -6.23
C VAL H 423 -84.28 -2.23 -6.89
N GLY H 424 -83.92 -2.55 -8.13
CA GLY H 424 -84.52 -3.69 -8.80
C GLY H 424 -84.29 -4.98 -8.06
N LEU H 425 -83.07 -5.19 -7.57
CA LEU H 425 -82.78 -6.39 -6.80
C LEU H 425 -83.55 -6.43 -5.49
N ILE H 426 -83.67 -5.28 -4.82
CA ILE H 426 -84.41 -5.23 -3.56
C ILE H 426 -85.87 -5.58 -3.79
N VAL H 427 -86.48 -4.99 -4.82
CA VAL H 427 -87.87 -5.31 -5.11
C VAL H 427 -87.99 -6.76 -5.57
N LEU H 428 -86.96 -7.31 -6.21
CA LEU H 428 -86.97 -8.71 -6.59
C LEU H 428 -87.07 -9.61 -5.36
N VAL H 429 -86.23 -9.35 -4.35
CA VAL H 429 -86.28 -10.20 -3.15
C VAL H 429 -87.61 -10.01 -2.42
N CYS H 430 -88.09 -8.77 -2.33
CA CYS H 430 -89.35 -8.52 -1.66
C CYS H 430 -90.52 -9.22 -2.37
N SER H 431 -90.54 -9.14 -3.70
CA SER H 431 -91.62 -9.77 -4.45
C SER H 431 -91.49 -11.29 -4.45
N SER H 432 -90.27 -11.82 -4.33
CA SER H 432 -90.10 -13.26 -4.15
C SER H 432 -90.72 -13.69 -2.82
N MET H 433 -90.48 -12.93 -1.75
CA MET H 433 -91.13 -13.23 -0.48
C MET H 433 -92.64 -13.15 -0.62
N LEU H 434 -93.14 -12.12 -1.31
CA LEU H 434 -94.58 -11.98 -1.51
C LEU H 434 -95.15 -13.17 -2.27
N ILE H 435 -94.47 -13.60 -3.33
CA ILE H 435 -94.93 -14.74 -4.12
C ILE H 435 -94.94 -16.00 -3.25
N ASN H 436 -93.95 -16.14 -2.38
CA ASN H 436 -93.98 -17.23 -1.42
C ASN H 436 -95.22 -17.14 -0.53
N THR H 437 -95.59 -15.93 -0.13
CA THR H 437 -96.79 -15.74 0.69
C THR H 437 -98.06 -15.89 -0.16
N ARG H 438 -97.94 -15.72 -1.47
CA ARG H 438 -99.08 -15.77 -2.40
C ARG H 438 -100.18 -16.74 -1.94
N ILE I 1 18.27 23.88 -47.38
CA ILE I 1 17.13 24.61 -47.89
C ILE I 1 17.49 26.09 -47.99
N THR I 2 16.77 26.83 -48.83
CA THR I 2 17.03 28.25 -49.05
C THR I 2 15.90 28.82 -49.89
N ASP I 3 16.01 30.11 -50.21
CA ASP I 3 15.11 30.77 -51.15
C ASP I 3 15.87 31.34 -52.34
N ASP I 4 17.14 31.01 -52.50
CA ASP I 4 17.92 31.51 -53.63
C ASP I 4 17.26 31.07 -54.93
N PHE I 5 17.28 31.97 -55.92
CA PHE I 5 16.63 31.73 -57.19
C PHE I 5 17.54 31.88 -58.39
N THR I 6 18.76 32.37 -58.23
CA THR I 6 19.69 32.47 -59.34
C THR I 6 20.32 31.13 -59.70
N LEU I 7 19.93 30.05 -59.02
CA LEU I 7 20.47 28.73 -59.25
C LEU I 7 19.56 27.85 -60.09
N THR I 8 18.51 28.41 -60.68
CA THR I 8 17.54 27.66 -61.46
C THR I 8 17.25 28.40 -62.75
N SER I 9 16.85 27.64 -63.78
CA SER I 9 16.65 28.20 -65.11
C SER I 9 15.31 27.74 -65.69
N PRO I 10 14.78 28.42 -66.70
CA PRO I 10 13.53 27.96 -67.32
C PRO I 10 13.71 26.60 -67.96
N TYR I 11 12.64 25.82 -67.97
CA TYR I 11 12.63 24.49 -68.59
C TYR I 11 11.49 24.44 -69.59
N LEU I 12 11.78 23.93 -70.79
CA LEU I 12 10.76 23.83 -71.82
C LEU I 12 9.67 22.87 -71.39
N GLY I 13 8.46 23.08 -71.94
CA GLY I 13 7.34 22.24 -71.57
C GLY I 13 6.47 21.94 -72.78
N PHE I 14 5.46 21.10 -72.53
CA PHE I 14 4.56 20.62 -73.57
C PHE I 14 3.14 21.07 -73.25
N CYS I 15 2.62 22.03 -74.02
CA CYS I 15 1.27 22.51 -73.84
C CYS I 15 0.30 21.85 -74.81
N PRO I 16 -0.91 21.51 -74.36
CA PRO I 16 -1.90 20.97 -75.31
C PRO I 16 -2.25 21.94 -76.42
N TYR I 17 -2.04 23.25 -76.21
CA TYR I 17 -2.44 24.27 -77.16
C TYR I 17 -1.27 25.19 -77.48
N CYS I 18 -1.36 25.84 -78.62
CA CYS I 18 -0.31 26.73 -79.10
C CYS I 18 -1.01 27.89 -79.80
N ARG I 19 -0.23 28.72 -80.51
CA ARG I 19 -0.86 29.76 -81.32
C ARG I 19 -1.59 29.17 -82.51
N HIS I 20 -1.20 27.98 -82.97
CA HIS I 20 -1.84 27.32 -84.10
C HIS I 20 -2.90 26.32 -83.67
N SER I 21 -3.21 26.23 -82.37
CA SER I 21 -4.30 25.40 -81.86
C SER I 21 -4.01 23.91 -82.00
N ALA I 22 -2.79 23.50 -81.65
CA ALA I 22 -2.41 22.10 -81.62
C ALA I 22 -1.40 21.89 -80.51
N PRO I 23 -1.24 20.65 -80.04
CA PRO I 23 -0.21 20.39 -79.01
C PRO I 23 1.16 20.83 -79.50
N CYS I 24 1.95 21.38 -78.58
CA CYS I 24 3.06 22.21 -79.01
C CYS I 24 4.07 22.36 -77.89
N PHE I 25 5.35 22.35 -78.24
CA PHE I 25 6.42 22.62 -77.28
C PHE I 25 6.54 24.12 -77.07
N SER I 26 6.43 24.56 -75.82
CA SER I 26 6.42 25.97 -75.51
C SER I 26 7.27 26.26 -74.28
N PRO I 27 7.85 27.46 -74.19
CA PRO I 27 8.55 27.84 -72.95
C PRO I 27 7.63 27.92 -71.75
N ILE I 28 6.39 28.37 -71.95
CA ILE I 28 5.41 28.49 -70.88
C ILE I 28 4.56 27.22 -70.90
N LYS I 29 4.59 26.49 -69.79
CA LYS I 29 3.84 25.23 -69.66
C LYS I 29 3.16 25.23 -68.30
N ILE I 30 1.93 25.77 -68.25
CA ILE I 30 1.17 25.75 -67.02
C ILE I 30 1.06 24.32 -66.55
N GLU I 31 1.64 24.04 -65.38
CA GLU I 31 1.71 22.68 -64.85
C GLU I 31 0.83 22.49 -63.63
N ASN I 32 0.17 23.55 -63.16
CA ASN I 32 -0.71 23.43 -62.01
C ASN I 32 -1.56 24.68 -61.93
N VAL I 33 -2.69 24.56 -61.22
CA VAL I 33 -3.58 25.69 -60.98
C VAL I 33 -4.32 25.44 -59.67
N TRP I 34 -4.53 26.51 -58.91
CA TRP I 34 -5.31 26.46 -57.68
C TRP I 34 -6.28 27.62 -57.68
N ASP I 35 -7.56 27.34 -57.39
CA ASP I 35 -8.60 28.34 -57.47
C ASP I 35 -9.54 28.29 -56.28
N GLU I 36 -9.01 27.98 -55.10
CA GLU I 36 -9.84 27.83 -53.90
C GLU I 36 -10.09 29.14 -53.19
N SER I 37 -9.43 30.22 -53.60
CA SER I 37 -9.60 31.51 -52.92
C SER I 37 -11.07 31.92 -52.91
N ASP I 38 -11.55 32.38 -51.76
CA ASP I 38 -12.92 32.86 -51.67
C ASP I 38 -13.12 34.13 -52.50
N ASP I 39 -12.07 34.92 -52.68
CA ASP I 39 -12.18 36.11 -53.51
C ASP I 39 -12.14 35.76 -55.00
N GLY I 40 -11.35 34.76 -55.38
CA GLY I 40 -11.29 34.32 -56.76
C GLY I 40 -9.91 34.41 -57.37
N SER I 41 -8.88 34.54 -56.53
CA SER I 41 -7.51 34.62 -57.02
C SER I 41 -7.03 33.25 -57.47
N ILE I 42 -6.24 33.23 -58.55
CA ILE I 42 -5.77 32.00 -59.18
C ILE I 42 -4.25 32.00 -59.16
N ARG I 43 -3.66 30.90 -58.69
CA ARG I 43 -2.21 30.72 -58.69
C ARG I 43 -1.84 29.85 -59.88
N ILE I 44 -0.97 30.35 -60.76
CA ILE I 44 -0.63 29.70 -62.01
C ILE I 44 0.87 29.48 -62.01
N GLN I 45 1.31 28.22 -61.87
CA GLN I 45 2.72 27.91 -61.72
C GLN I 45 3.31 27.52 -63.08
N VAL I 46 3.60 28.54 -63.88
CA VAL I 46 4.16 28.29 -65.20
C VAL I 46 5.59 27.81 -65.06
N SER I 47 6.16 27.33 -66.17
CA SER I 47 7.54 26.86 -66.17
C SER I 47 8.50 28.04 -66.07
N ALA I 48 8.45 28.96 -67.03
CA ALA I 48 9.41 30.05 -67.09
C ALA I 48 9.40 30.84 -65.78
N GLN I 49 10.50 31.54 -65.51
CA GLN I 49 10.63 32.38 -64.34
C GLN I 49 10.40 33.85 -64.72
N PHE I 50 9.39 34.45 -64.11
CA PHE I 50 9.08 35.86 -64.26
C PHE I 50 9.22 36.55 -62.92
N GLY I 51 9.51 37.85 -62.95
CA GLY I 51 9.65 38.67 -61.77
C GLY I 51 11.08 38.81 -61.31
N TYR I 52 11.96 37.91 -61.73
CA TYR I 52 13.38 37.98 -61.44
C TYR I 52 14.17 38.24 -62.71
N ASN I 53 15.40 38.68 -62.54
CA ASN I 53 16.30 38.85 -63.66
C ASN I 53 16.65 37.47 -64.24
N GLN I 54 17.17 37.49 -65.47
CA GLN I 54 17.56 36.24 -66.12
C GLN I 54 18.55 35.49 -65.25
N ALA I 55 18.29 34.20 -65.04
CA ALA I 55 19.14 33.39 -64.18
C ALA I 55 20.58 33.43 -64.67
N GLY I 56 21.51 33.62 -63.75
CA GLY I 56 22.91 33.79 -64.08
C GLY I 56 23.31 35.20 -64.42
N THR I 57 22.39 36.15 -64.43
CA THR I 57 22.71 37.53 -64.71
C THR I 57 23.47 38.15 -63.53
N ALA I 58 24.10 39.29 -63.79
CA ALA I 58 24.81 40.00 -62.72
C ALA I 58 23.84 40.39 -61.60
N ASP I 59 22.67 40.89 -61.97
CA ASP I 59 21.61 41.19 -61.03
C ASP I 59 20.56 40.09 -61.08
N VAL I 60 19.94 39.81 -59.93
CA VAL I 60 19.02 38.69 -59.80
C VAL I 60 17.57 39.16 -59.79
N THR I 61 17.27 40.29 -59.15
CA THR I 61 15.91 40.76 -58.97
C THR I 61 15.68 41.95 -59.89
N LYS I 62 14.67 41.84 -60.75
CA LYS I 62 14.29 42.94 -61.63
C LYS I 62 12.86 42.67 -62.09
N PHE I 63 11.92 43.51 -61.63
CA PHE I 63 10.51 43.21 -61.85
C PHE I 63 10.19 43.17 -63.35
N ARG I 64 10.78 44.06 -64.13
CA ARG I 64 10.48 44.11 -65.56
C ARG I 64 11.13 42.98 -66.34
N TYR I 65 11.77 42.02 -65.69
CA TYR I 65 12.51 40.97 -66.37
C TYR I 65 11.80 39.62 -66.26
N MET I 66 11.63 38.96 -67.39
CA MET I 66 11.09 37.62 -67.47
C MET I 66 12.16 36.72 -68.07
N SER I 67 12.42 35.59 -67.42
CA SER I 67 13.49 34.67 -67.82
C SER I 67 12.87 33.46 -68.52
N TYR I 68 13.21 33.27 -69.79
CA TYR I 68 12.66 32.16 -70.56
C TYR I 68 13.73 31.58 -71.48
N ASP I 69 13.55 30.31 -71.81
CA ASP I 69 14.53 29.53 -72.55
C ASP I 69 14.04 29.24 -73.96
N HIS I 70 14.95 29.26 -74.93
CA HIS I 70 14.65 28.91 -76.31
C HIS I 70 15.95 28.90 -77.10
N ASP I 71 15.93 28.18 -78.22
CA ASP I 71 17.07 28.15 -79.15
C ASP I 71 18.38 27.88 -78.40
N HIS I 72 18.35 26.85 -77.56
CA HIS I 72 19.49 26.44 -76.74
C HIS I 72 20.18 27.65 -76.10
N ASP I 73 19.38 28.49 -75.46
CA ASP I 73 19.90 29.62 -74.69
C ASP I 73 18.76 30.27 -73.92
N ILE I 74 19.09 30.82 -72.76
CA ILE I 74 18.10 31.52 -71.93
C ILE I 74 18.26 33.01 -72.15
N LYS I 75 17.17 33.75 -72.00
CA LYS I 75 17.18 35.19 -72.24
C LYS I 75 16.05 35.86 -71.48
N GLU I 76 16.10 37.18 -71.46
CA GLU I 76 15.16 38.01 -70.73
C GLU I 76 14.00 38.41 -71.63
N ASP I 77 13.11 39.26 -71.13
CA ASP I 77 12.09 39.89 -71.95
C ASP I 77 11.31 40.90 -71.12
N SER I 78 10.76 41.93 -71.76
CA SER I 78 9.97 42.93 -71.05
C SER I 78 8.69 42.28 -70.54
N MET I 79 8.48 42.33 -69.22
CA MET I 79 7.34 41.65 -68.61
C MET I 79 6.02 42.27 -69.01
N GLU I 80 6.02 43.52 -69.50
CA GLU I 80 4.76 44.20 -69.80
C GLU I 80 3.97 43.53 -70.91
N LYS I 81 4.58 42.62 -71.67
CA LYS I 81 3.92 41.96 -72.79
C LYS I 81 3.40 40.57 -72.43
N LEU I 82 3.15 40.32 -71.14
CA LEU I 82 2.60 39.06 -70.66
C LEU I 82 1.14 39.27 -70.28
N ALA I 83 0.27 38.38 -70.78
CA ALA I 83 -1.17 38.52 -70.56
C ALA I 83 -1.76 37.20 -70.12
N ILE I 84 -2.83 37.27 -69.33
CA ILE I 84 -3.57 36.12 -68.86
C ILE I 84 -5.03 36.29 -69.28
N SER I 85 -5.72 35.17 -69.47
CA SER I 85 -7.10 35.25 -69.92
C SER I 85 -7.84 33.96 -69.56
N THR I 86 -9.08 34.12 -69.09
CA THR I 86 -9.99 32.99 -68.88
C THR I 86 -11.19 33.09 -69.80
N SER I 87 -11.93 34.19 -69.76
CA SER I 87 -12.99 34.48 -70.71
C SER I 87 -12.86 35.89 -71.27
N GLY I 88 -11.70 36.52 -71.07
CA GLY I 88 -11.49 37.89 -71.46
C GLY I 88 -10.20 38.41 -70.85
N PRO I 89 -10.04 39.73 -70.80
CA PRO I 89 -8.85 40.28 -70.16
C PRO I 89 -8.76 39.85 -68.70
N CYS I 90 -7.53 39.61 -68.26
CA CYS I 90 -7.23 39.26 -66.88
C CYS I 90 -6.21 40.23 -66.32
N ARG I 91 -6.40 40.64 -65.07
CA ARG I 91 -5.51 41.58 -64.43
C ARG I 91 -4.42 40.82 -63.68
N ARG I 92 -3.17 41.03 -64.07
CA ARG I 92 -2.05 40.47 -63.32
C ARG I 92 -1.96 41.15 -61.96
N LEU I 93 -1.76 40.35 -60.91
CA LEU I 93 -1.81 40.89 -59.56
C LEU I 93 -0.46 40.74 -58.85
N GLY I 94 0.13 39.56 -58.88
CA GLY I 94 1.44 39.36 -58.27
C GLY I 94 2.24 38.34 -59.04
N HIS I 95 3.56 38.43 -58.91
CA HIS I 95 4.46 37.51 -59.60
C HIS I 95 5.74 37.35 -58.81
N LYS I 96 6.20 36.11 -58.69
CA LYS I 96 7.43 35.82 -57.96
C LYS I 96 8.12 34.60 -58.55
N GLY I 97 9.02 34.81 -59.49
CA GLY I 97 9.75 33.69 -60.07
C GLY I 97 8.82 32.76 -60.83
N TYR I 98 8.63 31.56 -60.26
CA TYR I 98 7.80 30.56 -60.91
C TYR I 98 6.32 30.94 -60.90
N PHE I 99 5.82 31.37 -59.75
CA PHE I 99 4.38 31.47 -59.50
C PHE I 99 3.90 32.90 -59.71
N LEU I 100 2.88 33.06 -60.54
CA LEU I 100 2.10 34.29 -60.56
C LEU I 100 0.72 34.02 -59.96
N LEU I 101 0.12 35.10 -59.45
CA LEU I 101 -1.22 35.06 -58.90
C LEU I 101 -2.05 36.16 -59.54
N ALA I 102 -3.19 35.78 -60.11
CA ALA I 102 -3.99 36.71 -60.88
C ALA I 102 -5.46 36.61 -60.49
N GLN I 103 -6.33 37.29 -61.24
CA GLN I 103 -7.74 37.31 -60.93
C GLN I 103 -8.54 37.78 -62.13
N CYS I 104 -9.62 37.08 -62.47
CA CYS I 104 -10.48 37.42 -63.59
C CYS I 104 -11.72 36.54 -63.61
N PRO I 105 -12.80 36.98 -64.25
CA PRO I 105 -14.08 36.28 -64.12
C PRO I 105 -13.96 34.82 -64.50
N PRO I 106 -14.96 34.01 -64.15
CA PRO I 106 -14.85 32.56 -64.38
C PRO I 106 -14.97 32.22 -65.86
N GLY I 107 -14.44 31.05 -66.19
CA GLY I 107 -14.48 30.55 -67.55
C GLY I 107 -14.24 29.05 -67.62
N ASP I 108 -13.66 28.59 -68.72
CA ASP I 108 -13.40 27.17 -68.93
C ASP I 108 -11.93 26.83 -69.11
N SER I 109 -11.10 27.79 -69.52
CA SER I 109 -9.68 27.55 -69.75
C SER I 109 -8.88 28.71 -69.20
N VAL I 110 -7.65 28.41 -68.78
CA VAL I 110 -6.69 29.42 -68.33
C VAL I 110 -5.62 29.50 -69.41
N THR I 111 -5.42 30.69 -69.96
CA THR I 111 -4.49 30.92 -71.05
C THR I 111 -3.47 31.97 -70.65
N VAL I 112 -2.20 31.70 -70.90
CA VAL I 112 -1.12 32.65 -70.67
C VAL I 112 -0.41 32.88 -72.00
N SER I 113 -0.30 34.15 -72.40
CA SER I 113 0.23 34.50 -73.70
C SER I 113 1.28 35.59 -73.57
N ILE I 114 2.19 35.63 -74.53
CA ILE I 114 3.26 36.62 -74.57
C ILE I 114 3.52 36.98 -76.03
N THR I 115 3.63 38.28 -76.29
CA THR I 115 3.94 38.78 -77.63
C THR I 115 5.38 39.31 -77.65
N SER I 116 6.18 38.78 -78.57
CA SER I 116 7.59 39.16 -78.70
C SER I 116 7.80 40.28 -79.71
N GLY I 117 6.79 41.11 -79.93
CA GLY I 117 6.88 42.18 -80.91
C GLY I 117 6.51 41.75 -82.32
N ALA I 118 7.09 40.65 -82.78
CA ALA I 118 6.78 40.10 -84.10
C ALA I 118 6.12 38.73 -84.05
N SER I 119 6.22 38.02 -82.94
CA SER I 119 5.61 36.71 -82.79
C SER I 119 4.94 36.62 -81.43
N GLU I 120 3.91 35.78 -81.35
CA GLU I 120 3.16 35.58 -80.12
C GLU I 120 3.05 34.10 -79.82
N ASN I 121 3.24 33.75 -78.54
CA ASN I 121 3.16 32.36 -78.08
C ASN I 121 2.23 32.28 -76.88
N SER I 122 1.37 31.25 -76.88
CA SER I 122 0.39 31.10 -75.81
C SER I 122 0.33 29.64 -75.39
N CYS I 123 0.09 29.41 -74.10
CA CYS I 123 -0.09 28.08 -73.55
C CYS I 123 -1.33 28.10 -72.68
N THR I 124 -2.21 27.12 -72.88
CA THR I 124 -3.52 27.10 -72.25
C THR I 124 -3.80 25.74 -71.64
N VAL I 125 -4.59 25.73 -70.57
CA VAL I 125 -4.96 24.51 -69.88
C VAL I 125 -6.43 24.60 -69.48
N GLU I 126 -7.17 23.53 -69.70
CA GLU I 126 -8.58 23.49 -69.32
C GLU I 126 -8.73 23.49 -67.80
N LYS I 127 -9.67 24.28 -67.30
CA LYS I 127 -9.93 24.34 -65.87
C LYS I 127 -11.32 24.95 -65.66
N LYS I 128 -12.06 24.37 -64.72
CA LYS I 128 -13.42 24.80 -64.40
C LYS I 128 -13.34 25.89 -63.33
N ILE I 129 -13.50 27.14 -63.75
CA ILE I 129 -13.56 28.29 -62.84
C ILE I 129 -14.99 28.78 -62.83
N ARG I 130 -15.60 28.83 -61.64
CA ARG I 130 -16.95 29.32 -61.46
C ARG I 130 -16.98 30.28 -60.29
N ARG I 131 -17.64 31.42 -60.46
CA ARG I 131 -17.69 32.41 -59.40
C ARG I 131 -18.34 31.83 -58.15
N LYS I 132 -17.72 32.09 -57.01
CA LYS I 132 -18.24 31.67 -55.72
C LYS I 132 -18.01 32.78 -54.71
N PHE I 133 -18.89 32.85 -53.72
CA PHE I 133 -18.79 33.89 -52.70
C PHE I 133 -19.38 33.39 -51.40
N VAL I 134 -18.78 33.81 -50.30
CA VAL I 134 -19.12 33.27 -48.99
C VAL I 134 -20.46 33.83 -48.53
N GLY I 135 -21.01 33.20 -47.50
CA GLY I 135 -22.22 33.65 -46.85
C GLY I 135 -23.41 32.79 -47.21
N ARG I 136 -24.54 33.12 -46.58
CA ARG I 136 -25.79 32.44 -46.83
C ARG I 136 -26.58 33.09 -47.97
N GLU I 137 -25.92 33.87 -48.81
CA GLU I 137 -26.57 34.46 -49.97
C GLU I 137 -25.53 34.69 -51.06
N GLU I 138 -25.79 34.14 -52.24
CA GLU I 138 -24.88 34.26 -53.38
C GLU I 138 -25.18 35.56 -54.10
N TYR I 139 -24.23 36.48 -54.05
CA TYR I 139 -24.33 37.79 -54.67
C TYR I 139 -23.36 37.87 -55.86
N LEU I 140 -23.26 39.05 -56.46
CA LEU I 140 -22.32 39.28 -57.55
C LEU I 140 -21.03 39.93 -57.05
N PHE I 141 -21.15 41.07 -56.39
CA PHE I 141 -20.00 41.76 -55.81
C PHE I 141 -20.39 42.23 -54.41
N PRO I 142 -19.44 42.31 -53.49
CA PRO I 142 -19.77 42.66 -52.11
C PRO I 142 -20.32 44.08 -52.02
N PRO I 143 -21.48 44.28 -51.41
CA PRO I 143 -22.02 45.64 -51.27
C PRO I 143 -21.22 46.45 -50.26
N VAL I 144 -21.50 47.76 -50.26
CA VAL I 144 -20.78 48.65 -49.36
C VAL I 144 -21.11 48.35 -47.90
N HIS I 145 -22.39 48.08 -47.61
CA HIS I 145 -22.87 47.87 -46.25
C HIS I 145 -23.23 46.41 -46.08
N GLY I 146 -22.73 45.79 -45.01
CA GLY I 146 -23.04 44.41 -44.73
C GLY I 146 -22.24 43.91 -43.56
N LYS I 147 -22.55 42.67 -43.15
CA LYS I 147 -21.88 42.07 -42.02
C LYS I 147 -20.45 41.71 -42.39
N LEU I 148 -19.64 41.46 -41.37
CA LEU I 148 -18.25 41.06 -41.53
C LEU I 148 -18.08 39.62 -41.06
N VAL I 149 -17.56 38.77 -41.94
CA VAL I 149 -17.35 37.36 -41.64
C VAL I 149 -15.91 36.99 -41.99
N LYS I 150 -15.58 35.72 -41.77
CA LYS I 150 -14.24 35.22 -42.06
C LYS I 150 -14.19 34.62 -43.46
N CYS I 151 -13.08 34.86 -44.15
CA CYS I 151 -12.82 34.30 -45.47
C CYS I 151 -11.36 33.90 -45.52
N HIS I 152 -10.99 33.22 -46.60
CA HIS I 152 -9.60 32.84 -46.84
C HIS I 152 -9.21 33.34 -48.22
N VAL I 153 -8.16 34.16 -48.28
CA VAL I 153 -7.74 34.78 -49.53
C VAL I 153 -6.23 34.63 -49.66
N TYR I 154 -5.75 34.80 -50.89
CA TYR I 154 -4.32 34.75 -51.17
C TYR I 154 -3.71 36.11 -50.89
N ASP I 155 -2.78 36.17 -49.96
CA ASP I 155 -2.17 37.43 -49.58
C ASP I 155 -1.50 38.07 -50.79
N HIS I 156 -1.61 39.40 -50.87
CA HIS I 156 -1.07 40.16 -51.98
C HIS I 156 0.46 40.22 -51.96
N LEU I 157 1.09 39.73 -50.90
CA LEU I 157 2.49 40.02 -50.62
C LEU I 157 3.39 38.87 -51.08
N LYS I 158 4.56 39.23 -51.61
CA LYS I 158 5.52 38.23 -52.06
C LYS I 158 5.86 37.25 -50.95
N GLU I 159 5.93 37.74 -49.72
CA GLU I 159 6.30 36.88 -48.59
C GLU I 159 5.28 35.78 -48.39
N THR I 160 5.76 34.58 -48.11
CA THR I 160 4.90 33.42 -47.88
C THR I 160 5.50 32.55 -46.79
N SER I 161 4.64 31.80 -46.11
CA SER I 161 5.06 30.86 -45.09
C SER I 161 4.26 29.57 -45.19
N ALA I 162 4.04 29.10 -46.42
CA ALA I 162 3.30 27.86 -46.64
C ALA I 162 3.77 27.21 -47.92
N GLY I 163 3.99 25.89 -47.87
CA GLY I 163 4.32 25.11 -49.04
C GLY I 163 5.77 24.68 -49.07
N TYR I 164 6.05 23.75 -49.99
CA TYR I 164 7.35 23.10 -50.05
C TYR I 164 7.50 22.52 -51.45
N ILE I 165 8.34 23.15 -52.28
CA ILE I 165 8.56 22.69 -53.65
C ILE I 165 9.99 22.22 -53.78
N THR I 166 10.18 21.10 -54.47
CA THR I 166 11.50 20.50 -54.66
C THR I 166 12.11 20.96 -55.98
N MET I 167 13.42 20.76 -56.09
CA MET I 167 14.16 21.12 -57.29
C MET I 167 15.45 20.32 -57.30
N HIS I 168 15.79 19.75 -58.46
CA HIS I 168 17.02 18.97 -58.58
C HIS I 168 17.62 19.17 -59.96
N ARG I 169 18.85 18.67 -60.11
CA ARG I 169 19.65 18.98 -61.28
C ARG I 169 19.04 18.34 -62.54
N PRO I 170 19.27 18.94 -63.70
CA PRO I 170 18.61 18.47 -64.92
C PRO I 170 19.21 17.18 -65.45
N GLY I 171 18.42 16.51 -66.28
CA GLY I 171 18.88 15.35 -67.01
C GLY I 171 19.55 15.76 -68.30
N PRO I 172 19.77 14.81 -69.20
CA PRO I 172 20.45 15.12 -70.46
C PRO I 172 19.49 15.76 -71.46
N HIS I 173 20.02 16.05 -72.63
CA HIS I 173 19.26 16.65 -73.72
C HIS I 173 19.85 16.19 -75.04
N ALA I 174 19.06 16.32 -76.10
CA ALA I 174 19.48 15.89 -77.42
C ALA I 174 19.28 17.03 -78.43
N TYR I 175 19.93 16.89 -79.59
CA TYR I 175 19.82 17.87 -80.64
C TYR I 175 20.26 17.22 -81.96
N LYS I 176 19.94 17.90 -83.06
CA LYS I 176 20.37 17.49 -84.38
C LYS I 176 21.46 18.37 -84.96
N SER I 177 21.44 19.67 -84.66
CA SER I 177 22.45 20.58 -85.22
C SER I 177 23.86 20.19 -84.80
N TYR I 178 24.00 19.46 -83.69
CA TYR I 178 25.33 19.05 -83.26
C TYR I 178 25.98 18.10 -84.26
N LEU I 179 25.18 17.26 -84.93
CA LEU I 179 25.69 16.30 -85.90
C LEU I 179 25.21 16.65 -87.30
N GLU I 180 26.10 16.48 -88.26
CA GLU I 180 25.80 16.70 -89.68
C GLU I 180 26.18 15.45 -90.46
N GLU I 181 25.34 15.09 -91.43
CA GLU I 181 25.52 13.87 -92.20
C GLU I 181 25.27 14.13 -93.68
N ALA I 182 25.77 15.26 -94.19
CA ALA I 182 25.63 15.55 -95.61
C ALA I 182 26.36 14.49 -96.44
N SER I 183 27.55 14.10 -96.01
CA SER I 183 28.30 13.04 -96.66
C SER I 183 28.03 11.70 -95.96
N GLY I 184 28.53 10.63 -96.56
CA GLY I 184 28.33 9.31 -95.98
C GLY I 184 28.93 9.18 -94.60
N GLU I 185 30.14 9.70 -94.41
CA GLU I 185 30.80 9.62 -93.12
C GLU I 185 30.15 10.59 -92.13
N VAL I 186 30.19 10.21 -90.86
CA VAL I 186 29.60 11.05 -89.81
C VAL I 186 30.38 12.36 -89.70
N TYR I 187 29.70 13.39 -89.19
CA TYR I 187 30.32 14.68 -88.91
C TYR I 187 29.56 15.34 -87.78
N ILE I 188 30.29 15.83 -86.77
CA ILE I 188 29.71 16.50 -85.62
C ILE I 188 30.31 17.89 -85.52
N LYS I 189 29.45 18.91 -85.51
CA LYS I 189 29.87 20.30 -85.34
C LYS I 189 29.20 20.85 -84.09
N PRO I 190 29.89 20.85 -82.94
CA PRO I 190 29.32 21.45 -81.74
C PRO I 190 29.28 22.96 -81.83
N PRO I 191 28.45 23.63 -81.04
CA PRO I 191 28.47 25.09 -81.01
C PRO I 191 29.83 25.61 -80.57
N SER I 192 30.26 26.71 -81.17
CA SER I 192 31.57 27.27 -80.87
C SER I 192 31.65 27.69 -79.41
N GLY I 193 32.80 27.44 -78.80
CA GLY I 193 33.00 27.80 -77.41
C GLY I 193 32.07 27.10 -76.44
N LYS I 194 31.79 25.82 -76.68
CA LYS I 194 30.89 25.07 -75.80
C LYS I 194 31.34 23.62 -75.76
N ASN I 195 31.60 23.12 -74.56
CA ASN I 195 31.91 21.70 -74.38
C ASN I 195 30.67 20.86 -74.72
N VAL I 196 30.89 19.71 -75.36
CA VAL I 196 29.79 18.80 -75.66
C VAL I 196 30.28 17.37 -75.52
N THR I 197 29.38 16.49 -75.08
CA THR I 197 29.62 15.07 -75.05
C THR I 197 28.86 14.41 -76.19
N TYR I 198 29.36 13.28 -76.67
CA TYR I 198 28.69 12.52 -77.72
C TYR I 198 28.85 11.04 -77.43
N GLU I 199 27.90 10.25 -77.91
CA GLU I 199 27.98 8.81 -77.72
C GLU I 199 27.29 8.08 -78.86
N CYS I 200 27.80 6.88 -79.15
CA CYS I 200 27.27 6.01 -80.18
C CYS I 200 27.39 4.56 -79.69
N LYS I 201 26.61 3.67 -80.30
CA LYS I 201 26.51 2.29 -79.86
C LYS I 201 27.01 1.27 -80.87
N CYS I 202 27.43 1.69 -82.07
CA CYS I 202 28.01 0.76 -83.02
C CYS I 202 29.24 0.09 -82.41
N GLY I 203 29.19 -1.23 -82.27
CA GLY I 203 30.29 -1.97 -81.66
C GLY I 203 30.33 -1.90 -80.15
N ASP I 204 30.28 -0.70 -79.59
CA ASP I 204 30.32 -0.51 -78.15
C ASP I 204 29.78 0.86 -77.81
N TYR I 205 29.59 1.10 -76.52
CA TYR I 205 29.11 2.39 -76.02
C TYR I 205 30.27 3.40 -76.05
N SER I 206 30.62 3.78 -77.28
CA SER I 206 31.76 4.68 -77.48
C SER I 206 31.31 6.12 -77.26
N THR I 207 31.94 6.80 -76.30
CA THR I 207 31.60 8.17 -75.95
C THR I 207 32.84 9.03 -75.99
N GLY I 208 32.64 10.32 -76.30
CA GLY I 208 33.73 11.26 -76.39
C GLY I 208 33.29 12.64 -75.94
N ILE I 209 34.29 13.49 -75.70
CA ILE I 209 34.08 14.87 -75.27
C ILE I 209 34.87 15.76 -76.22
N VAL I 210 34.25 16.85 -76.68
CA VAL I 210 34.93 17.82 -77.52
C VAL I 210 34.68 19.21 -76.98
N SER I 211 35.76 19.98 -76.83
CA SER I 211 35.71 21.40 -76.45
C SER I 211 35.91 22.21 -77.74
N THR I 212 34.81 22.48 -78.44
CA THR I 212 34.87 23.19 -79.71
C THR I 212 35.66 22.39 -80.74
N ARG I 213 35.43 21.08 -80.77
CA ARG I 213 36.13 20.18 -81.68
C ARG I 213 35.14 19.25 -82.35
N THR I 214 35.47 18.83 -83.56
CA THR I 214 34.63 17.93 -84.36
C THR I 214 35.31 16.57 -84.40
N LYS I 215 34.98 15.73 -83.41
CA LYS I 215 35.54 14.39 -83.33
C LYS I 215 34.69 13.43 -84.14
N MET I 216 35.34 12.66 -85.01
CA MET I 216 34.63 11.74 -85.88
C MET I 216 34.34 10.43 -85.15
N ASN I 217 33.46 9.63 -85.75
CA ASN I 217 33.13 8.31 -85.23
C ASN I 217 33.17 7.29 -86.36
N GLY I 218 33.50 6.05 -86.00
CA GLY I 218 33.66 5.01 -87.01
C GLY I 218 32.38 4.70 -87.74
N CYS I 219 31.28 4.52 -87.01
CA CYS I 219 30.02 4.13 -87.61
C CYS I 219 29.42 5.31 -88.38
N THR I 220 28.73 5.00 -89.47
CA THR I 220 28.32 6.01 -90.44
C THR I 220 26.87 6.44 -90.32
N LYS I 221 25.99 5.61 -89.75
CA LYS I 221 24.58 5.90 -89.75
C LYS I 221 24.30 7.21 -89.00
N ALA I 222 23.41 8.03 -89.58
CA ALA I 222 23.09 9.32 -89.00
C ALA I 222 22.47 9.18 -87.62
N LYS I 223 21.56 8.22 -87.46
CA LYS I 223 20.87 8.00 -86.20
C LYS I 223 21.80 7.46 -85.12
N GLN I 224 23.02 7.08 -85.47
CA GLN I 224 23.87 6.27 -84.61
C GLN I 224 24.52 7.02 -83.46
N CYS I 225 24.41 8.34 -83.39
CA CYS I 225 25.10 9.11 -82.36
C CYS I 225 24.22 10.22 -81.84
N ILE I 226 24.40 10.55 -80.55
CA ILE I 226 23.67 11.65 -79.93
C ILE I 226 24.65 12.48 -79.10
N ALA I 227 24.36 13.78 -79.00
CA ALA I 227 25.25 14.73 -78.34
C ALA I 227 24.49 15.51 -77.27
N TYR I 228 25.16 15.74 -76.14
CA TYR I 228 24.62 16.51 -75.03
C TYR I 228 25.47 17.75 -74.79
N LYS I 229 24.80 18.90 -74.69
CA LYS I 229 25.44 20.15 -74.28
C LYS I 229 25.52 20.26 -72.76
N ARG I 230 26.04 19.21 -72.12
CA ARG I 230 25.93 19.10 -70.68
C ARG I 230 26.57 20.29 -69.98
N ASP I 231 25.81 20.92 -69.09
CA ASP I 231 26.29 21.99 -68.23
C ASP I 231 25.97 21.74 -66.76
N GLN I 232 24.84 21.10 -66.47
CA GLN I 232 24.43 20.75 -65.11
C GLN I 232 24.80 21.84 -64.11
N THR I 233 24.44 23.07 -64.46
CA THR I 233 24.67 24.23 -63.59
C THR I 233 23.40 24.71 -62.90
N LYS I 234 22.29 24.81 -63.63
CA LYS I 234 21.04 25.31 -63.10
C LYS I 234 20.08 24.16 -62.84
N TRP I 235 19.46 24.16 -61.67
CA TRP I 235 18.52 23.11 -61.32
C TRP I 235 17.21 23.28 -62.09
N VAL I 236 16.34 22.28 -61.98
CA VAL I 236 15.04 22.30 -62.64
C VAL I 236 14.03 21.57 -61.74
N PHE I 237 12.76 21.87 -61.97
CA PHE I 237 11.66 21.34 -61.17
C PHE I 237 11.08 20.13 -61.90
N ASN I 238 10.99 19.00 -61.20
CA ASN I 238 10.56 17.77 -61.86
C ASN I 238 9.24 17.96 -62.57
N SER I 239 9.23 17.64 -63.85
CA SER I 239 8.06 17.79 -64.72
C SER I 239 7.96 16.58 -65.61
N PRO I 240 6.76 16.26 -66.10
CA PRO I 240 6.64 15.10 -66.99
C PRO I 240 7.48 15.22 -68.25
N ASP I 241 7.71 16.44 -68.74
CA ASP I 241 8.43 16.61 -69.99
C ASP I 241 9.93 16.41 -69.81
N LEU I 242 10.43 16.56 -68.59
CA LEU I 242 11.86 16.46 -68.35
C LEU I 242 12.26 14.99 -68.14
N ILE I 243 13.56 14.73 -68.29
CA ILE I 243 14.15 13.42 -68.02
C ILE I 243 15.15 13.58 -66.90
N ARG I 244 15.38 12.49 -66.16
CA ARG I 244 16.16 12.53 -64.93
C ARG I 244 17.61 12.16 -65.18
N HIS I 245 18.51 12.95 -64.59
CA HIS I 245 19.91 12.56 -64.50
C HIS I 245 20.03 11.30 -63.65
N THR I 246 21.03 10.48 -63.97
CA THR I 246 21.14 9.17 -63.33
C THR I 246 21.20 9.25 -61.82
N ASP I 247 21.67 10.37 -61.27
CA ASP I 247 21.78 10.48 -59.81
C ASP I 247 20.41 10.39 -59.14
N HIS I 248 19.42 11.08 -59.70
CA HIS I 248 18.07 11.10 -59.12
C HIS I 248 18.12 11.48 -57.64
N SER I 249 18.61 12.69 -57.38
CA SER I 249 18.77 13.19 -56.03
C SER I 249 18.10 14.55 -55.91
N VAL I 250 17.77 14.93 -54.68
CA VAL I 250 17.14 16.21 -54.37
C VAL I 250 18.22 17.22 -54.01
N GLN I 251 18.26 18.35 -54.69
CA GLN I 251 19.28 19.37 -54.48
C GLN I 251 18.79 20.53 -53.63
N GLY I 252 17.66 21.14 -53.97
CA GLY I 252 17.22 22.33 -53.27
C GLY I 252 15.71 22.42 -53.20
N LYS I 253 15.26 23.40 -52.41
CA LYS I 253 13.84 23.62 -52.18
C LYS I 253 13.52 25.09 -52.35
N LEU I 254 12.25 25.36 -52.65
CA LEU I 254 11.75 26.73 -52.73
C LEU I 254 10.35 26.79 -52.14
N HIS I 255 9.97 28.00 -51.74
CA HIS I 255 8.64 28.29 -51.24
C HIS I 255 7.70 28.58 -52.40
N ILE I 256 6.40 28.46 -52.15
CA ILE I 256 5.37 28.81 -53.12
C ILE I 256 4.78 30.14 -52.69
N PRO I 257 5.04 31.23 -53.41
CA PRO I 257 4.56 32.54 -52.95
C PRO I 257 3.05 32.66 -53.02
N PHE I 258 2.54 33.72 -52.39
CA PHE I 258 1.12 34.04 -52.43
C PHE I 258 0.28 32.91 -51.82
N ARG I 259 0.49 32.70 -50.53
CA ARG I 259 -0.17 31.62 -49.80
C ARG I 259 -1.46 32.12 -49.14
N LEU I 260 -2.24 31.17 -48.65
CA LEU I 260 -3.56 31.46 -48.10
C LEU I 260 -3.47 32.09 -46.71
N THR I 261 -4.45 32.95 -46.41
CA THR I 261 -4.51 33.65 -45.13
C THR I 261 -5.96 33.94 -44.81
N PRO I 262 -6.38 33.78 -43.55
CA PRO I 262 -7.74 34.20 -43.16
C PRO I 262 -7.81 35.70 -42.97
N THR I 263 -8.97 36.26 -43.34
CA THR I 263 -9.16 37.70 -43.30
C THR I 263 -10.65 38.01 -43.22
N VAL I 264 -10.96 39.22 -42.77
CA VAL I 264 -12.35 39.66 -42.65
C VAL I 264 -12.87 40.07 -44.03
N CYS I 265 -14.13 39.77 -44.29
CA CYS I 265 -14.75 40.03 -45.58
C CYS I 265 -16.16 40.56 -45.38
N PRO I 266 -16.66 41.37 -46.31
CA PRO I 266 -18.04 41.87 -46.20
C PRO I 266 -19.04 41.01 -46.95
N VAL I 267 -20.22 40.86 -46.35
CA VAL I 267 -21.30 40.09 -46.95
C VAL I 267 -22.60 40.85 -46.81
N PRO I 268 -23.51 40.65 -47.77
CA PRO I 268 -24.76 41.45 -47.78
C PRO I 268 -25.70 41.06 -46.65
N LEU I 269 -26.55 42.01 -46.29
CA LEU I 269 -27.63 41.81 -45.33
C LEU I 269 -28.95 41.81 -46.11
N ALA I 270 -29.55 40.64 -46.24
CA ALA I 270 -30.75 40.50 -47.06
C ALA I 270 -31.92 41.24 -46.42
N HIS I 271 -32.87 41.63 -47.27
CA HIS I 271 -34.05 42.36 -46.81
C HIS I 271 -34.81 41.52 -45.79
N THR I 272 -35.12 42.12 -44.64
CA THR I 272 -35.75 41.38 -43.56
C THR I 272 -37.19 41.02 -43.93
N PRO I 273 -37.71 39.91 -43.41
CA PRO I 273 -39.06 39.48 -43.80
C PRO I 273 -40.13 40.20 -43.00
N THR I 274 -41.38 39.93 -43.38
CA THR I 274 -42.56 40.48 -42.73
C THR I 274 -43.36 39.33 -42.13
N VAL I 275 -43.30 39.18 -40.82
CA VAL I 275 -44.01 38.10 -40.13
C VAL I 275 -45.50 38.43 -40.11
N THR I 276 -46.32 37.38 -40.12
CA THR I 276 -47.77 37.53 -40.16
C THR I 276 -48.39 36.78 -38.97
N LYS I 277 -49.72 36.74 -38.96
CA LYS I 277 -50.47 36.10 -37.89
C LYS I 277 -51.18 34.86 -38.44
N TRP I 278 -51.00 33.73 -37.76
CA TRP I 278 -51.54 32.46 -38.24
C TRP I 278 -51.60 31.51 -37.04
N PHE I 279 -52.82 31.16 -36.62
CA PHE I 279 -53.00 30.34 -35.42
C PHE I 279 -52.11 29.11 -35.48
N LYS I 280 -51.20 29.00 -34.51
CA LYS I 280 -50.23 27.90 -34.47
C LYS I 280 -49.44 27.83 -35.77
N GLY I 281 -49.07 28.99 -36.31
CA GLY I 281 -48.28 29.01 -37.52
C GLY I 281 -47.84 30.42 -37.87
N ILE I 282 -47.14 30.53 -39.00
CA ILE I 282 -46.60 31.78 -39.48
C ILE I 282 -46.68 31.79 -41.00
N THR I 283 -46.75 32.99 -41.58
CA THR I 283 -46.69 33.16 -43.03
C THR I 283 -45.69 34.27 -43.31
N LEU I 284 -44.54 33.92 -43.86
CA LEU I 284 -43.47 34.86 -44.13
C LEU I 284 -43.63 35.38 -45.56
N HIS I 285 -43.85 36.69 -45.69
CA HIS I 285 -43.86 37.35 -47.00
C HIS I 285 -42.41 37.64 -47.35
N LEU I 286 -41.74 36.60 -47.85
CA LEU I 286 -40.29 36.61 -47.99
C LEU I 286 -39.91 37.18 -49.35
N THR I 287 -39.03 38.18 -49.36
CA THR I 287 -38.62 38.89 -50.56
C THR I 287 -37.10 38.85 -50.70
N ALA I 288 -36.63 38.76 -51.94
CA ALA I 288 -35.21 38.80 -52.24
C ALA I 288 -35.04 38.87 -53.75
N THR I 289 -33.95 39.49 -54.19
CA THR I 289 -33.68 39.66 -55.61
C THR I 289 -32.63 38.69 -56.15
N ARG I 290 -31.85 38.05 -55.29
CA ARG I 290 -30.87 37.06 -55.69
C ARG I 290 -31.04 35.82 -54.82
N PRO I 291 -30.61 34.66 -55.31
CA PRO I 291 -30.77 33.42 -54.53
C PRO I 291 -30.31 33.60 -53.10
N THR I 292 -31.18 33.24 -52.15
CA THR I 292 -30.85 33.32 -50.74
C THR I 292 -31.27 32.03 -50.05
N LEU I 293 -30.42 31.55 -49.13
CA LEU I 293 -30.61 30.26 -48.48
C LEU I 293 -31.23 30.49 -47.11
N LEU I 294 -32.49 30.11 -46.97
CA LEU I 294 -33.20 30.17 -45.70
C LEU I 294 -33.20 28.78 -45.07
N THR I 295 -33.21 28.75 -43.73
CA THR I 295 -33.26 27.49 -43.01
C THR I 295 -33.95 27.72 -41.67
N THR I 296 -34.19 26.63 -40.95
CA THR I 296 -34.88 26.68 -39.67
C THR I 296 -35.02 25.26 -39.13
N ARG I 297 -35.49 25.18 -37.89
CA ARG I 297 -35.66 23.91 -37.20
C ARG I 297 -36.51 24.11 -35.96
N LYS I 298 -37.23 23.07 -35.58
CA LYS I 298 -37.96 23.06 -34.32
C LYS I 298 -36.99 22.85 -33.16
N LEU I 299 -37.47 23.14 -31.95
CA LEU I 299 -36.68 22.98 -30.73
C LEU I 299 -37.19 21.87 -29.83
N GLY I 300 -38.07 21.01 -30.34
CA GLY I 300 -38.54 19.85 -29.59
C GLY I 300 -37.64 18.66 -29.80
N LEU I 301 -38.18 17.47 -29.49
CA LEU I 301 -37.43 16.25 -29.72
C LEU I 301 -37.13 16.06 -31.20
N ARG I 302 -38.11 16.35 -32.06
CA ARG I 302 -37.93 16.21 -33.50
C ARG I 302 -37.26 17.46 -34.04
N ALA I 303 -36.12 17.28 -34.74
CA ALA I 303 -35.42 18.42 -35.30
C ALA I 303 -36.28 19.15 -36.33
N ASP I 304 -36.93 18.40 -37.21
CA ASP I 304 -37.76 18.98 -38.27
C ASP I 304 -36.97 20.00 -39.07
N ALA I 305 -35.69 19.69 -39.31
CA ALA I 305 -34.81 20.62 -40.01
C ALA I 305 -35.37 20.93 -41.40
N THR I 306 -35.26 22.19 -41.79
CA THR I 306 -35.72 22.62 -43.11
C THR I 306 -34.74 23.64 -43.67
N ALA I 307 -34.50 23.54 -44.98
CA ALA I 307 -33.64 24.47 -45.69
C ALA I 307 -34.15 24.61 -47.11
N GLU I 308 -33.86 25.74 -47.74
CA GLU I 308 -34.39 26.00 -49.07
C GLU I 308 -33.70 27.23 -49.65
N TRP I 309 -33.76 27.34 -50.97
CA TRP I 309 -33.24 28.49 -51.70
C TRP I 309 -34.40 29.27 -52.30
N ILE I 310 -34.32 30.60 -52.24
CA ILE I 310 -35.34 31.49 -52.77
C ILE I 310 -34.70 32.33 -53.87
N THR I 311 -35.28 32.26 -55.07
CA THR I 311 -34.76 32.98 -56.23
C THR I 311 -35.36 34.39 -56.34
N GLY I 312 -36.64 34.53 -56.02
CA GLY I 312 -37.28 35.83 -56.09
C GLY I 312 -38.03 36.18 -54.82
N THR I 313 -39.31 36.53 -54.95
CA THR I 313 -40.16 36.86 -53.82
C THR I 313 -41.38 35.96 -53.84
N THR I 314 -41.86 35.61 -52.64
CA THR I 314 -42.98 34.69 -52.50
C THR I 314 -43.48 34.76 -51.06
N SER I 315 -44.45 33.91 -50.73
CA SER I 315 -44.96 33.77 -49.37
C SER I 315 -44.84 32.30 -48.98
N ARG I 316 -44.29 32.06 -47.80
CA ARG I 316 -44.05 30.71 -47.32
C ARG I 316 -44.71 30.51 -45.97
N ASN I 317 -45.57 29.50 -45.87
CA ASN I 317 -46.21 29.15 -44.61
C ASN I 317 -45.33 28.20 -43.82
N PHE I 318 -45.40 28.29 -42.50
CA PHE I 318 -44.61 27.42 -41.63
C PHE I 318 -45.44 27.10 -40.40
N SER I 319 -45.54 25.80 -40.10
CA SER I 319 -46.27 25.35 -38.91
C SER I 319 -45.37 25.52 -37.69
N VAL I 320 -45.51 26.66 -37.02
CA VAL I 320 -44.76 26.91 -35.79
C VAL I 320 -45.04 25.79 -34.79
N GLY I 321 -43.99 25.36 -34.11
CA GLY I 321 -44.17 24.36 -33.07
C GLY I 321 -44.90 24.93 -31.87
N ARG I 322 -45.58 24.04 -31.14
CA ARG I 322 -46.21 24.46 -29.90
C ARG I 322 -45.18 24.91 -28.89
N GLU I 323 -43.99 24.30 -28.93
CA GLU I 323 -42.93 24.67 -28.01
C GLU I 323 -42.12 25.86 -28.52
N GLY I 324 -41.82 25.88 -29.82
CA GLY I 324 -41.09 27.00 -30.38
C GLY I 324 -40.70 26.74 -31.82
N LEU I 325 -39.99 27.71 -32.37
CA LEU I 325 -39.50 27.63 -33.74
C LEU I 325 -38.36 28.61 -33.94
N GLU I 326 -37.22 28.10 -34.41
CA GLU I 326 -36.12 28.96 -34.81
C GLU I 326 -36.38 29.53 -36.20
N TYR I 327 -35.60 30.55 -36.57
CA TYR I 327 -35.78 31.22 -37.85
C TYR I 327 -34.47 31.85 -38.26
N VAL I 328 -33.85 31.31 -39.31
CA VAL I 328 -32.63 31.87 -39.89
C VAL I 328 -32.95 32.27 -41.32
N TRP I 329 -32.65 33.51 -41.68
CA TRP I 329 -32.90 33.98 -43.03
C TRP I 329 -31.78 34.94 -43.43
N GLY I 330 -31.44 34.92 -44.71
CA GLY I 330 -30.31 35.71 -45.16
C GLY I 330 -29.06 35.31 -44.42
N ASN I 331 -28.33 36.30 -43.93
CA ASN I 331 -27.13 36.06 -43.15
C ASN I 331 -27.24 36.48 -41.69
N HIS I 332 -28.01 37.51 -41.39
CA HIS I 332 -28.05 38.02 -40.03
C HIS I 332 -28.54 36.96 -39.05
N GLU I 333 -28.42 37.29 -37.77
CA GLU I 333 -28.62 36.30 -36.71
C GLU I 333 -30.06 35.82 -36.67
N PRO I 334 -30.31 34.65 -36.07
CA PRO I 334 -31.65 34.06 -36.08
C PRO I 334 -32.56 34.69 -35.04
N VAL I 335 -33.83 34.34 -35.14
CA VAL I 335 -34.86 34.75 -34.19
C VAL I 335 -35.69 33.54 -33.83
N ARG I 336 -36.07 33.44 -32.56
CA ARG I 336 -36.90 32.36 -32.05
C ARG I 336 -38.29 32.90 -31.75
N VAL I 337 -39.32 32.21 -32.22
CA VAL I 337 -40.71 32.59 -31.99
C VAL I 337 -41.47 31.37 -31.50
N TRP I 338 -42.27 31.57 -30.45
CA TRP I 338 -43.06 30.50 -29.86
C TRP I 338 -44.53 30.86 -29.95
N ALA I 339 -45.39 29.89 -29.60
CA ALA I 339 -46.83 30.04 -29.77
C ALA I 339 -47.55 29.56 -28.52
N GLN I 340 -48.82 29.93 -28.43
CA GLN I 340 -49.70 29.50 -27.34
C GLN I 340 -51.12 29.36 -27.91
N GLU I 341 -52.12 29.37 -27.04
CA GLU I 341 -53.49 29.04 -27.40
C GLU I 341 -54.34 30.30 -27.46
N SER I 342 -55.25 30.36 -28.44
CA SER I 342 -56.10 31.52 -28.61
C SER I 342 -57.55 31.17 -28.95
N ALA I 343 -57.96 29.91 -28.85
CA ALA I 343 -59.34 29.54 -29.12
C ALA I 343 -60.24 29.91 -27.94
N PRO I 344 -61.55 30.10 -28.19
CA PRO I 344 -62.47 30.54 -27.12
C PRO I 344 -62.89 29.44 -26.16
N GLY I 345 -62.05 29.19 -25.14
CA GLY I 345 -62.26 28.08 -24.23
C GLY I 345 -63.29 28.30 -23.14
N ASP I 346 -63.03 29.22 -22.22
CA ASP I 346 -63.90 29.35 -21.06
C ASP I 346 -65.28 29.85 -21.47
N PRO I 347 -66.34 29.36 -20.85
CA PRO I 347 -67.69 29.81 -21.22
C PRO I 347 -68.00 31.18 -20.61
N HIS I 348 -69.21 31.66 -20.88
CA HIS I 348 -69.68 32.96 -20.42
C HIS I 348 -70.95 32.84 -19.59
N GLY I 349 -71.10 31.73 -18.87
CA GLY I 349 -72.26 31.51 -18.03
C GLY I 349 -73.46 30.91 -18.73
N TRP I 350 -73.39 30.72 -20.03
CA TRP I 350 -74.46 30.14 -20.84
C TRP I 350 -73.94 28.91 -21.57
N PRO I 351 -74.83 28.04 -22.06
CA PRO I 351 -74.37 26.88 -22.82
C PRO I 351 -73.52 27.30 -24.00
N HIS I 352 -72.43 26.56 -24.23
CA HIS I 352 -71.48 26.90 -25.27
C HIS I 352 -70.85 25.64 -25.82
N GLU I 353 -70.27 25.76 -27.01
CA GLU I 353 -69.56 24.66 -27.65
C GLU I 353 -68.09 24.71 -27.24
N ILE I 354 -67.84 24.40 -25.97
CA ILE I 354 -66.48 24.47 -25.43
C ILE I 354 -65.58 23.45 -26.11
N ILE I 355 -66.14 22.31 -26.54
CA ILE I 355 -65.33 21.26 -27.13
C ILE I 355 -64.52 21.80 -28.30
N ILE I 356 -65.08 22.77 -29.05
CA ILE I 356 -64.37 23.32 -30.19
C ILE I 356 -63.00 23.83 -29.76
N HIS I 357 -62.95 24.55 -28.63
CA HIS I 357 -61.66 24.99 -28.11
C HIS I 357 -60.73 23.81 -27.91
N TYR I 358 -61.20 22.79 -27.19
CA TYR I 358 -60.39 21.59 -27.00
C TYR I 358 -60.26 20.77 -28.26
N TYR I 359 -61.10 21.02 -29.28
CA TYR I 359 -60.83 20.47 -30.59
C TYR I 359 -59.75 21.26 -31.31
N HIS I 360 -59.66 22.56 -31.05
CA HIS I 360 -58.59 23.37 -31.64
C HIS I 360 -57.25 23.04 -31.03
N ARG I 361 -57.21 22.84 -29.71
CA ARG I 361 -55.99 22.44 -29.01
C ARG I 361 -56.16 21.03 -28.47
N HIS I 362 -55.21 20.16 -28.83
CA HIS I 362 -55.29 18.74 -28.47
C HIS I 362 -56.53 18.12 -29.11
N PRO I 363 -56.65 18.15 -30.43
CA PRO I 363 -57.86 17.60 -31.07
C PRO I 363 -58.06 16.11 -30.80
N VAL I 364 -56.98 15.35 -30.71
CA VAL I 364 -57.11 13.90 -30.53
C VAL I 364 -57.67 13.59 -29.15
N TYR I 365 -57.14 14.23 -28.11
CA TYR I 365 -57.56 13.91 -26.75
C TYR I 365 -59.04 14.20 -26.53
N THR I 366 -59.51 15.35 -27.03
CA THR I 366 -60.88 15.77 -26.73
C THR I 366 -61.91 14.83 -27.33
N VAL I 367 -61.59 14.19 -28.47
CA VAL I 367 -62.54 13.26 -29.05
C VAL I 367 -62.71 12.04 -28.16
N ILE I 368 -61.64 11.61 -27.48
CA ILE I 368 -61.71 10.41 -26.66
C ILE I 368 -62.70 10.60 -25.52
N VAL I 369 -62.67 11.76 -24.86
CA VAL I 369 -63.53 11.97 -23.70
C VAL I 369 -65.00 11.92 -24.11
N LEU I 370 -65.34 12.52 -25.25
CA LEU I 370 -66.73 12.51 -25.70
C LEU I 370 -67.18 11.09 -26.04
N CYS I 371 -66.33 10.30 -26.70
CA CYS I 371 -66.69 8.93 -27.01
C CYS I 371 -66.87 8.11 -25.73
N GLY I 372 -65.99 8.29 -24.76
CA GLY I 372 -66.15 7.60 -23.49
C GLY I 372 -67.43 8.01 -22.78
N VAL I 373 -67.76 9.29 -22.83
CA VAL I 373 -69.00 9.77 -22.23
C VAL I 373 -70.21 9.12 -22.89
N ALA I 374 -70.20 9.06 -24.22
CA ALA I 374 -71.30 8.45 -24.94
C ALA I 374 -71.43 6.97 -24.56
N LEU I 375 -70.30 6.25 -24.51
CA LEU I 375 -70.35 4.84 -24.14
C LEU I 375 -70.89 4.67 -22.72
N ALA I 376 -70.41 5.50 -21.78
CA ALA I 376 -70.85 5.37 -20.40
C ALA I 376 -72.34 5.65 -20.26
N ILE I 377 -72.83 6.70 -20.92
CA ILE I 377 -74.24 7.05 -20.79
C ILE I 377 -75.11 5.98 -21.47
N LEU I 378 -74.67 5.46 -22.62
CA LEU I 378 -75.43 4.40 -23.26
C LEU I 378 -75.49 3.16 -22.39
N VAL I 379 -74.36 2.78 -21.78
CA VAL I 379 -74.34 1.61 -20.92
C VAL I 379 -75.26 1.82 -19.72
N GLY I 380 -75.19 3.00 -19.11
CA GLY I 380 -76.04 3.29 -17.97
C GLY I 380 -77.51 3.24 -18.32
N THR I 381 -77.89 3.85 -19.45
CA THR I 381 -79.29 3.85 -19.85
C THR I 381 -79.77 2.44 -20.17
N ALA I 382 -78.96 1.65 -20.88
CA ALA I 382 -79.35 0.28 -21.20
C ALA I 382 -79.52 -0.54 -19.94
N SER I 383 -78.58 -0.41 -18.99
CA SER I 383 -78.70 -1.15 -17.73
C SER I 383 -79.94 -0.70 -16.96
N SER I 384 -80.19 0.60 -16.91
CA SER I 384 -81.37 1.10 -16.19
C SER I 384 -82.63 0.53 -16.79
N ALA I 385 -82.74 0.55 -18.12
CA ALA I 385 -83.92 -0.02 -18.77
C ALA I 385 -84.05 -1.50 -18.46
N ALA I 386 -82.94 -2.24 -18.54
CA ALA I 386 -82.99 -3.67 -18.29
C ALA I 386 -83.49 -3.97 -16.88
N CYS I 387 -82.91 -3.30 -15.88
CA CYS I 387 -83.29 -3.59 -14.49
C CYS I 387 -84.70 -3.11 -14.18
N ILE I 388 -85.12 -1.97 -14.74
CA ILE I 388 -86.47 -1.50 -14.47
C ILE I 388 -87.49 -2.42 -15.13
N ALA I 389 -87.20 -2.91 -16.33
CA ALA I 389 -88.09 -3.88 -16.96
C ALA I 389 -88.13 -5.18 -16.17
N LYS I 390 -86.98 -5.62 -15.66
CA LYS I 390 -86.96 -6.83 -14.84
C LYS I 390 -87.79 -6.64 -13.58
N ALA I 391 -87.68 -5.49 -12.94
CA ALA I 391 -88.47 -5.22 -11.75
C ALA I 391 -89.96 -5.18 -12.08
N ARG I 392 -90.32 -4.57 -13.22
CA ARG I 392 -91.72 -4.53 -13.62
C ARG I 392 -92.26 -5.95 -13.84
N ARG I 393 -91.50 -6.77 -14.57
CA ARG I 393 -91.90 -8.16 -14.74
C ARG I 393 -92.03 -8.85 -13.40
N ASP I 394 -91.11 -8.57 -12.48
CA ASP I 394 -91.15 -9.18 -11.16
C ASP I 394 -92.45 -8.85 -10.44
N CYS I 395 -92.79 -7.56 -10.38
CA CYS I 395 -94.07 -7.16 -9.83
C CYS I 395 -95.24 -7.67 -10.65
N LEU I 396 -94.99 -8.14 -11.88
CA LEU I 396 -95.98 -8.85 -12.67
C LEU I 396 -95.84 -10.36 -12.53
N THR I 397 -94.95 -10.84 -11.66
CA THR I 397 -94.79 -12.28 -11.45
C THR I 397 -96.10 -12.97 -11.13
N PRO I 398 -96.96 -12.46 -10.25
CA PRO I 398 -98.22 -13.16 -9.99
C PRO I 398 -99.22 -12.94 -11.11
N TYR I 399 -99.40 -13.95 -11.96
CA TYR I 399 -100.39 -13.85 -13.02
C TYR I 399 -101.79 -13.79 -12.43
N ALA I 400 -102.21 -14.87 -11.77
CA ALA I 400 -103.41 -14.89 -10.93
C ALA I 400 -104.53 -14.08 -11.57
N LEU I 401 -104.86 -14.44 -12.80
CA LEU I 401 -105.88 -13.67 -13.53
C LEU I 401 -107.26 -13.71 -12.89
N ALA I 402 -107.56 -14.76 -12.13
CA ALA I 402 -108.86 -14.83 -11.45
C ALA I 402 -109.03 -13.71 -10.44
N PRO I 403 -108.12 -13.47 -9.50
CA PRO I 403 -108.26 -12.35 -8.59
C PRO I 403 -107.84 -11.03 -9.24
N ASN I 404 -108.08 -9.95 -8.52
CA ASN I 404 -107.75 -8.61 -8.97
C ASN I 404 -106.31 -8.28 -8.57
N ALA I 405 -105.90 -7.03 -8.77
CA ALA I 405 -104.55 -6.61 -8.42
C ALA I 405 -104.35 -6.71 -6.91
N THR I 406 -103.15 -7.13 -6.51
CA THR I 406 -102.86 -7.30 -5.09
C THR I 406 -102.98 -5.97 -4.35
N VAL I 407 -102.42 -4.91 -4.91
CA VAL I 407 -102.50 -3.58 -4.32
C VAL I 407 -102.47 -2.55 -5.44
N PRO I 408 -103.39 -1.58 -5.47
CA PRO I 408 -103.39 -0.62 -6.59
C PRO I 408 -102.11 0.19 -6.69
N THR I 409 -101.39 0.40 -5.58
CA THR I 409 -100.15 1.13 -5.64
C THR I 409 -99.12 0.40 -6.51
N ALA I 410 -99.05 -0.93 -6.37
CA ALA I 410 -98.14 -1.70 -7.22
C ALA I 410 -98.55 -1.60 -8.68
N LEU I 411 -99.85 -1.60 -8.96
CA LEU I 411 -100.31 -1.44 -10.34
C LEU I 411 -99.90 -0.08 -10.90
N ALA I 412 -100.06 0.98 -10.09
CA ALA I 412 -99.66 2.31 -10.54
C ALA I 412 -98.17 2.37 -10.80
N VAL I 413 -97.37 1.76 -9.92
CA VAL I 413 -95.92 1.71 -10.14
C VAL I 413 -95.61 0.98 -11.44
N LEU I 414 -96.29 -0.15 -11.69
CA LEU I 414 -96.08 -0.89 -12.92
C LEU I 414 -96.47 -0.07 -14.13
N CYS I 415 -97.59 0.64 -14.06
CA CYS I 415 -98.08 1.44 -15.18
C CYS I 415 -99.06 2.49 -14.70
#